data_8THF
#
_entry.id   8THF
#
_cell.length_a   1.00
_cell.length_b   1.00
_cell.length_c   1.00
_cell.angle_alpha   90.00
_cell.angle_beta   90.00
_cell.angle_gamma   90.00
#
_symmetry.space_group_name_H-M   'P 1'
#
loop_
_entity.id
_entity.type
_entity.pdbx_description
1 polymer 'Spike protein S1,Spike glycoprotein'
2 branched 2-acetamido-2-deoxy-beta-D-glucopyranose-(1-4)-2-acetamido-2-deoxy-beta-D-glucopyranose
3 non-polymer 2-acetamido-2-deoxy-beta-D-glucopyranose
#
_entity_poly.entity_id   1
_entity_poly.type   'polypeptide(L)'
_entity_poly.pdbx_seq_one_letter_code
;QCVNLTTRTQLPPAYTNSFTRGVYYPDKVFRSSVLHSTQDLFLPFFSNVTWFHVISGTNGTKRFDNPVLPFNDGVYFASI
EKSNIIRGWIFGTTLDSKTQSLLIVNNATNVVIKVCEFQFCNDPFLDHKNNKSWMESEFRVYSSANNCTFEYVSQPFLMD
LEGKQGNFKNLREFVFKNIDGYFKIYSKHTPIIVREPEDLPQGFSALEPLVDLPIGINITRFQTLLALHRSYLTPGDSSS
GWTAGAAAYYVGYLQPRTFLLKYNENGTITDAVDCALDPLSETKCTLKSFTVEKGIYQTSNFRVQPTESIVRFPCGPKKS
TNLVKNKCVNFNFNGLKGTGVLTESNKKFLPFQQFGRDIADTTDAVRDPQTLEILDITPCSFGGVSVITPGTNTSNQVAV
LYQGVNCTEVPVAIHADQLTPTWRVYSTGSNVFQTRAGCLIGAEYVNNSYECDIPIGAGICASYQTQTKSHGSASSVASQ
SIIAYTMSLGAENSVAYSNNSIAIPTNFTISVTTEILPVSMTKTSVDCTMYICGDSTECSNLLLQYGSFCTQLKRALTGI
AVEQDKNTQEVFAQVKQIYKTPPIKYFGGFNFSQILPDPSKPSKRSPIEDLLFNKVTLADAGFIKQYGDCLGDIAARDLI
CAQKFKGLTVLPPLLTDEMIAQYTSALLAGTITSGWTFGAGPALQIPFPMQMAYRFNGIGVTQNVLYENQKLIANQFNSA
IGKIQDSLSSTPSALGKLQDVVNHNAQALNTLVKQLSSKFGAISSVLNDIFSRLDPPEAEVQIDRLITGRLQSLQTYVTQ
QLIRAAEIRASANLAATKMSECVLGQSKRVDFCGKGYHLMSFPQSAPHGVVFLHVTYVPAQEKNFTTAPAICHDGKAHFP
REGVFVSNGTHWFVTQRNFYEPQIITTDNTFVSGNCDVVIGIVNNTVYDPLQPELDSFKEELDKYFKNHTSPDVDLGDIS
GINASVVNIQKEIDRLNEVAKNLNESLIDLQELGKYEQYIKGSGYIPEAPRDGQAYVRKDGEWVLLSTFLGHHHHHH
;
_entity_poly.pdbx_strand_id   A,B,C
#
loop_
_chem_comp.id
_chem_comp.type
_chem_comp.name
_chem_comp.formula
NAG D-saccharide, beta linking 2-acetamido-2-deoxy-beta-D-glucopyranose 'C8 H15 N O6'
#
# COMPACT_ATOMS: atom_id res chain seq x y z
N GLN A 1 -6.80 45.04 67.07
CA GLN A 1 -7.01 45.02 65.63
C GLN A 1 -5.72 44.68 64.90
N CYS A 2 -4.76 45.61 64.92
CA CYS A 2 -3.38 45.36 64.54
C CYS A 2 -2.46 46.20 65.43
N VAL A 3 -1.24 45.69 65.62
CA VAL A 3 -0.16 46.46 66.23
C VAL A 3 0.93 46.63 65.18
N ASN A 4 1.31 47.88 64.91
CA ASN A 4 2.28 48.16 63.85
C ASN A 4 3.67 47.86 64.37
N LEU A 5 4.17 46.66 64.04
CA LEU A 5 5.57 46.32 64.26
C LEU A 5 6.34 46.57 62.97
N THR A 6 7.40 47.38 63.07
CA THR A 6 8.21 47.72 61.91
C THR A 6 9.68 47.40 62.17
N THR A 7 10.55 47.84 61.24
CA THR A 7 12.01 47.92 61.36
C THR A 7 12.67 46.56 61.62
N ARG A 8 12.59 45.68 60.62
CA ARG A 8 13.30 44.42 60.67
C ARG A 8 14.33 44.37 59.54
N THR A 9 15.30 43.47 59.68
CA THR A 9 16.32 43.30 58.66
C THR A 9 15.76 42.50 57.49
N GLN A 10 16.33 42.76 56.30
CA GLN A 10 16.00 42.03 55.09
C GLN A 10 17.29 41.56 54.44
N LEU A 11 17.26 40.36 53.88
CA LEU A 11 18.45 39.72 53.34
C LEU A 11 18.20 39.40 51.87
N PRO A 12 19.25 39.35 51.05
CA PRO A 12 19.12 38.77 49.70
C PRO A 12 18.81 37.28 49.77
N PRO A 13 18.06 36.73 48.82
CA PRO A 13 17.49 35.38 49.01
C PRO A 13 18.50 34.25 48.86
N ALA A 14 18.32 33.23 49.68
CA ALA A 14 19.08 32.00 49.61
C ALA A 14 18.31 31.00 48.76
N TYR A 15 19.02 30.27 47.93
CA TYR A 15 18.39 29.36 47.00
C TYR A 15 18.73 27.92 47.39
N THR A 16 17.89 26.99 46.96
CA THR A 16 18.24 25.58 46.99
C THR A 16 17.59 24.91 45.78
N ASN A 17 17.72 23.59 45.71
CA ASN A 17 17.35 22.84 44.53
C ASN A 17 16.16 21.94 44.81
N SER A 18 15.23 21.89 43.86
CA SER A 18 14.03 21.07 43.97
C SER A 18 14.35 19.68 43.44
N PHE A 19 14.82 18.80 44.32
CA PHE A 19 15.24 17.47 43.92
C PHE A 19 14.00 16.60 43.72
N THR A 20 13.59 16.45 42.45
CA THR A 20 12.45 15.69 41.89
C THR A 20 11.13 15.78 42.65
N ARG A 21 10.84 16.95 43.21
CA ARG A 21 9.65 17.17 44.01
C ARG A 21 8.60 17.95 43.23
N GLY A 22 7.37 17.96 43.77
CA GLY A 22 6.37 18.91 43.39
C GLY A 22 5.36 18.47 42.35
N VAL A 23 5.20 17.19 42.12
CA VAL A 23 4.22 16.71 41.14
C VAL A 23 2.92 16.51 41.92
N TYR A 24 1.79 16.47 41.22
CA TYR A 24 0.51 16.15 41.83
C TYR A 24 -0.24 15.17 40.94
N TYR A 25 -1.50 14.92 41.29
CA TYR A 25 -2.40 14.13 40.46
C TYR A 25 -3.15 15.09 39.56
N PRO A 26 -3.03 14.98 38.24
CA PRO A 26 -3.72 15.94 37.36
C PRO A 26 -5.21 15.73 37.27
N ASP A 27 -5.67 14.52 37.56
CA ASP A 27 -7.07 14.19 37.67
C ASP A 27 -7.21 13.05 38.65
N LYS A 28 -8.45 12.68 38.97
CA LYS A 28 -8.70 11.52 39.79
C LYS A 28 -9.43 10.42 39.04
N VAL A 29 -9.29 10.40 37.72
CA VAL A 29 -9.41 9.18 36.94
C VAL A 29 -8.37 8.19 37.46
N PHE A 30 -8.84 7.07 37.95
CA PHE A 30 -7.95 5.97 38.30
C PHE A 30 -7.33 5.37 37.05
N ARG A 31 -6.03 5.11 37.12
CA ARG A 31 -5.27 4.42 36.11
C ARG A 31 -4.39 3.42 36.83
N SER A 32 -4.07 2.30 36.18
CA SER A 32 -3.34 1.25 36.88
C SER A 32 -2.36 0.55 35.94
N SER A 33 -1.12 0.40 36.44
CA SER A 33 0.01 -0.30 35.79
C SER A 33 0.32 0.26 34.41
N VAL A 34 0.33 1.58 34.30
CA VAL A 34 0.31 2.21 32.99
C VAL A 34 1.11 3.50 33.08
N LEU A 35 1.71 3.89 31.96
CA LEU A 35 2.50 5.09 31.82
C LEU A 35 1.66 6.11 31.09
N HIS A 36 1.29 7.19 31.74
CA HIS A 36 0.44 8.19 31.12
C HIS A 36 1.22 9.46 30.88
N SER A 37 1.09 10.00 29.68
CA SER A 37 1.83 11.17 29.25
C SER A 37 0.91 12.38 29.29
N THR A 38 1.15 13.30 30.22
CA THR A 38 0.24 14.41 30.42
C THR A 38 0.94 15.75 30.24
N GLN A 39 0.23 16.68 29.61
CA GLN A 39 0.72 18.03 29.38
C GLN A 39 0.00 18.93 30.37
N ASP A 40 0.70 19.35 31.41
CA ASP A 40 0.04 20.02 32.52
C ASP A 40 1.10 20.87 33.23
N LEU A 41 0.65 21.78 34.08
CA LEU A 41 1.50 22.79 34.70
C LEU A 41 2.08 22.26 36.01
N PHE A 42 3.41 22.12 36.07
CA PHE A 42 4.07 21.57 37.25
C PHE A 42 5.30 22.37 37.70
N LEU A 43 5.98 21.84 38.71
CA LEU A 43 7.31 22.29 39.10
C LEU A 43 8.31 21.52 38.26
N PRO A 44 9.17 22.19 37.49
CA PRO A 44 10.20 21.47 36.72
C PRO A 44 11.26 20.86 37.63
N PHE A 45 11.81 19.74 37.18
CA PHE A 45 12.82 19.02 37.94
C PHE A 45 14.13 19.81 37.98
N PHE A 46 14.73 19.85 39.18
CA PHE A 46 15.99 20.52 39.50
C PHE A 46 15.93 22.02 39.17
N SER A 47 15.07 22.72 39.89
CA SER A 47 14.92 24.15 39.72
C SER A 47 15.36 24.86 40.99
N ASN A 48 15.61 26.16 40.85
CA ASN A 48 16.01 27.01 41.96
C ASN A 48 14.76 27.40 42.73
N VAL A 49 14.62 26.90 43.95
CA VAL A 49 13.51 27.25 44.82
C VAL A 49 14.02 28.15 45.93
N THR A 50 13.24 29.19 46.22
CA THR A 50 13.66 30.20 47.16
C THR A 50 13.40 29.71 48.57
N TRP A 51 14.40 29.87 49.43
CA TRP A 51 14.36 29.35 50.78
C TRP A 51 14.17 30.53 51.72
N PHE A 52 13.29 30.39 52.70
CA PHE A 52 13.15 31.33 53.78
C PHE A 52 13.25 30.57 55.09
N HIS A 53 13.97 31.14 56.06
CA HIS A 53 14.20 30.49 57.33
C HIS A 53 13.96 31.48 58.45
N VAL A 54 13.20 31.03 59.45
CA VAL A 54 12.78 31.87 60.56
C VAL A 54 13.33 31.28 61.84
N ILE A 55 14.09 32.08 62.59
CA ILE A 55 14.54 31.71 63.93
C ILE A 55 13.78 32.57 64.92
N THR A 61 16.09 42.09 62.37
CA THR A 61 15.72 41.59 63.69
C THR A 61 15.30 40.12 63.68
N LYS A 62 16.27 39.26 63.96
CA LYS A 62 16.17 37.85 64.32
C LYS A 62 15.55 37.00 63.22
N ARG A 63 15.70 37.40 61.94
CA ARG A 63 15.33 36.64 60.74
C ARG A 63 13.83 36.32 60.66
N PHE A 64 13.00 37.34 60.51
CA PHE A 64 11.58 37.12 60.19
C PHE A 64 11.32 37.35 58.71
N ASP A 65 10.77 36.30 58.08
CA ASP A 65 10.56 36.26 56.64
C ASP A 65 9.06 36.30 56.39
N ASN A 66 8.54 37.50 56.14
CA ASN A 66 7.17 37.70 55.66
C ASN A 66 7.18 38.62 54.45
N PRO A 67 7.63 38.15 53.29
CA PRO A 67 7.88 39.07 52.18
C PRO A 67 6.69 39.18 51.25
N VAL A 68 6.82 40.10 50.31
CA VAL A 68 5.86 40.25 49.22
C VAL A 68 6.31 39.37 48.06
N LEU A 69 5.48 38.38 47.71
CA LEU A 69 5.84 37.49 46.62
C LEU A 69 4.76 37.54 45.55
N PRO A 70 5.13 37.63 44.28
CA PRO A 70 4.11 37.50 43.22
C PRO A 70 3.63 36.07 43.03
N PHE A 71 2.53 35.96 42.29
CA PHE A 71 1.79 34.72 42.02
C PHE A 71 1.53 34.76 40.51
N ASN A 72 2.39 34.11 39.73
CA ASN A 72 2.25 34.23 38.28
C ASN A 72 1.34 33.16 37.70
N ASP A 73 1.75 31.90 37.77
CA ASP A 73 0.99 30.78 37.21
C ASP A 73 0.84 29.67 38.24
N GLY A 74 0.53 30.03 39.48
CA GLY A 74 0.42 29.01 40.50
C GLY A 74 1.76 28.77 41.19
N VAL A 75 1.68 28.34 42.44
CA VAL A 75 2.84 28.30 43.33
C VAL A 75 2.88 26.95 44.02
N TYR A 76 4.03 26.28 43.95
CA TYR A 76 4.34 25.19 44.87
C TYR A 76 4.82 25.87 46.15
N PHE A 77 4.17 25.57 47.26
CA PHE A 77 4.61 26.04 48.57
C PHE A 77 4.94 24.82 49.40
N ALA A 78 5.99 24.90 50.20
CA ALA A 78 6.29 23.81 51.09
C ALA A 78 6.81 24.40 52.40
N SER A 79 6.73 23.61 53.46
CA SER A 79 7.16 24.11 54.76
C SER A 79 7.63 22.96 55.63
N ILE A 80 8.79 23.11 56.24
CA ILE A 80 9.27 22.16 57.24
C ILE A 80 9.26 22.88 58.58
N GLU A 81 8.44 22.39 59.51
CA GLU A 81 8.28 23.09 60.78
C GLU A 81 7.82 22.09 61.84
N LYS A 82 7.86 22.55 63.09
CA LYS A 82 7.54 21.74 64.26
C LYS A 82 6.36 22.28 65.04
N SER A 83 6.37 23.57 65.37
CA SER A 83 5.39 24.12 66.30
C SER A 83 4.18 24.71 65.61
N ASN A 84 4.04 24.46 64.29
CA ASN A 84 2.99 25.00 63.41
C ASN A 84 3.00 26.53 63.43
N ILE A 85 4.08 27.09 62.92
CA ILE A 85 4.28 28.53 63.01
C ILE A 85 3.63 29.23 61.82
N ILE A 86 3.65 28.58 60.67
CA ILE A 86 2.90 29.05 59.50
C ILE A 86 1.45 28.68 59.67
N ARG A 87 0.55 29.68 59.57
CA ARG A 87 -0.87 29.36 59.70
C ARG A 87 -1.69 29.62 58.46
N GLY A 88 -1.27 30.48 57.55
CA GLY A 88 -2.18 30.78 56.48
C GLY A 88 -1.55 31.60 55.38
N TRP A 89 -2.39 31.91 54.40
CA TRP A 89 -1.96 32.57 53.19
C TRP A 89 -2.94 33.68 52.82
N ILE A 90 -2.39 34.77 52.32
CA ILE A 90 -3.13 35.91 51.80
C ILE A 90 -2.99 35.81 50.29
N PHE A 91 -4.05 36.12 49.54
CA PHE A 91 -3.96 36.24 48.10
C PHE A 91 -4.67 37.50 47.67
N GLY A 92 -4.28 38.05 46.54
CA GLY A 92 -5.01 39.15 45.97
C GLY A 92 -4.14 39.97 45.03
N THR A 93 -4.59 41.18 44.80
CA THR A 93 -3.97 42.12 43.89
C THR A 93 -3.52 43.41 44.56
N THR A 94 -4.35 43.96 45.45
CA THR A 94 -4.06 45.25 46.07
C THR A 94 -3.93 45.17 47.59
N LEU A 95 -4.76 44.32 48.24
CA LEU A 95 -4.73 44.00 49.68
C LEU A 95 -5.00 45.20 50.58
N ASP A 96 -5.69 46.23 50.09
CA ASP A 96 -5.98 47.42 50.89
C ASP A 96 -7.40 47.94 50.62
N SER A 97 -8.32 46.99 50.42
CA SER A 97 -9.78 47.14 50.29
C SER A 97 -10.23 47.84 49.02
N LYS A 98 -9.35 48.00 48.04
CA LYS A 98 -9.79 48.47 46.73
C LYS A 98 -10.18 47.33 45.81
N THR A 99 -9.60 46.14 46.02
CA THR A 99 -9.95 44.93 45.28
C THR A 99 -10.04 43.82 46.30
N GLN A 100 -10.92 42.83 46.04
CA GLN A 100 -11.18 41.72 46.95
C GLN A 100 -9.96 40.83 47.13
N SER A 101 -9.76 40.39 48.36
CA SER A 101 -8.58 39.63 48.75
C SER A 101 -9.00 38.30 49.36
N LEU A 102 -8.34 37.24 48.95
CA LEU A 102 -8.65 35.93 49.49
C LEU A 102 -7.78 35.69 50.70
N LEU A 103 -8.28 34.88 51.62
CA LEU A 103 -7.62 34.70 52.91
C LEU A 103 -7.90 33.28 53.39
N ILE A 104 -6.86 32.45 53.46
CA ILE A 104 -6.94 31.11 54.02
C ILE A 104 -6.23 31.15 55.36
N VAL A 105 -6.95 30.82 56.42
CA VAL A 105 -6.36 30.78 57.75
C VAL A 105 -6.65 29.41 58.37
N ASN A 106 -5.60 28.70 58.78
CA ASN A 106 -5.70 27.53 59.65
C ASN A 106 -5.72 28.08 61.07
N ASN A 107 -6.92 28.27 61.61
CA ASN A 107 -7.06 28.68 63.01
C ASN A 107 -7.01 27.46 63.93
N ALA A 108 -7.25 27.72 65.22
CA ALA A 108 -7.27 26.64 66.20
C ALA A 108 -8.56 25.83 66.09
N THR A 109 -9.65 26.47 65.70
CA THR A 109 -10.94 25.80 65.62
C THR A 109 -11.20 25.18 64.25
N ASN A 110 -10.92 25.91 63.18
CA ASN A 110 -11.21 25.48 61.82
C ASN A 110 -10.32 26.22 60.84
N VAL A 111 -10.49 25.93 59.56
CA VAL A 111 -9.93 26.77 58.52
C VAL A 111 -11.02 27.69 58.00
N VAL A 112 -10.64 28.90 57.65
CA VAL A 112 -11.59 29.90 57.16
C VAL A 112 -11.05 30.49 55.87
N ILE A 113 -11.89 30.54 54.85
CA ILE A 113 -11.52 31.03 53.53
C ILE A 113 -12.45 32.20 53.21
N LYS A 114 -11.93 33.40 53.33
CA LYS A 114 -12.74 34.60 53.10
C LYS A 114 -12.29 35.29 51.84
N VAL A 115 -13.24 35.87 51.10
CA VAL A 115 -12.93 36.70 49.94
C VAL A 115 -13.51 38.07 50.27
N CYS A 116 -12.67 38.96 50.79
CA CYS A 116 -13.20 40.24 51.22
C CYS A 116 -12.19 41.36 51.05
N GLU A 117 -12.72 42.58 51.07
CA GLU A 117 -11.95 43.82 50.93
C GLU A 117 -11.56 44.32 52.33
N PHE A 118 -10.49 43.74 52.85
CA PHE A 118 -10.07 44.01 54.21
C PHE A 118 -9.10 45.18 54.27
N GLN A 119 -8.80 45.57 55.51
CA GLN A 119 -7.77 46.55 55.85
C GLN A 119 -6.64 45.76 56.50
N PHE A 120 -5.67 45.39 55.69
CA PHE A 120 -4.44 44.76 56.13
C PHE A 120 -3.42 45.76 56.63
N CYS A 121 -2.85 45.44 57.78
CA CYS A 121 -1.77 46.19 58.40
C CYS A 121 -0.43 45.70 57.84
N ASN A 122 0.66 46.14 58.48
CA ASN A 122 2.00 45.91 57.93
C ASN A 122 2.43 44.45 58.10
N ASP A 123 2.02 43.82 59.18
CA ASP A 123 2.28 42.40 59.39
C ASP A 123 1.04 41.66 59.87
N PRO A 124 0.69 40.55 59.25
CA PRO A 124 -0.26 39.64 59.89
C PRO A 124 0.46 38.77 60.91
N PHE A 125 -0.03 38.74 62.15
CA PHE A 125 0.67 38.06 63.23
C PHE A 125 -0.34 37.47 64.20
N LEU A 126 0.14 36.54 65.00
CA LEU A 126 -0.61 35.95 66.11
C LEU A 126 0.30 35.82 67.33
N ASP A 127 -0.20 36.24 68.50
CA ASP A 127 0.64 36.35 69.69
C ASP A 127 0.02 35.78 70.98
N HIS A 128 0.65 36.19 72.10
CA HIS A 128 0.25 36.29 73.49
C HIS A 128 0.30 34.96 74.27
N LYS A 129 0.22 33.83 73.55
CA LYS A 129 1.01 32.58 73.62
C LYS A 129 1.59 32.27 75.01
N ASN A 130 0.69 32.12 75.98
CA ASN A 130 1.09 32.09 77.39
C ASN A 130 1.85 30.82 77.76
N ASN A 131 2.54 30.90 78.88
CA ASN A 131 3.27 29.75 79.38
C ASN A 131 2.31 28.75 80.01
N LYS A 132 2.58 27.46 79.77
CA LYS A 132 1.89 26.25 80.22
C LYS A 132 0.45 26.12 79.73
N SER A 133 -0.01 26.92 78.78
CA SER A 133 -1.29 26.68 78.13
C SER A 133 -1.15 26.78 76.61
N TRP A 134 -0.32 27.73 76.16
CA TRP A 134 -0.18 28.18 74.76
C TRP A 134 -1.53 28.52 74.14
N MET A 135 -2.29 29.40 74.82
CA MET A 135 -3.61 29.79 74.36
C MET A 135 -3.44 30.95 73.38
N GLU A 136 -4.32 31.00 72.39
CA GLU A 136 -4.23 32.04 71.38
C GLU A 136 -5.25 33.13 71.66
N SER A 137 -4.76 34.36 71.88
CA SER A 137 -5.64 35.45 72.24
C SER A 137 -5.48 36.70 71.40
N GLU A 138 -4.58 36.73 70.42
CA GLU A 138 -4.54 37.80 69.44
C GLU A 138 -4.70 37.21 68.05
N PHE A 139 -5.67 37.74 67.30
CA PHE A 139 -5.89 37.38 65.90
C PHE A 139 -5.80 38.69 65.13
N ARG A 140 -4.59 39.05 64.73
CA ARG A 140 -4.34 40.36 64.14
C ARG A 140 -3.76 40.16 62.75
N VAL A 141 -4.66 40.06 61.78
CA VAL A 141 -4.30 40.04 60.37
C VAL A 141 -4.90 41.29 59.74
N TYR A 142 -6.16 41.53 60.01
CA TYR A 142 -6.89 42.67 59.47
C TYR A 142 -7.51 43.44 60.64
N SER A 143 -8.32 44.44 60.29
CA SER A 143 -9.06 45.20 61.29
C SER A 143 -10.54 45.37 61.00
N SER A 144 -10.98 45.44 59.74
CA SER A 144 -12.40 45.50 59.45
C SER A 144 -12.69 44.92 58.07
N ALA A 145 -13.99 44.73 57.80
CA ALA A 145 -14.46 44.16 56.54
C ALA A 145 -15.72 44.95 56.16
N ASN A 146 -15.61 45.81 55.15
CA ASN A 146 -16.63 46.83 54.92
C ASN A 146 -17.69 46.41 53.90
N ASN A 147 -17.29 46.22 52.64
CA ASN A 147 -18.22 45.89 51.56
C ASN A 147 -17.66 44.74 50.74
N CYS A 148 -18.23 43.55 50.93
CA CYS A 148 -17.82 42.36 50.19
C CYS A 148 -18.96 41.35 50.24
N THR A 149 -18.87 40.35 49.36
CA THR A 149 -19.98 39.42 49.16
C THR A 149 -19.66 37.99 49.59
N PHE A 150 -18.62 37.36 49.04
CA PHE A 150 -18.49 35.92 49.20
C PHE A 150 -17.72 35.69 50.50
N GLU A 151 -18.17 34.71 51.29
CA GLU A 151 -17.42 34.18 52.41
C GLU A 151 -17.66 32.68 52.44
N TYR A 152 -16.72 31.92 52.97
CA TYR A 152 -16.79 30.46 52.95
C TYR A 152 -16.14 29.97 54.23
N VAL A 153 -16.63 28.84 54.75
CA VAL A 153 -15.99 28.15 55.86
C VAL A 153 -15.93 26.67 55.50
N SER A 154 -14.73 26.10 55.48
CA SER A 154 -14.62 24.69 55.19
C SER A 154 -14.71 23.88 56.48
N GLN A 155 -14.45 22.58 56.35
CA GLN A 155 -14.39 21.72 57.51
C GLN A 155 -13.08 21.99 58.26
N PRO A 156 -13.06 21.77 59.56
CA PRO A 156 -11.78 21.79 60.27
C PRO A 156 -10.96 20.56 59.95
N PHE A 157 -9.64 20.75 59.95
CA PHE A 157 -8.70 19.66 60.17
C PHE A 157 -7.75 20.10 61.27
N LEU A 158 -7.09 19.12 61.88
CA LEU A 158 -6.30 19.36 63.08
C LEU A 158 -4.88 18.86 62.87
N MET A 159 -3.92 19.74 63.13
CA MET A 159 -2.50 19.43 63.20
C MET A 159 -2.05 19.42 64.65
N ASP A 160 -0.82 18.95 64.88
CA ASP A 160 -0.40 18.50 66.20
C ASP A 160 -0.18 19.64 67.21
N LEU A 161 0.39 20.78 66.76
CA LEU A 161 0.55 22.04 67.53
C LEU A 161 1.35 21.86 68.82
N GLU A 162 2.42 21.08 68.76
CA GLU A 162 3.24 20.88 69.95
C GLU A 162 4.19 22.05 70.15
N GLY A 163 4.77 22.14 71.33
CA GLY A 163 5.86 23.07 71.54
C GLY A 163 7.20 22.38 71.44
N LYS A 164 7.84 22.47 70.27
CA LYS A 164 9.06 21.73 69.97
C LYS A 164 10.12 22.69 69.45
N GLN A 165 11.35 22.52 69.93
CA GLN A 165 12.50 23.28 69.44
C GLN A 165 13.62 22.35 68.95
N GLY A 166 13.33 21.06 68.78
CA GLY A 166 14.34 20.08 68.42
C GLY A 166 14.33 19.69 66.97
N ASN A 167 14.26 18.38 66.72
CA ASN A 167 14.32 17.84 65.37
C ASN A 167 13.00 18.09 64.63
N PHE A 168 13.12 18.45 63.36
CA PHE A 168 11.95 18.60 62.50
C PHE A 168 11.36 17.24 62.17
N LYS A 169 10.04 17.15 62.26
CA LYS A 169 9.36 15.90 61.93
C LYS A 169 8.40 16.14 60.78
N ASN A 170 7.79 17.33 60.74
CA ASN A 170 6.68 17.60 59.85
C ASN A 170 7.14 18.47 58.68
N LEU A 171 6.85 18.00 57.46
CA LEU A 171 6.95 18.81 56.26
C LEU A 171 5.63 18.73 55.52
N ARG A 172 5.19 19.86 55.01
CA ARG A 172 3.90 20.02 54.37
C ARG A 172 4.12 20.51 52.95
N GLU A 173 3.39 19.94 52.00
CA GLU A 173 3.52 20.32 50.61
C GLU A 173 2.16 20.70 50.03
N PHE A 174 2.08 21.89 49.46
CA PHE A 174 0.85 22.45 48.92
C PHE A 174 1.09 22.99 47.53
N VAL A 175 0.09 22.89 46.68
CA VAL A 175 0.11 23.49 45.35
C VAL A 175 -1.12 24.36 45.24
N PHE A 176 -0.94 25.64 44.93
CA PHE A 176 -2.03 26.59 44.78
C PHE A 176 -2.15 26.94 43.31
N LYS A 177 -3.33 26.66 42.73
CA LYS A 177 -3.55 26.92 41.30
C LYS A 177 -4.84 27.68 41.06
N ASN A 178 -4.89 28.39 39.94
CA ASN A 178 -6.09 29.08 39.45
C ASN A 178 -6.23 28.72 37.98
N ILE A 179 -7.27 27.96 37.64
CA ILE A 179 -7.68 27.78 36.26
C ILE A 179 -9.18 28.08 36.14
N ASP A 180 -9.52 28.87 35.10
CA ASP A 180 -10.88 29.32 34.75
C ASP A 180 -11.57 30.07 35.89
N GLY A 181 -10.80 30.90 36.59
CA GLY A 181 -11.30 31.56 37.78
C GLY A 181 -11.53 30.64 38.95
N TYR A 182 -10.85 29.50 39.00
CA TYR A 182 -11.24 28.40 39.87
C TYR A 182 -10.00 27.90 40.59
N PHE A 183 -10.08 27.84 41.91
CA PHE A 183 -8.91 27.73 42.78
C PHE A 183 -8.79 26.27 43.22
N LYS A 184 -7.60 25.69 43.04
CA LYS A 184 -7.35 24.33 43.46
C LYS A 184 -6.24 24.29 44.50
N ILE A 185 -6.44 23.47 45.54
CA ILE A 185 -5.43 23.17 46.54
C ILE A 185 -5.07 21.70 46.40
N TYR A 186 -3.78 21.42 46.29
CA TYR A 186 -3.30 20.05 46.38
C TYR A 186 -2.36 19.98 47.57
N SER A 187 -2.27 18.81 48.21
CA SER A 187 -1.52 18.73 49.45
C SER A 187 -1.01 17.32 49.70
N LYS A 188 0.00 17.25 50.58
CA LYS A 188 0.44 16.02 51.24
C LYS A 188 1.24 16.40 52.50
N HIS A 189 1.26 15.47 53.47
CA HIS A 189 2.09 15.51 54.67
C HIS A 189 2.85 14.20 54.81
N THR A 190 4.02 14.28 55.46
CA THR A 190 4.86 13.11 55.69
C THR A 190 5.60 13.33 57.00
N PRO A 191 5.73 12.31 57.86
CA PRO A 191 6.70 12.39 58.95
C PRO A 191 8.10 11.98 58.49
N ILE A 192 9.12 12.75 58.89
CA ILE A 192 10.50 12.48 58.51
C ILE A 192 11.42 12.66 59.72
N ILE A 193 12.63 12.15 59.58
CA ILE A 193 13.78 12.54 60.39
C ILE A 193 14.77 13.15 59.43
N VAL A 194 15.02 14.46 59.57
CA VAL A 194 15.61 15.21 58.47
C VAL A 194 17.16 15.18 58.47
N ARG A 195 17.79 15.41 59.63
CA ARG A 195 19.24 15.46 59.87
C ARG A 195 19.98 16.43 58.92
N GLU A 196 19.35 17.53 58.55
CA GLU A 196 19.85 18.46 57.54
C GLU A 196 19.74 19.88 58.06
N PRO A 197 20.51 20.81 57.49
CA PRO A 197 20.24 22.24 57.76
C PRO A 197 19.14 22.84 56.90
N GLU A 198 17.94 22.24 56.92
CA GLU A 198 16.74 22.59 56.13
C GLU A 198 17.06 22.62 54.63
N ASP A 199 17.51 21.49 54.14
CA ASP A 199 18.13 21.40 52.82
C ASP A 199 17.22 20.75 51.78
N LEU A 200 15.91 20.60 52.11
CA LEU A 200 14.82 20.05 51.29
C LEU A 200 15.14 18.67 50.75
N PRO A 201 15.05 17.62 51.59
CA PRO A 201 15.68 16.33 51.29
C PRO A 201 14.99 15.55 50.17
N GLN A 202 15.73 14.58 49.64
CA GLN A 202 15.34 13.86 48.43
C GLN A 202 14.19 12.91 48.71
N GLY A 203 13.22 12.89 47.79
CA GLY A 203 12.08 12.00 47.93
C GLY A 203 11.10 12.27 46.81
N PHE A 204 10.08 11.42 46.76
CA PHE A 204 9.09 11.53 45.70
C PHE A 204 7.73 11.07 46.21
N SER A 205 6.70 11.87 45.91
CA SER A 205 5.29 11.53 45.97
C SER A 205 4.53 12.58 45.17
N ALA A 206 3.24 12.35 44.99
CA ALA A 206 2.36 13.34 44.40
C ALA A 206 1.48 13.94 45.48
N LEU A 207 0.80 15.03 45.14
CA LEU A 207 0.07 15.81 46.12
C LEU A 207 -1.42 15.73 45.80
N GLU A 208 -2.16 15.01 46.64
CA GLU A 208 -3.56 14.70 46.40
C GLU A 208 -4.43 15.93 46.59
N PRO A 209 -5.50 16.08 45.79
CA PRO A 209 -6.31 17.31 45.89
C PRO A 209 -7.21 17.33 47.10
N LEU A 210 -7.41 18.53 47.65
CA LEU A 210 -8.30 18.69 48.79
C LEU A 210 -9.48 19.61 48.50
N VAL A 211 -9.23 20.86 48.14
CA VAL A 211 -10.26 21.90 48.16
C VAL A 211 -10.31 22.57 46.80
N ASP A 212 -11.49 22.60 46.19
CA ASP A 212 -11.74 23.31 44.95
C ASP A 212 -12.73 24.43 45.21
N LEU A 213 -12.45 25.61 44.64
CA LEU A 213 -13.21 26.81 44.99
C LEU A 213 -13.61 27.64 43.77
N PRO A 214 -14.89 27.99 43.62
CA PRO A 214 -15.29 28.91 42.54
C PRO A 214 -15.21 30.39 42.95
N ILE A 215 -13.98 30.87 43.10
CA ILE A 215 -13.76 32.23 43.60
C ILE A 215 -14.03 33.26 42.50
N GLY A 216 -13.25 33.21 41.43
CA GLY A 216 -13.43 34.12 40.31
C GLY A 216 -12.94 35.54 40.54
N ILE A 217 -11.85 35.72 41.28
CA ILE A 217 -11.23 37.02 41.44
C ILE A 217 -9.86 36.99 40.78
N ASN A 218 -9.26 38.17 40.66
CA ASN A 218 -7.93 38.32 40.09
C ASN A 218 -6.90 38.30 41.21
N ILE A 219 -5.99 37.34 41.16
CA ILE A 219 -4.91 37.21 42.13
C ILE A 219 -3.59 37.43 41.41
N THR A 220 -2.80 38.38 41.92
CA THR A 220 -1.50 38.70 41.34
C THR A 220 -0.35 38.36 42.27
N ARG A 221 -0.53 38.50 43.58
CA ARG A 221 0.56 38.32 44.53
C ARG A 221 0.04 37.56 45.73
N PHE A 222 0.95 37.02 46.53
CA PHE A 222 0.55 36.29 47.73
C PHE A 222 1.54 36.51 48.84
N GLN A 223 1.17 36.08 50.05
CA GLN A 223 1.90 36.39 51.26
C GLN A 223 1.50 35.41 52.35
N THR A 224 2.47 34.96 53.14
CA THR A 224 2.23 33.98 54.19
C THR A 224 2.01 34.69 55.53
N LEU A 225 1.12 34.16 56.37
CA LEU A 225 0.93 34.70 57.71
C LEU A 225 1.41 33.70 58.76
N LEU A 226 1.96 34.25 59.84
CA LEU A 226 2.73 33.52 60.83
C LEU A 226 2.15 33.77 62.21
N ALA A 227 2.39 32.83 63.11
CA ALA A 227 2.06 32.97 64.52
C ALA A 227 3.34 33.16 65.29
N LEU A 228 3.59 34.38 65.76
CA LEU A 228 4.91 34.71 66.26
C LEU A 228 5.09 34.23 67.70
N HIS A 229 6.22 33.56 67.92
CA HIS A 229 6.44 32.70 69.09
C HIS A 229 7.07 33.56 70.18
N ARG A 230 6.31 33.80 71.24
CA ARG A 230 6.76 34.56 72.40
C ARG A 230 6.58 33.68 73.64
N SER A 231 7.60 33.66 74.49
CA SER A 231 7.66 32.64 75.54
C SER A 231 8.54 33.14 76.68
N TYR A 232 8.92 32.22 77.59
CA TYR A 232 9.61 32.59 78.82
C TYR A 232 11.06 32.97 78.57
N LEU A 233 11.67 32.41 77.50
CA LEU A 233 13.01 32.79 77.11
C LEU A 233 13.05 33.98 76.14
N THR A 234 11.94 34.72 76.01
CA THR A 234 11.85 35.92 75.17
C THR A 234 11.58 37.11 76.09
N PRO A 235 12.61 37.75 76.65
CA PRO A 235 12.37 38.96 77.44
C PRO A 235 12.12 40.16 76.53
N GLY A 236 11.37 41.11 77.04
CA GLY A 236 11.07 42.33 76.32
C GLY A 236 9.60 42.43 75.97
N ASP A 237 9.25 43.55 75.34
CA ASP A 237 7.87 43.89 75.03
C ASP A 237 7.44 43.25 73.71
N SER A 238 6.29 43.68 73.21
CA SER A 238 5.70 43.16 71.98
C SER A 238 6.42 43.66 70.72
N SER A 239 7.14 44.77 70.80
CA SER A 239 7.65 45.40 69.58
C SER A 239 8.92 44.73 69.09
N SER A 240 9.89 44.50 69.98
CA SER A 240 11.19 43.96 69.58
C SER A 240 11.68 42.82 70.46
N GLY A 241 11.14 42.61 71.65
CA GLY A 241 11.65 41.56 72.50
C GLY A 241 10.95 40.22 72.31
N TRP A 242 11.55 39.39 71.48
CA TRP A 242 11.05 38.08 71.06
C TRP A 242 12.15 37.24 70.42
N THR A 243 11.91 35.93 70.45
CA THR A 243 12.72 34.90 69.82
C THR A 243 11.82 33.75 69.43
N ALA A 244 11.82 33.38 68.14
CA ALA A 244 10.80 32.45 67.65
C ALA A 244 11.24 30.98 67.74
N GLY A 245 12.38 30.65 67.15
CA GLY A 245 12.75 29.26 66.95
C GLY A 245 12.55 28.83 65.51
N ALA A 246 13.09 27.65 65.20
CA ALA A 246 13.42 27.30 63.83
C ALA A 246 12.20 26.82 63.04
N ALA A 247 12.00 27.43 61.87
CA ALA A 247 11.00 27.01 60.89
C ALA A 247 11.53 27.36 59.52
N ALA A 248 11.04 26.66 58.49
CA ALA A 248 11.54 26.94 57.15
C ALA A 248 10.44 26.77 56.14
N TYR A 249 10.44 27.61 55.11
CA TYR A 249 9.49 27.41 54.03
C TYR A 249 10.12 27.75 52.68
N TYR A 250 9.64 27.04 51.66
CA TYR A 250 10.25 27.02 50.36
C TYR A 250 9.20 27.35 49.32
N VAL A 251 9.58 28.22 48.40
CA VAL A 251 8.69 28.66 47.34
C VAL A 251 9.25 28.20 46.01
N GLY A 252 8.42 27.50 45.23
CA GLY A 252 8.79 27.13 43.87
C GLY A 252 7.68 27.53 42.94
N TYR A 253 8.03 27.71 41.67
CA TYR A 253 7.10 28.26 40.71
C TYR A 253 6.84 27.24 39.62
N LEU A 254 5.65 27.31 39.02
CA LEU A 254 5.16 26.27 38.14
C LEU A 254 5.10 26.76 36.71
N GLN A 255 5.47 25.88 35.79
CA GLN A 255 5.55 26.13 34.37
C GLN A 255 4.75 25.04 33.66
N PRO A 256 4.16 25.35 32.50
CA PRO A 256 3.40 24.32 31.78
C PRO A 256 4.29 23.33 31.03
N ARG A 257 4.42 22.13 31.58
CA ARG A 257 5.33 21.09 31.13
C ARG A 257 4.63 19.90 30.52
N THR A 258 5.41 18.88 30.19
CA THR A 258 4.90 17.58 29.82
C THR A 258 5.63 16.55 30.67
N PHE A 259 4.88 15.71 31.36
CA PHE A 259 5.45 14.70 32.22
C PHE A 259 4.98 13.33 31.78
N LEU A 260 5.72 12.31 32.23
CA LEU A 260 5.35 10.92 32.02
C LEU A 260 5.24 10.28 33.38
N LEU A 261 4.04 9.79 33.71
CA LEU A 261 3.71 9.34 35.05
C LEU A 261 3.60 7.82 35.05
N LYS A 262 4.20 7.17 36.05
CA LYS A 262 4.15 5.73 36.18
C LYS A 262 3.17 5.37 37.29
N TYR A 263 1.96 4.95 36.92
CA TYR A 263 0.99 4.53 37.92
C TYR A 263 1.27 3.08 38.30
N ASN A 264 1.14 2.76 39.58
CA ASN A 264 1.15 1.35 39.92
C ASN A 264 -0.27 0.78 39.78
N GLU A 265 -0.43 -0.50 40.10
CA GLU A 265 -1.75 -1.11 40.07
C GLU A 265 -2.63 -0.67 41.23
N ASN A 266 -2.06 -0.11 42.29
CA ASN A 266 -2.89 0.54 43.28
C ASN A 266 -3.29 1.95 42.86
N GLY A 267 -2.47 2.66 42.10
CA GLY A 267 -2.92 3.93 41.58
C GLY A 267 -2.18 5.12 42.15
N THR A 268 -1.06 4.84 42.82
CA THR A 268 -0.17 5.88 43.30
C THR A 268 0.99 6.03 42.34
N ILE A 269 1.24 7.25 41.88
CA ILE A 269 2.34 7.43 40.93
C ILE A 269 3.66 7.43 41.70
N THR A 270 4.51 6.46 41.36
CA THR A 270 5.72 6.20 42.12
C THR A 270 6.97 6.74 41.44
N ASP A 271 6.89 7.07 40.15
CA ASP A 271 7.95 7.74 39.41
C ASP A 271 7.33 8.64 38.36
N ALA A 272 8.07 9.70 38.03
CA ALA A 272 7.70 10.61 36.96
C ALA A 272 8.96 11.01 36.20
N VAL A 273 8.78 11.34 34.93
CA VAL A 273 9.87 11.77 34.06
C VAL A 273 9.47 13.10 33.42
N ASP A 274 10.31 14.12 33.60
CA ASP A 274 10.13 15.40 32.93
C ASP A 274 10.60 15.23 31.50
N CYS A 275 9.87 15.82 30.56
CA CYS A 275 10.22 15.69 29.15
C CYS A 275 10.95 16.90 28.61
N ALA A 276 11.66 17.64 29.45
CA ALA A 276 12.48 18.72 28.97
C ALA A 276 13.79 18.87 29.73
N LEU A 277 14.10 17.96 30.63
CA LEU A 277 15.29 18.09 31.48
C LEU A 277 16.56 17.74 30.72
N ASP A 278 16.63 16.53 30.20
CA ASP A 278 17.84 15.95 29.65
C ASP A 278 17.49 15.39 28.28
N PRO A 279 18.48 15.16 27.41
CA PRO A 279 18.18 14.42 26.18
C PRO A 279 17.79 12.97 26.40
N LEU A 280 18.28 12.34 27.47
CA LEU A 280 17.85 10.99 27.82
C LEU A 280 16.40 10.99 28.28
N SER A 281 15.98 12.06 28.94
CA SER A 281 14.60 12.18 29.36
C SER A 281 13.68 12.50 28.19
N GLU A 282 14.17 13.25 27.20
CA GLU A 282 13.42 13.46 25.96
C GLU A 282 13.29 12.17 25.17
N THR A 283 14.31 11.32 25.22
CA THR A 283 14.26 9.99 24.61
C THR A 283 13.20 9.12 25.27
N LYS A 284 13.20 9.07 26.61
CA LYS A 284 12.25 8.25 27.37
C LYS A 284 10.82 8.76 27.22
N CYS A 285 10.64 10.06 27.07
CA CYS A 285 9.31 10.57 26.76
C CYS A 285 8.92 10.30 25.32
N THR A 286 9.90 10.15 24.42
CA THR A 286 9.55 9.86 23.03
C THR A 286 9.12 8.42 22.83
N LEU A 287 9.90 7.44 23.32
CA LEU A 287 9.45 6.08 23.08
C LEU A 287 8.54 5.54 24.17
N LYS A 288 8.20 6.37 25.17
CA LYS A 288 7.21 6.09 26.24
C LYS A 288 7.57 4.88 27.08
N SER A 289 8.79 4.89 27.61
CA SER A 289 9.28 3.80 28.41
C SER A 289 10.25 4.33 29.44
N PHE A 290 10.67 3.45 30.34
CA PHE A 290 11.62 3.83 31.36
C PHE A 290 12.96 3.17 31.18
N THR A 291 13.04 2.15 30.34
CA THR A 291 14.29 1.46 30.07
C THR A 291 14.56 1.53 28.59
N VAL A 292 15.70 2.10 28.22
CA VAL A 292 16.11 2.18 26.84
C VAL A 292 17.23 1.18 26.61
N GLU A 293 17.40 0.79 25.37
CA GLU A 293 18.51 -0.05 24.97
C GLU A 293 19.59 0.80 24.35
N LYS A 294 20.61 0.15 23.79
CA LYS A 294 21.64 0.87 23.06
C LYS A 294 21.07 1.43 21.77
N GLY A 295 21.55 2.59 21.38
CA GLY A 295 21.41 2.92 19.97
C GLY A 295 21.02 4.36 19.75
N ILE A 296 20.45 4.55 18.57
CA ILE A 296 20.06 5.82 17.99
C ILE A 296 18.59 6.03 18.20
N TYR A 297 18.22 7.17 18.79
CA TYR A 297 16.81 7.53 18.84
C TYR A 297 16.65 8.98 18.42
N GLN A 298 15.53 9.28 17.74
CA GLN A 298 15.31 10.61 17.22
C GLN A 298 14.44 11.44 18.13
N THR A 299 14.79 12.72 18.25
CA THR A 299 13.95 13.75 18.86
C THR A 299 14.21 15.02 18.03
N SER A 300 13.30 15.32 17.11
CA SER A 300 13.51 16.41 16.15
C SER A 300 13.32 17.75 16.82
N ASN A 301 14.42 18.41 17.14
CA ASN A 301 14.35 19.55 18.03
C ASN A 301 15.02 20.80 17.49
N PHE A 302 15.90 20.70 16.50
CA PHE A 302 16.87 21.76 16.29
C PHE A 302 16.31 22.83 15.36
N ARG A 303 15.87 23.92 15.99
CA ARG A 303 15.29 25.08 15.34
C ARG A 303 16.03 26.31 15.83
N VAL A 304 16.84 26.93 14.97
CA VAL A 304 17.55 28.15 15.36
C VAL A 304 16.57 29.31 15.16
N GLN A 305 16.77 30.42 15.87
CA GLN A 305 15.74 31.44 16.06
C GLN A 305 16.18 32.81 15.55
N PRO A 306 15.20 33.68 15.12
CA PRO A 306 15.55 35.04 14.65
C PRO A 306 16.14 35.95 15.71
N THR A 307 17.24 36.64 15.41
CA THR A 307 17.81 37.53 16.41
C THR A 307 17.16 38.92 16.36
N GLU A 308 16.74 39.38 15.18
CA GLU A 308 16.16 40.70 15.01
C GLU A 308 15.31 40.74 13.74
N SER A 309 14.60 41.85 13.57
CA SER A 309 13.64 42.02 12.49
C SER A 309 13.95 43.27 11.66
N ILE A 310 13.79 43.14 10.35
CA ILE A 310 14.10 44.20 9.39
C ILE A 310 12.87 44.41 8.53
N VAL A 311 12.32 45.64 8.53
CA VAL A 311 11.03 45.94 7.88
C VAL A 311 11.42 47.06 6.90
N ARG A 312 12.54 46.86 6.21
CA ARG A 312 13.06 47.78 5.19
C ARG A 312 12.11 48.04 4.03
N PHE A 313 11.81 49.33 3.77
CA PHE A 313 10.94 49.87 2.73
C PHE A 313 11.71 50.79 1.79
N PRO A 314 11.32 50.87 0.47
CA PRO A 314 12.12 51.63 -0.50
C PRO A 314 12.12 53.15 -0.36
N CYS A 315 12.78 53.65 0.69
CA CYS A 315 12.93 55.06 1.09
C CYS A 315 11.59 55.82 1.04
N GLY A 316 10.68 55.37 1.87
CA GLY A 316 9.27 55.62 1.67
C GLY A 316 8.49 55.21 2.89
N PRO A 317 7.39 54.44 2.67
CA PRO A 317 6.05 54.73 3.24
C PRO A 317 5.96 55.41 4.60
N LYS A 318 6.67 54.91 5.63
CA LYS A 318 6.82 55.73 6.83
C LYS A 318 8.21 55.59 7.46
N LYS A 319 9.02 54.63 7.02
CA LYS A 319 10.23 54.19 7.75
C LYS A 319 11.06 53.25 6.87
N SER A 320 12.35 53.10 7.16
CA SER A 320 13.16 51.95 6.75
C SER A 320 14.17 51.65 7.87
N THR A 321 14.55 50.39 8.07
CA THR A 321 15.38 50.05 9.23
C THR A 321 16.87 50.01 8.93
N ASN A 322 17.33 49.01 8.18
CA ASN A 322 18.75 48.65 8.01
C ASN A 322 18.81 47.54 6.98
N LEU A 323 20.03 47.14 6.59
CA LEU A 323 20.26 45.89 5.87
C LEU A 323 21.20 45.07 6.74
N VAL A 324 20.93 43.78 6.84
CA VAL A 324 21.67 42.87 7.70
C VAL A 324 22.16 41.71 6.84
N LYS A 325 23.34 41.19 7.13
CA LYS A 325 23.87 40.04 6.42
C LYS A 325 24.31 38.96 7.41
N ASN A 326 24.34 37.74 6.88
CA ASN A 326 25.06 36.58 7.42
C ASN A 326 24.54 36.10 8.77
N LYS A 327 23.32 36.45 9.17
CA LYS A 327 22.80 35.99 10.45
C LYS A 327 21.30 35.76 10.36
N CYS A 328 20.83 34.90 11.26
CA CYS A 328 19.45 34.40 11.28
C CYS A 328 18.46 35.47 11.69
N VAL A 329 17.75 36.09 10.73
CA VAL A 329 16.91 37.25 11.01
C VAL A 329 15.51 37.06 10.48
N ASN A 330 14.64 37.99 10.86
CA ASN A 330 13.24 38.04 10.46
C ASN A 330 13.11 39.21 9.48
N PHE A 331 12.53 38.96 8.31
CA PHE A 331 12.46 39.95 7.24
C PHE A 331 11.01 40.16 6.78
N ASN A 332 10.68 41.42 6.47
CA ASN A 332 9.36 41.84 6.01
C ASN A 332 9.57 42.88 4.90
N PHE A 333 10.26 42.49 3.83
CA PHE A 333 10.47 43.43 2.71
C PHE A 333 9.20 43.69 1.93
N ASN A 334 8.55 44.84 2.17
CA ASN A 334 7.30 45.29 1.52
C ASN A 334 6.15 44.29 1.69
N GLY A 335 6.06 43.64 2.84
CA GLY A 335 5.03 42.65 3.06
C GLY A 335 5.44 41.26 2.64
N LEU A 336 6.63 40.85 3.09
CA LEU A 336 7.23 39.56 2.76
C LEU A 336 7.78 38.91 4.01
N LYS A 337 6.92 38.80 5.02
CA LYS A 337 7.26 38.29 6.35
C LYS A 337 7.73 36.84 6.31
N GLY A 338 8.88 36.62 6.93
CA GLY A 338 9.54 35.33 6.84
C GLY A 338 10.83 35.41 7.62
N THR A 339 11.54 34.30 7.75
CA THR A 339 12.76 34.22 8.53
C THR A 339 13.85 33.67 7.64
N GLY A 340 15.00 34.32 7.59
CA GLY A 340 16.04 33.85 6.70
C GLY A 340 17.41 34.42 7.03
N VAL A 341 18.39 34.06 6.21
CA VAL A 341 19.72 34.68 6.22
C VAL A 341 19.86 35.51 4.95
N LEU A 342 20.06 36.81 5.13
CA LEU A 342 20.09 37.77 4.04
C LEU A 342 21.50 37.97 3.50
N THR A 343 22.13 36.88 3.08
CA THR A 343 23.41 37.02 2.40
C THR A 343 23.22 37.54 0.98
N GLU A 344 24.23 38.25 0.48
CA GLU A 344 24.15 38.87 -0.83
C GLU A 344 24.47 37.87 -1.94
N SER A 345 24.15 38.25 -3.17
CA SER A 345 24.29 37.33 -4.29
C SER A 345 24.63 38.11 -5.56
N ASN A 346 24.64 37.41 -6.70
CA ASN A 346 25.07 37.97 -7.97
C ASN A 346 24.06 37.76 -9.11
N LYS A 347 22.79 37.54 -8.78
CA LYS A 347 21.79 37.19 -9.77
C LYS A 347 21.26 38.42 -10.49
N LYS A 348 21.37 38.44 -11.82
CA LYS A 348 20.72 39.47 -12.63
C LYS A 348 19.22 39.29 -12.53
N PHE A 349 18.52 40.39 -12.25
CA PHE A 349 17.19 40.31 -11.66
C PHE A 349 16.09 41.01 -12.43
N LEU A 350 16.39 41.55 -13.64
CA LEU A 350 15.45 42.10 -14.63
C LEU A 350 14.55 43.20 -14.03
N PRO A 351 15.03 44.49 -14.05
CA PRO A 351 14.67 45.55 -13.08
C PRO A 351 13.23 45.77 -12.60
N PHE A 352 12.23 45.32 -13.35
CA PHE A 352 10.87 45.39 -12.85
C PHE A 352 10.59 44.31 -11.81
N GLN A 353 11.31 43.20 -11.85
CA GLN A 353 11.02 42.06 -10.98
C GLN A 353 11.49 42.31 -9.55
N GLN A 354 10.75 41.74 -8.60
CA GLN A 354 10.95 42.03 -7.18
C GLN A 354 11.17 40.76 -6.38
N PHE A 355 10.77 39.61 -6.91
CA PHE A 355 10.81 38.35 -6.17
C PHE A 355 11.68 37.36 -6.92
N GLY A 356 12.14 36.34 -6.21
CA GLY A 356 12.86 35.26 -6.86
C GLY A 356 12.42 33.92 -6.34
N ARG A 357 12.31 32.92 -7.19
CA ARG A 357 11.87 31.59 -6.77
C ARG A 357 12.88 30.54 -7.18
N ASP A 358 12.84 29.43 -6.45
CA ASP A 358 13.65 28.25 -6.72
C ASP A 358 12.88 27.31 -7.64
N ILE A 359 13.32 26.04 -7.69
CA ILE A 359 12.61 24.99 -8.43
C ILE A 359 11.23 24.75 -7.82
N ALA A 360 11.14 24.73 -6.50
CA ALA A 360 9.93 24.35 -5.79
C ALA A 360 9.06 25.54 -5.41
N ASP A 361 9.10 26.63 -6.21
CA ASP A 361 8.38 27.93 -6.08
C ASP A 361 8.39 28.51 -4.66
N THR A 362 9.55 28.49 -4.04
CA THR A 362 9.74 29.07 -2.71
C THR A 362 10.66 30.28 -2.85
N THR A 363 10.35 31.35 -2.11
CA THR A 363 10.97 32.67 -2.20
C THR A 363 12.48 32.65 -1.93
N ASP A 364 13.28 32.93 -2.95
CA ASP A 364 14.70 32.62 -2.96
C ASP A 364 15.60 33.84 -2.91
N ALA A 365 15.40 34.84 -3.75
CA ALA A 365 16.28 35.99 -3.77
C ALA A 365 15.47 37.27 -3.92
N VAL A 366 15.68 38.22 -3.02
CA VAL A 366 14.94 39.47 -3.00
C VAL A 366 15.95 40.60 -3.24
N ARG A 367 15.57 41.57 -4.05
CA ARG A 367 16.39 42.75 -4.23
C ARG A 367 16.30 43.62 -2.98
N ASP A 368 17.32 44.46 -2.79
CA ASP A 368 17.15 45.56 -1.86
C ASP A 368 16.17 46.56 -2.45
N PRO A 369 15.22 47.07 -1.66
CA PRO A 369 14.21 47.96 -2.24
C PRO A 369 14.71 49.38 -2.50
N GLN A 370 15.76 49.84 -1.81
CA GLN A 370 16.30 51.15 -2.13
C GLN A 370 17.77 51.12 -2.47
N THR A 371 18.53 50.17 -1.94
CA THR A 371 19.93 50.04 -2.28
C THR A 371 20.10 49.36 -3.64
N LEU A 372 19.09 48.56 -4.03
CA LEU A 372 18.98 47.81 -5.30
C LEU A 372 20.15 46.84 -5.46
N GLU A 373 20.27 45.94 -4.48
CA GLU A 373 21.25 44.87 -4.47
C GLU A 373 20.56 43.55 -4.21
N ILE A 374 21.07 42.50 -4.81
CA ILE A 374 20.40 41.21 -4.80
C ILE A 374 20.90 40.30 -3.68
N LEU A 375 19.96 39.88 -2.83
CA LEU A 375 20.27 39.21 -1.60
C LEU A 375 19.52 37.89 -1.56
N ASP A 376 20.23 36.82 -1.19
CA ASP A 376 19.61 35.52 -1.09
C ASP A 376 18.74 35.41 0.17
N ILE A 377 17.82 34.46 0.13
CA ILE A 377 17.11 34.02 1.31
C ILE A 377 17.52 32.58 1.56
N THR A 378 18.18 32.36 2.68
CA THR A 378 18.43 31.03 3.20
C THR A 378 17.81 31.02 4.60
N PRO A 379 16.62 30.51 4.77
CA PRO A 379 16.17 30.20 6.12
C PRO A 379 16.87 29.19 7.03
N CYS A 380 17.60 29.86 7.92
CA CYS A 380 18.16 29.29 9.13
C CYS A 380 17.14 28.59 10.01
N SER A 381 17.24 27.26 10.04
CA SER A 381 16.28 26.38 10.72
C SER A 381 16.86 24.97 10.81
N PHE A 382 16.00 24.05 11.25
CA PHE A 382 15.93 22.68 10.75
C PHE A 382 17.12 21.79 11.03
N GLY A 383 17.15 21.17 12.20
CA GLY A 383 17.92 19.96 12.31
C GLY A 383 17.06 18.85 12.87
N GLY A 384 17.74 17.78 13.26
CA GLY A 384 17.13 16.73 14.03
C GLY A 384 18.05 16.40 15.16
N VAL A 385 17.56 16.23 16.37
CA VAL A 385 18.44 15.78 17.43
C VAL A 385 18.38 14.27 17.46
N SER A 386 19.53 13.62 17.44
CA SER A 386 19.58 12.19 17.62
C SER A 386 20.39 11.88 18.86
N VAL A 387 19.96 10.89 19.62
CA VAL A 387 20.51 10.61 20.93
C VAL A 387 21.13 9.23 20.89
N ILE A 388 22.41 9.16 21.28
CA ILE A 388 23.17 7.92 21.41
C ILE A 388 23.21 7.58 22.88
N THR A 389 22.66 6.42 23.23
CA THR A 389 22.74 5.95 24.59
C THR A 389 23.23 4.51 24.65
N PRO A 390 23.95 4.12 25.70
CA PRO A 390 24.36 2.72 25.85
C PRO A 390 23.35 1.84 26.56
N GLY A 391 22.13 2.29 26.74
CA GLY A 391 21.18 1.55 27.56
C GLY A 391 21.22 2.09 28.97
N THR A 392 20.05 2.29 29.57
CA THR A 392 20.03 3.01 30.83
C THR A 392 20.38 2.12 32.03
N ASN A 393 20.47 0.80 31.85
CA ASN A 393 20.92 -0.04 32.95
C ASN A 393 22.42 0.06 33.19
N THR A 394 23.17 0.48 32.19
CA THR A 394 24.62 0.47 32.23
C THR A 394 25.19 1.85 32.54
N SER A 395 24.70 2.89 31.88
CA SER A 395 25.09 4.24 32.22
C SER A 395 23.94 5.17 31.89
N ASN A 396 24.07 6.41 32.34
CA ASN A 396 23.07 7.44 32.07
C ASN A 396 23.62 8.59 31.24
N GLN A 397 24.84 8.48 30.73
CA GLN A 397 25.41 9.55 29.93
C GLN A 397 25.17 9.28 28.46
N VAL A 398 25.00 10.35 27.68
CA VAL A 398 24.55 10.27 26.30
C VAL A 398 25.49 11.04 25.40
N ALA A 399 25.32 10.85 24.10
CA ALA A 399 25.93 11.69 23.09
C ALA A 399 24.86 12.18 22.14
N VAL A 400 25.05 13.36 21.56
CA VAL A 400 24.02 14.03 20.78
C VAL A 400 24.54 14.32 19.39
N LEU A 401 23.83 13.83 18.38
CA LEU A 401 24.11 14.11 16.98
C LEU A 401 23.15 15.16 16.45
N TYR A 402 23.69 16.18 15.80
CA TYR A 402 22.89 17.10 15.02
C TYR A 402 23.11 16.77 13.56
N GLN A 403 22.02 16.55 12.81
CA GLN A 403 22.07 15.72 11.61
C GLN A 403 22.69 16.40 10.40
N GLY A 404 22.56 17.70 10.25
CA GLY A 404 22.98 18.24 8.97
C GLY A 404 23.76 19.53 8.99
N VAL A 405 24.40 19.84 10.11
CA VAL A 405 24.92 21.18 10.32
C VAL A 405 26.43 21.19 10.43
N ASN A 406 27.00 22.34 10.10
CA ASN A 406 28.21 22.75 10.76
C ASN A 406 27.89 23.09 12.20
N CYS A 407 28.70 22.61 13.11
CA CYS A 407 28.59 23.06 14.48
C CYS A 407 29.71 24.00 14.88
N THR A 408 30.06 24.88 13.94
CA THR A 408 30.40 26.24 14.30
C THR A 408 29.17 27.06 14.66
N GLU A 409 27.97 26.61 14.27
CA GLU A 409 26.74 27.33 14.54
C GLU A 409 25.71 26.50 15.28
N VAL A 410 26.14 25.48 16.04
CA VAL A 410 25.25 24.80 17.00
C VAL A 410 24.59 25.68 18.09
N PRO A 411 25.33 26.52 18.87
CA PRO A 411 24.98 26.65 20.30
C PRO A 411 23.76 27.50 20.62
N VAL A 412 22.96 27.89 19.63
CA VAL A 412 22.00 28.95 19.82
C VAL A 412 20.74 28.45 20.53
N ALA A 413 19.99 27.54 19.91
CA ALA A 413 18.61 27.36 20.38
C ALA A 413 18.05 25.97 20.14
N ILE A 414 17.27 25.50 21.11
CA ILE A 414 16.08 24.68 20.93
C ILE A 414 15.00 25.56 21.53
N HIS A 415 13.85 25.71 20.84
CA HIS A 415 12.77 26.53 21.39
C HIS A 415 11.39 26.04 20.94
N ALA A 416 10.64 25.39 21.84
CA ALA A 416 9.24 25.10 21.56
C ALA A 416 8.27 25.70 22.58
N ASP A 417 8.31 25.25 23.83
CA ASP A 417 7.54 25.84 24.91
C ASP A 417 8.44 26.43 25.98
N GLN A 418 9.27 25.60 26.63
CA GLN A 418 10.26 26.06 27.60
C GLN A 418 11.60 25.37 27.42
N LEU A 419 11.73 24.47 26.45
CA LEU A 419 13.04 23.96 26.08
C LEU A 419 13.82 25.09 25.44
N THR A 420 15.09 25.19 25.78
CA THR A 420 15.69 26.50 25.99
C THR A 420 17.18 26.42 25.69
N PRO A 421 17.82 27.58 25.38
CA PRO A 421 19.28 27.66 25.30
C PRO A 421 20.10 27.39 26.56
N THR A 422 19.48 27.28 27.75
CA THR A 422 20.24 27.36 29.01
C THR A 422 21.04 26.10 29.31
N TRP A 423 20.76 24.98 28.61
CA TRP A 423 21.72 23.88 28.64
C TRP A 423 22.96 24.23 27.83
N ARG A 424 22.79 24.97 26.75
CA ARG A 424 23.71 24.94 25.63
C ARG A 424 24.88 25.90 25.75
N VAL A 425 24.76 26.93 26.60
CA VAL A 425 25.63 28.12 26.56
C VAL A 425 27.07 27.82 26.95
N TYR A 426 27.31 26.77 27.73
CA TYR A 426 28.66 26.23 27.82
C TYR A 426 28.71 24.71 27.65
N SER A 427 27.67 24.08 27.10
CA SER A 427 27.79 22.63 26.85
C SER A 427 28.25 22.36 25.43
N THR A 428 28.59 23.41 24.69
CA THR A 428 29.27 23.24 23.42
C THR A 428 30.70 22.76 23.65
N GLY A 429 31.53 23.61 24.26
CA GLY A 429 32.78 23.28 24.93
C GLY A 429 33.85 22.48 24.20
N SER A 430 34.12 21.29 24.72
CA SER A 430 34.95 20.31 24.06
C SER A 430 34.09 19.08 23.76
N ASN A 431 34.76 18.04 23.25
CA ASN A 431 34.16 16.85 22.63
C ASN A 431 33.16 17.23 21.54
N VAL A 432 33.66 17.98 20.57
CA VAL A 432 32.91 18.33 19.38
C VAL A 432 33.64 17.73 18.19
N PHE A 433 32.96 16.85 17.46
CA PHE A 433 33.56 16.16 16.34
C PHE A 433 32.66 16.31 15.13
N GLN A 434 33.21 16.76 14.01
CA GLN A 434 32.42 16.99 12.82
C GLN A 434 32.47 15.78 11.90
N THR A 435 31.32 15.19 11.61
CA THR A 435 31.25 14.05 10.72
C THR A 435 30.70 14.49 9.38
N ARG A 436 30.51 13.54 8.49
CA ARG A 436 29.74 13.82 7.29
C ARG A 436 28.26 13.55 7.48
N ALA A 437 27.86 13.08 8.65
CA ALA A 437 26.47 12.90 9.01
C ALA A 437 25.97 13.94 9.98
N GLY A 438 26.62 15.11 10.01
CA GLY A 438 26.27 16.14 10.96
C GLY A 438 27.45 16.42 11.87
N CYS A 439 27.19 16.76 13.13
CA CYS A 439 28.30 16.70 14.06
C CYS A 439 27.83 16.19 15.39
N LEU A 440 28.80 15.68 16.15
CA LEU A 440 28.56 14.80 17.27
C LEU A 440 29.19 15.40 18.51
N ILE A 441 28.41 15.48 19.58
CA ILE A 441 28.79 16.20 20.78
C ILE A 441 28.68 15.23 21.95
N GLY A 442 29.75 15.11 22.72
CA GLY A 442 29.78 14.20 23.84
C GLY A 442 30.53 12.92 23.61
N ALA A 443 31.16 12.76 22.45
CA ALA A 443 31.90 11.55 22.13
C ALA A 443 33.27 11.94 21.59
N GLU A 444 34.24 11.09 21.87
CA GLU A 444 35.64 11.39 21.59
C GLU A 444 36.14 10.48 20.48
N TYR A 445 36.73 11.08 19.45
CA TYR A 445 37.19 10.35 18.29
C TYR A 445 38.53 9.67 18.57
N VAL A 446 38.65 8.42 18.13
CA VAL A 446 39.88 7.65 18.25
C VAL A 446 40.32 7.23 16.86
N ASN A 447 41.58 6.83 16.75
CA ASN A 447 42.09 6.27 15.50
C ASN A 447 42.05 4.77 15.43
N ASN A 448 41.49 4.09 16.43
CA ASN A 448 41.33 2.66 16.32
C ASN A 448 40.15 2.33 15.41
N SER A 449 40.08 1.07 14.99
CA SER A 449 38.99 0.63 14.13
C SER A 449 38.45 -0.66 14.69
N TYR A 450 37.18 -0.65 15.07
CA TYR A 450 36.53 -1.73 15.79
C TYR A 450 35.37 -2.24 14.95
N GLU A 451 34.59 -3.15 15.50
CA GLU A 451 33.35 -3.53 14.85
C GLU A 451 32.29 -2.48 15.14
N CYS A 452 31.25 -2.43 14.31
CA CYS A 452 30.20 -1.45 14.54
C CYS A 452 29.30 -1.87 15.68
N ASP A 453 29.05 -0.93 16.59
CA ASP A 453 28.24 -1.17 17.76
C ASP A 453 26.95 -0.34 17.71
N ILE A 454 27.07 0.97 17.57
CA ILE A 454 25.92 1.83 17.33
C ILE A 454 26.22 2.63 16.07
N PRO A 455 25.44 2.49 15.00
CA PRO A 455 25.79 3.13 13.73
C PRO A 455 25.42 4.60 13.67
N ILE A 456 26.42 5.47 13.63
CA ILE A 456 26.14 6.89 13.40
C ILE A 456 25.82 7.13 11.94
N GLY A 457 26.69 6.68 11.04
CA GLY A 457 26.47 6.92 9.64
C GLY A 457 27.74 7.38 8.96
N ALA A 458 27.76 7.23 7.62
CA ALA A 458 28.86 7.58 6.72
C ALA A 458 30.17 6.90 7.09
N GLY A 459 30.11 5.68 7.58
CA GLY A 459 31.28 4.97 8.03
C GLY A 459 31.69 5.21 9.45
N ILE A 460 30.93 5.97 10.23
CA ILE A 460 31.26 6.24 11.62
C ILE A 460 30.33 5.43 12.49
N CYS A 461 30.88 4.71 13.47
CA CYS A 461 30.10 4.08 14.52
C CYS A 461 30.56 4.60 15.87
N ALA A 462 29.83 4.24 16.91
CA ALA A 462 30.12 4.69 18.26
C ALA A 462 29.89 3.57 19.25
N SER A 463 30.60 3.63 20.37
CA SER A 463 30.48 2.63 21.41
C SER A 463 30.81 3.23 22.76
N TYR A 464 30.66 2.42 23.81
CA TYR A 464 30.81 2.87 25.19
C TYR A 464 31.71 1.91 25.93
N GLN A 465 32.96 2.33 26.19
CA GLN A 465 33.91 1.48 26.89
C GLN A 465 35.01 2.34 27.51
N THR A 466 35.91 1.64 28.22
CA THR A 466 37.17 2.15 28.82
C THR A 466 37.01 3.29 29.80
N SER A 479 36.74 4.92 34.36
CA SER A 479 36.71 6.14 33.56
C SER A 479 36.04 5.89 32.22
N GLN A 480 34.81 5.40 32.27
CA GLN A 480 34.06 5.00 31.10
C GLN A 480 33.60 6.23 30.31
N SER A 481 33.48 6.05 29.00
CA SER A 481 33.16 7.18 28.11
C SER A 481 32.57 6.64 26.82
N ILE A 482 32.01 7.57 26.05
CA ILE A 482 31.49 7.30 24.71
C ILE A 482 32.62 7.59 23.72
N ILE A 483 32.96 6.62 22.90
CA ILE A 483 33.94 6.82 21.85
C ILE A 483 33.26 6.72 20.50
N ALA A 484 33.84 7.37 19.52
CA ALA A 484 33.38 7.29 18.14
C ALA A 484 34.57 6.93 17.26
N TYR A 485 34.35 6.06 16.28
CA TYR A 485 35.44 5.52 15.50
C TYR A 485 34.97 5.27 14.08
N THR A 486 35.95 5.06 13.20
CA THR A 486 35.69 4.60 11.85
C THR A 486 35.66 3.09 11.88
N MET A 487 34.57 2.51 11.38
CA MET A 487 34.32 1.09 11.54
C MET A 487 35.25 0.25 10.67
N SER A 488 35.54 -0.95 11.12
CA SER A 488 36.46 -1.83 10.45
C SER A 488 35.68 -2.93 9.76
N LEU A 489 36.24 -3.41 8.66
CA LEU A 489 35.48 -4.29 7.80
C LEU A 489 35.75 -5.74 8.13
N GLY A 490 36.92 -6.03 8.67
CA GLY A 490 37.26 -7.38 9.07
C GLY A 490 38.76 -7.50 9.20
N ALA A 491 39.19 -8.72 9.49
CA ALA A 491 40.61 -9.02 9.63
C ALA A 491 41.30 -8.99 8.27
N GLU A 492 42.49 -8.42 8.24
CA GLU A 492 43.27 -8.35 7.01
C GLU A 492 43.86 -9.72 6.71
N ASN A 493 43.85 -10.11 5.45
CA ASN A 493 44.33 -11.44 5.11
C ASN A 493 44.96 -11.41 3.73
N SER A 494 45.95 -12.25 3.52
CA SER A 494 46.57 -12.43 2.23
C SER A 494 46.73 -13.91 1.98
N VAL A 495 46.18 -14.39 0.88
CA VAL A 495 46.28 -15.79 0.52
C VAL A 495 47.58 -15.98 -0.26
N ALA A 496 48.37 -16.97 0.13
CA ALA A 496 49.67 -17.21 -0.48
C ALA A 496 49.48 -17.87 -1.83
N TYR A 497 49.21 -17.05 -2.84
CA TYR A 497 49.04 -17.55 -4.19
C TYR A 497 50.40 -17.87 -4.79
N SER A 498 50.45 -18.96 -5.55
CA SER A 498 51.65 -19.34 -6.27
C SER A 498 51.23 -20.09 -7.50
N ASN A 499 52.17 -20.29 -8.41
CA ASN A 499 51.87 -21.00 -9.64
C ASN A 499 51.75 -22.50 -9.48
N ASN A 500 52.27 -23.07 -8.40
CA ASN A 500 52.23 -24.52 -8.30
C ASN A 500 51.98 -24.98 -6.87
N SER A 501 51.22 -24.23 -6.09
CA SER A 501 51.03 -24.57 -4.69
C SER A 501 49.54 -24.71 -4.40
N ILE A 502 49.17 -25.78 -3.71
CA ILE A 502 47.78 -26.04 -3.36
C ILE A 502 47.71 -26.33 -1.88
N ALA A 503 46.53 -26.13 -1.29
CA ALA A 503 46.29 -26.42 0.11
C ALA A 503 45.15 -27.41 0.22
N ILE A 504 45.37 -28.50 0.94
CA ILE A 504 44.41 -29.59 1.07
C ILE A 504 44.07 -29.73 2.54
N PRO A 505 42.80 -29.78 2.92
CA PRO A 505 42.46 -30.00 4.33
C PRO A 505 42.67 -31.44 4.77
N THR A 506 43.09 -31.61 6.02
CA THR A 506 43.37 -32.93 6.58
C THR A 506 42.39 -33.34 7.65
N ASN A 507 41.42 -32.51 8.00
CA ASN A 507 40.50 -32.73 9.10
C ASN A 507 39.22 -31.98 8.76
N PHE A 508 38.19 -32.12 9.58
CA PHE A 508 36.91 -31.48 9.30
C PHE A 508 36.17 -31.16 10.60
N THR A 509 35.00 -30.60 10.44
CA THR A 509 34.20 -30.13 11.56
C THR A 509 32.74 -30.17 11.17
N ILE A 510 31.92 -30.80 11.99
CA ILE A 510 30.48 -30.84 11.76
C ILE A 510 29.88 -29.64 12.47
N SER A 511 29.20 -28.79 11.73
CA SER A 511 28.61 -27.59 12.29
C SER A 511 27.10 -27.66 12.22
N VAL A 512 26.44 -27.30 13.30
CA VAL A 512 25.00 -27.13 13.31
C VAL A 512 24.73 -25.66 13.53
N THR A 513 23.96 -25.05 12.64
CA THR A 513 23.55 -23.66 12.79
C THR A 513 22.03 -23.60 12.72
N THR A 514 21.47 -22.49 13.19
CA THR A 514 20.03 -22.31 13.20
C THR A 514 19.61 -21.20 12.26
N GLU A 515 18.38 -21.29 11.76
CA GLU A 515 17.82 -20.25 10.92
C GLU A 515 16.35 -20.08 11.28
N ILE A 516 15.95 -18.86 11.59
CA ILE A 516 14.62 -18.54 12.08
C ILE A 516 13.84 -17.94 10.92
N LEU A 517 12.60 -18.39 10.70
CA LEU A 517 11.79 -17.78 9.64
C LEU A 517 10.35 -17.59 10.09
N PRO A 518 9.77 -16.42 9.88
CA PRO A 518 8.34 -16.25 10.15
C PRO A 518 7.49 -16.93 9.10
N VAL A 519 6.31 -17.37 9.49
CA VAL A 519 5.41 -18.13 8.63
C VAL A 519 4.04 -17.46 8.53
N SER A 520 3.43 -17.15 9.67
CA SER A 520 2.08 -16.60 9.68
C SER A 520 2.01 -15.45 10.67
N MET A 521 0.94 -14.68 10.58
CA MET A 521 0.71 -13.63 11.56
C MET A 521 -0.72 -13.71 12.10
N THR A 522 -1.13 -12.72 12.86
CA THR A 522 -2.37 -12.80 13.60
C THR A 522 -3.56 -12.47 12.71
N LYS A 523 -4.60 -13.29 12.81
CA LYS A 523 -5.81 -13.11 12.01
C LYS A 523 -6.75 -12.17 12.74
N THR A 524 -7.15 -11.11 12.09
CA THR A 524 -7.94 -10.06 12.70
C THR A 524 -9.15 -9.83 11.81
N SER A 525 -10.33 -9.65 12.41
CA SER A 525 -11.46 -9.17 11.65
C SER A 525 -12.15 -8.05 12.40
N VAL A 526 -12.93 -7.27 11.65
CA VAL A 526 -13.46 -6.00 12.12
C VAL A 526 -14.98 -6.05 11.98
N ASP A 527 -15.65 -5.31 12.86
CA ASP A 527 -17.01 -4.88 12.66
C ASP A 527 -16.98 -3.37 12.54
N CYS A 528 -17.55 -2.84 11.45
CA CYS A 528 -17.47 -1.40 11.20
C CYS A 528 -18.33 -0.59 12.15
N THR A 529 -19.58 -1.02 12.35
CA THR A 529 -20.58 -0.16 12.99
C THR A 529 -20.30 -0.04 14.47
N MET A 530 -19.75 -1.10 15.05
CA MET A 530 -19.39 -1.05 16.44
C MET A 530 -18.11 -0.26 16.66
N TYR A 531 -17.20 -0.30 15.68
CA TYR A 531 -15.99 0.50 15.75
C TYR A 531 -16.27 1.98 15.57
N ILE A 532 -17.08 2.33 14.57
CA ILE A 532 -17.25 3.72 14.20
C ILE A 532 -18.36 4.38 15.00
N CYS A 533 -19.52 3.74 15.06
CA CYS A 533 -20.67 4.29 15.78
C CYS A 533 -20.87 3.67 17.14
N GLY A 534 -21.02 2.39 17.23
CA GLY A 534 -21.30 1.76 18.51
C GLY A 534 -22.81 1.61 18.73
N ASP A 535 -23.32 2.36 19.71
CA ASP A 535 -24.64 2.11 20.27
C ASP A 535 -25.74 2.99 19.68
N SER A 536 -25.39 4.00 18.89
CA SER A 536 -26.36 4.99 18.47
C SER A 536 -26.82 4.73 17.03
N THR A 537 -28.13 4.66 16.85
CA THR A 537 -28.77 4.22 15.61
C THR A 537 -28.67 5.26 14.50
N GLU A 538 -28.68 6.55 14.88
CA GLU A 538 -28.63 7.64 13.90
C GLU A 538 -27.27 7.72 13.23
N CYS A 539 -26.22 7.33 13.93
CA CYS A 539 -24.90 7.20 13.36
C CYS A 539 -24.85 6.09 12.32
N SER A 540 -25.58 5.00 12.57
CA SER A 540 -25.63 3.90 11.61
C SER A 540 -26.41 4.31 10.36
N ASN A 541 -27.42 5.16 10.54
CA ASN A 541 -28.15 5.69 9.39
C ASN A 541 -27.31 6.66 8.58
N LEU A 542 -26.44 7.43 9.24
CA LEU A 542 -25.52 8.28 8.47
C LEU A 542 -24.37 7.49 7.85
N LEU A 543 -23.98 6.39 8.47
CA LEU A 543 -22.96 5.51 7.91
C LEU A 543 -23.49 4.75 6.71
N LEU A 544 -24.81 4.51 6.67
CA LEU A 544 -25.48 3.88 5.55
C LEU A 544 -25.39 4.69 4.27
N GLN A 545 -25.33 6.02 4.35
CA GLN A 545 -25.19 6.86 3.18
C GLN A 545 -23.80 6.85 2.57
N TYR A 546 -22.81 6.29 3.24
CA TYR A 546 -21.43 6.30 2.76
C TYR A 546 -21.08 5.08 1.96
N GLY A 547 -22.01 4.16 1.85
CA GLY A 547 -21.86 3.14 0.86
C GLY A 547 -21.18 1.90 1.40
N SER A 548 -20.33 1.34 0.58
CA SER A 548 -19.82 0.01 0.84
C SER A 548 -18.32 0.05 0.96
N PHE A 549 -17.82 0.98 1.76
CA PHE A 549 -16.41 0.91 2.14
C PHE A 549 -16.19 -0.26 3.08
N CYS A 550 -17.17 -0.52 3.94
CA CYS A 550 -17.04 -1.50 5.02
C CYS A 550 -17.02 -2.93 4.52
N THR A 551 -17.76 -3.21 3.45
CA THR A 551 -17.70 -4.53 2.85
C THR A 551 -16.37 -4.77 2.16
N GLN A 552 -15.77 -3.70 1.64
CA GLN A 552 -14.46 -3.81 1.01
C GLN A 552 -13.37 -4.04 2.04
N LEU A 553 -13.47 -3.38 3.20
CA LEU A 553 -12.50 -3.61 4.27
C LEU A 553 -12.65 -4.98 4.90
N LYS A 554 -13.90 -5.46 5.02
CA LYS A 554 -14.14 -6.80 5.54
C LYS A 554 -13.66 -7.88 4.59
N ARG A 555 -13.79 -7.64 3.27
CA ARG A 555 -13.26 -8.55 2.26
C ARG A 555 -11.74 -8.60 2.29
N ALA A 556 -11.09 -7.47 2.51
CA ALA A 556 -9.63 -7.41 2.57
C ALA A 556 -9.08 -8.16 3.77
N LEU A 557 -9.72 -7.97 4.93
CA LEU A 557 -9.27 -8.65 6.14
C LEU A 557 -9.58 -10.14 6.12
N THR A 558 -10.67 -10.52 5.43
CA THR A 558 -11.00 -11.94 5.29
C THR A 558 -10.03 -12.65 4.35
N GLY A 559 -9.57 -11.94 3.30
CA GLY A 559 -8.56 -12.50 2.42
C GLY A 559 -7.22 -12.70 3.09
N ILE A 560 -6.85 -11.76 3.98
CA ILE A 560 -5.62 -11.90 4.77
C ILE A 560 -5.72 -13.09 5.73
N ALA A 561 -6.88 -13.25 6.38
CA ALA A 561 -7.03 -14.31 7.38
C ALA A 561 -7.12 -15.70 6.75
N VAL A 562 -7.62 -15.80 5.52
CA VAL A 562 -7.57 -17.07 4.80
C VAL A 562 -6.14 -17.38 4.39
N GLU A 563 -5.41 -16.35 3.96
CA GLU A 563 -4.05 -16.48 3.47
C GLU A 563 -3.06 -16.94 4.55
N GLN A 564 -3.30 -16.60 5.81
CA GLN A 564 -2.41 -17.05 6.90
C GLN A 564 -2.47 -18.55 7.13
N ASP A 565 -3.68 -19.11 7.10
CA ASP A 565 -3.86 -20.55 7.23
C ASP A 565 -3.34 -21.29 6.03
N LYS A 566 -3.43 -20.65 4.85
CA LYS A 566 -2.83 -21.21 3.66
C LYS A 566 -1.31 -21.23 3.75
N ASN A 567 -0.70 -20.19 4.34
CA ASN A 567 0.75 -20.13 4.55
C ASN A 567 1.28 -21.24 5.44
N THR A 568 0.58 -21.47 6.56
CA THR A 568 0.97 -22.53 7.48
C THR A 568 0.78 -23.91 6.88
N GLN A 569 -0.24 -24.06 6.03
CA GLN A 569 -0.50 -25.35 5.42
C GLN A 569 0.47 -25.64 4.27
N GLU A 570 0.97 -24.62 3.58
CA GLU A 570 2.01 -24.91 2.57
C GLU A 570 3.35 -25.19 3.21
N VAL A 571 3.66 -24.58 4.35
CA VAL A 571 4.96 -24.86 4.97
C VAL A 571 4.97 -26.25 5.61
N PHE A 572 3.96 -26.56 6.41
CA PHE A 572 4.11 -27.74 7.27
C PHE A 572 3.51 -29.01 6.71
N ALA A 573 2.45 -28.95 5.91
CA ALA A 573 1.76 -30.16 5.48
C ALA A 573 2.34 -30.68 4.16
N GLN A 574 3.61 -31.03 4.19
CA GLN A 574 4.22 -31.53 2.97
C GLN A 574 4.24 -33.05 2.91
N VAL A 575 3.77 -33.70 3.95
CA VAL A 575 3.71 -35.15 3.98
C VAL A 575 2.26 -35.55 4.04
N LYS A 576 2.00 -36.78 3.62
CA LYS A 576 0.65 -37.30 3.56
C LYS A 576 0.41 -38.38 4.59
N GLN A 577 1.47 -38.91 5.20
CA GLN A 577 1.36 -39.94 6.21
C GLN A 577 2.16 -39.52 7.42
N ILE A 578 1.69 -39.91 8.60
CA ILE A 578 2.37 -39.59 9.84
C ILE A 578 3.32 -40.73 10.16
N TYR A 579 4.62 -40.48 10.05
CA TYR A 579 5.62 -41.50 10.28
C TYR A 579 5.99 -41.52 11.75
N LYS A 580 6.36 -42.70 12.23
CA LYS A 580 6.70 -42.90 13.63
C LYS A 580 8.13 -43.37 13.78
N THR A 581 8.79 -42.90 14.82
CA THR A 581 10.08 -43.43 15.20
C THR A 581 9.90 -44.80 15.83
N PRO A 582 10.92 -45.67 15.76
CA PRO A 582 10.85 -46.96 16.45
C PRO A 582 10.96 -46.80 17.96
N PRO A 583 10.53 -47.80 18.73
CA PRO A 583 10.72 -47.73 20.20
C PRO A 583 12.17 -47.77 20.65
N ILE A 584 13.03 -48.48 19.94
CA ILE A 584 14.45 -48.38 20.21
C ILE A 584 14.98 -47.08 19.61
N LYS A 585 15.92 -46.47 20.30
CA LYS A 585 16.56 -45.25 19.79
C LYS A 585 18.06 -45.54 19.78
N TYR A 586 18.52 -46.22 18.73
CA TYR A 586 19.94 -46.38 18.50
C TYR A 586 20.18 -46.17 17.02
N PHE A 587 20.89 -45.11 16.69
CA PHE A 587 21.13 -44.73 15.32
C PHE A 587 22.61 -44.66 15.04
N GLY A 588 23.35 -45.63 15.56
CA GLY A 588 24.78 -45.68 15.32
C GLY A 588 25.59 -44.70 16.13
N GLY A 589 25.07 -44.25 17.26
CA GLY A 589 25.78 -43.32 18.10
C GLY A 589 25.28 -41.91 18.01
N PHE A 590 24.43 -41.61 17.05
CA PHE A 590 23.85 -40.28 16.93
C PHE A 590 22.69 -40.15 17.90
N ASN A 591 22.72 -39.10 18.70
CA ASN A 591 21.71 -38.82 19.71
C ASN A 591 20.78 -37.75 19.17
N PHE A 592 19.51 -38.06 19.05
CA PHE A 592 18.51 -37.11 18.58
C PHE A 592 17.51 -36.73 19.66
N SER A 593 17.86 -36.81 20.93
CA SER A 593 16.85 -36.71 21.98
C SER A 593 16.41 -35.28 22.22
N GLN A 594 17.16 -34.30 21.75
CA GLN A 594 16.77 -32.92 21.92
C GLN A 594 15.88 -32.41 20.80
N ILE A 595 15.66 -33.20 19.76
CA ILE A 595 14.74 -32.82 18.69
C ILE A 595 13.55 -33.76 18.57
N LEU A 596 13.64 -34.98 19.06
CA LEU A 596 12.53 -35.91 19.07
C LEU A 596 11.55 -35.53 20.17
N PRO A 597 10.26 -35.88 20.06
CA PRO A 597 9.29 -35.46 21.08
C PRO A 597 9.45 -36.16 22.41
N ASP A 598 9.32 -35.38 23.47
CA ASP A 598 9.48 -35.86 24.83
C ASP A 598 8.13 -36.36 25.33
N PRO A 599 7.97 -37.65 25.63
CA PRO A 599 6.64 -38.16 26.00
C PRO A 599 6.26 -37.95 27.46
N SER A 600 7.11 -37.29 28.25
CA SER A 600 6.82 -37.04 29.65
C SER A 600 6.01 -35.78 29.87
N LYS A 601 5.68 -35.05 28.84
CA LYS A 601 5.07 -33.76 28.97
C LYS A 601 3.64 -33.79 28.44
N PRO A 602 2.75 -32.91 28.93
CA PRO A 602 1.38 -32.86 28.38
C PRO A 602 1.30 -32.41 26.94
N SER A 603 2.16 -31.48 26.53
CA SER A 603 2.35 -31.17 25.12
C SER A 603 3.62 -31.88 24.68
N LYS A 604 3.48 -32.77 23.71
CA LYS A 604 4.59 -33.64 23.33
C LYS A 604 5.52 -32.89 22.38
N ARG A 605 6.35 -32.05 22.96
CA ARG A 605 7.30 -31.27 22.21
C ARG A 605 8.71 -31.67 22.62
N SER A 606 9.66 -31.35 21.76
CA SER A 606 11.06 -31.57 22.06
C SER A 606 11.55 -30.54 23.07
N PRO A 607 12.69 -30.79 23.74
CA PRO A 607 13.27 -29.75 24.62
C PRO A 607 13.64 -28.45 23.95
N ILE A 608 14.08 -28.51 22.70
CA ILE A 608 14.36 -27.29 21.94
C ILE A 608 13.07 -26.55 21.63
N GLU A 609 12.00 -27.27 21.31
CA GLU A 609 10.70 -26.64 21.04
C GLU A 609 10.06 -26.07 22.29
N ASP A 610 10.32 -26.68 23.45
CA ASP A 610 9.88 -26.11 24.72
C ASP A 610 10.61 -24.82 25.03
N LEU A 611 11.90 -24.76 24.70
CA LEU A 611 12.66 -23.56 25.00
C LEU A 611 12.30 -22.44 24.03
N LEU A 612 12.00 -22.78 22.76
CA LEU A 612 11.53 -21.80 21.80
C LEU A 612 10.14 -21.30 22.13
N PHE A 613 9.31 -22.14 22.75
CA PHE A 613 8.01 -21.65 23.18
CA PHE A 613 8.00 -21.70 23.19
C PHE A 613 8.10 -20.79 24.41
N ASN A 614 9.10 -21.00 25.26
CA ASN A 614 9.24 -20.11 26.41
C ASN A 614 9.89 -18.78 26.05
N LYS A 615 10.71 -18.73 25.01
CA LYS A 615 11.36 -17.46 24.69
C LYS A 615 10.48 -16.44 23.99
N VAL A 616 9.30 -16.82 23.50
CA VAL A 616 8.40 -15.87 22.84
C VAL A 616 7.24 -15.60 23.76
N THR A 617 7.11 -14.35 24.18
CA THR A 617 6.07 -13.94 25.12
C THR A 617 5.02 -13.12 24.38
N LEU A 618 3.84 -13.71 24.19
CA LEU A 618 2.76 -13.04 23.48
C LEU A 618 2.02 -12.10 24.42
N ASP A 638 -4.98 -8.62 29.16
CA ASP A 638 -5.54 -7.51 29.91
C ASP A 638 -5.79 -6.35 28.97
N LEU A 639 -4.86 -6.15 28.03
CA LEU A 639 -5.07 -5.20 26.95
C LEU A 639 -6.01 -5.77 25.90
N ILE A 640 -6.10 -7.11 25.86
CA ILE A 640 -6.75 -7.84 24.77
C ILE A 640 -8.26 -7.64 24.82
N CYS A 641 -8.84 -7.64 26.02
CA CYS A 641 -10.28 -7.41 26.17
C CYS A 641 -10.66 -5.96 25.86
N ALA A 642 -9.79 -5.02 26.23
CA ALA A 642 -10.05 -3.60 25.96
C ALA A 642 -9.94 -3.29 24.48
N GLN A 643 -9.07 -4.02 23.76
CA GLN A 643 -9.13 -3.97 22.31
C GLN A 643 -10.37 -4.66 21.78
N LYS A 644 -10.78 -5.74 22.45
CA LYS A 644 -11.71 -6.70 21.87
C LYS A 644 -13.12 -6.16 21.88
N PHE A 645 -13.43 -5.32 22.87
CA PHE A 645 -14.81 -4.84 22.90
C PHE A 645 -14.97 -3.48 22.23
N LYS A 646 -14.06 -3.11 21.32
CA LYS A 646 -14.28 -1.96 20.45
C LYS A 646 -14.53 -2.37 19.01
N GLY A 647 -14.99 -3.60 18.78
CA GLY A 647 -15.34 -4.04 17.44
C GLY A 647 -14.25 -4.77 16.69
N LEU A 648 -13.09 -4.96 17.31
CA LEU A 648 -11.97 -5.63 16.70
C LEU A 648 -11.84 -6.99 17.34
N THR A 649 -11.60 -8.04 16.55
CA THR A 649 -11.46 -9.35 17.16
C THR A 649 -10.38 -10.16 16.46
N VAL A 650 -9.90 -11.16 17.19
CA VAL A 650 -8.76 -11.97 16.81
C VAL A 650 -9.25 -13.40 16.63
N LEU A 651 -9.05 -13.92 15.50
CA LEU A 651 -9.54 -15.25 15.15
C LEU A 651 -8.47 -16.29 15.43
N PRO A 652 -8.84 -17.49 15.86
CA PRO A 652 -7.83 -18.50 16.14
C PRO A 652 -7.34 -19.16 14.86
N PRO A 653 -6.14 -19.70 14.84
CA PRO A 653 -5.67 -20.42 13.66
C PRO A 653 -6.36 -21.77 13.53
N LEU A 654 -6.35 -22.29 12.32
CA LEU A 654 -7.01 -23.56 12.05
C LEU A 654 -6.23 -24.74 12.62
N LEU A 655 -4.92 -24.73 12.47
CA LEU A 655 -4.08 -25.78 13.02
C LEU A 655 -3.62 -25.36 14.40
N THR A 656 -3.85 -26.21 15.39
CA THR A 656 -3.34 -25.95 16.72
C THR A 656 -1.85 -26.27 16.79
N ASP A 657 -1.25 -25.98 17.94
CA ASP A 657 0.18 -26.14 18.09
C ASP A 657 0.57 -27.61 18.23
N GLU A 658 -0.36 -28.43 18.71
CA GLU A 658 -0.13 -29.87 18.78
C GLU A 658 -0.13 -30.49 17.40
N MET A 659 -0.91 -29.94 16.48
CA MET A 659 -0.95 -30.49 15.13
C MET A 659 0.28 -30.10 14.33
N ILE A 660 0.80 -28.90 14.57
CA ILE A 660 2.05 -28.48 13.95
C ILE A 660 3.22 -29.26 14.52
N ALA A 661 3.17 -29.58 15.82
CA ALA A 661 4.19 -30.42 16.42
C ALA A 661 4.12 -31.86 15.93
N GLN A 662 2.93 -32.35 15.61
CA GLN A 662 2.81 -33.67 15.00
C GLN A 662 3.32 -33.70 13.58
N TYR A 663 3.16 -32.60 12.85
CA TYR A 663 3.69 -32.49 11.49
C TYR A 663 5.21 -32.48 11.48
N THR A 664 5.82 -31.73 12.42
CA THR A 664 7.28 -31.72 12.48
C THR A 664 7.84 -33.03 13.01
N SER A 665 7.08 -33.72 13.87
CA SER A 665 7.48 -35.04 14.33
C SER A 665 7.44 -36.08 13.21
N ALA A 666 6.44 -35.96 12.32
CA ALA A 666 6.38 -36.86 11.16
C ALA A 666 7.49 -36.59 10.17
N LEU A 667 7.85 -35.32 9.97
CA LEU A 667 8.95 -34.97 9.09
C LEU A 667 10.29 -35.44 9.64
N LEU A 668 10.47 -35.34 10.96
CA LEU A 668 11.70 -35.81 11.59
C LEU A 668 11.82 -37.32 11.55
N ALA A 669 10.71 -38.05 11.75
CA ALA A 669 10.77 -39.51 11.71
C ALA A 669 10.99 -40.02 10.29
N GLY A 670 10.45 -39.32 9.30
CA GLY A 670 10.72 -39.69 7.92
C GLY A 670 12.15 -39.39 7.50
N THR A 671 12.73 -38.32 8.04
CA THR A 671 14.11 -37.99 7.70
C THR A 671 15.10 -38.93 8.34
N ILE A 672 14.88 -39.26 9.62
CA ILE A 672 15.79 -40.15 10.34
C ILE A 672 15.68 -41.58 9.82
N THR A 673 14.46 -42.03 9.57
CA THR A 673 14.34 -43.43 9.20
C THR A 673 14.59 -43.69 7.72
N SER A 674 13.94 -42.94 6.84
CA SER A 674 13.94 -43.27 5.43
C SER A 674 14.92 -42.48 4.59
N GLY A 675 15.37 -41.31 5.02
CA GLY A 675 16.31 -40.56 4.22
C GLY A 675 15.63 -39.51 3.38
N TRP A 676 16.05 -39.34 2.13
CA TRP A 676 15.31 -38.46 1.25
C TRP A 676 14.24 -39.17 0.45
N THR A 677 14.07 -40.47 0.65
CA THR A 677 13.22 -41.26 -0.22
C THR A 677 11.74 -41.04 0.03
N PHE A 678 11.37 -40.49 1.18
CA PHE A 678 9.96 -40.29 1.49
C PHE A 678 9.41 -39.02 0.88
N GLY A 679 10.23 -38.18 0.28
CA GLY A 679 9.72 -36.98 -0.34
C GLY A 679 9.51 -37.15 -1.83
N ALA A 680 9.88 -38.30 -2.35
CA ALA A 680 9.78 -38.56 -3.79
C ALA A 680 8.99 -39.82 -4.10
N GLY A 681 8.26 -40.37 -3.14
CA GLY A 681 7.55 -41.59 -3.36
C GLY A 681 7.26 -42.28 -2.05
N PRO A 682 7.22 -43.62 -2.06
CA PRO A 682 7.08 -44.35 -0.80
C PRO A 682 8.37 -44.32 0.00
N ALA A 683 8.23 -44.41 1.32
CA ALA A 683 9.38 -44.33 2.20
C ALA A 683 10.08 -45.66 2.26
N LEU A 684 11.37 -45.66 1.96
CA LEU A 684 12.20 -46.86 1.96
C LEU A 684 13.23 -46.72 3.06
N GLN A 685 13.34 -47.71 3.93
CA GLN A 685 14.22 -47.57 5.08
C GLN A 685 15.66 -47.86 4.69
N ILE A 686 16.58 -47.33 5.49
CA ILE A 686 18.02 -47.47 5.31
C ILE A 686 18.60 -47.25 6.69
N PRO A 687 19.70 -47.91 7.09
CA PRO A 687 20.34 -47.56 8.35
C PRO A 687 20.99 -46.18 8.27
N PHE A 688 21.09 -45.53 9.43
CA PHE A 688 21.50 -44.12 9.46
C PHE A 688 22.96 -43.85 9.10
N PRO A 689 23.98 -44.66 9.48
CA PRO A 689 25.30 -44.43 8.88
C PRO A 689 25.39 -44.70 7.39
N MET A 690 24.52 -45.51 6.80
CA MET A 690 24.56 -45.66 5.35
C MET A 690 23.95 -44.44 4.67
N GLN A 691 22.98 -43.80 5.34
CA GLN A 691 22.43 -42.55 4.86
C GLN A 691 23.44 -41.42 4.95
N MET A 692 24.22 -41.39 6.03
CA MET A 692 25.31 -40.42 6.14
C MET A 692 26.44 -40.66 5.15
N ALA A 693 26.65 -41.91 4.74
CA ALA A 693 27.66 -42.17 3.72
C ALA A 693 27.20 -41.68 2.35
N TYR A 694 25.89 -41.77 2.09
CA TYR A 694 25.31 -41.22 0.87
C TYR A 694 25.42 -39.69 0.86
N ARG A 695 25.19 -39.06 2.01
CA ARG A 695 25.33 -37.62 2.08
C ARG A 695 26.78 -37.15 2.11
N PHE A 696 27.75 -38.01 2.44
CA PHE A 696 29.14 -37.62 2.18
C PHE A 696 29.50 -37.75 0.72
N ASN A 697 28.95 -38.73 0.00
CA ASN A 697 29.16 -38.75 -1.45
C ASN A 697 28.48 -37.61 -2.17
N GLY A 698 27.44 -37.02 -1.58
CA GLY A 698 26.85 -35.83 -2.16
C GLY A 698 27.71 -34.58 -2.14
N ILE A 699 28.74 -34.51 -1.29
CA ILE A 699 29.57 -33.32 -1.21
C ILE A 699 30.99 -33.58 -1.71
N GLY A 700 31.24 -34.73 -2.30
CA GLY A 700 32.53 -34.98 -2.90
C GLY A 700 33.56 -35.65 -2.02
N VAL A 701 33.16 -36.25 -0.91
CA VAL A 701 34.05 -36.99 -0.03
C VAL A 701 33.69 -38.46 -0.19
N THR A 702 34.68 -39.33 -0.30
CA THR A 702 34.40 -40.75 -0.48
C THR A 702 33.85 -41.35 0.79
N GLN A 703 33.12 -42.45 0.64
CA GLN A 703 32.27 -42.90 1.74
C GLN A 703 33.01 -43.70 2.79
N ASN A 704 34.28 -44.03 2.56
CA ASN A 704 35.09 -44.64 3.60
C ASN A 704 35.41 -43.69 4.74
N VAL A 705 35.43 -42.38 4.46
CA VAL A 705 35.83 -41.35 5.40
C VAL A 705 34.86 -41.28 6.57
N LEU A 706 33.58 -41.54 6.30
CA LEU A 706 32.60 -41.68 7.37
C LEU A 706 32.84 -42.91 8.23
N TYR A 707 32.94 -44.09 7.60
CA TYR A 707 32.97 -45.36 8.33
C TYR A 707 34.24 -45.56 9.13
N GLU A 708 35.35 -44.96 8.70
CA GLU A 708 36.55 -45.01 9.52
C GLU A 708 36.58 -43.95 10.59
N ASN A 709 35.64 -43.01 10.59
CA ASN A 709 35.64 -41.94 11.57
C ASN A 709 34.27 -41.77 12.22
N GLN A 710 33.53 -42.86 12.39
CA GLN A 710 32.10 -42.79 12.68
C GLN A 710 31.82 -42.31 14.10
N LYS A 711 32.65 -42.76 15.05
CA LYS A 711 32.49 -42.40 16.45
C LYS A 711 32.84 -40.94 16.70
N LEU A 712 33.84 -40.43 15.98
CA LEU A 712 34.24 -39.04 16.07
C LEU A 712 33.19 -38.10 15.49
N ILE A 713 32.58 -38.49 14.38
CA ILE A 713 31.54 -37.69 13.73
C ILE A 713 30.28 -37.67 14.57
N ALA A 714 29.96 -38.79 15.23
CA ALA A 714 28.83 -38.85 16.15
C ALA A 714 29.05 -37.99 17.39
N ASN A 715 30.28 -37.96 17.91
CA ASN A 715 30.60 -37.11 19.08
C ASN A 715 30.55 -35.63 18.74
N GLN A 716 31.04 -35.26 17.54
CA GLN A 716 30.99 -33.88 17.09
C GLN A 716 29.56 -33.41 16.87
N PHE A 717 28.71 -34.30 16.36
CA PHE A 717 27.31 -33.95 16.14
C PHE A 717 26.55 -33.77 17.45
N ASN A 718 26.81 -34.64 18.43
CA ASN A 718 26.13 -34.56 19.72
C ASN A 718 26.54 -33.32 20.52
N SER A 719 27.84 -32.98 20.47
CA SER A 719 28.32 -31.77 21.13
C SER A 719 27.82 -30.52 20.44
N ALA A 720 27.62 -30.58 19.12
CA ALA A 720 27.06 -29.47 18.38
C ALA A 720 25.61 -29.19 18.75
N ILE A 721 24.79 -30.24 18.88
CA ILE A 721 23.38 -30.10 19.28
C ILE A 721 23.23 -29.56 20.71
N GLY A 722 24.12 -30.02 21.62
CA GLY A 722 24.13 -29.48 22.97
C GLY A 722 24.53 -28.01 23.03
N LYS A 723 25.45 -27.59 22.17
CA LYS A 723 25.79 -26.18 22.11
C LYS A 723 24.70 -25.33 21.47
N ILE A 724 23.87 -25.91 20.59
CA ILE A 724 22.68 -25.20 20.07
C ILE A 724 21.71 -24.86 21.17
N GLN A 725 21.42 -25.82 22.05
CA GLN A 725 20.44 -25.53 23.10
C GLN A 725 21.00 -24.58 24.17
N ASP A 726 22.30 -24.71 24.48
CA ASP A 726 22.92 -23.80 25.45
C ASP A 726 23.09 -22.39 24.89
N SER A 727 23.47 -22.24 23.62
CA SER A 727 23.69 -20.92 23.08
C SER A 727 22.39 -20.21 22.76
N LEU A 728 21.38 -20.96 22.32
CA LEU A 728 20.12 -20.31 22.00
C LEU A 728 19.34 -20.01 23.27
N SER A 729 19.59 -20.77 24.35
CA SER A 729 19.04 -20.38 25.65
C SER A 729 19.68 -19.11 26.18
N SER A 730 21.00 -19.06 26.20
CA SER A 730 21.73 -17.99 26.89
C SER A 730 22.15 -16.90 25.90
N THR A 731 21.14 -16.30 25.26
CA THR A 731 21.27 -15.03 24.57
C THR A 731 19.90 -14.38 24.61
N PRO A 732 19.80 -13.05 24.72
CA PRO A 732 18.47 -12.43 24.75
C PRO A 732 17.94 -12.00 23.40
N SER A 733 18.83 -11.75 22.43
CA SER A 733 18.46 -11.07 21.19
C SER A 733 18.19 -12.04 20.06
N ALA A 734 18.24 -13.34 20.32
CA ALA A 734 17.77 -14.30 19.33
C ALA A 734 16.26 -14.35 19.36
N LEU A 735 15.68 -14.90 18.27
CA LEU A 735 14.24 -14.99 17.98
C LEU A 735 13.60 -13.61 17.95
N GLY A 736 14.33 -12.62 17.45
CA GLY A 736 13.77 -11.29 17.33
C GLY A 736 12.86 -11.17 16.16
N LYS A 737 13.03 -12.03 15.15
CA LYS A 737 12.22 -12.00 13.95
C LYS A 737 10.79 -12.45 14.23
N LEU A 738 10.64 -13.45 15.10
CA LEU A 738 9.31 -13.87 15.51
C LEU A 738 8.71 -12.92 16.54
N GLN A 739 9.55 -12.22 17.29
CA GLN A 739 9.04 -11.28 18.28
C GLN A 739 8.51 -10.02 17.63
N ASP A 740 9.13 -9.62 16.51
CA ASP A 740 8.75 -8.38 15.82
C ASP A 740 7.37 -8.48 15.18
N VAL A 741 6.95 -9.69 14.82
CA VAL A 741 5.62 -9.91 14.26
C VAL A 741 4.55 -9.62 15.30
N VAL A 742 4.77 -10.11 16.52
CA VAL A 742 3.83 -9.94 17.62
C VAL A 742 3.80 -8.49 18.07
N ASN A 743 4.98 -7.83 18.07
CA ASN A 743 5.07 -6.44 18.46
C ASN A 743 4.42 -5.50 17.45
N HIS A 744 4.57 -5.80 16.15
CA HIS A 744 3.97 -4.95 15.13
C HIS A 744 2.46 -5.11 15.08
N ASN A 745 1.94 -6.32 15.30
CA ASN A 745 0.50 -6.53 15.28
C ASN A 745 -0.17 -5.91 16.49
N ALA A 746 0.47 -6.03 17.67
CA ALA A 746 -0.08 -5.43 18.87
C ALA A 746 0.00 -3.92 18.81
N GLN A 747 1.07 -3.38 18.23
CA GLN A 747 1.26 -1.94 18.18
C GLN A 747 0.32 -1.27 17.19
N ALA A 748 0.01 -1.98 16.09
CA ALA A 748 -0.99 -1.48 15.15
C ALA A 748 -2.39 -1.51 15.74
N LEU A 749 -2.70 -2.53 16.54
CA LEU A 749 -4.01 -2.58 17.19
C LEU A 749 -4.15 -1.53 18.29
N ASN A 750 -3.08 -1.27 19.05
CA ASN A 750 -3.13 -0.20 20.05
C ASN A 750 -3.21 1.17 19.42
N THR A 751 -2.59 1.36 18.25
CA THR A 751 -2.76 2.60 17.51
C THR A 751 -4.20 2.80 17.05
N LEU A 752 -4.82 1.72 16.57
CA LEU A 752 -6.20 1.82 16.08
C LEU A 752 -7.21 2.05 17.20
N VAL A 753 -6.96 1.51 18.39
CA VAL A 753 -7.90 1.79 19.48
C VAL A 753 -7.58 3.11 20.16
N LYS A 754 -6.35 3.62 20.06
CA LYS A 754 -6.10 4.94 20.63
C LYS A 754 -6.53 6.07 19.72
N GLN A 755 -6.81 5.78 18.45
CA GLN A 755 -7.36 6.83 17.61
C GLN A 755 -8.88 6.95 17.69
N LEU A 756 -9.54 6.40 18.71
CA LEU A 756 -10.95 6.67 18.94
C LEU A 756 -11.18 7.82 19.90
N SER A 757 -10.12 8.44 20.39
CA SER A 757 -10.23 9.61 21.25
C SER A 757 -9.71 10.86 20.55
N SER A 758 -9.69 10.84 19.23
CA SER A 758 -9.28 11.99 18.44
C SER A 758 -10.51 12.69 17.93
N LYS A 759 -10.54 14.02 18.08
CA LYS A 759 -11.75 14.76 17.77
C LYS A 759 -11.96 14.96 16.28
N PHE A 760 -10.87 14.96 15.49
CA PHE A 760 -10.84 15.29 14.05
C PHE A 760 -11.44 16.66 13.76
N GLY A 761 -11.19 17.61 14.64
CA GLY A 761 -11.75 18.94 14.50
C GLY A 761 -13.13 19.11 15.06
N ALA A 762 -13.78 18.04 15.54
CA ALA A 762 -15.09 18.22 16.12
C ALA A 762 -14.99 18.69 17.57
N ILE A 763 -16.13 19.08 18.12
CA ILE A 763 -16.14 19.66 19.45
C ILE A 763 -16.02 18.61 20.53
N SER A 764 -16.31 17.35 20.21
CA SER A 764 -16.16 16.26 21.15
C SER A 764 -15.93 14.97 20.37
N SER A 765 -15.37 13.99 21.06
CA SER A 765 -15.22 12.65 20.51
C SER A 765 -16.29 11.68 21.00
N VAL A 766 -17.31 12.19 21.68
CA VAL A 766 -18.42 11.38 22.18
C VAL A 766 -19.63 11.70 21.31
N LEU A 767 -20.31 10.67 20.83
CA LEU A 767 -21.41 10.84 19.88
C LEU A 767 -22.66 11.39 20.56
N ASN A 768 -22.89 11.01 21.82
CA ASN A 768 -24.07 11.52 22.52
C ASN A 768 -23.90 12.98 22.94
N ASP A 769 -22.66 13.44 23.11
CA ASP A 769 -22.42 14.85 23.35
C ASP A 769 -22.65 15.67 22.09
N ILE A 770 -22.48 15.06 20.92
CA ILE A 770 -22.93 15.68 19.69
C ILE A 770 -24.45 15.68 19.64
N PHE A 771 -25.07 14.59 20.06
CA PHE A 771 -26.53 14.51 19.96
C PHE A 771 -27.24 15.23 21.10
N SER A 772 -26.59 15.36 22.27
CA SER A 772 -27.09 16.33 23.23
C SER A 772 -26.53 17.70 22.86
N ARG A 773 -27.09 18.75 23.48
CA ARG A 773 -26.73 20.18 23.49
C ARG A 773 -26.63 20.86 22.11
N LEU A 774 -27.00 20.15 21.06
CA LEU A 774 -26.93 20.70 19.71
C LEU A 774 -28.04 20.10 18.85
N ASP A 775 -28.82 20.94 18.20
CA ASP A 775 -29.92 20.47 17.36
C ASP A 775 -29.49 19.53 16.20
N PRO A 776 -30.34 18.54 15.82
CA PRO A 776 -29.84 17.56 14.79
C PRO A 776 -29.60 18.07 13.37
N PRO A 777 -30.18 19.20 12.85
CA PRO A 777 -29.77 19.57 11.46
C PRO A 777 -28.37 20.16 11.28
N GLU A 778 -27.78 20.87 12.25
CA GLU A 778 -26.42 21.34 12.02
C GLU A 778 -25.41 20.59 12.89
N ALA A 779 -25.79 19.47 13.48
CA ALA A 779 -24.80 18.57 14.03
C ALA A 779 -24.23 17.62 12.99
N GLU A 780 -24.73 17.68 11.75
CA GLU A 780 -24.36 16.70 10.73
C GLU A 780 -22.91 16.85 10.27
N VAL A 781 -22.39 18.07 10.19
CA VAL A 781 -21.04 18.28 9.67
C VAL A 781 -19.97 17.78 10.66
N GLN A 782 -20.25 17.87 11.96
CA GLN A 782 -19.33 17.36 12.98
C GLN A 782 -19.33 15.84 13.03
N ILE A 783 -20.51 15.22 12.96
CA ILE A 783 -20.57 13.76 13.06
C ILE A 783 -20.08 13.13 11.76
N ASP A 784 -20.31 13.80 10.61
CA ASP A 784 -19.81 13.30 9.34
C ASP A 784 -18.30 13.44 9.23
N ARG A 785 -17.73 14.47 9.86
CA ARG A 785 -16.28 14.57 9.89
C ARG A 785 -15.68 13.60 10.91
N LEU A 786 -16.46 13.21 11.94
CA LEU A 786 -16.04 12.08 12.78
C LEU A 786 -16.08 10.75 12.06
N ILE A 787 -17.07 10.53 11.18
CA ILE A 787 -17.21 9.23 10.51
C ILE A 787 -16.06 9.08 9.53
N THR A 788 -15.75 10.18 8.82
CA THR A 788 -14.64 10.20 7.88
C THR A 788 -13.33 9.95 8.60
N GLY A 789 -13.05 10.66 9.72
CA GLY A 789 -11.79 10.47 10.45
C GLY A 789 -11.57 9.08 11.05
N ARG A 790 -12.63 8.47 11.57
CA ARG A 790 -12.55 7.08 11.97
C ARG A 790 -12.46 6.13 10.77
N LEU A 791 -13.06 6.51 9.65
CA LEU A 791 -13.08 5.61 8.50
C LEU A 791 -11.75 5.62 7.75
N GLN A 792 -11.06 6.78 7.65
CA GLN A 792 -9.74 6.70 7.03
C GLN A 792 -8.73 6.16 8.00
N SER A 793 -9.01 6.24 9.31
CA SER A 793 -8.19 5.51 10.28
C SER A 793 -8.28 4.00 10.11
N LEU A 794 -9.48 3.50 9.82
CA LEU A 794 -9.64 2.06 9.60
C LEU A 794 -9.05 1.63 8.27
N GLN A 795 -9.15 2.49 7.25
CA GLN A 795 -8.55 2.26 5.94
C GLN A 795 -7.03 2.21 5.99
N THR A 796 -6.42 3.11 6.77
CA THR A 796 -4.98 3.03 6.91
C THR A 796 -4.54 1.99 7.93
N TYR A 797 -5.45 1.36 8.67
CA TYR A 797 -5.05 0.11 9.31
C TYR A 797 -4.94 -1.00 8.28
N VAL A 798 -5.94 -1.11 7.40
CA VAL A 798 -6.09 -2.25 6.49
C VAL A 798 -5.00 -2.27 5.43
N THR A 799 -4.53 -1.09 4.99
CA THR A 799 -3.53 -1.03 3.91
C THR A 799 -2.15 -1.51 4.36
N GLN A 800 -1.70 -1.10 5.54
CA GLN A 800 -0.48 -1.65 6.11
C GLN A 800 -0.62 -3.10 6.55
N GLN A 801 -1.83 -3.57 6.86
CA GLN A 801 -2.01 -5.01 7.06
C GLN A 801 -1.81 -5.79 5.77
N LEU A 802 -2.21 -5.22 4.64
CA LEU A 802 -1.99 -5.86 3.34
C LEU A 802 -0.52 -5.91 2.95
N ILE A 803 0.21 -4.83 3.26
CA ILE A 803 1.64 -4.76 2.95
C ILE A 803 2.44 -5.74 3.81
N ARG A 804 2.09 -5.82 5.10
CA ARG A 804 2.74 -6.77 5.99
C ARG A 804 2.39 -8.21 5.66
N ALA A 805 1.18 -8.45 5.14
CA ALA A 805 0.78 -9.79 4.72
C ALA A 805 1.55 -10.24 3.49
N ALA A 806 1.88 -9.31 2.60
CA ALA A 806 2.71 -9.65 1.44
C ALA A 806 4.13 -9.99 1.85
N GLU A 807 4.65 -9.28 2.86
CA GLU A 807 6.00 -9.57 3.38
C GLU A 807 6.08 -10.93 4.07
N ILE A 808 5.05 -11.28 4.86
CA ILE A 808 4.95 -12.58 5.51
C ILE A 808 4.75 -13.69 4.47
N ARG A 809 4.07 -13.39 3.35
CA ARG A 809 3.88 -14.38 2.29
CA ARG A 809 3.87 -14.36 2.28
C ARG A 809 5.18 -14.71 1.58
N ALA A 810 6.03 -13.70 1.36
CA ALA A 810 7.35 -13.94 0.78
C ALA A 810 8.24 -14.76 1.70
N SER A 811 8.16 -14.49 3.01
CA SER A 811 8.90 -15.28 3.99
C SER A 811 8.38 -16.72 4.11
N ALA A 812 7.08 -16.92 3.98
CA ALA A 812 6.51 -18.25 4.09
C ALA A 812 6.79 -19.09 2.85
N ASN A 813 6.88 -18.44 1.69
CA ASN A 813 7.25 -19.13 0.46
C ASN A 813 8.70 -19.56 0.50
N LEU A 814 9.57 -18.72 1.09
CA LEU A 814 10.96 -19.11 1.30
C LEU A 814 11.10 -20.26 2.28
N ALA A 815 10.26 -20.29 3.33
CA ALA A 815 10.33 -21.38 4.30
C ALA A 815 9.80 -22.69 3.74
N ALA A 816 8.82 -22.62 2.84
CA ALA A 816 8.34 -23.82 2.17
C ALA A 816 9.37 -24.37 1.19
N THR A 817 10.10 -23.48 0.51
CA THR A 817 11.19 -23.88 -0.36
C THR A 817 12.34 -24.50 0.41
N LYS A 818 12.65 -23.96 1.59
CA LYS A 818 13.71 -24.51 2.42
C LYS A 818 13.32 -25.85 3.03
N MET A 819 12.04 -26.06 3.32
CA MET A 819 11.62 -27.36 3.82
C MET A 819 11.63 -28.41 2.73
N SER A 820 11.32 -28.01 1.49
CA SER A 820 11.39 -28.97 0.40
C SER A 820 12.83 -29.29 0.01
N GLU A 821 13.72 -28.31 0.02
CA GLU A 821 15.04 -28.52 -0.54
C GLU A 821 16.10 -28.84 0.49
N CYS A 822 16.00 -28.35 1.71
CA CYS A 822 16.98 -28.66 2.74
C CYS A 822 16.58 -29.84 3.61
N VAL A 823 15.31 -29.96 3.98
CA VAL A 823 14.89 -31.04 4.86
C VAL A 823 14.59 -32.31 4.08
N LEU A 824 13.86 -32.21 2.99
CA LEU A 824 13.45 -33.38 2.23
C LEU A 824 14.47 -33.79 1.18
N GLY A 825 15.64 -33.17 1.15
CA GLY A 825 16.68 -33.55 0.20
C GLY A 825 18.00 -33.01 0.67
N GLN A 826 18.98 -33.05 -0.21
CA GLN A 826 20.28 -32.45 0.04
C GLN A 826 20.56 -31.43 -1.06
N SER A 827 20.98 -30.24 -0.67
CA SER A 827 21.03 -29.11 -1.58
C SER A 827 22.46 -28.84 -2.04
N LYS A 828 22.61 -28.51 -3.31
CA LYS A 828 23.87 -28.10 -3.88
C LYS A 828 24.04 -26.60 -3.92
N ARG A 829 23.02 -25.84 -3.57
CA ARG A 829 23.09 -24.40 -3.67
C ARG A 829 23.89 -23.84 -2.51
N VAL A 830 24.79 -22.91 -2.82
CA VAL A 830 25.75 -22.41 -1.86
C VAL A 830 25.05 -21.43 -0.93
N ASP A 831 25.19 -21.65 0.38
CA ASP A 831 24.67 -20.86 1.50
C ASP A 831 23.16 -20.76 1.51
N PHE A 832 22.47 -21.73 0.93
CA PHE A 832 21.02 -21.76 1.03
C PHE A 832 20.60 -22.50 2.29
N CYS A 833 21.30 -23.56 2.63
CA CYS A 833 20.99 -24.32 3.83
C CYS A 833 22.19 -24.30 4.77
N GLY A 834 22.76 -23.14 5.02
CA GLY A 834 23.81 -22.97 6.00
C GLY A 834 25.17 -22.76 5.37
N LYS A 835 26.13 -22.41 6.22
CA LYS A 835 27.50 -22.16 5.80
C LYS A 835 28.30 -23.45 5.86
N GLY A 836 28.92 -23.79 4.76
CA GLY A 836 29.62 -25.05 4.61
C GLY A 836 28.98 -25.87 3.52
N TYR A 837 29.43 -27.10 3.40
CA TYR A 837 28.81 -28.05 2.48
C TYR A 837 27.69 -28.74 3.22
N HIS A 838 26.49 -28.67 2.66
CA HIS A 838 25.28 -29.10 3.36
C HIS A 838 25.18 -30.61 3.47
N LEU A 839 24.94 -31.10 4.68
CA LEU A 839 24.60 -32.50 4.88
C LEU A 839 23.11 -32.70 5.07
N MET A 840 22.49 -32.12 6.09
CA MET A 840 21.04 -32.31 6.29
C MET A 840 20.47 -31.16 7.10
N SER A 841 19.18 -31.23 7.38
CA SER A 841 18.51 -30.21 8.17
C SER A 841 17.36 -30.84 8.93
N PHE A 842 16.97 -30.17 10.02
CA PHE A 842 15.90 -30.65 10.87
C PHE A 842 14.96 -29.49 11.19
N PRO A 843 13.64 -29.67 11.08
CA PRO A 843 12.73 -28.58 11.43
C PRO A 843 12.24 -28.64 12.85
N GLN A 844 12.01 -27.46 13.43
CA GLN A 844 11.37 -27.34 14.73
C GLN A 844 10.34 -26.24 14.63
N SER A 845 9.16 -26.48 15.17
CA SER A 845 8.12 -25.48 15.14
C SER A 845 8.38 -24.43 16.20
N ALA A 846 7.98 -23.20 15.91
CA ALA A 846 8.10 -22.10 16.85
C ALA A 846 6.81 -21.32 16.74
N PRO A 847 6.43 -20.54 17.78
CA PRO A 847 5.23 -19.70 17.66
C PRO A 847 5.35 -18.64 16.59
N HIS A 848 4.44 -18.78 15.62
CA HIS A 848 4.33 -18.07 14.34
C HIS A 848 5.48 -18.35 13.40
N GLY A 849 6.19 -19.47 13.50
CA GLY A 849 7.28 -19.65 12.57
C GLY A 849 7.95 -21.00 12.63
N VAL A 850 9.11 -21.09 11.98
CA VAL A 850 9.84 -22.33 11.88
C VAL A 850 11.31 -22.05 12.12
N VAL A 851 11.99 -23.03 12.73
CA VAL A 851 13.42 -22.98 12.98
C VAL A 851 14.05 -24.17 12.28
N PHE A 852 15.09 -23.91 11.48
CA PHE A 852 15.81 -24.98 10.82
C PHE A 852 17.16 -25.15 11.48
N LEU A 853 17.52 -26.39 11.76
CA LEU A 853 18.86 -26.71 12.22
C LEU A 853 19.59 -27.33 11.04
N HIS A 854 20.57 -26.61 10.51
CA HIS A 854 21.32 -27.04 9.35
C HIS A 854 22.61 -27.69 9.81
N VAL A 855 22.82 -28.94 9.40
CA VAL A 855 24.02 -29.69 9.69
C VAL A 855 24.88 -29.66 8.45
N THR A 856 26.08 -29.09 8.56
CA THR A 856 26.99 -28.84 7.45
C THR A 856 28.39 -29.33 7.77
N TYR A 857 29.19 -29.43 6.72
CA TYR A 857 30.57 -29.91 6.77
C TYR A 857 31.50 -28.72 6.57
N VAL A 858 32.51 -28.58 7.42
CA VAL A 858 33.50 -27.52 7.31
C VAL A 858 34.88 -28.15 7.27
N PRO A 859 35.72 -27.86 6.28
CA PRO A 859 37.11 -28.33 6.33
C PRO A 859 37.93 -27.60 7.37
N ALA A 860 38.89 -28.29 7.98
CA ALA A 860 39.50 -27.76 9.19
C ALA A 860 40.99 -27.46 9.09
N GLN A 861 41.83 -28.44 8.83
CA GLN A 861 43.27 -28.29 9.06
C GLN A 861 44.01 -28.53 7.77
N GLU A 862 44.54 -27.49 7.15
CA GLU A 862 45.03 -27.57 5.80
C GLU A 862 46.54 -27.62 5.76
N LYS A 863 47.06 -28.15 4.66
CA LYS A 863 48.48 -28.30 4.44
C LYS A 863 48.83 -27.78 3.06
N ASN A 864 50.07 -27.29 2.92
CA ASN A 864 50.64 -26.88 1.65
C ASN A 864 51.21 -28.07 0.92
N PHE A 865 51.01 -28.14 -0.39
CA PHE A 865 51.66 -29.11 -1.24
C PHE A 865 52.01 -28.46 -2.57
N THR A 866 52.96 -29.08 -3.26
CA THR A 866 53.31 -28.73 -4.62
C THR A 866 52.42 -29.54 -5.56
N THR A 867 51.95 -28.92 -6.63
CA THR A 867 51.02 -29.58 -7.52
C THR A 867 51.43 -29.38 -8.98
N ALA A 868 50.86 -30.20 -9.85
CA ALA A 868 51.11 -30.18 -11.28
C ALA A 868 49.84 -30.57 -12.00
N PRO A 869 49.58 -30.01 -13.19
CA PRO A 869 48.35 -30.36 -13.90
C PRO A 869 48.36 -31.72 -14.56
N ALA A 870 49.52 -32.26 -14.92
CA ALA A 870 49.58 -33.53 -15.62
C ALA A 870 50.91 -34.19 -15.32
N ILE A 871 51.00 -35.48 -15.66
CA ILE A 871 52.20 -36.28 -15.51
C ILE A 871 52.57 -36.85 -16.86
N CYS A 872 53.80 -36.59 -17.31
CA CYS A 872 54.29 -37.20 -18.56
C CYS A 872 55.09 -38.43 -18.18
N HIS A 873 54.56 -39.60 -18.50
CA HIS A 873 55.20 -40.86 -18.14
C HIS A 873 56.07 -41.42 -19.27
N ASP A 874 55.47 -41.76 -20.39
CA ASP A 874 56.19 -42.40 -21.49
C ASP A 874 56.01 -41.61 -22.76
N GLY A 875 56.06 -40.30 -22.63
CA GLY A 875 55.65 -39.44 -23.71
C GLY A 875 54.16 -39.22 -23.80
N LYS A 876 53.40 -39.73 -22.83
CA LYS A 876 51.95 -39.57 -22.78
C LYS A 876 51.59 -38.81 -21.52
N ALA A 877 50.66 -37.88 -21.65
CA ALA A 877 50.23 -37.07 -20.51
C ALA A 877 49.12 -37.77 -19.77
N HIS A 878 49.24 -37.88 -18.46
CA HIS A 878 48.22 -38.46 -17.62
C HIS A 878 47.55 -37.38 -16.80
N PHE A 879 46.25 -37.37 -16.79
CA PHE A 879 45.42 -36.45 -16.06
C PHE A 879 44.70 -37.23 -14.97
N PRO A 880 44.41 -36.62 -13.81
CA PRO A 880 43.73 -37.37 -12.74
C PRO A 880 42.28 -37.59 -13.10
N ARG A 881 41.77 -38.75 -12.71
CA ARG A 881 40.41 -39.10 -13.11
C ARG A 881 39.41 -38.37 -12.24
N GLU A 882 39.62 -38.35 -10.93
CA GLU A 882 38.68 -37.69 -10.04
C GLU A 882 39.39 -37.03 -8.86
N GLY A 883 40.66 -36.69 -9.02
CA GLY A 883 41.40 -36.10 -7.94
C GLY A 883 42.32 -35.01 -8.40
N VAL A 884 43.43 -34.84 -7.68
CA VAL A 884 44.42 -33.82 -7.97
C VAL A 884 45.79 -34.37 -7.61
N PHE A 885 46.79 -34.13 -8.46
CA PHE A 885 48.14 -34.54 -8.16
C PHE A 885 48.75 -33.60 -7.14
N VAL A 886 49.28 -34.16 -6.05
CA VAL A 886 50.01 -33.39 -5.07
C VAL A 886 51.37 -34.01 -4.92
N SER A 887 52.32 -33.20 -4.48
CA SER A 887 53.66 -33.67 -4.20
C SER A 887 53.91 -33.44 -2.74
N ASN A 888 54.68 -34.32 -2.15
CA ASN A 888 54.96 -34.11 -0.75
C ASN A 888 56.23 -33.27 -0.78
N GLY A 889 57.02 -33.48 -1.84
CA GLY A 889 58.36 -32.96 -1.89
C GLY A 889 59.30 -33.91 -2.59
N THR A 890 59.05 -35.21 -2.48
CA THR A 890 59.88 -36.20 -3.17
C THR A 890 59.06 -37.09 -4.09
N HIS A 891 57.88 -37.52 -3.65
CA HIS A 891 57.03 -38.40 -4.43
C HIS A 891 55.68 -37.77 -4.69
N TRP A 892 55.12 -38.09 -5.85
CA TRP A 892 53.83 -37.54 -6.25
C TRP A 892 52.73 -38.53 -5.94
N PHE A 893 51.59 -37.99 -5.52
CA PHE A 893 50.40 -38.73 -5.18
C PHE A 893 49.23 -38.10 -5.91
N VAL A 894 48.11 -38.80 -5.88
CA VAL A 894 46.85 -38.25 -6.30
C VAL A 894 45.88 -38.39 -5.14
N THR A 895 45.15 -37.32 -4.87
CA THR A 895 44.25 -37.31 -3.72
C THR A 895 42.91 -36.77 -4.15
N GLN A 896 41.91 -36.99 -3.31
CA GLN A 896 40.63 -36.35 -3.52
C GLN A 896 40.72 -34.92 -3.02
N ARG A 897 39.83 -34.09 -3.52
CA ARG A 897 40.03 -32.65 -3.39
C ARG A 897 39.63 -32.09 -2.05
N ASN A 898 38.84 -32.79 -1.25
CA ASN A 898 38.28 -32.21 -0.04
C ASN A 898 38.77 -32.87 1.23
N PHE A 899 39.65 -33.85 1.12
CA PHE A 899 40.18 -34.55 2.29
C PHE A 899 41.52 -35.10 1.87
N TYR A 900 42.50 -35.04 2.74
CA TYR A 900 43.82 -35.50 2.37
C TYR A 900 43.87 -37.02 2.49
N GLU A 901 43.91 -37.70 1.35
CA GLU A 901 44.14 -39.15 1.31
C GLU A 901 44.96 -39.48 0.09
N PRO A 902 46.27 -39.69 0.25
CA PRO A 902 47.12 -39.92 -0.92
C PRO A 902 47.04 -41.34 -1.44
N GLN A 903 47.16 -41.47 -2.76
CA GLN A 903 47.11 -42.74 -3.45
C GLN A 903 48.27 -42.85 -4.41
N ILE A 904 48.70 -44.09 -4.66
CA ILE A 904 49.73 -44.35 -5.66
C ILE A 904 49.15 -44.13 -7.04
N ILE A 905 49.89 -43.41 -7.89
CA ILE A 905 49.44 -43.11 -9.24
C ILE A 905 49.57 -44.36 -10.10
N THR A 906 48.43 -44.93 -10.49
CA THR A 906 48.39 -46.08 -11.38
C THR A 906 47.63 -45.71 -12.64
N THR A 907 47.61 -46.66 -13.59
CA THR A 907 46.91 -46.47 -14.85
C THR A 907 45.40 -46.57 -14.65
N ASP A 908 44.97 -47.33 -13.65
CA ASP A 908 43.58 -47.40 -13.21
C ASP A 908 43.08 -46.10 -12.59
N ASN A 909 43.98 -45.26 -12.12
CA ASN A 909 43.69 -44.07 -11.37
C ASN A 909 43.67 -42.80 -12.22
N THR A 910 44.28 -42.83 -13.41
CA THR A 910 44.46 -41.68 -14.28
C THR A 910 43.89 -41.98 -15.66
N PHE A 911 43.82 -40.96 -16.52
CA PHE A 911 43.50 -41.21 -17.91
C PHE A 911 44.50 -40.48 -18.80
N VAL A 912 44.67 -41.00 -20.00
CA VAL A 912 45.68 -40.51 -20.93
C VAL A 912 45.00 -39.67 -21.99
N SER A 913 45.51 -38.48 -22.24
CA SER A 913 45.02 -37.67 -23.35
C SER A 913 46.18 -36.93 -23.98
N GLY A 914 46.57 -37.35 -25.17
CA GLY A 914 47.57 -36.62 -25.91
C GLY A 914 48.99 -36.96 -25.46
N ASN A 915 49.92 -36.13 -25.89
CA ASN A 915 51.33 -36.33 -25.60
C ASN A 915 51.89 -35.13 -24.85
N CYS A 916 53.05 -35.32 -24.24
CA CYS A 916 53.53 -34.34 -23.26
C CYS A 916 54.36 -33.22 -23.90
N ASP A 917 53.72 -32.45 -24.77
CA ASP A 917 54.37 -31.35 -25.46
C ASP A 917 53.51 -30.08 -25.43
N VAL A 918 52.23 -30.20 -25.08
CA VAL A 918 51.28 -29.10 -25.20
C VAL A 918 50.87 -28.54 -23.84
N VAL A 919 50.94 -29.34 -22.77
CA VAL A 919 50.56 -28.87 -21.45
C VAL A 919 51.71 -28.08 -20.84
N ILE A 920 51.38 -26.96 -20.19
CA ILE A 920 52.36 -25.97 -19.76
C ILE A 920 53.15 -26.43 -18.54
N GLY A 921 52.48 -26.84 -17.47
CA GLY A 921 53.21 -27.14 -16.25
C GLY A 921 53.42 -28.61 -15.96
N ILE A 922 53.61 -29.41 -17.01
CA ILE A 922 53.68 -30.86 -16.85
C ILE A 922 55.04 -31.29 -16.28
N VAL A 923 55.02 -32.32 -15.42
CA VAL A 923 56.24 -32.84 -14.80
C VAL A 923 56.38 -34.32 -15.09
N ASN A 924 57.56 -34.85 -14.77
CA ASN A 924 57.94 -36.22 -15.05
C ASN A 924 57.80 -37.10 -13.81
N ASN A 925 57.08 -38.22 -13.93
CA ASN A 925 57.06 -39.24 -12.89
C ASN A 925 56.73 -40.57 -13.58
N THR A 926 56.52 -41.62 -12.77
CA THR A 926 56.15 -42.94 -13.24
C THR A 926 54.71 -43.25 -12.88
N VAL A 927 54.05 -44.02 -13.74
CA VAL A 927 52.68 -44.46 -13.55
C VAL A 927 52.72 -45.98 -13.48
N TYR A 928 52.07 -46.55 -12.45
CA TYR A 928 52.49 -47.84 -11.90
C TYR A 928 52.11 -49.03 -12.78
N ASP A 929 50.90 -49.00 -13.42
CA ASP A 929 50.31 -50.04 -14.29
C ASP A 929 50.25 -51.40 -13.59
N PRO A 930 49.28 -51.65 -12.72
CA PRO A 930 49.24 -52.93 -11.97
C PRO A 930 48.84 -54.17 -12.77
N LEU A 931 49.65 -54.52 -13.76
CA LEU A 931 49.60 -55.82 -14.43
C LEU A 931 50.94 -56.50 -14.50
N GLN A 932 52.03 -55.75 -14.33
CA GLN A 932 53.38 -56.32 -14.43
C GLN A 932 53.76 -57.30 -13.31
N PRO A 933 53.40 -57.13 -12.01
CA PRO A 933 53.60 -58.26 -11.08
C PRO A 933 52.64 -59.42 -11.29
N GLU A 934 51.49 -59.21 -11.91
CA GLU A 934 50.54 -60.30 -12.11
C GLU A 934 50.68 -60.96 -13.48
N LEU A 935 51.87 -60.92 -14.08
CA LEU A 935 52.10 -61.45 -15.41
C LEU A 935 52.43 -62.95 -15.41
N ASP A 936 53.05 -63.45 -14.35
CA ASP A 936 53.37 -64.87 -14.25
C ASP A 936 52.81 -65.44 -12.95
N GLN B 1 -13.13 72.20 -33.00
CA GLN B 1 -14.13 71.60 -33.88
C GLN B 1 -13.46 71.14 -35.18
N CYS B 2 -14.00 70.08 -35.78
CA CYS B 2 -13.38 69.48 -36.95
C CYS B 2 -14.36 69.38 -38.10
N VAL B 3 -13.82 69.30 -39.31
CA VAL B 3 -14.56 69.07 -40.54
C VAL B 3 -14.35 67.61 -40.91
N ASN B 4 -15.41 66.95 -41.35
CA ASN B 4 -15.39 65.50 -41.57
C ASN B 4 -14.54 65.14 -42.78
N LEU B 5 -13.60 64.21 -42.58
CA LEU B 5 -12.66 63.83 -43.62
C LEU B 5 -13.29 62.84 -44.58
N THR B 6 -12.89 62.95 -45.85
CA THR B 6 -13.48 62.21 -46.97
C THR B 6 -12.34 61.62 -47.79
N THR B 7 -12.69 61.19 -49.01
CA THR B 7 -11.90 60.39 -49.99
C THR B 7 -11.07 59.27 -49.34
N ARG B 8 -11.80 58.38 -48.68
CA ARG B 8 -11.24 57.18 -48.08
C ARG B 8 -11.37 56.03 -49.06
N THR B 9 -10.35 55.16 -49.08
CA THR B 9 -10.34 54.00 -49.96
C THR B 9 -10.59 52.75 -49.13
N GLN B 10 -11.63 52.01 -49.50
CA GLN B 10 -11.99 50.77 -48.79
C GLN B 10 -11.30 49.60 -49.46
N LEU B 11 -10.60 48.78 -48.67
CA LEU B 11 -9.91 47.63 -49.21
C LEU B 11 -10.31 46.39 -48.43
N PRO B 12 -10.27 45.21 -49.05
CA PRO B 12 -10.22 43.96 -48.29
C PRO B 12 -8.95 43.84 -47.45
N PRO B 13 -9.02 43.23 -46.27
CA PRO B 13 -7.84 43.15 -45.40
C PRO B 13 -6.85 42.11 -45.87
N ALA B 14 -5.58 42.49 -45.89
CA ALA B 14 -4.48 41.59 -46.22
C ALA B 14 -4.03 40.91 -44.94
N TYR B 15 -3.91 39.59 -44.98
CA TYR B 15 -3.59 38.81 -43.80
C TYR B 15 -2.17 38.31 -43.89
N THR B 16 -1.66 37.86 -42.74
CA THR B 16 -0.39 37.17 -42.63
C THR B 16 -0.38 36.29 -41.39
N ASN B 17 0.80 35.79 -41.06
CA ASN B 17 0.90 34.74 -40.08
C ASN B 17 1.87 35.25 -39.00
N SER B 18 1.52 34.96 -37.74
CA SER B 18 2.27 35.42 -36.57
C SER B 18 3.31 34.38 -36.19
N PHE B 19 4.55 34.62 -36.56
CA PHE B 19 5.62 33.61 -36.51
C PHE B 19 6.26 33.55 -35.13
N THR B 20 5.55 32.91 -34.19
CA THR B 20 5.89 32.78 -32.75
C THR B 20 6.21 34.13 -32.11
N ARG B 21 5.20 34.97 -32.04
CA ARG B 21 5.36 36.34 -31.56
C ARG B 21 4.35 36.63 -30.46
N GLY B 22 4.71 37.57 -29.59
CA GLY B 22 3.78 38.08 -28.62
C GLY B 22 3.74 37.37 -27.29
N VAL B 23 4.89 37.03 -26.72
CA VAL B 23 4.96 36.33 -25.44
C VAL B 23 5.62 37.24 -24.41
N TYR B 24 4.86 37.58 -23.38
CA TYR B 24 5.27 38.56 -22.38
C TYR B 24 5.57 37.84 -21.05
N TYR B 25 5.79 38.64 -20.00
CA TYR B 25 5.97 38.10 -18.67
C TYR B 25 4.67 38.26 -17.90
N PRO B 26 4.03 37.19 -17.45
CA PRO B 26 2.77 37.35 -16.71
C PRO B 26 2.95 37.78 -15.28
N ASP B 27 4.15 37.74 -14.73
CA ASP B 27 4.37 37.94 -13.30
C ASP B 27 5.62 38.77 -13.05
N LYS B 28 5.72 39.26 -11.81
CA LYS B 28 6.81 40.13 -11.37
C LYS B 28 7.98 39.35 -10.77
N VAL B 29 8.21 38.12 -11.21
CA VAL B 29 9.01 37.15 -10.47
C VAL B 29 10.21 36.75 -11.31
N PHE B 30 11.40 36.82 -10.73
CA PHE B 30 12.58 36.24 -11.35
C PHE B 30 12.58 34.75 -11.13
N ARG B 31 12.78 33.98 -12.20
CA ARG B 31 12.96 32.55 -12.13
C ARG B 31 14.22 32.22 -12.93
N SER B 32 14.91 31.16 -12.54
CA SER B 32 16.18 30.84 -13.16
C SER B 32 16.22 29.37 -13.57
N SER B 33 16.35 29.14 -14.87
CA SER B 33 16.55 27.84 -15.52
C SER B 33 15.42 26.85 -15.22
N VAL B 34 14.20 27.36 -15.14
CA VAL B 34 13.03 26.51 -14.91
C VAL B 34 12.14 26.58 -16.14
N LEU B 35 11.15 25.70 -16.16
CA LEU B 35 10.13 25.67 -17.20
C LEU B 35 8.80 25.80 -16.49
N HIS B 36 8.08 26.87 -16.77
CA HIS B 36 6.87 27.18 -16.03
C HIS B 36 5.65 27.17 -16.95
N SER B 37 4.55 26.65 -16.44
CA SER B 37 3.31 26.52 -17.20
C SER B 37 2.36 27.64 -16.83
N THR B 38 2.13 28.56 -17.76
CA THR B 38 1.32 29.75 -17.48
C THR B 38 0.05 29.73 -18.32
N GLN B 39 -1.10 29.83 -17.67
CA GLN B 39 -2.38 29.89 -18.33
C GLN B 39 -2.84 31.34 -18.33
N ASP B 40 -2.76 32.01 -19.47
CA ASP B 40 -2.97 33.46 -19.51
C ASP B 40 -3.58 33.81 -20.87
N LEU B 41 -3.51 35.09 -21.24
CA LEU B 41 -4.10 35.61 -22.46
C LEU B 41 -2.94 35.94 -23.41
N PHE B 42 -2.78 35.13 -24.45
CA PHE B 42 -1.64 35.30 -25.35
C PHE B 42 -2.11 35.39 -26.79
N LEU B 43 -1.16 35.68 -27.68
CA LEU B 43 -1.34 35.50 -29.10
C LEU B 43 -0.93 34.08 -29.41
N PRO B 44 -1.80 33.24 -30.00
CA PRO B 44 -1.42 31.85 -30.29
C PRO B 44 -0.37 31.75 -31.38
N PHE B 45 0.40 30.68 -31.31
CA PHE B 45 1.46 30.44 -32.27
C PHE B 45 0.87 30.11 -33.63
N PHE B 46 1.48 30.71 -34.64
CA PHE B 46 1.06 30.64 -36.04
C PHE B 46 -0.39 31.09 -36.25
N SER B 47 -0.71 32.26 -35.73
CA SER B 47 -2.06 32.78 -35.82
C SER B 47 -2.22 33.71 -37.02
N ASN B 48 -3.48 34.10 -37.24
CA ASN B 48 -3.98 34.66 -38.48
C ASN B 48 -4.06 36.17 -38.25
N VAL B 49 -2.93 36.84 -38.42
CA VAL B 49 -2.74 38.20 -37.91
C VAL B 49 -2.93 39.22 -39.04
N THR B 50 -3.67 40.29 -38.71
CA THR B 50 -4.18 41.24 -39.67
C THR B 50 -3.03 42.20 -40.02
N TRP B 51 -3.11 42.89 -41.16
CA TRP B 51 -2.10 43.84 -41.58
C TRP B 51 -2.82 45.04 -42.14
N PHE B 52 -2.36 46.25 -41.77
CA PHE B 52 -2.77 47.47 -42.45
C PHE B 52 -1.52 48.23 -42.85
N HIS B 53 -1.62 48.97 -43.95
CA HIS B 53 -0.48 49.67 -44.52
C HIS B 53 -0.92 51.08 -44.87
N VAL B 54 -0.03 52.06 -44.66
CA VAL B 54 -0.30 53.45 -45.01
C VAL B 54 0.89 54.00 -45.78
N ILE B 55 0.67 54.49 -47.00
CA ILE B 55 1.71 55.21 -47.73
C ILE B 55 1.44 56.71 -47.60
N THR B 61 -7.98 59.41 -51.04
CA THR B 61 -7.29 58.19 -51.43
C THR B 61 -6.04 58.01 -50.57
N LYS B 62 -4.88 57.79 -51.24
CA LYS B 62 -3.52 57.83 -50.72
C LYS B 62 -3.22 56.75 -49.68
N ARG B 63 -4.04 55.70 -49.69
CA ARG B 63 -3.99 54.54 -48.82
C ARG B 63 -4.11 54.94 -47.34
N PHE B 64 -5.33 55.32 -47.00
CA PHE B 64 -5.70 55.73 -45.65
C PHE B 64 -6.22 54.52 -44.88
N ASP B 65 -5.42 53.98 -43.95
CA ASP B 65 -5.88 52.95 -43.03
C ASP B 65 -5.99 53.52 -41.63
N ASN B 66 -7.20 53.95 -41.28
CA ASN B 66 -7.58 54.23 -39.90
C ASN B 66 -8.92 53.58 -39.57
N PRO B 67 -8.97 52.28 -39.30
CA PRO B 67 -10.25 51.64 -39.05
C PRO B 67 -10.65 51.78 -37.60
N VAL B 68 -11.94 51.59 -37.36
CA VAL B 68 -12.43 51.42 -36.00
C VAL B 68 -12.43 49.92 -35.71
N LEU B 69 -11.53 49.49 -34.86
CA LEU B 69 -11.31 48.09 -34.55
C LEU B 69 -11.85 47.79 -33.17
N PRO B 70 -12.51 46.65 -32.97
CA PRO B 70 -12.95 46.29 -31.61
C PRO B 70 -11.84 45.70 -30.74
N PHE B 71 -12.04 45.87 -29.43
CA PHE B 71 -11.10 45.47 -28.38
C PHE B 71 -11.86 44.44 -27.55
N ASN B 72 -11.67 43.16 -27.87
CA ASN B 72 -12.44 42.12 -27.21
C ASN B 72 -11.77 41.64 -25.93
N ASP B 73 -10.57 41.09 -26.03
CA ASP B 73 -9.89 40.57 -24.85
C ASP B 73 -8.40 40.85 -24.86
N GLY B 74 -8.02 42.04 -25.30
CA GLY B 74 -6.60 42.34 -25.31
C GLY B 74 -6.03 42.20 -26.70
N VAL B 75 -5.13 43.11 -27.05
CA VAL B 75 -4.67 43.28 -28.42
C VAL B 75 -3.15 43.30 -28.45
N TYR B 76 -2.55 42.43 -29.27
CA TYR B 76 -1.18 42.60 -29.72
C TYR B 76 -1.21 43.66 -30.81
N PHE B 77 -0.37 44.67 -30.68
CA PHE B 77 -0.19 45.68 -31.71
C PHE B 77 1.30 45.74 -32.03
N ALA B 78 1.63 45.88 -33.31
CA ALA B 78 3.03 46.01 -33.66
C ALA B 78 3.16 46.92 -34.85
N SER B 79 4.39 47.43 -35.06
CA SER B 79 4.67 48.25 -36.24
C SER B 79 6.16 48.19 -36.56
N ILE B 80 6.49 47.81 -37.79
CA ILE B 80 7.83 48.03 -38.31
C ILE B 80 7.84 49.38 -39.04
N GLU B 81 8.79 50.23 -38.68
CA GLU B 81 8.59 51.66 -38.88
C GLU B 81 9.95 52.35 -38.86
N LYS B 82 10.01 53.53 -39.47
CA LYS B 82 11.27 54.26 -39.66
C LYS B 82 11.27 55.69 -39.15
N SER B 83 10.12 56.36 -39.06
CA SER B 83 10.12 57.78 -38.73
C SER B 83 8.99 58.19 -37.82
N ASN B 84 8.40 57.25 -37.09
CA ASN B 84 7.42 57.46 -36.01
C ASN B 84 6.14 58.11 -36.52
N ILE B 85 5.41 57.35 -37.33
CA ILE B 85 4.10 57.77 -37.80
C ILE B 85 3.00 57.25 -36.86
N ILE B 86 3.09 56.00 -36.42
CA ILE B 86 2.15 55.43 -35.47
C ILE B 86 2.48 55.99 -34.08
N ARG B 87 1.68 56.92 -33.58
CA ARG B 87 1.99 57.53 -32.30
C ARG B 87 0.91 57.47 -31.24
N GLY B 88 -0.27 56.93 -31.53
CA GLY B 88 -1.30 57.12 -30.53
C GLY B 88 -2.45 56.15 -30.67
N TRP B 89 -3.32 56.18 -29.67
CA TRP B 89 -4.47 55.29 -29.56
C TRP B 89 -5.60 56.02 -28.87
N ILE B 90 -6.82 55.73 -29.31
CA ILE B 90 -8.00 56.05 -28.52
C ILE B 90 -8.71 54.74 -28.21
N PHE B 91 -9.43 54.72 -27.10
CA PHE B 91 -10.16 53.55 -26.62
C PHE B 91 -11.51 54.00 -26.12
N GLY B 92 -12.51 53.13 -26.26
CA GLY B 92 -13.76 53.36 -25.59
C GLY B 92 -14.92 52.80 -26.37
N THR B 93 -16.11 53.26 -26.01
CA THR B 93 -17.37 52.74 -26.51
C THR B 93 -18.07 53.70 -27.46
N THR B 94 -18.32 54.93 -27.03
CA THR B 94 -19.08 55.89 -27.80
C THR B 94 -18.22 56.92 -28.52
N LEU B 95 -17.12 57.34 -27.88
CA LEU B 95 -16.06 58.22 -28.41
C LEU B 95 -16.56 59.62 -28.83
N ASP B 96 -17.69 60.09 -28.31
CA ASP B 96 -18.32 61.34 -28.73
C ASP B 96 -18.83 62.13 -27.53
N SER B 97 -18.03 62.17 -26.45
CA SER B 97 -18.29 62.87 -25.18
C SER B 97 -19.58 62.44 -24.50
N LYS B 98 -19.96 61.17 -24.61
CA LYS B 98 -21.11 60.64 -23.88
C LYS B 98 -20.73 59.61 -22.83
N THR B 99 -19.61 58.92 -23.02
CA THR B 99 -19.10 57.93 -22.08
C THR B 99 -17.60 58.21 -22.00
N GLN B 100 -16.96 57.77 -20.90
CA GLN B 100 -15.52 57.93 -20.69
C GLN B 100 -14.70 57.25 -21.79
N SER B 101 -13.76 58.00 -22.35
CA SER B 101 -12.91 57.54 -23.43
C SER B 101 -11.45 57.74 -23.05
N LEU B 102 -10.62 56.76 -23.39
CA LEU B 102 -9.22 56.77 -23.02
C LEU B 102 -8.39 57.23 -24.21
N LEU B 103 -7.28 57.88 -23.94
CA LEU B 103 -6.42 58.45 -24.96
C LEU B 103 -4.98 58.27 -24.55
N ILE B 104 -4.18 57.70 -25.43
CA ILE B 104 -2.73 57.63 -25.27
C ILE B 104 -2.12 58.34 -26.45
N VAL B 105 -1.26 59.32 -26.18
CA VAL B 105 -0.50 59.98 -27.22
C VAL B 105 0.97 59.85 -26.88
N ASN B 106 1.75 59.27 -27.78
CA ASN B 106 3.19 59.10 -27.61
C ASN B 106 3.87 60.02 -28.61
N ASN B 107 3.97 61.31 -28.29
CA ASN B 107 4.69 62.25 -29.14
C ASN B 107 6.11 62.49 -28.63
N ALA B 108 6.79 63.46 -29.24
CA ALA B 108 8.16 63.77 -28.87
C ALA B 108 8.26 64.53 -27.56
N THR B 109 7.15 65.11 -27.09
CA THR B 109 7.16 65.88 -25.85
C THR B 109 6.81 65.02 -24.64
N ASN B 110 5.61 64.43 -24.60
CA ASN B 110 5.16 63.71 -23.41
C ASN B 110 4.26 62.53 -23.77
N VAL B 111 4.47 61.42 -23.07
CA VAL B 111 3.51 60.32 -23.12
C VAL B 111 2.29 60.73 -22.31
N VAL B 112 1.19 61.04 -22.99
CA VAL B 112 0.04 61.66 -22.36
C VAL B 112 -1.10 60.65 -22.33
N ILE B 113 -1.61 60.33 -21.14
CA ILE B 113 -2.75 59.45 -20.98
C ILE B 113 -3.87 60.27 -20.38
N LYS B 114 -5.01 60.31 -21.05
CA LYS B 114 -6.17 61.07 -20.56
C LYS B 114 -7.41 60.20 -20.63
N VAL B 115 -8.18 60.16 -19.54
CA VAL B 115 -9.44 59.42 -19.48
C VAL B 115 -10.56 60.42 -19.22
N CYS B 116 -11.31 60.76 -20.27
CA CYS B 116 -12.36 61.77 -20.19
C CYS B 116 -13.40 61.61 -21.29
N GLU B 117 -14.47 62.36 -21.11
CA GLU B 117 -15.57 62.45 -22.07
C GLU B 117 -15.22 63.52 -23.11
N PHE B 118 -14.29 63.17 -23.98
CA PHE B 118 -13.84 64.17 -24.92
C PHE B 118 -14.75 64.10 -26.14
N GLN B 119 -15.03 65.24 -26.75
CA GLN B 119 -15.71 65.21 -28.04
C GLN B 119 -14.62 65.12 -29.10
N PHE B 120 -14.28 63.88 -29.44
CA PHE B 120 -13.39 63.58 -30.56
C PHE B 120 -13.97 64.02 -31.89
N CYS B 121 -13.07 64.40 -32.79
CA CYS B 121 -13.38 64.48 -34.20
C CYS B 121 -13.55 63.06 -34.72
N ASN B 122 -14.49 62.89 -35.66
CA ASN B 122 -14.89 61.56 -36.09
C ASN B 122 -13.83 60.88 -36.92
N ASP B 123 -13.02 61.66 -37.64
CA ASP B 123 -11.78 61.18 -38.22
C ASP B 123 -10.76 62.29 -37.99
N PRO B 124 -9.90 62.16 -36.98
CA PRO B 124 -9.26 63.33 -36.37
C PRO B 124 -8.11 63.89 -37.18
N PHE B 125 -7.97 65.22 -37.12
CA PHE B 125 -6.94 65.92 -37.86
C PHE B 125 -5.59 65.77 -37.18
N LEU B 126 -4.57 65.51 -37.99
CA LEU B 126 -3.18 65.42 -37.56
C LEU B 126 -2.32 66.28 -38.46
N ASP B 127 -2.74 67.54 -38.63
CA ASP B 127 -2.50 68.46 -39.75
C ASP B 127 -1.05 68.63 -40.22
N HIS B 128 -0.18 69.01 -39.27
CA HIS B 128 1.28 69.04 -39.40
C HIS B 128 1.77 69.95 -40.54
N LYS B 129 1.59 71.25 -40.32
CA LYS B 129 2.05 72.23 -41.30
C LYS B 129 3.57 72.29 -41.27
N ASN B 130 4.20 71.48 -42.12
CA ASN B 130 5.62 71.16 -42.03
C ASN B 130 6.40 72.02 -43.01
N ASN B 131 7.33 72.80 -42.49
CA ASN B 131 8.42 73.39 -43.26
C ASN B 131 9.62 72.45 -43.18
N LYS B 132 10.84 72.96 -43.39
CA LYS B 132 12.10 72.20 -43.32
C LYS B 132 12.35 71.49 -41.98
N SER B 133 11.79 72.02 -40.89
CA SER B 133 11.61 71.24 -39.67
C SER B 133 10.16 70.74 -39.63
N TRP B 134 9.99 69.42 -39.73
CA TRP B 134 8.66 68.80 -39.80
C TRP B 134 8.03 68.81 -38.40
N MET B 135 7.50 69.96 -38.01
CA MET B 135 6.98 70.15 -36.66
C MET B 135 5.46 70.20 -36.71
N GLU B 136 4.81 69.68 -35.68
CA GLU B 136 3.36 69.75 -35.61
C GLU B 136 2.92 71.18 -35.30
N SER B 137 2.07 71.72 -36.17
CA SER B 137 1.54 73.06 -35.97
C SER B 137 0.08 73.10 -35.55
N GLU B 138 -0.69 72.04 -35.78
CA GLU B 138 -2.08 71.99 -35.37
C GLU B 138 -2.40 70.64 -34.76
N PHE B 139 -3.29 70.65 -33.75
CA PHE B 139 -3.71 69.45 -33.03
C PHE B 139 -5.22 69.53 -32.92
N ARG B 140 -5.93 68.92 -33.86
CA ARG B 140 -7.39 68.86 -33.83
C ARG B 140 -7.78 67.39 -33.79
N VAL B 141 -7.74 66.81 -32.59
CA VAL B 141 -8.19 65.44 -32.36
C VAL B 141 -9.47 65.44 -31.52
N TYR B 142 -9.49 66.22 -30.46
CA TYR B 142 -10.68 66.51 -29.68
C TYR B 142 -11.08 67.97 -29.81
N SER B 143 -12.17 68.30 -29.11
CA SER B 143 -12.64 69.68 -29.02
C SER B 143 -13.15 70.11 -27.64
N SER B 144 -13.49 69.21 -26.72
CA SER B 144 -14.14 69.63 -25.49
C SER B 144 -13.89 68.65 -24.35
N ALA B 145 -14.14 69.13 -23.13
CA ALA B 145 -14.05 68.30 -21.92
C ALA B 145 -15.02 68.87 -20.90
N ASN B 146 -16.04 68.08 -20.52
CA ASN B 146 -17.12 68.61 -19.70
C ASN B 146 -16.88 68.39 -18.21
N ASN B 147 -16.84 67.13 -17.77
CA ASN B 147 -16.64 66.81 -16.36
C ASN B 147 -15.98 65.43 -16.25
N CYS B 148 -14.69 65.42 -15.91
CA CYS B 148 -13.89 64.22 -16.03
C CYS B 148 -12.61 64.29 -15.20
N THR B 149 -12.11 63.12 -14.80
CA THR B 149 -11.17 63.03 -13.71
C THR B 149 -9.73 62.78 -14.14
N PHE B 150 -9.45 61.66 -14.79
CA PHE B 150 -8.10 61.09 -14.77
C PHE B 150 -7.25 61.67 -15.90
N GLU B 151 -6.09 62.19 -15.53
CA GLU B 151 -5.04 62.55 -16.47
C GLU B 151 -3.71 62.09 -15.87
N TYR B 152 -2.76 61.76 -16.74
CA TYR B 152 -1.48 61.22 -16.30
C TYR B 152 -0.45 61.45 -17.39
N VAL B 153 0.79 61.72 -16.98
CA VAL B 153 1.90 61.87 -17.90
C VAL B 153 3.05 61.04 -17.35
N SER B 154 3.55 60.10 -18.15
CA SER B 154 4.69 59.31 -17.74
C SER B 154 5.98 59.90 -18.30
N GLN B 155 7.06 59.16 -18.17
CA GLN B 155 8.34 59.56 -18.71
C GLN B 155 8.38 59.32 -20.21
N PRO B 156 8.63 60.36 -21.02
CA PRO B 156 8.67 60.14 -22.48
C PRO B 156 10.02 59.61 -22.91
N PHE B 157 10.05 58.99 -24.09
CA PHE B 157 11.31 58.81 -24.78
C PHE B 157 11.23 59.61 -26.07
N LEU B 158 12.39 59.90 -26.66
CA LEU B 158 12.53 61.04 -27.55
C LEU B 158 12.59 60.60 -29.00
N MET B 159 11.84 61.30 -29.84
CA MET B 159 11.72 61.01 -31.25
C MET B 159 12.19 62.21 -32.06
N ASP B 160 12.64 61.93 -33.29
CA ASP B 160 13.30 62.93 -34.11
C ASP B 160 12.32 63.96 -34.67
N LEU B 161 11.09 63.51 -34.98
CA LEU B 161 10.02 64.27 -35.66
C LEU B 161 10.52 64.85 -37.00
N GLU B 162 11.24 64.03 -37.75
CA GLU B 162 11.72 64.41 -39.07
C GLU B 162 11.07 63.51 -40.12
N GLY B 163 10.79 64.09 -41.28
CA GLY B 163 10.20 63.34 -42.37
C GLY B 163 11.18 62.45 -43.11
N LYS B 164 11.59 61.36 -42.46
CA LYS B 164 12.49 60.37 -43.05
C LYS B 164 11.72 59.54 -44.08
N GLN B 165 12.32 59.34 -45.25
CA GLN B 165 11.79 58.46 -46.27
C GLN B 165 12.72 57.27 -46.56
N GLY B 166 13.62 56.96 -45.63
CA GLY B 166 14.65 55.97 -45.86
C GLY B 166 14.29 54.54 -45.55
N ASN B 167 15.17 53.84 -44.81
CA ASN B 167 14.99 52.43 -44.52
C ASN B 167 14.39 52.24 -43.14
N PHE B 168 13.58 51.19 -43.00
CA PHE B 168 13.03 50.86 -41.69
C PHE B 168 14.10 50.20 -40.83
N LYS B 169 14.15 50.61 -39.57
CA LYS B 169 14.99 49.97 -38.57
C LYS B 169 14.27 49.71 -37.27
N ASN B 170 13.14 50.35 -37.00
CA ASN B 170 12.46 50.21 -35.73
C ASN B 170 11.40 49.11 -35.82
N LEU B 171 11.32 48.31 -34.77
CA LEU B 171 10.23 47.36 -34.60
C LEU B 171 9.62 47.62 -33.23
N ARG B 172 8.45 48.23 -33.23
CA ARG B 172 7.68 48.55 -32.04
C ARG B 172 6.73 47.40 -31.76
N GLU B 173 6.60 47.05 -30.49
CA GLU B 173 5.70 45.99 -30.07
C GLU B 173 5.00 46.48 -28.81
N PHE B 174 3.68 46.28 -28.76
CA PHE B 174 2.78 46.83 -27.76
C PHE B 174 1.75 45.75 -27.43
N VAL B 175 1.42 45.59 -26.15
CA VAL B 175 0.37 44.66 -25.73
C VAL B 175 -0.57 45.42 -24.80
N PHE B 176 -1.86 45.43 -25.12
CA PHE B 176 -2.84 46.14 -24.31
C PHE B 176 -3.81 45.16 -23.68
N LYS B 177 -3.95 45.23 -22.35
CA LYS B 177 -4.84 44.33 -21.61
C LYS B 177 -5.70 45.07 -20.57
N ASN B 178 -6.83 44.46 -20.23
CA ASN B 178 -7.77 44.91 -19.21
C ASN B 178 -7.99 43.75 -18.23
N ILE B 179 -7.38 43.83 -17.05
CA ILE B 179 -7.67 42.91 -15.95
C ILE B 179 -8.19 43.78 -14.82
N ASP B 180 -9.31 43.35 -14.20
CA ASP B 180 -10.03 43.88 -12.99
C ASP B 180 -10.13 45.42 -12.94
N GLY B 181 -10.48 46.01 -14.08
CA GLY B 181 -10.53 47.45 -14.23
C GLY B 181 -9.19 48.14 -14.21
N TYR B 182 -8.19 47.58 -14.88
CA TYR B 182 -6.80 47.86 -14.61
C TYR B 182 -6.00 47.53 -15.86
N PHE B 183 -5.40 48.57 -16.42
CA PHE B 183 -4.95 48.56 -17.78
C PHE B 183 -3.47 48.26 -17.76
N LYS B 184 -3.06 47.26 -18.53
CA LYS B 184 -1.66 46.86 -18.58
C LYS B 184 -1.13 47.09 -19.98
N ILE B 185 0.04 47.73 -20.05
CA ILE B 185 0.73 47.98 -21.30
C ILE B 185 2.10 47.33 -21.19
N TYR B 186 2.32 46.34 -22.02
CA TYR B 186 3.62 45.68 -22.15
C TYR B 186 4.23 46.16 -23.45
N SER B 187 5.55 46.07 -23.54
CA SER B 187 6.21 46.59 -24.72
C SER B 187 7.52 45.88 -24.98
N LYS B 188 7.99 46.04 -26.22
CA LYS B 188 9.35 45.79 -26.63
C LYS B 188 9.62 46.63 -27.87
N HIS B 189 10.62 47.49 -27.78
CA HIS B 189 11.10 48.26 -28.91
C HIS B 189 12.48 47.73 -29.25
N THR B 190 12.67 47.35 -30.51
CA THR B 190 13.91 46.66 -30.87
C THR B 190 14.37 47.15 -32.23
N PRO B 191 15.67 47.10 -32.51
CA PRO B 191 16.13 47.31 -33.88
C PRO B 191 15.99 46.07 -34.75
N ILE B 192 15.57 46.30 -35.98
CA ILE B 192 15.30 45.24 -36.95
C ILE B 192 16.14 45.51 -38.20
N ILE B 193 16.55 44.44 -38.87
CA ILE B 193 17.38 44.55 -40.06
C ILE B 193 16.45 44.93 -41.22
N VAL B 194 17.01 45.61 -42.24
CA VAL B 194 16.25 45.86 -43.46
C VAL B 194 16.06 44.56 -44.22
N ARG B 195 14.83 44.28 -44.61
CA ARG B 195 14.49 43.02 -45.25
C ARG B 195 13.50 43.37 -46.37
N GLU B 196 12.92 42.36 -47.00
CA GLU B 196 11.79 42.53 -47.89
C GLU B 196 10.61 43.10 -47.13
N PRO B 197 10.06 44.25 -47.55
CA PRO B 197 8.99 44.93 -46.76
C PRO B 197 7.62 44.31 -46.96
N GLU B 198 7.47 43.08 -46.48
CA GLU B 198 6.19 42.39 -46.57
C GLU B 198 5.60 42.16 -45.19
N ASP B 199 6.30 41.47 -44.30
CA ASP B 199 5.67 41.08 -43.04
C ASP B 199 6.72 41.12 -41.93
N LEU B 200 6.28 40.77 -40.72
CA LEU B 200 7.20 40.56 -39.62
C LEU B 200 7.90 39.21 -39.75
N PRO B 201 9.20 39.14 -39.50
CA PRO B 201 9.93 37.89 -39.72
C PRO B 201 9.75 36.92 -38.57
N GLN B 202 10.34 35.74 -38.74
CA GLN B 202 10.38 34.74 -37.69
C GLN B 202 11.39 35.17 -36.63
N GLY B 203 10.97 35.10 -35.37
CA GLY B 203 11.85 35.43 -34.28
C GLY B 203 11.08 35.40 -32.97
N PHE B 204 11.84 35.40 -31.89
CA PHE B 204 11.25 35.35 -30.57
C PHE B 204 11.93 36.38 -29.67
N SER B 205 11.10 37.11 -28.92
CA SER B 205 11.57 38.07 -27.95
C SER B 205 10.50 38.23 -26.88
N ALA B 206 10.94 38.45 -25.65
CA ALA B 206 10.02 38.61 -24.55
C ALA B 206 9.72 40.08 -24.31
N LEU B 207 8.61 40.34 -23.61
CA LEU B 207 8.00 41.66 -23.57
C LEU B 207 7.87 42.11 -22.12
N GLU B 208 8.77 42.98 -21.68
CA GLU B 208 8.74 43.46 -20.30
C GLU B 208 7.60 44.46 -20.10
N PRO B 209 6.99 44.51 -18.92
CA PRO B 209 5.90 45.47 -18.70
C PRO B 209 6.44 46.88 -18.54
N LEU B 210 5.68 47.84 -19.06
CA LEU B 210 6.05 49.25 -18.92
C LEU B 210 5.01 50.04 -18.14
N VAL B 211 3.76 50.09 -18.58
CA VAL B 211 2.83 51.09 -18.04
C VAL B 211 1.61 50.38 -17.46
N ASP B 212 1.39 50.56 -16.17
CA ASP B 212 0.32 49.87 -15.48
C ASP B 212 -0.54 50.89 -14.76
N LEU B 213 -1.85 50.88 -15.05
CA LEU B 213 -2.70 52.02 -14.67
C LEU B 213 -4.08 51.57 -14.19
N PRO B 214 -4.57 52.09 -13.04
CA PRO B 214 -5.91 51.71 -12.56
C PRO B 214 -7.04 52.65 -13.03
N ILE B 215 -7.44 52.55 -14.30
CA ILE B 215 -8.53 53.39 -14.78
C ILE B 215 -9.89 52.88 -14.29
N GLY B 216 -10.29 51.69 -14.71
CA GLY B 216 -11.59 51.19 -14.32
C GLY B 216 -12.78 51.68 -15.11
N ILE B 217 -12.64 51.84 -16.43
CA ILE B 217 -13.79 52.13 -17.28
C ILE B 217 -14.06 50.95 -18.20
N ASN B 218 -15.12 51.05 -19.00
CA ASN B 218 -15.49 49.99 -19.93
C ASN B 218 -14.95 50.34 -21.31
N ILE B 219 -14.14 49.46 -21.86
CA ILE B 219 -13.47 49.68 -23.14
C ILE B 219 -13.96 48.62 -24.11
N THR B 220 -14.45 49.06 -25.28
CA THR B 220 -15.01 48.13 -26.23
C THR B 220 -14.24 48.15 -27.55
N ARG B 221 -13.86 49.33 -28.01
CA ARG B 221 -13.21 49.49 -29.31
C ARG B 221 -11.96 50.32 -29.15
N PHE B 222 -11.10 50.30 -30.18
CA PHE B 222 -9.93 51.17 -30.18
C PHE B 222 -9.68 51.65 -31.60
N GLN B 223 -8.83 52.67 -31.71
CA GLN B 223 -8.53 53.27 -33.00
C GLN B 223 -7.18 53.97 -32.93
N THR B 224 -6.34 53.76 -33.95
CA THR B 224 -4.96 54.21 -33.94
C THR B 224 -4.85 55.66 -34.40
N LEU B 225 -4.12 56.47 -33.63
CA LEU B 225 -3.81 57.84 -34.01
C LEU B 225 -2.45 57.86 -34.71
N LEU B 226 -2.45 58.36 -35.93
CA LEU B 226 -1.31 58.47 -36.82
C LEU B 226 -0.54 59.76 -36.55
N ALA B 227 0.49 60.01 -37.37
CA ALA B 227 1.12 61.33 -37.45
C ALA B 227 1.51 61.54 -38.91
N LEU B 228 0.60 62.12 -39.67
CA LEU B 228 0.81 62.31 -41.10
C LEU B 228 1.75 63.48 -41.35
N HIS B 229 2.56 63.37 -42.40
CA HIS B 229 3.50 64.41 -42.77
C HIS B 229 3.09 64.97 -44.12
N ARG B 230 3.19 66.30 -44.26
CA ARG B 230 2.84 66.98 -45.50
C ARG B 230 4.04 67.82 -45.93
N SER B 231 4.13 68.07 -47.23
CA SER B 231 5.23 68.84 -47.78
C SER B 231 4.75 69.59 -49.00
N TYR B 232 5.71 70.10 -49.78
CA TYR B 232 5.43 70.82 -51.02
C TYR B 232 5.08 69.89 -52.18
N LEU B 233 5.27 68.58 -52.02
CA LEU B 233 4.72 67.60 -52.93
C LEU B 233 3.34 67.11 -52.49
N THR B 234 2.76 67.74 -51.46
CA THR B 234 1.45 67.35 -50.93
C THR B 234 0.49 68.53 -51.03
N PRO B 235 -0.16 68.74 -52.18
CA PRO B 235 -1.15 69.82 -52.26
C PRO B 235 -2.54 69.36 -51.82
N GLY B 236 -3.22 70.23 -51.08
CA GLY B 236 -4.59 69.96 -50.71
C GLY B 236 -4.87 70.43 -49.29
N ASP B 237 -6.12 70.18 -48.86
CA ASP B 237 -6.62 70.62 -47.58
C ASP B 237 -6.35 69.59 -46.49
N SER B 238 -6.99 69.76 -45.34
CA SER B 238 -6.81 68.90 -44.17
C SER B 238 -7.53 67.55 -44.28
N SER B 239 -8.29 67.31 -45.34
CA SER B 239 -9.01 66.06 -45.49
C SER B 239 -8.63 65.24 -46.71
N SER B 240 -7.96 65.83 -47.70
CA SER B 240 -7.64 65.11 -48.93
C SER B 240 -6.17 65.10 -49.29
N GLY B 241 -5.46 66.21 -49.11
CA GLY B 241 -4.13 66.34 -49.65
C GLY B 241 -2.99 66.00 -48.71
N TRP B 242 -2.48 64.78 -48.83
CA TRP B 242 -1.42 64.28 -47.96
C TRP B 242 -0.73 63.11 -48.65
N THR B 243 0.58 63.03 -48.47
CA THR B 243 1.39 61.86 -48.81
C THR B 243 2.30 61.56 -47.64
N ALA B 244 2.13 60.37 -47.05
CA ALA B 244 2.79 60.06 -45.79
C ALA B 244 4.15 59.41 -46.00
N GLY B 245 4.23 58.43 -46.91
CA GLY B 245 5.37 57.54 -46.97
C GLY B 245 5.07 56.22 -46.30
N ALA B 246 5.96 55.25 -46.54
CA ALA B 246 5.69 53.84 -46.29
C ALA B 246 5.71 53.51 -44.80
N ALA B 247 4.59 53.01 -44.30
CA ALA B 247 4.46 52.60 -42.90
C ALA B 247 3.44 51.47 -42.83
N ALA B 248 3.53 50.68 -41.77
CA ALA B 248 2.66 49.51 -41.66
C ALA B 248 2.44 49.19 -40.20
N TYR B 249 1.29 48.59 -39.91
CA TYR B 249 1.02 48.13 -38.56
C TYR B 249 0.20 46.86 -38.59
N TYR B 250 0.27 46.13 -37.48
CA TYR B 250 -0.16 44.74 -37.45
C TYR B 250 -0.98 44.54 -36.20
N VAL B 251 -2.17 43.97 -36.37
CA VAL B 251 -3.12 43.79 -35.29
C VAL B 251 -3.37 42.30 -35.09
N GLY B 252 -3.08 41.81 -33.88
CA GLY B 252 -3.38 40.44 -33.54
C GLY B 252 -4.17 40.37 -32.26
N TYR B 253 -4.91 39.29 -32.09
CA TYR B 253 -5.90 39.22 -31.03
C TYR B 253 -5.50 38.14 -30.05
N LEU B 254 -5.83 38.34 -28.78
CA LEU B 254 -5.35 37.48 -27.72
C LEU B 254 -6.47 36.55 -27.27
N GLN B 255 -6.08 35.34 -26.87
CA GLN B 255 -6.93 34.22 -26.55
C GLN B 255 -6.48 33.61 -25.24
N PRO B 256 -7.40 33.01 -24.46
CA PRO B 256 -6.95 32.31 -23.25
C PRO B 256 -6.29 30.97 -23.55
N ARG B 257 -4.97 30.96 -23.46
CA ARG B 257 -4.16 29.81 -23.83
C ARG B 257 -3.17 29.49 -22.72
N THR B 258 -2.73 28.25 -22.73
CA THR B 258 -1.65 27.79 -21.86
C THR B 258 -0.36 27.81 -22.64
N PHE B 259 0.71 28.28 -22.02
CA PHE B 259 2.02 28.24 -22.64
C PHE B 259 2.98 27.55 -21.68
N LEU B 260 4.06 27.02 -22.24
CA LEU B 260 5.16 26.48 -21.47
C LEU B 260 6.37 27.35 -21.73
N LEU B 261 6.91 27.97 -20.69
CA LEU B 261 7.91 29.01 -20.82
C LEU B 261 9.26 28.52 -20.31
N LYS B 262 10.31 28.79 -21.07
CA LYS B 262 11.66 28.39 -20.71
C LYS B 262 12.39 29.64 -20.22
N TYR B 263 12.41 29.83 -18.91
CA TYR B 263 13.21 30.90 -18.33
C TYR B 263 14.68 30.56 -18.40
N ASN B 264 15.51 31.56 -18.66
CA ASN B 264 16.94 31.30 -18.69
C ASN B 264 17.54 31.53 -17.31
N GLU B 265 18.87 31.51 -17.22
CA GLU B 265 19.53 31.81 -15.96
C GLU B 265 19.50 33.29 -15.61
N ASN B 266 19.23 34.17 -16.57
CA ASN B 266 19.10 35.60 -16.34
C ASN B 266 17.67 36.04 -16.09
N GLY B 267 16.69 35.15 -16.21
CA GLY B 267 15.31 35.50 -16.00
C GLY B 267 14.57 35.95 -17.24
N THR B 268 15.20 35.90 -18.41
CA THR B 268 14.55 36.26 -19.66
C THR B 268 14.09 34.99 -20.36
N ILE B 269 12.81 34.91 -20.68
CA ILE B 269 12.30 33.73 -21.34
C ILE B 269 12.71 33.74 -22.81
N THR B 270 13.36 32.68 -23.23
CA THR B 270 13.97 32.62 -24.55
C THR B 270 13.26 31.67 -25.49
N ASP B 271 12.34 30.86 -25.00
CA ASP B 271 11.65 29.89 -25.84
C ASP B 271 10.32 29.56 -25.18
N ALA B 272 9.28 29.40 -25.98
CA ALA B 272 7.96 29.06 -25.48
C ALA B 272 7.38 27.93 -26.32
N VAL B 273 6.42 27.23 -25.73
CA VAL B 273 5.68 26.16 -26.40
C VAL B 273 4.20 26.48 -26.25
N ASP B 274 3.51 26.66 -27.38
CA ASP B 274 2.07 26.77 -27.37
C ASP B 274 1.50 25.39 -27.14
N CYS B 275 0.39 25.32 -26.41
CA CYS B 275 0.00 24.04 -25.85
C CYS B 275 -1.15 23.37 -26.59
N ALA B 276 -1.87 24.09 -27.45
CA ALA B 276 -2.93 23.47 -28.23
C ALA B 276 -2.73 23.67 -29.72
N LEU B 277 -1.47 23.81 -30.16
CA LEU B 277 -1.19 24.04 -31.57
C LEU B 277 -1.26 22.74 -32.36
N ASP B 278 -0.41 21.78 -32.01
CA ASP B 278 -0.23 20.52 -32.71
C ASP B 278 0.09 19.49 -31.63
N PRO B 279 -0.09 18.18 -31.91
CA PRO B 279 0.10 17.20 -30.83
C PRO B 279 1.53 16.99 -30.32
N LEU B 280 2.55 17.37 -31.09
CA LEU B 280 3.92 17.25 -30.61
C LEU B 280 4.20 18.26 -29.49
N SER B 281 3.70 19.48 -29.65
CA SER B 281 3.85 20.50 -28.61
C SER B 281 2.95 20.19 -27.42
N GLU B 282 1.85 19.49 -27.65
CA GLU B 282 0.99 19.08 -26.56
C GLU B 282 1.61 17.94 -25.76
N THR B 283 2.38 17.08 -26.43
CA THR B 283 3.21 16.09 -25.75
C THR B 283 4.30 16.76 -24.93
N LYS B 284 4.88 17.85 -25.47
CA LYS B 284 5.87 18.63 -24.72
C LYS B 284 5.26 19.33 -23.51
N CYS B 285 3.98 19.70 -23.61
CA CYS B 285 3.25 20.23 -22.46
C CYS B 285 3.07 19.17 -21.39
N THR B 286 2.62 17.98 -21.77
CA THR B 286 2.31 16.99 -20.74
C THR B 286 3.53 16.28 -20.21
N LEU B 287 4.69 16.42 -20.87
CA LEU B 287 5.92 15.91 -20.30
C LEU B 287 6.68 16.95 -19.49
N LYS B 288 6.36 18.24 -19.72
CA LYS B 288 7.09 19.42 -19.25
C LYS B 288 8.57 19.36 -19.63
N SER B 289 8.80 19.23 -20.93
CA SER B 289 10.15 19.19 -21.46
C SER B 289 10.16 19.79 -22.85
N PHE B 290 11.33 20.22 -23.29
CA PHE B 290 11.48 20.80 -24.62
C PHE B 290 12.05 19.84 -25.62
N THR B 291 12.42 18.64 -25.20
CA THR B 291 12.75 17.58 -26.12
C THR B 291 12.02 16.33 -25.67
N VAL B 292 11.67 15.48 -26.63
CA VAL B 292 10.82 14.33 -26.39
C VAL B 292 11.55 13.09 -26.89
N GLU B 293 11.70 12.11 -26.01
CA GLU B 293 12.33 10.85 -26.38
C GLU B 293 11.31 10.00 -27.15
N LYS B 294 11.84 9.10 -28.00
CA LYS B 294 11.05 8.24 -28.88
C LYS B 294 10.08 7.33 -28.12
N GLY B 295 8.82 7.32 -28.56
CA GLY B 295 7.87 6.41 -27.94
C GLY B 295 6.44 6.85 -28.17
N ILE B 296 5.57 6.36 -27.31
CA ILE B 296 4.13 6.61 -27.38
C ILE B 296 3.69 7.20 -26.04
N TYR B 297 2.92 8.29 -26.10
CA TYR B 297 2.55 9.06 -24.92
C TYR B 297 1.06 9.37 -24.94
N GLN B 298 0.40 9.21 -23.80
CA GLN B 298 -0.98 9.67 -23.70
C GLN B 298 -1.00 11.16 -23.49
N THR B 299 -1.82 11.85 -24.28
CA THR B 299 -1.84 13.29 -24.26
C THR B 299 -3.35 13.53 -24.11
N SER B 300 -3.86 14.76 -24.31
CA SER B 300 -5.21 15.15 -23.93
C SER B 300 -6.27 14.46 -24.75
N ASN B 301 -7.46 14.40 -24.20
CA ASN B 301 -8.45 13.45 -24.65
C ASN B 301 -9.30 14.04 -25.76
N PHE B 302 -10.19 13.23 -26.29
CA PHE B 302 -11.12 13.68 -27.30
C PHE B 302 -12.53 13.31 -26.85
N ARG B 303 -13.49 14.09 -27.33
CA ARG B 303 -14.86 13.95 -26.91
C ARG B 303 -15.75 14.49 -28.03
N VAL B 304 -16.71 13.69 -28.48
CA VAL B 304 -17.62 14.12 -29.53
C VAL B 304 -18.63 15.10 -28.92
N GLN B 305 -18.59 16.35 -29.37
CA GLN B 305 -19.53 17.35 -28.88
C GLN B 305 -20.92 17.10 -29.45
N PRO B 306 -21.99 17.34 -28.69
CA PRO B 306 -23.34 17.12 -29.23
C PRO B 306 -23.74 18.21 -30.20
N THR B 307 -24.68 17.87 -31.09
CA THR B 307 -25.13 18.78 -32.13
C THR B 307 -26.47 19.42 -31.80
N GLU B 308 -27.50 18.62 -31.57
CA GLU B 308 -28.84 19.14 -31.36
C GLU B 308 -29.16 19.22 -29.87
N SER B 309 -30.21 19.98 -29.55
CA SER B 309 -30.50 20.38 -28.19
C SER B 309 -31.99 20.23 -27.88
N ILE B 310 -32.54 19.03 -28.13
CA ILE B 310 -33.98 18.84 -28.02
C ILE B 310 -34.41 18.78 -26.55
N VAL B 311 -35.48 19.52 -26.23
CA VAL B 311 -35.90 19.79 -24.86
C VAL B 311 -37.33 19.33 -24.63
N ARG B 312 -37.69 18.17 -25.23
CA ARG B 312 -39.02 17.69 -25.64
C ARG B 312 -40.21 17.91 -24.68
N PHE B 313 -39.94 17.98 -23.35
CA PHE B 313 -40.88 18.23 -22.25
C PHE B 313 -41.99 17.18 -22.21
N PRO B 314 -41.79 16.07 -21.44
CA PRO B 314 -42.79 15.01 -21.27
C PRO B 314 -44.24 15.36 -20.92
N CYS B 315 -45.04 14.29 -20.89
CA CYS B 315 -46.35 14.10 -21.51
C CYS B 315 -47.27 15.32 -21.50
N GLY B 316 -47.94 15.51 -22.63
CA GLY B 316 -48.85 16.62 -22.83
C GLY B 316 -48.35 17.52 -23.93
N PRO B 317 -49.26 17.99 -24.79
CA PRO B 317 -48.84 18.90 -25.87
C PRO B 317 -48.76 20.37 -25.43
N LYS B 318 -47.92 20.66 -24.43
CA LYS B 318 -47.71 22.03 -24.00
C LYS B 318 -46.46 22.63 -24.65
N LYS B 319 -45.41 21.83 -24.79
CA LYS B 319 -44.20 22.22 -25.50
C LYS B 319 -43.56 20.95 -26.03
N SER B 320 -42.97 21.03 -27.23
CA SER B 320 -42.40 19.85 -27.87
C SER B 320 -41.28 20.25 -28.82
N THR B 321 -40.41 19.28 -29.12
CA THR B 321 -39.41 19.38 -30.17
C THR B 321 -39.44 18.09 -30.99
N ASN B 322 -38.44 17.89 -31.85
CA ASN B 322 -38.40 16.78 -32.78
C ASN B 322 -37.45 15.71 -32.20
N LEU B 323 -37.41 14.53 -32.80
CA LEU B 323 -36.62 13.43 -32.28
C LEU B 323 -35.56 13.12 -33.32
N VAL B 324 -34.33 12.88 -32.86
CA VAL B 324 -33.20 12.60 -33.74
C VAL B 324 -32.71 11.17 -33.50
N LYS B 325 -32.01 10.62 -34.48
CA LYS B 325 -31.41 9.29 -34.35
C LYS B 325 -29.94 9.35 -34.69
N ASN B 326 -29.16 8.49 -34.00
CA ASN B 326 -27.79 8.09 -34.34
C ASN B 326 -26.78 9.24 -34.29
N LYS B 327 -27.11 10.28 -33.52
CA LYS B 327 -26.30 11.49 -33.41
C LYS B 327 -26.26 11.87 -31.94
N CYS B 328 -25.15 12.45 -31.51
CA CYS B 328 -25.07 13.02 -30.16
C CYS B 328 -26.00 14.22 -30.01
N VAL B 329 -26.69 14.23 -28.88
CA VAL B 329 -27.78 15.17 -28.66
C VAL B 329 -27.93 15.35 -27.14
N ASN B 330 -28.30 16.57 -26.73
CA ASN B 330 -28.64 16.85 -25.34
C ASN B 330 -30.11 16.50 -25.14
N PHE B 331 -30.38 15.26 -24.78
CA PHE B 331 -31.74 14.87 -24.44
C PHE B 331 -32.06 15.35 -23.03
N ASN B 332 -33.21 16.03 -22.90
CA ASN B 332 -33.50 16.87 -21.74
C ASN B 332 -34.93 16.66 -21.25
N PHE B 333 -35.29 15.39 -21.04
CA PHE B 333 -36.62 15.00 -20.56
C PHE B 333 -36.89 15.46 -19.13
N ASN B 334 -37.82 16.43 -18.98
CA ASN B 334 -38.17 17.14 -17.73
C ASN B 334 -36.97 17.82 -17.10
N GLY B 335 -36.07 18.34 -17.94
CA GLY B 335 -34.80 18.86 -17.45
C GLY B 335 -33.80 17.80 -17.03
N LEU B 336 -34.05 16.54 -17.36
CA LEU B 336 -33.18 15.41 -17.03
C LEU B 336 -32.07 15.41 -18.08
N LYS B 337 -31.06 16.22 -17.81
CA LYS B 337 -30.06 16.57 -18.80
C LYS B 337 -29.07 15.43 -19.04
N GLY B 338 -29.05 14.92 -20.26
CA GLY B 338 -28.11 13.89 -20.62
C GLY B 338 -27.60 14.13 -22.03
N THR B 339 -26.36 13.72 -22.29
CA THR B 339 -25.76 13.92 -23.60
C THR B 339 -25.50 12.56 -24.20
N GLY B 340 -26.32 12.17 -25.17
CA GLY B 340 -26.23 10.82 -25.67
C GLY B 340 -26.70 10.58 -27.08
N VAL B 341 -26.82 9.30 -27.43
CA VAL B 341 -27.17 8.81 -28.75
C VAL B 341 -28.40 7.94 -28.61
N LEU B 342 -29.44 8.24 -29.40
CA LEU B 342 -30.77 7.65 -29.29
C LEU B 342 -31.00 6.75 -30.50
N THR B 343 -30.59 5.48 -30.41
CA THR B 343 -30.59 4.67 -31.64
C THR B 343 -31.96 4.08 -31.95
N GLU B 344 -32.35 3.04 -31.20
CA GLU B 344 -33.63 2.34 -31.08
C GLU B 344 -33.37 1.26 -30.05
N SER B 345 -34.44 0.68 -29.52
CA SER B 345 -34.24 -0.35 -28.51
C SER B 345 -35.38 -1.36 -28.55
N ASN B 346 -35.03 -2.61 -28.30
CA ASN B 346 -35.96 -3.74 -28.34
C ASN B 346 -36.34 -4.24 -26.96
N LYS B 347 -36.08 -3.45 -25.91
CA LYS B 347 -36.46 -3.84 -24.56
C LYS B 347 -37.96 -3.65 -24.36
N LYS B 348 -38.49 -4.27 -23.30
CA LYS B 348 -39.93 -4.36 -23.14
C LYS B 348 -40.55 -3.04 -22.68
N PHE B 349 -40.16 -2.56 -21.49
CA PHE B 349 -40.85 -1.52 -20.71
C PHE B 349 -42.31 -1.88 -20.47
N LEU B 350 -42.50 -2.65 -19.39
CA LEU B 350 -43.74 -2.69 -18.59
C LEU B 350 -44.39 -1.31 -18.48
N PRO B 351 -45.73 -1.18 -18.81
CA PRO B 351 -46.38 0.13 -19.10
C PRO B 351 -46.23 1.33 -18.18
N PHE B 352 -45.90 1.15 -16.91
CA PHE B 352 -45.69 2.32 -16.07
C PHE B 352 -44.22 2.73 -15.98
N GLN B 353 -43.33 2.01 -16.64
CA GLN B 353 -41.92 2.01 -16.30
C GLN B 353 -41.13 2.51 -17.50
N GLN B 354 -40.26 3.49 -17.28
CA GLN B 354 -39.70 4.23 -18.41
C GLN B 354 -38.21 4.50 -18.29
N PHE B 355 -37.57 4.09 -17.22
CA PHE B 355 -36.15 4.37 -17.01
C PHE B 355 -35.39 3.07 -17.00
N GLY B 356 -35.01 2.59 -18.19
CA GLY B 356 -34.11 1.47 -18.33
C GLY B 356 -32.75 1.77 -17.75
N ARG B 357 -32.29 0.92 -16.84
CA ARG B 357 -31.13 1.20 -16.01
C ARG B 357 -30.27 -0.06 -16.03
N ASP B 358 -29.00 0.08 -15.68
CA ASP B 358 -28.13 -1.07 -15.44
C ASP B 358 -27.32 -0.80 -14.17
N ILE B 359 -26.24 -1.58 -14.02
CA ILE B 359 -25.68 -1.94 -12.72
C ILE B 359 -24.94 -0.75 -12.07
N ALA B 360 -24.61 0.29 -12.83
CA ALA B 360 -23.76 1.35 -12.32
C ALA B 360 -24.51 2.67 -12.09
N ASP B 361 -25.85 2.62 -11.94
CA ASP B 361 -26.77 3.78 -11.97
C ASP B 361 -26.57 4.65 -13.22
N THR B 362 -26.61 4.00 -14.38
CA THR B 362 -26.52 4.67 -15.66
C THR B 362 -27.77 4.36 -16.48
N THR B 363 -28.36 5.40 -17.06
CA THR B 363 -29.63 5.27 -17.75
C THR B 363 -29.42 4.65 -19.12
N ASP B 364 -30.05 3.49 -19.35
CA ASP B 364 -29.84 2.68 -20.54
C ASP B 364 -30.89 2.91 -21.62
N ALA B 365 -32.16 3.01 -21.25
CA ALA B 365 -33.22 3.17 -22.24
C ALA B 365 -34.32 4.03 -21.67
N VAL B 366 -34.91 4.87 -22.54
CA VAL B 366 -35.99 5.80 -22.19
C VAL B 366 -37.06 5.61 -23.25
N ARG B 367 -38.34 5.68 -22.85
CA ARG B 367 -39.41 5.80 -23.84
C ARG B 367 -39.61 7.28 -24.19
N ASP B 368 -39.95 7.55 -25.44
CA ASP B 368 -40.23 8.93 -25.77
C ASP B 368 -41.68 9.23 -25.37
N PRO B 369 -41.93 10.22 -24.53
CA PRO B 369 -43.24 10.31 -23.89
C PRO B 369 -44.32 11.06 -24.66
N GLN B 370 -44.36 10.90 -25.98
CA GLN B 370 -45.49 11.31 -26.79
C GLN B 370 -45.90 10.27 -27.82
N THR B 371 -45.05 9.29 -28.12
CA THR B 371 -45.37 8.24 -29.07
C THR B 371 -45.13 6.86 -28.45
N LEU B 372 -44.35 6.80 -27.35
CA LEU B 372 -44.07 5.63 -26.50
C LEU B 372 -43.38 4.51 -27.28
N GLU B 373 -42.17 4.81 -27.74
CA GLU B 373 -41.32 3.86 -28.45
C GLU B 373 -40.03 3.70 -27.65
N ILE B 374 -39.41 2.53 -27.75
CA ILE B 374 -38.39 2.16 -26.78
C ILE B 374 -37.05 2.61 -27.35
N LEU B 375 -36.36 3.51 -26.67
CA LEU B 375 -35.19 4.16 -27.26
C LEU B 375 -33.98 3.96 -26.39
N ASP B 376 -32.90 3.50 -26.99
CA ASP B 376 -31.68 3.22 -26.23
C ASP B 376 -30.92 4.51 -25.96
N ILE B 377 -30.12 4.51 -24.90
CA ILE B 377 -29.17 5.57 -24.61
C ILE B 377 -27.78 5.00 -24.73
N THR B 378 -26.99 5.58 -25.64
CA THR B 378 -25.59 5.21 -25.82
C THR B 378 -24.80 6.48 -25.49
N PRO B 379 -23.74 6.40 -24.68
CA PRO B 379 -22.95 7.61 -24.41
C PRO B 379 -22.14 8.01 -25.63
N CYS B 380 -21.82 9.31 -25.69
CA CYS B 380 -21.08 9.83 -26.83
C CYS B 380 -19.63 9.38 -26.77
N SER B 381 -19.05 9.18 -27.96
CA SER B 381 -17.76 8.51 -28.08
C SER B 381 -16.63 9.41 -27.59
N PHE B 382 -15.73 8.82 -26.84
CA PHE B 382 -14.63 9.52 -26.21
C PHE B 382 -13.53 8.51 -25.95
N GLY B 383 -12.41 8.98 -25.44
CA GLY B 383 -11.37 8.06 -25.02
C GLY B 383 -10.10 8.79 -24.73
N GLY B 384 -8.98 8.26 -25.21
CA GLY B 384 -7.71 8.93 -25.07
C GLY B 384 -7.12 9.18 -26.44
N VAL B 385 -6.06 9.96 -26.45
CA VAL B 385 -5.29 10.20 -27.66
C VAL B 385 -3.83 9.93 -27.31
N SER B 386 -3.19 9.08 -28.10
CA SER B 386 -1.80 8.77 -27.90
C SER B 386 -1.00 9.29 -29.09
N VAL B 387 0.16 9.84 -28.80
CA VAL B 387 1.04 10.44 -29.80
C VAL B 387 2.28 9.59 -29.92
N ILE B 388 2.64 9.26 -31.15
CA ILE B 388 3.68 8.31 -31.49
C ILE B 388 4.77 9.13 -32.15
N THR B 389 5.94 9.15 -31.54
CA THR B 389 6.97 10.00 -32.08
C THR B 389 8.30 9.27 -32.15
N PRO B 390 9.12 9.56 -33.16
CA PRO B 390 10.46 8.98 -33.20
C PRO B 390 11.51 9.82 -32.50
N GLY B 391 11.09 10.78 -31.70
CA GLY B 391 12.03 11.64 -31.02
C GLY B 391 12.19 12.97 -31.73
N THR B 392 12.32 14.05 -30.97
CA THR B 392 12.40 15.37 -31.58
C THR B 392 13.76 15.62 -32.24
N ASN B 393 14.79 14.89 -31.81
CA ASN B 393 16.10 15.06 -32.43
C ASN B 393 16.15 14.42 -33.82
N THR B 394 15.31 13.43 -34.07
CA THR B 394 15.34 12.76 -35.36
C THR B 394 14.38 13.40 -36.34
N SER B 395 13.15 13.66 -35.92
CA SER B 395 12.16 14.26 -36.81
C SER B 395 11.15 15.04 -35.99
N ASN B 396 10.18 15.62 -36.69
CA ASN B 396 9.06 16.30 -36.07
C ASN B 396 7.74 15.72 -36.51
N GLN B 397 7.74 14.57 -37.16
CA GLN B 397 6.52 13.93 -37.60
C GLN B 397 5.94 13.12 -36.45
N VAL B 398 4.60 13.08 -36.36
CA VAL B 398 3.92 12.30 -35.34
C VAL B 398 2.88 11.41 -36.00
N ALA B 399 2.44 10.41 -35.24
CA ALA B 399 1.24 9.66 -35.59
C ALA B 399 0.32 9.64 -34.38
N VAL B 400 -1.00 9.58 -34.62
CA VAL B 400 -1.99 9.76 -33.57
C VAL B 400 -2.89 8.54 -33.52
N LEU B 401 -2.98 7.91 -32.36
CA LEU B 401 -3.87 6.78 -32.13
C LEU B 401 -5.01 7.20 -31.21
N TYR B 402 -6.23 6.77 -31.54
CA TYR B 402 -7.42 7.28 -30.89
C TYR B 402 -8.04 6.35 -29.86
N GLN B 403 -7.30 5.31 -29.42
CA GLN B 403 -7.58 4.52 -28.19
C GLN B 403 -8.92 3.79 -28.20
N GLY B 404 -9.29 3.27 -29.35
CA GLY B 404 -10.40 2.35 -29.45
C GLY B 404 -11.62 3.08 -29.93
N VAL B 405 -11.75 3.17 -31.24
CA VAL B 405 -12.92 3.70 -31.94
C VAL B 405 -13.08 2.89 -33.19
N ASN B 406 -14.24 2.99 -33.80
CA ASN B 406 -14.41 2.73 -35.23
C ASN B 406 -14.21 4.14 -35.73
N CYS B 407 -13.32 4.35 -36.70
CA CYS B 407 -13.05 5.76 -37.00
C CYS B 407 -13.70 6.27 -38.25
N THR B 408 -14.96 5.93 -38.46
CA THR B 408 -15.86 6.78 -39.23
C THR B 408 -16.43 7.92 -38.37
N GLU B 409 -16.13 7.90 -37.07
CA GLU B 409 -16.62 8.86 -36.08
C GLU B 409 -15.60 9.86 -35.58
N VAL B 410 -14.34 9.76 -35.95
CA VAL B 410 -13.34 10.78 -35.61
C VAL B 410 -13.35 12.19 -36.25
N PRO B 411 -13.93 12.53 -37.50
CA PRO B 411 -13.71 13.89 -38.01
C PRO B 411 -14.44 15.04 -37.32
N VAL B 412 -15.30 14.73 -36.35
CA VAL B 412 -16.00 15.76 -35.60
C VAL B 412 -15.06 16.48 -34.64
N ALA B 413 -15.54 17.62 -34.11
CA ALA B 413 -14.72 18.54 -33.34
C ALA B 413 -14.41 17.98 -31.95
N ILE B 414 -13.15 17.65 -31.73
CA ILE B 414 -12.72 17.04 -30.48
C ILE B 414 -12.43 18.10 -29.42
N VAL B 425 -9.38 21.80 -31.44
CA VAL B 425 -9.86 21.11 -32.62
C VAL B 425 -8.76 21.09 -33.68
N TYR B 426 -8.28 19.90 -34.01
CA TYR B 426 -7.23 19.76 -35.02
C TYR B 426 -7.83 19.37 -36.36
N SER B 427 -6.97 19.28 -37.37
CA SER B 427 -7.35 18.86 -38.71
C SER B 427 -6.68 17.53 -39.01
N THR B 428 -7.48 16.48 -39.12
CA THR B 428 -6.99 15.18 -39.55
C THR B 428 -7.08 15.10 -41.07
N GLY B 429 -6.89 13.91 -41.63
CA GLY B 429 -6.90 13.78 -43.07
C GLY B 429 -6.99 12.35 -43.55
N SER B 430 -6.20 12.03 -44.58
CA SER B 430 -6.14 10.68 -45.13
C SER B 430 -5.09 9.86 -44.36
N ASN B 431 -4.75 8.70 -44.93
CA ASN B 431 -3.83 7.67 -44.41
C ASN B 431 -4.30 7.19 -43.03
N VAL B 432 -5.46 6.55 -43.06
CA VAL B 432 -6.19 6.14 -41.88
C VAL B 432 -6.27 4.62 -41.87
N PHE B 433 -5.81 3.99 -40.79
CA PHE B 433 -5.73 2.54 -40.73
C PHE B 433 -6.37 2.02 -39.45
N GLN B 434 -7.33 1.11 -39.57
CA GLN B 434 -8.09 0.61 -38.44
C GLN B 434 -7.34 -0.51 -37.73
N THR B 435 -7.35 -0.48 -36.40
CA THR B 435 -6.53 -1.34 -35.56
C THR B 435 -7.44 -1.91 -34.48
N ARG B 436 -7.10 -3.08 -33.93
CA ARG B 436 -7.84 -3.59 -32.78
C ARG B 436 -7.61 -2.79 -31.50
N ALA B 437 -6.61 -1.91 -31.46
CA ALA B 437 -6.49 -0.91 -30.42
C ALA B 437 -7.12 0.43 -30.76
N GLY B 438 -7.55 0.67 -32.00
CA GLY B 438 -8.06 2.00 -32.31
C GLY B 438 -8.10 2.34 -33.78
N CYS B 439 -7.71 3.54 -34.18
CA CYS B 439 -7.21 3.67 -35.54
C CYS B 439 -6.10 4.68 -35.59
N LEU B 440 -5.18 4.43 -36.51
CA LEU B 440 -3.92 5.12 -36.61
C LEU B 440 -4.00 6.10 -37.77
N ILE B 441 -3.68 7.35 -37.49
CA ILE B 441 -3.67 8.41 -38.49
C ILE B 441 -2.26 8.95 -38.59
N GLY B 442 -1.72 8.96 -39.79
CA GLY B 442 -0.38 9.44 -40.01
C GLY B 442 0.65 8.36 -40.20
N ALA B 443 0.25 7.10 -40.30
CA ALA B 443 1.18 6.01 -40.45
C ALA B 443 0.68 5.03 -41.50
N GLU B 444 1.60 4.51 -42.29
CA GLU B 444 1.30 3.66 -43.42
C GLU B 444 1.49 2.20 -43.05
N TYR B 445 0.47 1.39 -43.29
CA TYR B 445 0.58 -0.02 -42.99
C TYR B 445 1.32 -0.75 -44.11
N VAL B 446 2.39 -1.44 -43.75
CA VAL B 446 3.17 -2.21 -44.70
C VAL B 446 2.89 -3.69 -44.45
N ASN B 447 3.32 -4.52 -45.41
CA ASN B 447 3.13 -5.95 -45.30
C ASN B 447 4.34 -6.72 -44.81
N ASN B 448 5.39 -6.03 -44.39
CA ASN B 448 6.57 -6.71 -43.88
C ASN B 448 6.36 -7.10 -42.42
N SER B 449 7.42 -7.59 -41.79
CA SER B 449 7.33 -7.98 -40.39
C SER B 449 8.69 -7.75 -39.77
N TYR B 450 8.78 -6.76 -38.89
CA TYR B 450 10.05 -6.35 -38.36
C TYR B 450 10.07 -6.67 -36.87
N GLU B 451 11.16 -6.31 -36.21
CA GLU B 451 11.20 -6.35 -34.76
C GLU B 451 10.43 -5.16 -34.22
N CYS B 452 9.89 -5.29 -33.00
CA CYS B 452 9.09 -4.22 -32.44
C CYS B 452 9.95 -3.04 -32.01
N ASP B 453 9.52 -1.84 -32.40
CA ASP B 453 10.23 -0.61 -32.10
C ASP B 453 9.43 0.28 -31.16
N ILE B 454 8.21 0.67 -31.55
CA ILE B 454 7.31 1.40 -30.68
C ILE B 454 6.03 0.58 -30.59
N PRO B 455 5.66 0.07 -29.42
CA PRO B 455 4.53 -0.88 -29.34
C PRO B 455 3.18 -0.19 -29.37
N ILE B 456 2.36 -0.54 -30.35
CA ILE B 456 1.05 0.10 -30.42
C ILE B 456 0.07 -0.69 -29.60
N GLY B 457 0.01 -1.99 -29.86
CA GLY B 457 -0.90 -2.84 -29.14
C GLY B 457 -1.52 -3.85 -30.07
N ALA B 458 -1.97 -4.97 -29.49
CA ALA B 458 -2.69 -6.06 -30.14
C ALA B 458 -1.91 -6.69 -31.30
N GLY B 459 -0.59 -6.74 -31.15
CA GLY B 459 0.27 -7.27 -32.18
C GLY B 459 0.78 -6.27 -33.17
N ILE B 460 0.43 -5.01 -33.06
CA ILE B 460 0.87 -3.97 -33.99
C ILE B 460 1.98 -3.19 -33.32
N CYS B 461 3.08 -2.96 -34.05
CA CYS B 461 4.11 -2.02 -33.65
C CYS B 461 4.29 -0.98 -34.75
N ALA B 462 5.07 0.06 -34.45
CA ALA B 462 5.30 1.13 -35.41
C ALA B 462 6.75 1.58 -35.33
N SER B 463 7.23 2.15 -36.43
CA SER B 463 8.61 2.63 -36.51
C SER B 463 8.68 3.75 -37.53
N TYR B 464 9.89 4.30 -37.69
CA TYR B 464 10.11 5.47 -38.54
C TYR B 464 11.30 5.19 -39.45
N GLN B 465 11.04 5.05 -40.74
CA GLN B 465 12.08 4.67 -41.69
C GLN B 465 11.67 5.07 -43.10
N THR B 466 12.52 4.73 -44.07
CA THR B 466 12.22 4.96 -45.47
C THR B 466 11.24 3.91 -46.00
N SER B 479 12.92 10.38 -48.10
CA SER B 479 11.47 10.38 -48.00
C SER B 479 11.02 9.45 -46.89
N GLN B 480 11.53 9.68 -45.68
CA GLN B 480 11.19 8.82 -44.56
C GLN B 480 9.85 9.20 -43.97
N SER B 481 9.18 8.20 -43.38
CA SER B 481 7.90 8.41 -42.73
C SER B 481 7.72 7.38 -41.65
N ILE B 482 6.58 7.44 -40.99
CA ILE B 482 6.22 6.54 -39.91
C ILE B 482 5.40 5.41 -40.51
N ILE B 483 5.81 4.18 -40.27
CA ILE B 483 5.10 3.01 -40.75
C ILE B 483 4.60 2.21 -39.57
N ALA B 484 3.61 1.37 -39.82
CA ALA B 484 3.05 0.47 -38.84
C ALA B 484 3.04 -0.93 -39.41
N TYR B 485 3.43 -1.91 -38.61
CA TYR B 485 3.58 -3.27 -39.09
C TYR B 485 3.08 -4.23 -38.03
N THR B 486 2.89 -5.48 -38.48
CA THR B 486 2.61 -6.58 -37.57
C THR B 486 3.95 -7.15 -37.14
N MET B 487 4.18 -7.22 -35.84
CA MET B 487 5.50 -7.54 -35.31
C MET B 487 5.86 -9.00 -35.52
N SER B 488 7.15 -9.25 -35.65
CA SER B 488 7.68 -10.56 -35.92
C SER B 488 8.27 -11.15 -34.65
N LEU B 489 8.11 -12.44 -34.48
CA LEU B 489 8.53 -13.10 -33.26
C LEU B 489 9.97 -13.54 -33.30
N GLY B 490 10.53 -13.77 -34.46
CA GLY B 490 11.92 -14.16 -34.55
C GLY B 490 12.20 -14.85 -35.86
N ALA B 491 13.45 -15.26 -36.00
CA ALA B 491 13.89 -15.96 -37.20
C ALA B 491 13.32 -17.36 -37.26
N GLU B 492 13.04 -17.82 -38.46
CA GLU B 492 12.43 -19.12 -38.67
C GLU B 492 13.49 -20.15 -38.97
N ASN B 493 13.45 -21.28 -38.26
CA ASN B 493 14.24 -22.42 -38.67
C ASN B 493 13.53 -23.73 -38.32
N SER B 494 14.03 -24.81 -38.90
CA SER B 494 13.50 -26.13 -38.65
C SER B 494 14.69 -27.03 -38.37
N VAL B 495 14.70 -27.66 -37.19
CA VAL B 495 15.82 -28.51 -36.82
C VAL B 495 15.64 -29.85 -37.50
N ALA B 496 16.70 -30.33 -38.14
CA ALA B 496 16.65 -31.54 -38.96
C ALA B 496 16.58 -32.77 -38.07
N TYR B 497 15.36 -33.08 -37.63
CA TYR B 497 15.17 -34.23 -36.76
C TYR B 497 15.21 -35.52 -37.57
N SER B 498 15.89 -36.51 -37.02
CA SER B 498 15.84 -37.87 -37.53
C SER B 498 16.02 -38.78 -36.34
N ASN B 499 15.77 -40.06 -36.54
CA ASN B 499 15.85 -41.00 -35.43
C ASN B 499 17.16 -41.76 -35.39
N ASN B 500 18.15 -41.34 -36.18
CA ASN B 500 19.51 -41.84 -35.96
C ASN B 500 20.58 -40.78 -36.23
N SER B 501 20.30 -39.51 -35.98
CA SER B 501 21.25 -38.46 -36.32
C SER B 501 21.46 -37.51 -35.16
N ILE B 502 22.70 -37.08 -34.92
CA ILE B 502 23.00 -36.20 -33.80
C ILE B 502 23.89 -35.09 -34.35
N ALA B 503 23.93 -33.96 -33.66
CA ALA B 503 24.90 -32.90 -33.91
C ALA B 503 25.78 -32.75 -32.69
N ILE B 504 27.09 -32.76 -32.90
CA ILE B 504 28.08 -32.64 -31.82
C ILE B 504 28.90 -31.39 -32.09
N PRO B 505 29.08 -30.49 -31.13
CA PRO B 505 29.91 -29.31 -31.38
C PRO B 505 31.40 -29.60 -31.36
N THR B 506 32.14 -28.86 -32.18
CA THR B 506 33.58 -29.08 -32.33
C THR B 506 34.44 -27.92 -31.85
N ASN B 507 33.85 -26.78 -31.49
CA ASN B 507 34.58 -25.63 -30.97
C ASN B 507 33.65 -24.93 -29.99
N PHE B 508 34.12 -23.84 -29.41
CA PHE B 508 33.37 -23.16 -28.36
C PHE B 508 33.76 -21.69 -28.33
N THR B 509 32.93 -20.89 -27.67
CA THR B 509 33.25 -19.52 -27.36
C THR B 509 33.06 -19.28 -25.87
N ILE B 510 33.79 -18.31 -25.35
CA ILE B 510 33.67 -17.88 -23.97
C ILE B 510 32.95 -16.55 -23.98
N SER B 511 31.82 -16.48 -23.29
CA SER B 511 30.96 -15.31 -23.35
C SER B 511 30.92 -14.64 -21.99
N VAL B 512 31.08 -13.32 -21.98
CA VAL B 512 30.93 -12.53 -20.76
C VAL B 512 29.75 -11.61 -20.94
N THR B 513 28.78 -11.69 -20.04
CA THR B 513 27.60 -10.84 -20.09
C THR B 513 27.46 -10.09 -18.79
N THR B 514 26.70 -9.01 -18.80
CA THR B 514 26.46 -8.22 -17.61
C THR B 514 25.04 -8.39 -17.13
N GLU B 515 24.86 -8.18 -15.82
CA GLU B 515 23.53 -8.15 -15.23
C GLU B 515 23.51 -7.08 -14.16
N ILE B 516 22.55 -6.17 -14.26
CA ILE B 516 22.45 -5.00 -13.39
C ILE B 516 21.36 -5.28 -12.37
N LEU B 517 21.62 -5.01 -11.10
CA LEU B 517 20.56 -5.20 -10.09
C LEU B 517 20.55 -4.06 -9.08
N PRO B 518 19.39 -3.49 -8.78
CA PRO B 518 19.30 -2.52 -7.70
C PRO B 518 19.39 -3.19 -6.34
N VAL B 519 19.92 -2.46 -5.36
CA VAL B 519 20.14 -3.02 -4.03
C VAL B 519 19.46 -2.16 -2.98
N SER B 520 19.70 -0.86 -3.00
CA SER B 520 19.15 0.04 -1.99
C SER B 520 18.56 1.25 -2.66
N MET B 521 17.93 2.11 -1.86
CA MET B 521 17.36 3.35 -2.35
C MET B 521 17.64 4.45 -1.33
N THR B 522 17.26 5.67 -1.69
CA THR B 522 17.57 6.84 -0.89
C THR B 522 16.74 6.89 0.38
N LYS B 523 17.42 7.07 1.52
CA LYS B 523 16.76 7.08 2.82
C LYS B 523 16.30 8.49 3.14
N THR B 524 15.03 8.65 3.43
CA THR B 524 14.48 9.96 3.72
C THR B 524 13.93 9.99 5.14
N SER B 525 13.78 11.20 5.65
CA SER B 525 13.20 11.43 6.95
C SER B 525 12.35 12.69 6.89
N VAL B 526 11.29 12.71 7.68
CA VAL B 526 10.35 13.83 7.63
C VAL B 526 10.23 14.40 9.04
N ASP B 527 9.95 15.70 9.10
CA ASP B 527 9.47 16.37 10.28
C ASP B 527 8.10 16.94 9.97
N CYS B 528 7.07 16.45 10.66
CA CYS B 528 5.70 16.91 10.44
C CYS B 528 5.49 18.34 10.88
N THR B 529 6.14 18.73 11.97
CA THR B 529 5.78 19.96 12.67
C THR B 529 6.30 21.20 11.96
N MET B 530 7.15 21.03 10.96
CA MET B 530 7.40 22.13 10.05
C MET B 530 7.12 21.79 8.59
N TYR B 531 6.75 20.55 8.28
CA TYR B 531 6.18 20.33 6.96
C TYR B 531 4.79 20.91 6.86
N ILE B 532 3.95 20.63 7.85
CA ILE B 532 2.56 21.02 7.78
C ILE B 532 2.36 22.45 8.24
N CYS B 533 2.97 22.83 9.36
CA CYS B 533 2.71 24.12 9.94
C CYS B 533 3.80 25.15 9.73
N GLY B 534 5.05 24.73 9.62
CA GLY B 534 6.13 25.69 9.54
C GLY B 534 6.40 26.28 10.91
N ASP B 535 6.50 27.60 10.96
CA ASP B 535 6.89 28.30 12.17
C ASP B 535 5.76 29.11 12.79
N SER B 536 4.51 28.71 12.58
CA SER B 536 3.37 29.35 13.20
C SER B 536 2.93 28.49 14.39
N THR B 537 2.87 29.10 15.57
CA THR B 537 2.69 28.35 16.80
C THR B 537 1.26 27.88 16.97
N GLU B 538 0.30 28.62 16.40
CA GLU B 538 -1.12 28.28 16.53
C GLU B 538 -1.47 27.03 15.75
N CYS B 539 -0.82 26.82 14.60
CA CYS B 539 -0.99 25.59 13.85
C CYS B 539 -0.37 24.40 14.58
N SER B 540 0.71 24.64 15.31
CA SER B 540 1.36 23.56 16.05
C SER B 540 0.52 23.14 17.25
N ASN B 541 -0.13 24.11 17.90
CA ASN B 541 -1.03 23.77 19.00
C ASN B 541 -2.32 23.14 18.49
N LEU B 542 -2.76 23.52 17.29
CA LEU B 542 -3.97 22.93 16.75
C LEU B 542 -3.70 21.63 15.99
N LEU B 543 -2.45 21.32 15.72
CA LEU B 543 -2.05 20.03 15.19
C LEU B 543 -1.96 18.97 16.29
N LEU B 544 -1.99 19.40 17.55
CA LEU B 544 -1.79 18.51 18.70
C LEU B 544 -2.97 17.57 18.91
N GLN B 545 -4.15 17.88 18.36
CA GLN B 545 -5.24 16.93 18.31
C GLN B 545 -4.95 15.77 17.38
N TYR B 546 -4.17 16.00 16.33
CA TYR B 546 -3.61 14.94 15.48
C TYR B 546 -2.20 14.59 15.95
N GLY B 547 -2.05 14.31 17.24
CA GLY B 547 -0.73 14.02 17.76
C GLY B 547 -0.26 12.62 17.38
N SER B 548 -1.18 11.69 17.28
CA SER B 548 -0.85 10.31 16.99
C SER B 548 -0.97 9.96 15.52
N PHE B 549 -0.77 10.93 14.62
CA PHE B 549 -0.81 10.58 13.18
C PHE B 549 0.54 10.73 12.54
N CYS B 550 1.42 11.52 13.13
CA CYS B 550 2.74 11.70 12.58
C CYS B 550 3.74 10.71 13.12
N THR B 551 3.40 10.08 14.24
CA THR B 551 4.31 9.12 14.85
C THR B 551 4.40 7.85 14.02
N GLN B 552 3.31 7.45 13.37
CA GLN B 552 3.34 6.25 12.54
C GLN B 552 4.05 6.51 11.22
N LEU B 553 3.98 7.76 10.73
CA LEU B 553 4.71 8.12 9.53
C LEU B 553 6.21 8.16 9.79
N LYS B 554 6.59 8.67 10.96
CA LYS B 554 7.99 8.70 11.36
C LYS B 554 8.54 7.29 11.63
N ARG B 555 7.70 6.41 12.20
CA ARG B 555 8.07 5.02 12.42
C ARG B 555 8.23 4.26 11.12
N ALA B 556 7.35 4.53 10.15
CA ALA B 556 7.41 3.83 8.87
C ALA B 556 8.62 4.25 8.05
N LEU B 557 8.95 5.54 8.06
CA LEU B 557 10.11 6.01 7.33
C LEU B 557 11.42 5.57 8.01
N THR B 558 11.40 5.45 9.33
CA THR B 558 12.56 4.93 10.06
C THR B 558 12.78 3.45 9.77
N GLY B 559 11.70 2.68 9.62
CA GLY B 559 11.82 1.28 9.27
C GLY B 559 12.35 1.05 7.86
N ILE B 560 11.95 1.92 6.92
CA ILE B 560 12.50 1.89 5.57
C ILE B 560 13.99 2.23 5.55
N ALA B 561 14.39 3.23 6.36
CA ALA B 561 15.77 3.68 6.36
C ALA B 561 16.71 2.67 7.04
N VAL B 562 16.22 1.93 8.02
CA VAL B 562 17.02 0.83 8.58
C VAL B 562 17.13 -0.32 7.57
N GLU B 563 16.04 -0.56 6.84
CA GLU B 563 15.94 -1.68 5.91
C GLU B 563 16.87 -1.53 4.71
N GLN B 564 17.16 -0.30 4.29
CA GLN B 564 18.08 -0.09 3.16
C GLN B 564 19.53 -0.45 3.50
N ASP B 565 19.95 -0.10 4.72
CA ASP B 565 21.30 -0.42 5.18
C ASP B 565 21.43 -1.91 5.44
N LYS B 566 20.33 -2.53 5.87
CA LYS B 566 20.29 -3.98 5.98
C LYS B 566 20.41 -4.66 4.62
N ASN B 567 19.79 -4.09 3.56
CA ASN B 567 19.87 -4.63 2.20
C ASN B 567 21.29 -4.61 1.65
N THR B 568 21.98 -3.49 1.84
CA THR B 568 23.38 -3.37 1.40
C THR B 568 24.30 -4.31 2.18
N GLN B 569 24.00 -4.51 3.47
CA GLN B 569 24.86 -5.36 4.27
C GLN B 569 24.60 -6.84 4.01
N GLU B 570 23.39 -7.22 3.59
CA GLU B 570 23.19 -8.62 3.19
C GLU B 570 23.79 -8.91 1.83
N VAL B 571 23.82 -7.95 0.91
CA VAL B 571 24.40 -8.23 -0.39
C VAL B 571 25.92 -8.29 -0.30
N PHE B 572 26.54 -7.28 0.30
CA PHE B 572 27.97 -7.14 0.11
C PHE B 572 28.82 -7.79 1.19
N ALA B 573 28.38 -7.78 2.44
CA ALA B 573 29.21 -8.24 3.55
C ALA B 573 29.05 -9.73 3.78
N GLN B 574 29.43 -10.52 2.80
CA GLN B 574 29.29 -11.96 2.95
C GLN B 574 30.56 -12.64 3.40
N VAL B 575 31.67 -11.92 3.43
CA VAL B 575 32.92 -12.48 3.89
C VAL B 575 33.33 -11.74 5.14
N LYS B 576 34.18 -12.39 5.91
CA LYS B 576 34.60 -11.89 7.21
C LYS B 576 36.04 -11.43 7.20
N GLN B 577 36.78 -11.76 6.15
CA GLN B 577 38.20 -11.49 6.08
C GLN B 577 38.46 -10.73 4.79
N ILE B 578 39.30 -9.72 4.84
CA ILE B 578 39.59 -8.92 3.66
C ILE B 578 40.81 -9.55 2.99
N TYR B 579 40.56 -10.30 1.93
CA TYR B 579 41.63 -10.94 1.19
C TYR B 579 42.28 -9.97 0.24
N LYS B 580 43.57 -10.18 0.00
CA LYS B 580 44.34 -9.35 -0.92
C LYS B 580 44.86 -10.16 -2.08
N THR B 581 44.94 -9.52 -3.22
CA THR B 581 45.58 -10.06 -4.38
C THR B 581 47.09 -10.03 -4.19
N PRO B 582 47.84 -10.93 -4.83
CA PRO B 582 49.30 -10.91 -4.74
C PRO B 582 49.90 -9.72 -5.46
N PRO B 583 51.14 -9.32 -5.10
CA PRO B 583 51.76 -8.17 -5.78
C PRO B 583 52.08 -8.39 -7.24
N ILE B 584 52.38 -9.61 -7.65
CA ILE B 584 52.58 -9.90 -9.06
C ILE B 584 51.30 -10.48 -9.65
N LYS B 585 50.87 -9.92 -10.77
CA LYS B 585 49.61 -10.30 -11.39
C LYS B 585 49.91 -11.17 -12.60
N TYR B 586 50.16 -12.45 -12.35
CA TYR B 586 50.24 -13.43 -13.42
C TYR B 586 49.34 -14.59 -13.07
N PHE B 587 48.30 -14.79 -13.87
CA PHE B 587 47.31 -15.82 -13.62
C PHE B 587 47.16 -16.73 -14.82
N GLY B 588 48.29 -17.09 -15.43
CA GLY B 588 48.25 -18.00 -16.54
C GLY B 588 47.80 -17.41 -17.85
N GLY B 589 47.91 -16.10 -18.02
CA GLY B 589 47.52 -15.44 -19.23
C GLY B 589 46.21 -14.72 -19.15
N PHE B 590 45.40 -15.01 -18.14
CA PHE B 590 44.17 -14.29 -17.92
C PHE B 590 44.49 -12.93 -17.32
N ASN B 591 43.86 -11.89 -17.85
CA ASN B 591 44.24 -10.53 -17.49
C ASN B 591 43.02 -9.85 -16.88
N PHE B 592 43.06 -9.68 -15.56
CA PHE B 592 41.97 -9.11 -14.79
C PHE B 592 42.17 -7.64 -14.49
N SER B 593 42.86 -6.91 -15.36
CA SER B 593 43.25 -5.55 -15.02
C SER B 593 42.08 -4.56 -15.07
N GLN B 594 40.99 -4.92 -15.72
CA GLN B 594 39.85 -4.03 -15.79
C GLN B 594 38.86 -4.27 -14.67
N ILE B 595 39.08 -5.26 -13.82
CA ILE B 595 38.20 -5.49 -12.68
C ILE B 595 38.93 -5.35 -11.33
N LEU B 596 40.23 -5.49 -11.28
CA LEU B 596 40.99 -5.28 -10.06
C LEU B 596 41.13 -3.79 -9.77
N PRO B 597 41.33 -3.39 -8.51
CA PRO B 597 41.42 -1.95 -8.21
C PRO B 597 42.70 -1.31 -8.73
N ASP B 598 42.54 -0.06 -9.18
CA ASP B 598 43.61 0.72 -9.78
C ASP B 598 44.22 1.61 -8.71
N PRO B 599 45.49 1.42 -8.35
CA PRO B 599 46.06 2.21 -7.25
C PRO B 599 46.51 3.61 -7.62
N SER B 600 46.41 4.00 -8.89
CA SER B 600 46.80 5.35 -9.29
C SER B 600 45.78 6.38 -8.85
N LYS B 601 44.50 6.06 -8.99
CA LYS B 601 43.45 7.00 -8.67
C LYS B 601 43.21 7.03 -7.16
N PRO B 602 42.74 8.18 -6.62
CA PRO B 602 42.54 8.26 -5.15
C PRO B 602 41.37 7.43 -4.65
N SER B 603 40.32 7.28 -5.43
CA SER B 603 39.29 6.29 -5.15
C SER B 603 39.75 5.00 -5.81
N LYS B 604 40.02 3.98 -4.99
CA LYS B 604 40.64 2.75 -5.50
C LYS B 604 39.58 1.85 -6.11
N ARG B 605 39.17 2.20 -7.31
CA ARG B 605 38.15 1.48 -8.05
C ARG B 605 38.75 0.97 -9.35
N SER B 606 38.09 -0.03 -9.91
CA SER B 606 38.47 -0.57 -11.20
C SER B 606 38.03 0.39 -12.30
N PRO B 607 38.59 0.26 -13.52
CA PRO B 607 38.10 1.06 -14.66
C PRO B 607 36.64 0.86 -15.03
N ILE B 608 36.14 -0.36 -14.88
CA ILE B 608 34.72 -0.64 -15.14
C ILE B 608 33.84 0.02 -14.09
N GLU B 609 34.29 0.03 -12.83
CA GLU B 609 33.57 0.73 -11.77
C GLU B 609 33.63 2.24 -11.93
N ASP B 610 34.68 2.75 -12.57
CA ASP B 610 34.72 4.17 -12.91
C ASP B 610 33.70 4.55 -13.97
N LEU B 611 33.52 3.70 -14.99
CA LEU B 611 32.49 4.00 -16.00
C LEU B 611 31.09 3.83 -15.44
N LEU B 612 30.90 2.88 -14.53
CA LEU B 612 29.59 2.72 -13.88
C LEU B 612 29.30 3.88 -12.95
N PHE B 613 30.33 4.48 -12.36
CA PHE B 613 30.06 5.64 -11.52
CA PHE B 613 30.11 5.64 -11.52
C PHE B 613 29.85 6.89 -12.34
N ASN B 614 30.51 7.03 -13.48
CA ASN B 614 30.30 8.23 -14.27
C ASN B 614 29.00 8.19 -15.06
N LYS B 615 28.48 7.01 -15.37
CA LYS B 615 27.30 6.98 -16.21
C LYS B 615 26.00 7.16 -15.42
N VAL B 616 26.04 7.12 -14.09
CA VAL B 616 24.86 7.40 -13.29
C VAL B 616 24.99 8.80 -12.74
N THR B 617 24.12 9.70 -13.19
CA THR B 617 24.17 11.11 -12.80
C THR B 617 23.08 11.36 -11.77
N LEU B 618 23.49 11.80 -10.58
CA LEU B 618 22.55 12.11 -9.52
C LEU B 618 21.89 13.46 -9.78
N ASP B 638 19.17 24.81 -6.69
CA ASP B 638 19.20 23.37 -6.46
C ASP B 638 17.86 22.92 -5.88
N LEU B 639 17.43 21.73 -6.30
CA LEU B 639 16.22 21.14 -5.74
C LEU B 639 16.48 20.55 -4.35
N ILE B 640 17.74 20.23 -4.04
CA ILE B 640 18.12 19.63 -2.77
C ILE B 640 17.89 20.62 -1.62
N CYS B 641 18.26 21.88 -1.83
CA CYS B 641 18.03 22.90 -0.82
C CYS B 641 16.54 23.23 -0.69
N ALA B 642 15.79 23.20 -1.79
CA ALA B 642 14.36 23.49 -1.73
C ALA B 642 13.59 22.38 -1.03
N GLN B 643 14.03 21.12 -1.21
CA GLN B 643 13.46 20.02 -0.44
C GLN B 643 13.94 20.04 1.00
N LYS B 644 15.15 20.59 1.22
CA LYS B 644 15.68 20.76 2.56
C LYS B 644 14.84 21.75 3.35
N PHE B 645 14.20 22.72 2.68
CA PHE B 645 13.81 23.79 3.55
C PHE B 645 12.35 23.63 3.95
N LYS B 646 11.73 22.51 3.53
CA LYS B 646 10.34 22.22 3.78
C LYS B 646 10.15 21.05 4.73
N GLY B 647 11.20 20.61 5.41
CA GLY B 647 11.05 19.58 6.41
C GLY B 647 11.51 18.19 6.03
N LEU B 648 12.20 18.04 4.91
CA LEU B 648 12.56 16.74 4.37
C LEU B 648 14.06 16.56 4.40
N THR B 649 14.51 15.37 4.79
CA THR B 649 15.93 15.12 4.99
C THR B 649 16.30 13.90 4.17
N VAL B 650 17.47 13.93 3.55
CA VAL B 650 18.11 12.74 3.00
C VAL B 650 19.19 12.31 3.97
N LEU B 651 19.09 11.10 4.48
CA LEU B 651 20.11 10.60 5.39
C LEU B 651 21.21 9.88 4.62
N PRO B 652 22.47 9.94 5.05
CA PRO B 652 23.53 9.27 4.31
C PRO B 652 23.54 7.79 4.63
N PRO B 653 24.05 6.95 3.72
CA PRO B 653 24.15 5.53 4.03
C PRO B 653 25.26 5.24 5.02
N LEU B 654 25.17 4.09 5.66
CA LEU B 654 26.14 3.70 6.67
C LEU B 654 27.47 3.32 6.05
N LEU B 655 27.42 2.58 4.95
CA LEU B 655 28.63 2.14 4.26
C LEU B 655 28.94 3.15 3.17
N THR B 656 30.15 3.70 3.17
CA THR B 656 30.56 4.58 2.10
C THR B 656 30.92 3.77 0.86
N ASP B 657 31.21 4.48 -0.22
CA ASP B 657 31.51 3.81 -1.49
C ASP B 657 32.89 3.17 -1.48
N GLU B 658 33.80 3.69 -0.66
CA GLU B 658 35.10 3.07 -0.50
C GLU B 658 35.00 1.76 0.25
N MET B 659 34.06 1.66 1.19
CA MET B 659 33.88 0.42 1.94
C MET B 659 33.23 -0.66 1.09
N ILE B 660 32.29 -0.27 0.23
CA ILE B 660 31.67 -1.21 -0.69
C ILE B 660 32.67 -1.66 -1.75
N ALA B 661 33.56 -0.75 -2.17
CA ALA B 661 34.62 -1.11 -3.11
C ALA B 661 35.66 -2.03 -2.47
N GLN B 662 35.89 -1.89 -1.16
CA GLN B 662 36.79 -2.81 -0.47
C GLN B 662 36.17 -4.19 -0.31
N TYR B 663 34.86 -4.27 -0.08
CA TYR B 663 34.14 -5.54 -0.09
C TYR B 663 34.19 -6.25 -1.41
N THR B 664 33.99 -5.53 -2.52
CA THR B 664 34.06 -6.21 -3.81
C THR B 664 35.48 -6.56 -4.19
N SER B 665 36.46 -5.80 -3.71
CA SER B 665 37.85 -6.17 -3.91
C SER B 665 38.23 -7.42 -3.12
N ALA B 666 37.67 -7.59 -1.92
CA ALA B 666 37.91 -8.79 -1.13
C ALA B 666 37.25 -10.01 -1.76
N LEU B 667 36.05 -9.83 -2.31
CA LEU B 667 35.37 -10.93 -3.00
C LEU B 667 36.08 -11.33 -4.28
N LEU B 668 36.63 -10.36 -5.02
CA LEU B 668 37.40 -10.66 -6.22
C LEU B 668 38.71 -11.35 -5.93
N ALA B 669 39.43 -10.91 -4.88
CA ALA B 669 40.70 -11.54 -4.56
C ALA B 669 40.52 -12.94 -3.97
N GLY B 670 39.40 -13.14 -3.26
CA GLY B 670 39.08 -14.47 -2.80
C GLY B 670 38.70 -15.42 -3.92
N THR B 671 37.93 -14.95 -4.90
CA THR B 671 37.55 -15.87 -5.96
C THR B 671 38.63 -16.06 -7.01
N ILE B 672 39.65 -15.21 -7.06
CA ILE B 672 40.78 -15.51 -7.92
C ILE B 672 41.80 -16.41 -7.23
N THR B 673 42.18 -16.10 -5.99
CA THR B 673 43.23 -16.89 -5.38
C THR B 673 42.77 -18.19 -4.76
N SER B 674 41.48 -18.39 -4.51
CA SER B 674 41.06 -19.59 -3.80
C SER B 674 39.93 -20.34 -4.47
N GLY B 675 38.97 -19.65 -5.06
CA GLY B 675 37.91 -20.33 -5.76
C GLY B 675 36.57 -20.35 -5.07
N TRP B 676 35.97 -21.52 -4.94
CA TRP B 676 34.77 -21.65 -4.17
C TRP B 676 35.03 -21.98 -2.72
N THR B 677 36.30 -22.22 -2.36
CA THR B 677 36.64 -22.76 -1.05
C THR B 677 36.55 -21.70 0.03
N PHE B 678 36.68 -20.44 -0.32
CA PHE B 678 36.63 -19.39 0.69
C PHE B 678 35.22 -19.07 1.15
N GLY B 679 34.20 -19.50 0.41
CA GLY B 679 32.85 -19.30 0.86
C GLY B 679 32.27 -20.44 1.65
N ALA B 680 33.03 -21.51 1.86
CA ALA B 680 32.56 -22.66 2.59
C ALA B 680 33.48 -23.05 3.73
N GLY B 681 34.39 -22.17 4.13
CA GLY B 681 35.34 -22.48 5.16
C GLY B 681 36.56 -21.60 5.05
N PRO B 682 37.73 -22.12 5.42
CA PRO B 682 38.97 -21.37 5.21
C PRO B 682 39.36 -21.35 3.74
N ALA B 683 40.07 -20.31 3.34
CA ALA B 683 40.47 -20.14 1.95
C ALA B 683 41.69 -20.98 1.68
N LEU B 684 41.58 -21.85 0.68
CA LEU B 684 42.67 -22.73 0.27
C LEU B 684 43.11 -22.32 -1.13
N GLN B 685 44.40 -22.12 -1.32
CA GLN B 685 44.86 -21.60 -2.59
C GLN B 685 44.98 -22.71 -3.62
N ILE B 686 44.88 -22.32 -4.90
CA ILE B 686 44.94 -23.21 -6.05
C ILE B 686 45.38 -22.32 -7.20
N PRO B 687 46.17 -22.81 -8.16
CA PRO B 687 46.47 -22.01 -9.35
C PRO B 687 45.24 -21.84 -10.22
N PHE B 688 45.20 -20.74 -10.96
CA PHE B 688 44.01 -20.39 -11.75
C PHE B 688 43.69 -21.33 -12.91
N PRO B 689 44.63 -21.84 -13.74
CA PRO B 689 44.22 -22.88 -14.70
C PRO B 689 43.79 -24.19 -14.08
N MET B 690 44.21 -24.52 -12.86
CA MET B 690 43.71 -25.73 -12.25
C MET B 690 42.28 -25.56 -11.75
N GLN B 691 41.91 -24.35 -11.31
CA GLN B 691 40.52 -24.20 -10.92
C GLN B 691 39.65 -24.01 -12.15
N MET B 692 40.22 -23.55 -13.27
CA MET B 692 39.42 -23.45 -14.48
C MET B 692 39.22 -24.83 -15.09
N ALA B 693 40.14 -25.76 -14.82
CA ALA B 693 39.91 -27.15 -15.17
C ALA B 693 38.80 -27.77 -14.33
N TYR B 694 38.73 -27.40 -13.04
CA TYR B 694 37.63 -27.84 -12.17
C TYR B 694 36.28 -27.31 -12.63
N ARG B 695 36.24 -26.05 -13.08
CA ARG B 695 34.98 -25.50 -13.59
C ARG B 695 34.62 -26.04 -14.97
N PHE B 696 35.59 -26.56 -15.74
CA PHE B 696 35.16 -27.31 -16.92
C PHE B 696 34.61 -28.69 -16.56
N ASN B 697 35.16 -29.34 -15.52
CA ASN B 697 34.56 -30.61 -15.06
C ASN B 697 33.17 -30.43 -14.47
N GLY B 698 32.87 -29.23 -13.97
CA GLY B 698 31.52 -28.94 -13.51
C GLY B 698 30.47 -28.89 -14.59
N ILE B 699 30.83 -28.65 -15.84
CA ILE B 699 29.84 -28.56 -16.91
C ILE B 699 29.92 -29.73 -17.87
N GLY B 700 30.68 -30.76 -17.55
CA GLY B 700 30.68 -31.95 -18.35
C GLY B 700 31.72 -32.04 -19.43
N VAL B 701 32.76 -31.22 -19.39
CA VAL B 701 33.84 -31.23 -20.36
C VAL B 701 35.09 -31.64 -19.61
N THR B 702 35.87 -32.58 -20.17
CA THR B 702 37.06 -33.05 -19.48
C THR B 702 38.15 -31.98 -19.48
N GLN B 703 39.07 -32.11 -18.53
CA GLN B 703 39.99 -31.01 -18.20
C GLN B 703 41.15 -30.87 -19.18
N ASN B 704 41.38 -31.87 -20.00
CA ASN B 704 42.40 -31.75 -21.03
C ASN B 704 41.96 -30.85 -22.17
N VAL B 705 40.65 -30.60 -22.31
CA VAL B 705 40.14 -29.60 -23.24
C VAL B 705 40.59 -28.21 -22.83
N LEU B 706 40.67 -27.95 -21.52
CA LEU B 706 41.26 -26.70 -21.06
C LEU B 706 42.77 -26.66 -21.29
N TYR B 707 43.49 -27.68 -20.80
CA TYR B 707 44.96 -27.64 -20.79
C TYR B 707 45.59 -27.69 -22.18
N GLU B 708 44.90 -28.26 -23.16
CA GLU B 708 45.42 -28.20 -24.52
C GLU B 708 44.94 -26.98 -25.28
N ASN B 709 44.13 -26.13 -24.68
CA ASN B 709 43.64 -24.96 -25.39
C ASN B 709 43.73 -23.71 -24.55
N GLN B 710 44.73 -23.63 -23.67
CA GLN B 710 44.74 -22.67 -22.57
C GLN B 710 44.97 -21.25 -23.06
N LYS B 711 45.82 -21.10 -24.08
CA LYS B 711 46.15 -19.79 -24.62
C LYS B 711 44.98 -19.20 -25.40
N LEU B 712 44.25 -20.04 -26.12
CA LEU B 712 43.08 -19.63 -26.87
C LEU B 712 41.94 -19.19 -25.95
N ILE B 713 41.74 -19.92 -24.85
CA ILE B 713 40.69 -19.59 -23.89
C ILE B 713 41.01 -18.31 -23.15
N ALA B 714 42.30 -18.09 -22.85
CA ALA B 714 42.74 -16.84 -22.23
C ALA B 714 42.58 -15.65 -23.15
N ASN B 715 42.84 -15.83 -24.45
CA ASN B 715 42.66 -14.74 -25.42
C ASN B 715 41.20 -14.40 -25.63
N GLN B 716 40.32 -15.41 -25.67
CA GLN B 716 38.89 -15.19 -25.79
C GLN B 716 38.32 -14.48 -24.57
N PHE B 717 38.83 -14.81 -23.39
CA PHE B 717 38.36 -14.16 -22.17
C PHE B 717 38.80 -12.70 -22.10
N ASN B 718 40.05 -12.41 -22.51
CA ASN B 718 40.55 -11.04 -22.48
C ASN B 718 39.85 -10.14 -23.50
N SER B 719 39.57 -10.68 -24.70
CA SER B 719 38.84 -9.91 -25.70
C SER B 719 37.39 -9.71 -25.31
N ALA B 720 36.81 -10.66 -24.58
CA ALA B 720 35.44 -10.50 -24.10
C ALA B 720 35.31 -9.42 -23.03
N ILE B 721 36.30 -9.32 -22.12
CA ILE B 721 36.33 -8.26 -21.11
C ILE B 721 36.51 -6.88 -21.75
N GLY B 722 37.36 -6.80 -22.79
CA GLY B 722 37.52 -5.55 -23.52
C GLY B 722 36.27 -5.10 -24.28
N LYS B 723 35.53 -6.07 -24.83
CA LYS B 723 34.27 -5.74 -25.47
C LYS B 723 33.20 -5.33 -24.47
N ILE B 724 33.29 -5.84 -23.22
CA ILE B 724 32.35 -5.45 -22.17
C ILE B 724 32.53 -3.98 -21.82
N GLN B 725 33.80 -3.55 -21.72
CA GLN B 725 34.07 -2.16 -21.36
C GLN B 725 33.71 -1.19 -22.50
N ASP B 726 33.99 -1.60 -23.75
CA ASP B 726 33.64 -0.76 -24.90
C ASP B 726 32.14 -0.71 -25.14
N SER B 727 31.43 -1.81 -24.93
CA SER B 727 29.99 -1.83 -25.10
C SER B 727 29.28 -1.09 -23.98
N LEU B 728 29.85 -1.12 -22.78
CA LEU B 728 29.18 -0.47 -21.66
C LEU B 728 29.45 1.02 -21.68
N SER B 729 30.57 1.43 -22.29
CA SER B 729 30.83 2.85 -22.50
C SER B 729 29.86 3.49 -23.47
N SER B 730 29.40 2.76 -24.47
CA SER B 730 28.39 3.22 -25.40
C SER B 730 27.03 2.74 -24.93
N THR B 731 26.01 2.98 -25.79
CA THR B 731 24.59 2.64 -25.68
C THR B 731 23.98 3.09 -24.37
N PRO B 732 23.70 4.39 -24.16
CA PRO B 732 23.41 4.88 -22.80
C PRO B 732 21.99 4.62 -22.30
N SER B 733 21.56 3.36 -22.33
CA SER B 733 20.33 2.93 -21.68
C SER B 733 20.54 1.57 -21.01
N ALA B 734 21.77 1.12 -20.88
CA ALA B 734 22.06 -0.16 -20.25
C ALA B 734 21.92 -0.10 -18.74
N LEU B 735 22.04 1.09 -18.15
CA LEU B 735 21.95 1.25 -16.70
C LEU B 735 20.66 1.94 -16.32
N GLY B 736 19.57 1.61 -17.01
CA GLY B 736 18.32 2.30 -16.75
C GLY B 736 17.65 1.87 -15.46
N LYS B 737 17.99 0.66 -14.97
CA LYS B 737 17.43 0.17 -13.72
C LYS B 737 17.94 0.96 -12.53
N LEU B 738 19.21 1.31 -12.53
CA LEU B 738 19.74 2.12 -11.46
C LEU B 738 19.38 3.59 -11.62
N GLN B 739 19.09 4.02 -12.84
CA GLN B 739 18.70 5.40 -13.05
C GLN B 739 17.26 5.63 -12.63
N ASP B 740 16.41 4.60 -12.76
CA ASP B 740 15.00 4.72 -12.43
C ASP B 740 14.75 4.90 -10.94
N VAL B 741 15.65 4.39 -10.10
CA VAL B 741 15.55 4.53 -8.66
C VAL B 741 15.73 5.99 -8.25
N VAL B 742 16.74 6.64 -8.83
CA VAL B 742 17.04 8.04 -8.55
C VAL B 742 15.96 8.95 -9.11
N ASN B 743 15.43 8.60 -10.29
CA ASN B 743 14.37 9.38 -10.92
C ASN B 743 13.06 9.29 -10.15
N HIS B 744 12.72 8.11 -9.64
CA HIS B 744 11.48 7.94 -8.88
C HIS B 744 11.55 8.62 -7.52
N ASN B 745 12.72 8.59 -6.89
CA ASN B 745 12.87 9.24 -5.58
C ASN B 745 12.83 10.75 -5.69
N ALA B 746 13.50 11.31 -6.70
CA ALA B 746 13.49 12.75 -6.91
C ALA B 746 12.13 13.23 -7.41
N GLN B 747 11.43 12.38 -8.16
CA GLN B 747 10.11 12.73 -8.65
C GLN B 747 9.08 12.76 -7.54
N ALA B 748 9.15 11.81 -6.60
CA ALA B 748 8.23 11.79 -5.48
C ALA B 748 8.48 12.92 -4.51
N LEU B 749 9.76 13.30 -4.33
CA LEU B 749 10.06 14.43 -3.45
C LEU B 749 9.65 15.77 -4.08
N ASN B 750 9.78 15.89 -5.41
CA ASN B 750 9.35 17.12 -6.07
C ASN B 750 7.83 17.23 -6.10
N THR B 751 7.13 16.10 -6.19
CA THR B 751 5.68 16.10 -6.08
C THR B 751 5.22 16.52 -4.68
N LEU B 752 5.93 16.04 -3.65
CA LEU B 752 5.57 16.38 -2.28
C LEU B 752 5.86 17.84 -1.94
N VAL B 753 6.90 18.43 -2.53
CA VAL B 753 7.12 19.84 -2.24
C VAL B 753 6.26 20.73 -3.13
N LYS B 754 5.83 20.24 -4.30
CA LYS B 754 4.93 21.06 -5.10
C LYS B 754 3.50 20.98 -4.64
N GLN B 755 3.16 20.02 -3.78
CA GLN B 755 1.83 20.02 -3.20
C GLN B 755 1.70 20.88 -1.96
N LEU B 756 2.64 21.77 -1.66
CA LEU B 756 2.45 22.72 -0.58
C LEU B 756 1.82 24.02 -1.02
N SER B 757 1.64 24.21 -2.33
CA SER B 757 0.98 25.39 -2.85
C SER B 757 -0.46 25.13 -3.23
N SER B 758 -1.00 23.96 -2.90
CA SER B 758 -2.38 23.64 -3.19
C SER B 758 -3.25 24.07 -2.03
N LYS B 759 -4.42 24.61 -2.35
CA LYS B 759 -5.30 25.15 -1.33
C LYS B 759 -6.26 24.13 -0.75
N PHE B 760 -6.55 23.06 -1.52
CA PHE B 760 -7.49 21.98 -1.18
C PHE B 760 -8.90 22.48 -0.87
N GLY B 761 -9.31 23.54 -1.54
CA GLY B 761 -10.60 24.14 -1.29
C GLY B 761 -10.62 25.25 -0.26
N ALA B 762 -9.50 25.50 0.43
CA ALA B 762 -9.44 26.64 1.31
C ALA B 762 -9.12 27.90 0.52
N ILE B 763 -9.17 29.04 1.21
CA ILE B 763 -9.09 30.31 0.50
C ILE B 763 -7.65 30.69 0.18
N SER B 764 -6.67 30.12 0.89
CA SER B 764 -5.29 30.47 0.67
C SER B 764 -4.40 29.31 1.10
N SER B 765 -3.15 29.36 0.67
CA SER B 765 -2.14 28.40 1.08
C SER B 765 -1.10 29.00 2.01
N VAL B 766 -1.29 30.24 2.45
CA VAL B 766 -0.39 30.90 3.39
C VAL B 766 -1.08 30.98 4.74
N LEU B 767 -0.39 30.56 5.79
CA LEU B 767 -1.03 30.42 7.09
C LEU B 767 -1.22 31.76 7.78
N ASN B 768 -0.31 32.71 7.55
CA ASN B 768 -0.47 34.03 8.16
C ASN B 768 -1.58 34.84 7.51
N ASP B 769 -1.83 34.58 6.22
CA ASP B 769 -2.99 35.18 5.57
C ASP B 769 -4.29 34.56 6.02
N ILE B 770 -4.24 33.36 6.58
CA ILE B 770 -5.43 32.82 7.23
C ILE B 770 -5.59 33.46 8.61
N PHE B 771 -4.46 33.68 9.30
CA PHE B 771 -4.54 34.26 10.63
C PHE B 771 -4.66 35.79 10.60
N SER B 772 -4.21 36.43 9.52
CA SER B 772 -4.71 37.77 9.24
C SER B 772 -6.00 37.64 8.43
N ARG B 773 -6.65 38.77 8.13
CA ARG B 773 -7.81 38.94 7.25
C ARG B 773 -9.10 38.26 7.71
N LEU B 774 -9.11 37.54 8.83
CA LEU B 774 -10.27 36.79 9.31
C LEU B 774 -10.24 36.79 10.82
N ASP B 775 -11.05 35.90 11.40
CA ASP B 775 -11.13 35.67 12.82
C ASP B 775 -10.89 34.19 13.06
N PRO B 776 -10.27 33.81 14.19
CA PRO B 776 -9.84 32.39 14.40
C PRO B 776 -10.94 31.33 14.51
N PRO B 777 -12.16 31.58 15.07
CA PRO B 777 -13.16 30.48 15.01
C PRO B 777 -13.72 30.16 13.63
N GLU B 778 -13.63 31.07 12.67
CA GLU B 778 -14.01 30.75 11.30
C GLU B 778 -12.83 30.44 10.40
N ALA B 779 -11.63 30.85 10.78
CA ALA B 779 -10.42 30.40 10.12
C ALA B 779 -10.01 29.00 10.56
N GLU B 780 -10.60 28.53 11.67
CA GLU B 780 -10.31 27.23 12.25
C GLU B 780 -10.69 26.09 11.31
N VAL B 781 -11.80 26.22 10.59
CA VAL B 781 -12.20 25.17 9.66
C VAL B 781 -11.35 25.19 8.38
N GLN B 782 -10.82 26.36 8.02
CA GLN B 782 -9.93 26.45 6.86
C GLN B 782 -8.56 25.84 7.15
N ILE B 783 -8.06 26.07 8.36
CA ILE B 783 -6.78 25.44 8.69
C ILE B 783 -6.93 23.97 9.03
N ASP B 784 -8.11 23.52 9.45
CA ASP B 784 -8.35 22.07 9.49
C ASP B 784 -8.38 21.47 8.10
N ARG B 785 -8.90 22.21 7.12
CA ARG B 785 -8.88 21.76 5.74
C ARG B 785 -7.46 21.66 5.18
N LEU B 786 -6.61 22.65 5.50
CA LEU B 786 -5.22 22.62 5.05
C LEU B 786 -4.40 21.53 5.74
N ILE B 787 -4.62 21.33 7.05
CA ILE B 787 -3.89 20.30 7.80
C ILE B 787 -4.29 18.90 7.34
N THR B 788 -5.59 18.69 7.07
CA THR B 788 -6.03 17.39 6.57
C THR B 788 -5.55 17.12 5.15
N GLY B 789 -5.48 18.18 4.31
CA GLY B 789 -4.93 18.01 2.97
C GLY B 789 -3.45 17.68 2.95
N ARG B 790 -2.68 18.35 3.81
CA ARG B 790 -1.24 18.10 3.87
C ARG B 790 -0.94 16.76 4.54
N LEU B 791 -1.80 16.34 5.47
CA LEU B 791 -1.63 15.03 6.09
C LEU B 791 -1.95 13.90 5.13
N GLN B 792 -2.94 14.08 4.26
CA GLN B 792 -3.19 13.07 3.23
C GLN B 792 -2.10 13.05 2.18
N SER B 793 -1.48 14.20 1.89
CA SER B 793 -0.33 14.24 0.99
C SER B 793 0.88 13.50 1.56
N LEU B 794 1.12 13.65 2.86
CA LEU B 794 2.22 12.95 3.51
C LEU B 794 1.95 11.45 3.60
N GLN B 795 0.72 11.06 3.90
CA GLN B 795 0.35 9.65 4.03
C GLN B 795 0.40 8.94 2.68
N THR B 796 -0.02 9.62 1.62
CA THR B 796 0.10 9.01 0.31
C THR B 796 1.51 9.09 -0.24
N TYR B 797 2.42 9.87 0.36
CA TYR B 797 3.83 9.70 0.02
C TYR B 797 4.40 8.43 0.66
N VAL B 798 4.07 8.22 1.94
CA VAL B 798 4.68 7.15 2.74
C VAL B 798 4.22 5.77 2.26
N THR B 799 2.99 5.68 1.73
CA THR B 799 2.47 4.40 1.22
C THR B 799 3.19 3.93 -0.05
N GLN B 800 3.48 4.85 -0.97
CA GLN B 800 4.27 4.47 -2.15
C GLN B 800 5.72 4.21 -1.81
N GLN B 801 6.25 4.86 -0.77
CA GLN B 801 7.59 4.54 -0.30
C GLN B 801 7.67 3.13 0.26
N LEU B 802 6.61 2.68 0.95
CA LEU B 802 6.57 1.31 1.47
C LEU B 802 6.47 0.27 0.37
N ILE B 803 5.68 0.57 -0.66
CA ILE B 803 5.51 -0.36 -1.79
C ILE B 803 6.80 -0.48 -2.60
N ARG B 804 7.46 0.65 -2.84
CA ARG B 804 8.74 0.64 -3.55
C ARG B 804 9.85 0.02 -2.73
N ALA B 805 9.79 0.14 -1.39
CA ALA B 805 10.78 -0.51 -0.55
C ALA B 805 10.63 -2.03 -0.56
N ALA B 806 9.39 -2.52 -0.70
CA ALA B 806 9.18 -3.96 -0.86
C ALA B 806 9.73 -4.47 -2.19
N GLU B 807 9.59 -3.65 -3.25
CA GLU B 807 10.15 -4.01 -4.56
C GLU B 807 11.68 -4.05 -4.56
N ILE B 808 12.31 -3.07 -3.91
CA ILE B 808 13.77 -3.02 -3.78
C ILE B 808 14.27 -4.16 -2.89
N ARG B 809 13.46 -4.58 -1.91
CA ARG B 809 13.87 -5.69 -1.05
CA ARG B 809 13.83 -5.69 -1.03
C ARG B 809 13.84 -7.03 -1.79
N ALA B 810 12.86 -7.21 -2.67
CA ALA B 810 12.83 -8.41 -3.51
C ALA B 810 14.02 -8.46 -4.46
N SER B 811 14.40 -7.29 -5.01
CA SER B 811 15.59 -7.22 -5.87
C SER B 811 16.88 -7.45 -5.10
N ALA B 812 16.95 -6.98 -3.85
CA ALA B 812 18.17 -7.14 -3.05
C ALA B 812 18.33 -8.56 -2.56
N ASN B 813 17.23 -9.26 -2.30
CA ASN B 813 17.30 -10.68 -1.94
C ASN B 813 17.74 -11.52 -3.12
N LEU B 814 17.29 -11.15 -4.33
CA LEU B 814 17.77 -11.82 -5.54
C LEU B 814 19.26 -11.58 -5.78
N ALA B 815 19.73 -10.36 -5.49
CA ALA B 815 21.16 -10.06 -5.67
C ALA B 815 22.03 -10.76 -4.64
N ALA B 816 21.51 -10.95 -3.42
CA ALA B 816 22.25 -11.70 -2.42
C ALA B 816 22.32 -13.19 -2.76
N THR B 817 21.24 -13.72 -3.35
CA THR B 817 21.24 -15.10 -3.83
C THR B 817 22.20 -15.29 -5.00
N LYS B 818 22.27 -14.32 -5.91
CA LYS B 818 23.19 -14.41 -7.04
C LYS B 818 24.64 -14.25 -6.61
N MET B 819 24.89 -13.49 -5.56
CA MET B 819 26.26 -13.35 -5.08
C MET B 819 26.69 -14.61 -4.34
N SER B 820 25.77 -15.26 -3.63
CA SER B 820 26.12 -16.52 -2.96
C SER B 820 26.28 -17.67 -3.95
N GLU B 821 25.49 -17.69 -5.01
CA GLU B 821 25.46 -18.87 -5.85
C GLU B 821 26.26 -18.74 -7.14
N CYS B 822 26.38 -17.55 -7.71
CA CYS B 822 27.18 -17.39 -8.91
C CYS B 822 28.61 -16.94 -8.63
N VAL B 823 28.82 -16.12 -7.62
CA VAL B 823 30.17 -15.62 -7.34
C VAL B 823 30.91 -16.55 -6.40
N LEU B 824 30.28 -16.98 -5.32
CA LEU B 824 30.94 -17.83 -4.33
C LEU B 824 30.88 -19.31 -4.66
N GLY B 825 30.31 -19.69 -5.80
CA GLY B 825 30.29 -21.06 -6.23
C GLY B 825 29.94 -21.14 -7.69
N GLN B 826 29.74 -22.36 -8.17
CA GLN B 826 29.35 -22.58 -9.56
C GLN B 826 27.96 -23.16 -9.62
N SER B 827 27.10 -22.63 -10.47
CA SER B 827 25.68 -22.90 -10.45
C SER B 827 25.28 -23.85 -11.57
N LYS B 828 24.36 -24.76 -11.25
CA LYS B 828 23.79 -25.67 -12.24
C LYS B 828 22.44 -25.21 -12.75
N ARG B 829 21.88 -24.14 -12.20
CA ARG B 829 20.55 -23.71 -12.59
C ARG B 829 20.62 -23.00 -13.93
N VAL B 830 19.69 -23.35 -14.82
CA VAL B 830 19.74 -22.87 -16.20
C VAL B 830 19.28 -21.42 -16.24
N ASP B 831 20.08 -20.57 -16.89
CA ASP B 831 19.88 -19.15 -17.14
C ASP B 831 19.76 -18.32 -15.87
N PHE B 832 20.36 -18.79 -14.78
CA PHE B 832 20.41 -18.02 -13.54
C PHE B 832 21.60 -17.11 -13.51
N CYS B 833 22.73 -17.57 -14.04
CA CYS B 833 23.93 -16.77 -14.07
C CYS B 833 24.42 -16.65 -15.51
N GLY B 834 23.54 -16.26 -16.42
CA GLY B 834 23.89 -15.99 -17.80
C GLY B 834 23.41 -17.07 -18.74
N LYS B 835 23.58 -16.80 -20.02
CA LYS B 835 23.19 -17.73 -21.09
C LYS B 835 24.38 -18.59 -21.46
N GLY B 836 24.18 -19.89 -21.40
CA GLY B 836 25.24 -20.85 -21.60
C GLY B 836 25.50 -21.61 -20.32
N TYR B 837 26.48 -22.49 -20.37
CA TYR B 837 26.88 -23.23 -19.18
C TYR B 837 27.79 -22.35 -18.35
N HIS B 838 27.43 -22.14 -17.09
CA HIS B 838 28.08 -21.15 -16.24
C HIS B 838 29.47 -21.61 -15.82
N LEU B 839 30.45 -20.73 -16.02
CA LEU B 839 31.76 -20.95 -15.42
C LEU B 839 31.92 -20.13 -14.15
N MET B 840 31.90 -18.80 -14.21
CA MET B 840 32.16 -18.03 -12.99
C MET B 840 31.53 -16.66 -13.10
N SER B 841 31.68 -15.85 -12.06
CA SER B 841 31.09 -14.52 -12.07
C SER B 841 31.96 -13.59 -11.24
N PHE B 842 31.86 -12.30 -11.55
CA PHE B 842 32.64 -11.28 -10.87
C PHE B 842 31.73 -10.13 -10.49
N PRO B 843 31.80 -9.63 -9.25
CA PRO B 843 30.97 -8.50 -8.88
C PRO B 843 31.65 -7.17 -9.06
N GLN B 844 30.86 -6.15 -9.39
CA GLN B 844 31.34 -4.78 -9.44
C GLN B 844 30.31 -3.90 -8.76
N SER B 845 30.78 -2.99 -7.93
CA SER B 845 29.88 -2.08 -7.24
C SER B 845 29.38 -1.02 -8.19
N ALA B 846 28.16 -0.58 -7.99
CA ALA B 846 27.59 0.49 -8.79
C ALA B 846 26.82 1.38 -7.84
N PRO B 847 26.59 2.67 -8.18
CA PRO B 847 25.75 3.52 -7.33
C PRO B 847 24.32 3.03 -7.23
N HIS B 848 23.97 2.67 -5.99
CA HIS B 848 22.75 2.02 -5.53
C HIS B 848 22.58 0.61 -6.08
N GLY B 849 23.64 -0.11 -6.43
CA GLY B 849 23.40 -1.46 -6.93
C GLY B 849 24.65 -2.25 -7.20
N VAL B 850 24.46 -3.36 -7.89
CA VAL B 850 25.56 -4.28 -8.17
C VAL B 850 25.48 -4.71 -9.63
N VAL B 851 26.64 -4.96 -10.22
CA VAL B 851 26.77 -5.44 -11.59
C VAL B 851 27.50 -6.78 -11.53
N PHE B 852 26.93 -7.81 -12.14
CA PHE B 852 27.58 -9.10 -12.21
C PHE B 852 28.09 -9.32 -13.62
N LEU B 853 29.32 -9.74 -13.74
CA LEU B 853 29.87 -10.18 -15.01
C LEU B 853 29.89 -11.69 -14.99
N HIS B 854 29.03 -12.30 -15.81
CA HIS B 854 28.90 -13.74 -15.86
C HIS B 854 29.75 -14.27 -17.00
N VAL B 855 30.65 -15.19 -16.69
CA VAL B 855 31.49 -15.86 -17.67
C VAL B 855 30.90 -17.25 -17.90
N THR B 856 30.49 -17.52 -19.14
CA THR B 856 29.79 -18.74 -19.52
C THR B 856 30.44 -19.36 -20.74
N TYR B 857 30.11 -20.63 -20.97
CA TYR B 857 30.61 -21.45 -22.07
C TYR B 857 29.51 -21.60 -23.10
N VAL B 858 29.81 -21.34 -24.37
CA VAL B 858 28.84 -21.55 -25.44
C VAL B 858 29.44 -22.50 -26.47
N PRO B 859 28.75 -23.58 -26.87
CA PRO B 859 29.26 -24.42 -27.96
C PRO B 859 29.09 -23.74 -29.31
N ALA B 860 30.04 -23.96 -30.21
CA ALA B 860 30.10 -23.13 -31.41
C ALA B 860 29.79 -23.84 -32.72
N GLN B 861 30.58 -24.83 -33.10
CA GLN B 861 30.56 -25.32 -34.48
C GLN B 861 30.24 -26.79 -34.49
N GLU B 862 29.07 -27.14 -35.01
CA GLU B 862 28.55 -28.49 -34.85
C GLU B 862 28.63 -29.26 -36.14
N LYS B 863 28.66 -30.58 -36.01
CA LYS B 863 28.68 -31.49 -37.14
C LYS B 863 27.62 -32.56 -36.98
N ASN B 864 27.18 -33.09 -38.12
CA ASN B 864 26.22 -34.17 -38.18
C ASN B 864 26.91 -35.51 -38.06
N PHE B 865 26.34 -36.41 -37.26
CA PHE B 865 26.83 -37.77 -37.16
C PHE B 865 25.66 -38.72 -37.05
N THR B 866 25.97 -40.00 -37.12
CA THR B 866 24.99 -41.09 -37.05
C THR B 866 25.17 -41.81 -35.72
N THR B 867 24.10 -41.99 -34.97
CA THR B 867 24.14 -42.69 -33.69
C THR B 867 23.53 -44.07 -33.73
N ALA B 868 23.63 -44.71 -32.57
CA ALA B 868 23.04 -45.97 -32.22
C ALA B 868 23.03 -46.00 -30.71
N PRO B 869 21.97 -46.52 -30.08
CA PRO B 869 21.94 -46.57 -28.62
C PRO B 869 22.84 -47.62 -28.02
N ALA B 870 23.22 -48.65 -28.76
CA ALA B 870 24.03 -49.72 -28.21
C ALA B 870 24.87 -50.33 -29.32
N ILE B 871 25.83 -51.17 -28.92
CA ILE B 871 26.68 -51.91 -29.84
C ILE B 871 26.57 -53.38 -29.50
N CYS B 872 26.24 -54.20 -30.50
CA CYS B 872 26.29 -55.65 -30.35
C CYS B 872 27.66 -56.15 -30.75
N HIS B 873 28.32 -56.88 -29.86
CA HIS B 873 29.62 -57.44 -30.17
C HIS B 873 29.61 -58.96 -30.20
N ASP B 874 29.23 -59.63 -29.12
CA ASP B 874 29.28 -61.06 -29.05
C ASP B 874 27.96 -61.60 -28.57
N GLY B 875 26.87 -61.04 -29.08
CA GLY B 875 25.59 -61.28 -28.47
C GLY B 875 25.40 -60.55 -27.16
N LYS B 876 26.17 -59.48 -26.94
CA LYS B 876 26.11 -58.68 -25.74
C LYS B 876 25.97 -57.23 -26.14
N ALA B 877 25.06 -56.52 -25.49
CA ALA B 877 24.86 -55.12 -25.78
C ALA B 877 25.82 -54.29 -24.95
N HIS B 878 26.50 -53.35 -25.59
CA HIS B 878 27.39 -52.45 -24.90
C HIS B 878 26.83 -51.04 -24.94
N PHE B 879 26.77 -50.40 -23.79
CA PHE B 879 26.30 -49.06 -23.61
C PHE B 879 27.48 -48.19 -23.19
N PRO B 880 27.52 -46.90 -23.57
CA PRO B 880 28.65 -46.07 -23.16
C PRO B 880 28.54 -45.71 -21.70
N ARG B 881 29.70 -45.57 -21.05
CA ARG B 881 29.70 -45.16 -19.65
C ARG B 881 29.30 -43.71 -19.51
N GLU B 882 29.94 -42.83 -20.28
CA GLU B 882 29.77 -41.41 -20.07
C GLU B 882 29.76 -40.62 -21.37
N GLY B 883 29.53 -41.28 -22.50
CA GLY B 883 29.53 -40.60 -23.77
C GLY B 883 28.41 -41.04 -24.69
N VAL B 884 28.63 -40.90 -25.98
CA VAL B 884 27.63 -41.25 -26.99
C VAL B 884 28.36 -41.88 -28.17
N PHE B 885 27.78 -42.92 -28.74
CA PHE B 885 28.35 -43.56 -29.92
C PHE B 885 28.05 -42.74 -31.16
N VAL B 886 29.08 -42.40 -31.93
CA VAL B 886 28.91 -41.66 -33.17
C VAL B 886 29.62 -42.41 -34.28
N SER B 887 29.34 -42.03 -35.51
CA SER B 887 29.91 -42.68 -36.67
C SER B 887 30.24 -41.67 -37.75
N ASN B 888 31.40 -41.82 -38.39
CA ASN B 888 31.71 -40.95 -39.52
C ASN B 888 31.16 -41.47 -40.84
N GLY B 889 30.42 -42.57 -40.81
CA GLY B 889 29.99 -43.28 -41.99
C GLY B 889 30.68 -44.61 -42.16
N THR B 890 31.87 -44.77 -41.61
CA THR B 890 32.60 -46.02 -41.71
C THR B 890 32.89 -46.61 -40.33
N HIS B 891 33.49 -45.83 -39.45
CA HIS B 891 33.94 -46.31 -38.15
C HIS B 891 33.07 -45.73 -37.05
N TRP B 892 32.87 -46.50 -36.00
CA TRP B 892 32.11 -46.06 -34.85
C TRP B 892 33.06 -45.69 -33.74
N PHE B 893 32.84 -44.54 -33.13
CA PHE B 893 33.61 -44.06 -32.00
C PHE B 893 32.66 -43.79 -30.86
N VAL B 894 33.23 -43.56 -29.68
CA VAL B 894 32.48 -43.02 -28.55
C VAL B 894 33.10 -41.67 -28.23
N THR B 895 32.25 -40.69 -27.96
CA THR B 895 32.74 -39.36 -27.68
C THR B 895 32.05 -38.80 -26.46
N GLN B 896 32.61 -37.73 -25.93
CA GLN B 896 31.92 -37.01 -24.89
C GLN B 896 30.87 -36.11 -25.51
N ARG B 897 29.99 -35.61 -24.69
CA ARG B 897 28.74 -35.07 -25.19
C ARG B 897 28.81 -33.63 -25.62
N ASN B 898 29.71 -32.82 -25.08
CA ASN B 898 29.71 -31.39 -25.33
C ASN B 898 30.90 -30.91 -26.14
N PHE B 899 31.75 -31.80 -26.59
CA PHE B 899 32.92 -31.44 -27.37
C PHE B 899 33.26 -32.65 -28.19
N TYR B 900 33.57 -32.46 -29.46
CA TYR B 900 33.87 -33.60 -30.32
C TYR B 900 35.27 -34.10 -30.05
N GLU B 901 35.37 -35.30 -29.49
CA GLU B 901 36.66 -35.95 -29.28
C GLU B 901 36.45 -37.45 -29.37
N PRO B 902 36.69 -38.04 -30.54
CA PRO B 902 36.38 -39.46 -30.72
C PRO B 902 37.45 -40.36 -30.14
N GLN B 903 37.02 -41.55 -29.71
CA GLN B 903 37.93 -42.54 -29.17
C GLN B 903 37.53 -43.93 -29.63
N ILE B 904 38.47 -44.85 -29.55
CA ILE B 904 38.26 -46.24 -29.92
C ILE B 904 37.39 -46.91 -28.86
N ILE B 905 36.36 -47.63 -29.30
CA ILE B 905 35.45 -48.32 -28.38
C ILE B 905 36.18 -49.53 -27.79
N THR B 906 36.44 -49.48 -26.49
CA THR B 906 37.02 -50.61 -25.77
C THR B 906 36.06 -51.01 -24.67
N THR B 907 36.47 -52.01 -23.87
CA THR B 907 35.66 -52.37 -22.71
C THR B 907 35.89 -51.45 -21.53
N ASP B 908 36.89 -50.58 -21.61
CA ASP B 908 37.07 -49.54 -20.62
C ASP B 908 36.04 -48.43 -20.78
N ASN B 909 35.56 -48.20 -21.99
CA ASN B 909 34.59 -47.18 -22.27
C ASN B 909 33.15 -47.61 -22.05
N THR B 910 32.86 -48.90 -22.10
CA THR B 910 31.50 -49.39 -22.22
C THR B 910 31.18 -50.32 -21.07
N PHE B 911 29.89 -50.51 -20.83
CA PHE B 911 29.44 -51.54 -19.91
C PHE B 911 28.42 -52.43 -20.61
N VAL B 912 28.33 -53.66 -20.14
CA VAL B 912 27.53 -54.70 -20.79
C VAL B 912 26.25 -54.90 -20.00
N SER B 913 25.12 -54.99 -20.70
CA SER B 913 23.86 -55.28 -20.02
C SER B 913 22.96 -56.07 -20.96
N GLY B 914 22.83 -57.35 -20.71
CA GLY B 914 21.89 -58.14 -21.45
C GLY B 914 22.41 -58.51 -22.82
N ASN B 915 21.50 -59.04 -23.62
CA ASN B 915 21.85 -59.53 -24.94
C ASN B 915 21.25 -58.65 -26.03
N CYS B 916 21.55 -58.99 -27.27
CA CYS B 916 21.20 -58.16 -28.42
C CYS B 916 19.84 -58.54 -28.98
N ASP B 917 18.82 -58.45 -28.14
CA ASP B 917 17.49 -58.90 -28.52
C ASP B 917 16.40 -57.91 -28.14
N VAL B 918 16.67 -56.96 -27.25
CA VAL B 918 15.64 -56.13 -26.66
C VAL B 918 15.80 -54.66 -27.05
N VAL B 919 17.02 -54.22 -27.35
CA VAL B 919 17.25 -52.83 -27.71
C VAL B 919 16.91 -52.62 -29.18
N ILE B 920 16.18 -51.53 -29.47
CA ILE B 920 15.54 -51.33 -30.76
C ILE B 920 16.55 -50.92 -31.83
N GLY B 921 17.42 -49.96 -31.56
CA GLY B 921 18.29 -49.45 -32.59
C GLY B 921 19.72 -49.96 -32.56
N ILE B 922 19.93 -51.16 -32.03
CA ILE B 922 21.28 -51.69 -31.81
C ILE B 922 21.96 -52.06 -33.14
N VAL B 923 23.26 -51.74 -33.23
CA VAL B 923 24.04 -52.03 -34.44
C VAL B 923 25.24 -52.89 -34.07
N ASN B 924 25.90 -53.38 -35.12
CA ASN B 924 27.01 -54.33 -35.03
C ASN B 924 28.34 -53.65 -35.24
N ASN B 925 29.25 -53.77 -34.27
CA ASN B 925 30.65 -53.44 -34.48
C ASN B 925 31.44 -54.31 -33.49
N THR B 926 32.76 -54.08 -33.39
CA THR B 926 33.64 -54.79 -32.49
C THR B 926 34.03 -53.89 -31.32
N VAL B 927 34.21 -54.51 -30.16
CA VAL B 927 34.67 -53.84 -28.95
C VAL B 927 36.04 -54.40 -28.63
N TYR B 928 37.01 -53.51 -28.37
CA TYR B 928 38.41 -53.79 -28.64
C TYR B 928 39.05 -54.75 -27.63
N ASP B 929 38.76 -54.58 -26.31
CA ASP B 929 39.32 -55.31 -25.17
C ASP B 929 40.85 -55.29 -25.14
N PRO B 930 41.48 -54.21 -24.67
CA PRO B 930 42.95 -54.14 -24.70
C PRO B 930 43.68 -54.99 -23.66
N LEU B 931 43.58 -56.30 -23.79
CA LEU B 931 44.31 -57.30 -23.03
C LEU B 931 45.02 -58.29 -23.94
N GLN B 932 44.41 -58.61 -25.09
CA GLN B 932 45.02 -59.48 -26.10
C GLN B 932 46.35 -58.98 -26.71
N PRO B 933 46.58 -57.68 -27.00
CA PRO B 933 47.98 -57.29 -27.33
C PRO B 933 48.92 -57.35 -26.15
N GLU B 934 48.42 -57.24 -24.92
CA GLU B 934 49.28 -57.39 -23.75
C GLU B 934 49.51 -58.86 -23.39
N LEU B 935 48.75 -59.77 -24.00
CA LEU B 935 48.94 -61.20 -23.77
C LEU B 935 50.06 -61.74 -24.66
N ASP B 936 50.02 -61.42 -25.95
CA ASP B 936 51.03 -61.90 -26.89
C ASP B 936 52.30 -61.08 -26.80
N GLN C 1 -79.18 10.15 6.60
CA GLN C 1 -80.10 9.26 7.29
C GLN C 1 -79.47 7.90 7.57
N CYS C 2 -79.65 7.44 8.81
CA CYS C 2 -79.23 6.12 9.25
C CYS C 2 -80.03 5.73 10.48
N VAL C 3 -79.78 4.53 10.97
CA VAL C 3 -80.37 4.03 12.20
C VAL C 3 -79.23 3.60 13.10
N ASN C 4 -79.46 3.63 14.41
CA ASN C 4 -78.52 3.10 15.37
C ASN C 4 -78.74 1.59 15.48
N LEU C 5 -77.76 0.82 15.06
CA LEU C 5 -77.93 -0.62 15.00
C LEU C 5 -77.39 -1.32 16.24
N THR C 6 -77.95 -2.49 16.51
CA THR C 6 -77.51 -3.39 17.57
C THR C 6 -77.21 -4.76 16.97
N THR C 7 -77.06 -5.76 17.83
CA THR C 7 -76.88 -7.20 17.52
C THR C 7 -75.63 -7.44 16.67
N ARG C 8 -74.47 -7.17 17.28
CA ARG C 8 -73.18 -7.43 16.67
C ARG C 8 -72.44 -8.47 17.50
N THR C 9 -71.91 -9.48 16.84
CA THR C 9 -71.28 -10.62 17.49
C THR C 9 -69.77 -10.58 17.31
N GLN C 10 -69.04 -10.82 18.41
CA GLN C 10 -67.59 -10.87 18.38
C GLN C 10 -67.13 -12.30 18.15
N LEU C 11 -66.12 -12.48 17.29
CA LEU C 11 -65.63 -13.80 16.94
C LEU C 11 -64.11 -13.84 17.12
N PRO C 12 -63.55 -15.00 17.46
CA PRO C 12 -62.07 -15.11 17.54
C PRO C 12 -61.45 -15.13 16.15
N PRO C 13 -60.27 -14.55 15.98
CA PRO C 13 -59.68 -14.45 14.64
C PRO C 13 -59.03 -15.74 14.17
N ALA C 14 -59.27 -16.08 12.91
CA ALA C 14 -58.59 -17.19 12.28
C ALA C 14 -57.28 -16.69 11.68
N TYR C 15 -56.26 -17.54 11.74
CA TYR C 15 -54.93 -17.16 11.28
C TYR C 15 -54.46 -18.12 10.20
N THR C 16 -53.77 -17.56 9.20
CA THR C 16 -53.13 -18.35 8.16
C THR C 16 -51.72 -17.80 7.96
N ASN C 17 -51.01 -18.33 6.97
CA ASN C 17 -49.60 -18.00 6.79
C ASN C 17 -49.36 -17.44 5.39
N SER C 18 -48.55 -16.38 5.33
CA SER C 18 -48.31 -15.64 4.10
C SER C 18 -47.16 -16.29 3.33
N PHE C 19 -47.52 -17.11 2.35
CA PHE C 19 -46.57 -17.97 1.64
C PHE C 19 -45.88 -17.20 0.52
N THR C 20 -44.92 -16.35 0.93
CA THR C 20 -44.11 -15.44 0.08
C THR C 20 -44.99 -14.54 -0.80
N ARG C 21 -45.73 -13.68 -0.14
CA ARG C 21 -46.71 -12.84 -0.81
C ARG C 21 -46.48 -11.39 -0.41
N GLY C 22 -46.94 -10.47 -1.26
CA GLY C 22 -46.90 -9.07 -0.93
C GLY C 22 -45.68 -8.32 -1.41
N VAL C 23 -45.08 -8.75 -2.51
CA VAL C 23 -43.94 -8.08 -3.11
C VAL C 23 -44.44 -7.27 -4.30
N TYR C 24 -44.09 -6.00 -4.35
CA TYR C 24 -44.51 -5.11 -5.42
C TYR C 24 -43.28 -4.54 -6.13
N TYR C 25 -43.50 -3.58 -7.01
CA TYR C 25 -42.40 -2.87 -7.65
C TYR C 25 -42.16 -1.58 -6.88
N PRO C 26 -41.00 -1.40 -6.24
CA PRO C 26 -40.82 -0.25 -5.35
C PRO C 26 -40.56 1.05 -6.08
N ASP C 27 -40.12 0.96 -7.33
CA ASP C 27 -39.70 2.12 -8.10
C ASP C 27 -40.22 2.01 -9.52
N LYS C 28 -40.13 3.12 -10.24
CA LYS C 28 -40.63 3.21 -11.61
C LYS C 28 -39.50 3.05 -12.62
N VAL C 29 -38.51 2.24 -12.27
CA VAL C 29 -37.23 2.17 -12.95
C VAL C 29 -37.04 0.77 -13.50
N PHE C 30 -36.85 0.66 -14.82
CA PHE C 30 -36.61 -0.63 -15.43
C PHE C 30 -35.17 -1.06 -15.24
N ARG C 31 -34.99 -2.32 -14.88
CA ARG C 31 -33.67 -2.94 -14.87
C ARG C 31 -33.85 -4.33 -15.45
N SER C 32 -32.73 -4.97 -15.79
CA SER C 32 -32.83 -6.26 -16.46
C SER C 32 -31.76 -7.21 -15.98
N SER C 33 -32.20 -8.45 -15.66
CA SER C 33 -31.38 -9.63 -15.34
C SER C 33 -30.43 -9.39 -14.15
N VAL C 34 -30.94 -8.71 -13.13
CA VAL C 34 -30.10 -8.12 -12.11
C VAL C 34 -30.71 -8.47 -10.76
N LEU C 35 -29.93 -8.31 -9.71
CA LEU C 35 -30.36 -8.49 -8.33
C LEU C 35 -30.24 -7.14 -7.65
N HIS C 36 -31.33 -6.63 -7.11
CA HIS C 36 -31.33 -5.32 -6.47
C HIS C 36 -31.78 -5.41 -5.03
N SER C 37 -31.05 -4.77 -4.14
CA SER C 37 -31.35 -4.78 -2.71
C SER C 37 -32.05 -3.49 -2.34
N THR C 38 -33.24 -3.59 -1.77
CA THR C 38 -33.94 -2.38 -1.38
C THR C 38 -34.52 -2.46 0.02
N GLN C 39 -34.57 -1.30 0.68
CA GLN C 39 -35.01 -1.17 2.05
C GLN C 39 -36.32 -0.41 2.04
N ASP C 40 -37.43 -1.10 2.27
CA ASP C 40 -38.75 -0.49 2.07
C ASP C 40 -39.70 -1.16 3.08
N LEU C 41 -41.00 -1.03 2.84
CA LEU C 41 -42.03 -1.56 3.75
C LEU C 41 -42.69 -2.74 3.04
N PHE C 42 -42.64 -3.92 3.65
CA PHE C 42 -43.26 -5.07 2.99
C PHE C 42 -43.99 -5.94 4.01
N LEU C 43 -44.64 -6.96 3.46
CA LEU C 43 -45.14 -8.09 4.21
C LEU C 43 -44.02 -9.11 4.27
N PRO C 44 -43.54 -9.48 5.46
CA PRO C 44 -42.43 -10.45 5.54
C PRO C 44 -42.83 -11.85 5.12
N PHE C 45 -41.84 -12.60 4.66
CA PHE C 45 -42.06 -13.97 4.22
C PHE C 45 -42.38 -14.84 5.41
N PHE C 46 -43.43 -15.67 5.25
CA PHE C 46 -43.99 -16.57 6.27
C PHE C 46 -44.39 -15.81 7.55
N SER C 47 -45.37 -14.93 7.40
CA SER C 47 -45.91 -14.18 8.52
C SER C 47 -47.36 -14.54 8.75
N ASN C 48 -47.83 -14.24 9.95
CA ASN C 48 -49.18 -14.61 10.38
C ASN C 48 -50.16 -13.60 9.81
N VAL C 49 -50.94 -14.04 8.83
CA VAL C 49 -51.90 -13.19 8.14
C VAL C 49 -53.31 -13.48 8.65
N THR C 50 -54.03 -12.43 9.01
CA THR C 50 -55.33 -12.60 9.64
C THR C 50 -56.37 -12.88 8.56
N TRP C 51 -57.23 -13.85 8.79
CA TRP C 51 -58.17 -14.28 7.79
C TRP C 51 -59.57 -13.98 8.30
N PHE C 52 -60.39 -13.36 7.46
CA PHE C 52 -61.80 -13.19 7.72
C PHE C 52 -62.58 -13.88 6.60
N HIS C 53 -63.61 -14.61 7.00
CA HIS C 53 -64.45 -15.36 6.09
C HIS C 53 -65.88 -15.00 6.45
N VAL C 54 -66.69 -14.66 5.44
CA VAL C 54 -68.10 -14.42 5.65
C VAL C 54 -68.88 -15.50 4.88
N ILE C 55 -69.91 -16.03 5.52
CA ILE C 55 -70.61 -17.21 5.03
C ILE C 55 -72.06 -17.19 5.50
N THR C 61 -73.87 -11.16 13.70
CA THR C 61 -74.79 -12.19 13.27
C THR C 61 -74.42 -12.73 11.89
N LYS C 62 -74.75 -14.01 11.68
CA LYS C 62 -74.74 -14.71 10.39
C LYS C 62 -73.38 -14.78 9.71
N ARG C 63 -72.29 -14.78 10.51
CA ARG C 63 -70.88 -14.83 10.06
C ARG C 63 -70.53 -13.68 9.12
N PHE C 64 -70.37 -12.50 9.71
CA PHE C 64 -70.18 -11.28 8.93
C PHE C 64 -69.21 -10.37 9.63
N ASP C 65 -67.95 -10.46 9.26
CA ASP C 65 -66.94 -9.65 9.89
C ASP C 65 -66.49 -8.61 8.87
N ASN C 66 -66.83 -7.35 9.14
CA ASN C 66 -66.08 -6.22 8.61
C ASN C 66 -65.77 -5.23 9.74
N PRO C 67 -64.90 -5.62 10.68
CA PRO C 67 -64.64 -4.75 11.83
C PRO C 67 -63.65 -3.64 11.52
N VAL C 68 -63.59 -2.68 12.44
CA VAL C 68 -62.76 -1.51 12.23
C VAL C 68 -61.35 -1.85 12.69
N LEU C 69 -60.47 -2.10 11.72
CA LEU C 69 -59.10 -2.60 11.78
C LEU C 69 -58.12 -1.44 11.82
N PRO C 70 -56.97 -1.53 12.48
CA PRO C 70 -56.01 -0.42 12.39
C PRO C 70 -55.13 -0.40 11.14
N PHE C 71 -54.73 0.81 10.76
CA PHE C 71 -53.89 1.05 9.60
C PHE C 71 -52.56 1.51 10.20
N ASN C 72 -51.64 0.57 10.41
CA ASN C 72 -50.46 0.85 11.21
C ASN C 72 -49.40 1.60 10.39
N ASP C 73 -48.84 0.94 9.38
CA ASP C 73 -47.89 1.57 8.47
C ASP C 73 -48.09 1.11 7.04
N GLY C 74 -49.33 0.83 6.65
CA GLY C 74 -49.57 0.30 5.34
C GLY C 74 -50.07 -1.12 5.48
N VAL C 75 -50.96 -1.54 4.59
CA VAL C 75 -51.70 -2.79 4.75
C VAL C 75 -51.65 -3.55 3.43
N TYR C 76 -51.22 -4.81 3.48
CA TYR C 76 -51.51 -5.76 2.42
C TYR C 76 -52.92 -6.24 2.65
N PHE C 77 -53.75 -6.16 1.63
CA PHE C 77 -55.14 -6.59 1.72
C PHE C 77 -55.41 -7.47 0.51
N ALA C 78 -55.74 -8.72 0.75
CA ALA C 78 -56.04 -9.63 -0.34
C ALA C 78 -57.48 -10.11 -0.22
N SER C 79 -58.00 -10.61 -1.34
CA SER C 79 -59.37 -11.12 -1.36
C SER C 79 -59.45 -12.22 -2.40
N ILE C 80 -60.03 -13.36 -2.05
CA ILE C 80 -60.23 -14.43 -3.03
C ILE C 80 -61.73 -14.57 -3.24
N GLU C 81 -62.18 -14.20 -4.44
CA GLU C 81 -63.59 -13.97 -4.69
C GLU C 81 -63.89 -14.15 -6.17
N LYS C 82 -65.14 -14.52 -6.47
CA LYS C 82 -65.63 -14.60 -7.83
C LYS C 82 -66.93 -13.82 -7.95
N SER C 83 -67.70 -13.80 -6.87
CA SER C 83 -69.05 -13.26 -6.88
C SER C 83 -69.10 -11.74 -6.73
N ASN C 84 -67.95 -11.08 -6.58
CA ASN C 84 -67.77 -9.62 -6.51
C ASN C 84 -68.55 -9.00 -5.34
N ILE C 85 -68.22 -9.46 -4.14
CA ILE C 85 -68.93 -9.06 -2.94
C ILE C 85 -68.19 -7.97 -2.17
N ILE C 86 -66.87 -8.00 -2.15
CA ILE C 86 -66.11 -7.00 -1.40
C ILE C 86 -65.96 -5.77 -2.29
N ARG C 87 -66.15 -4.58 -1.69
CA ARG C 87 -66.28 -3.37 -2.49
C ARG C 87 -65.17 -2.36 -2.21
N GLY C 88 -65.04 -1.86 -0.99
CA GLY C 88 -64.35 -0.61 -0.83
C GLY C 88 -63.76 -0.48 0.56
N TRP C 89 -63.27 0.73 0.85
CA TRP C 89 -62.51 1.00 2.07
C TRP C 89 -62.84 2.37 2.64
N ILE C 90 -63.03 2.44 3.96
CA ILE C 90 -63.12 3.70 4.70
C ILE C 90 -61.80 3.87 5.45
N PHE C 91 -61.16 5.02 5.31
CA PHE C 91 -59.98 5.32 6.11
C PHE C 91 -60.25 6.55 6.97
N GLY C 92 -59.85 6.51 8.24
CA GLY C 92 -60.01 7.66 9.10
C GLY C 92 -59.24 7.49 10.38
N THR C 93 -59.32 8.53 11.22
CA THR C 93 -58.69 8.50 12.54
C THR C 93 -59.73 8.47 13.65
N THR C 94 -60.64 9.43 13.71
CA THR C 94 -61.62 9.45 14.78
C THR C 94 -63.01 8.99 14.36
N LEU C 95 -63.33 9.11 13.06
CA LEU C 95 -64.61 8.73 12.42
C LEU C 95 -65.83 9.40 13.05
N ASP C 96 -65.67 10.59 13.64
CA ASP C 96 -66.72 11.21 14.44
C ASP C 96 -66.71 12.72 14.15
N SER C 97 -66.66 13.09 12.86
CA SER C 97 -66.88 14.43 12.31
C SER C 97 -65.89 15.51 12.74
N LYS C 98 -64.80 15.14 13.43
CA LYS C 98 -63.81 16.12 13.82
C LYS C 98 -62.78 16.33 12.73
N THR C 99 -62.24 15.25 12.18
CA THR C 99 -61.19 15.33 11.18
C THR C 99 -61.67 14.71 9.87
N GLN C 100 -60.93 15.00 8.82
CA GLN C 100 -61.27 14.60 7.47
C GLN C 100 -60.99 13.11 7.27
N SER C 101 -61.81 12.47 6.44
CA SER C 101 -61.71 11.03 6.25
C SER C 101 -61.74 10.67 4.78
N LEU C 102 -61.03 9.60 4.43
CA LEU C 102 -61.03 8.98 3.11
C LEU C 102 -62.18 8.02 2.95
N LEU C 103 -62.71 7.97 1.74
CA LEU C 103 -63.73 7.02 1.38
C LEU C 103 -63.51 6.62 -0.07
N ILE C 104 -63.26 5.33 -0.29
CA ILE C 104 -63.02 4.77 -1.61
C ILE C 104 -64.10 3.73 -1.84
N VAL C 105 -64.98 3.99 -2.80
CA VAL C 105 -66.06 3.08 -3.15
C VAL C 105 -65.84 2.64 -4.59
N ASN C 106 -65.72 1.33 -4.78
CA ASN C 106 -65.53 0.76 -6.10
C ASN C 106 -66.88 0.28 -6.65
N ASN C 107 -67.69 1.26 -7.00
CA ASN C 107 -68.97 0.97 -7.63
C ASN C 107 -68.72 0.59 -9.09
N ALA C 108 -69.70 -0.11 -9.68
CA ALA C 108 -69.61 -0.54 -11.07
C ALA C 108 -69.75 0.62 -12.05
N THR C 109 -70.35 1.73 -11.64
CA THR C 109 -70.42 2.91 -12.50
C THR C 109 -69.37 3.95 -12.18
N ASN C 110 -68.80 3.97 -10.98
CA ASN C 110 -67.88 5.02 -10.55
C ASN C 110 -66.92 4.51 -9.47
N VAL C 111 -65.63 4.75 -9.68
CA VAL C 111 -64.68 4.62 -8.58
C VAL C 111 -64.63 5.99 -7.91
N VAL C 112 -65.04 6.07 -6.66
CA VAL C 112 -65.21 7.35 -5.99
C VAL C 112 -64.23 7.43 -4.83
N ILE C 113 -63.36 8.42 -4.86
CA ILE C 113 -62.39 8.65 -3.80
C ILE C 113 -62.62 10.06 -3.29
N LYS C 114 -63.17 10.19 -2.09
CA LYS C 114 -63.36 11.52 -1.54
C LYS C 114 -62.92 11.61 -0.08
N VAL C 115 -62.36 12.75 0.29
CA VAL C 115 -62.02 13.08 1.67
C VAL C 115 -62.90 14.24 2.13
N CYS C 116 -63.61 14.04 3.23
CA CYS C 116 -64.45 15.13 3.72
C CYS C 116 -64.62 14.99 5.22
N GLU C 117 -65.13 16.06 5.83
CA GLU C 117 -65.61 16.01 7.22
C GLU C 117 -67.09 15.67 7.24
N PHE C 118 -67.38 14.38 7.11
CA PHE C 118 -68.75 13.91 7.03
C PHE C 118 -69.44 13.96 8.38
N GLN C 119 -70.75 13.77 8.35
CA GLN C 119 -71.51 13.44 9.55
C GLN C 119 -71.54 11.92 9.57
N PHE C 120 -71.22 11.35 10.73
CA PHE C 120 -71.07 9.91 10.77
C PHE C 120 -72.16 9.29 11.63
N CYS C 121 -72.32 7.99 11.48
CA CYS C 121 -73.33 7.23 12.19
C CYS C 121 -72.64 6.30 13.19
N ASN C 122 -73.45 5.68 14.06
CA ASN C 122 -72.91 4.82 15.10
C ASN C 122 -72.39 3.50 14.54
N ASP C 123 -73.12 2.89 13.62
CA ASP C 123 -72.63 1.75 12.83
C ASP C 123 -72.77 2.10 11.35
N PRO C 124 -71.80 2.82 10.78
CA PRO C 124 -71.95 3.27 9.39
C PRO C 124 -71.37 2.35 8.33
N PHE C 125 -72.19 2.14 7.28
CA PHE C 125 -71.99 1.22 6.15
C PHE C 125 -72.98 1.56 5.03
N LEU C 126 -73.10 0.63 4.07
CA LEU C 126 -74.02 0.69 2.94
C LEU C 126 -74.97 -0.50 2.97
N ASP C 127 -76.23 -0.26 2.60
CA ASP C 127 -77.31 -1.23 2.49
C ASP C 127 -77.55 -1.59 1.03
N HIS C 128 -78.10 -2.79 0.81
CA HIS C 128 -78.38 -3.24 -0.55
C HIS C 128 -79.85 -3.66 -0.66
N LYS C 129 -80.45 -3.34 -1.80
CA LYS C 129 -81.84 -3.67 -2.10
C LYS C 129 -81.87 -4.54 -3.36
N ASN C 130 -82.73 -5.55 -3.35
CA ASN C 130 -82.75 -6.57 -4.40
C ASN C 130 -84.12 -6.57 -5.06
N ASN C 131 -84.13 -6.35 -6.37
CA ASN C 131 -85.31 -6.57 -7.22
C ASN C 131 -84.87 -7.20 -8.54
N LYS C 132 -83.93 -8.16 -8.43
CA LYS C 132 -83.16 -8.82 -9.49
C LYS C 132 -82.38 -7.82 -10.36
N SER C 133 -81.98 -6.69 -9.79
CA SER C 133 -81.09 -5.73 -10.43
C SER C 133 -80.27 -5.19 -9.27
N TRP C 134 -79.13 -5.82 -9.02
CA TRP C 134 -78.51 -5.79 -7.70
C TRP C 134 -77.50 -4.68 -7.59
N MET C 135 -77.89 -3.55 -6.98
CA MET C 135 -76.99 -2.44 -6.76
C MET C 135 -77.35 -1.83 -5.41
N GLU C 136 -76.45 -1.03 -4.86
CA GLU C 136 -76.71 -0.15 -3.73
C GLU C 136 -77.70 0.97 -4.04
N SER C 137 -78.69 1.13 -3.14
CA SER C 137 -79.64 2.24 -3.17
C SER C 137 -79.89 2.84 -1.79
N GLU C 138 -79.08 2.48 -0.78
CA GLU C 138 -79.15 3.13 0.53
C GLU C 138 -77.79 3.12 1.22
N PHE C 139 -77.29 4.30 1.56
CA PHE C 139 -75.91 4.44 2.03
C PHE C 139 -75.93 5.13 3.39
N ARG C 140 -75.89 4.33 4.44
CA ARG C 140 -76.07 4.86 5.79
C ARG C 140 -74.69 4.98 6.43
N VAL C 141 -73.92 5.94 5.93
CA VAL C 141 -72.83 6.57 6.64
C VAL C 141 -73.12 8.06 6.83
N TYR C 142 -73.58 8.71 5.78
CA TYR C 142 -74.05 10.07 5.77
C TYR C 142 -75.19 10.18 4.78
N SER C 143 -75.71 11.40 4.62
CA SER C 143 -76.54 11.74 3.48
C SER C 143 -76.10 13.01 2.78
N SER C 144 -75.13 13.72 3.34
CA SER C 144 -74.66 14.99 2.82
C SER C 144 -73.23 15.17 3.25
N ALA C 145 -72.67 16.33 2.91
CA ALA C 145 -71.27 16.62 3.15
C ALA C 145 -71.19 18.02 3.72
N ASN C 146 -70.53 18.17 4.88
CA ASN C 146 -70.46 19.46 5.54
C ASN C 146 -69.50 20.42 4.84
N ASN C 147 -68.21 20.11 4.87
CA ASN C 147 -67.19 20.87 4.16
C ASN C 147 -66.02 19.97 3.78
N CYS C 148 -65.59 20.07 2.54
CA CYS C 148 -64.67 19.08 2.00
C CYS C 148 -63.49 19.82 1.38
N THR C 149 -62.43 19.08 1.06
CA THR C 149 -61.29 19.69 0.38
C THR C 149 -60.98 19.06 -0.97
N PHE C 150 -60.77 17.74 -1.00
CA PHE C 150 -60.38 17.03 -2.22
C PHE C 150 -61.42 15.99 -2.54
N GLU C 151 -61.64 15.79 -3.84
CA GLU C 151 -62.56 14.78 -4.34
C GLU C 151 -62.03 14.34 -5.69
N TYR C 152 -62.24 13.06 -6.01
CA TYR C 152 -61.67 12.49 -7.21
C TYR C 152 -62.54 11.33 -7.67
N VAL C 153 -62.71 11.22 -8.98
CA VAL C 153 -63.40 10.08 -9.58
C VAL C 153 -62.45 9.52 -10.63
N SER C 154 -62.07 8.27 -10.48
CA SER C 154 -61.23 7.63 -11.48
C SER C 154 -62.09 7.02 -12.58
N GLN C 155 -61.48 6.17 -13.38
CA GLN C 155 -62.17 5.49 -14.47
C GLN C 155 -63.17 4.44 -13.98
N PRO C 156 -64.30 4.30 -14.67
CA PRO C 156 -65.26 3.24 -14.35
C PRO C 156 -64.86 1.89 -14.93
N PHE C 157 -65.17 0.84 -14.18
CA PHE C 157 -65.10 -0.52 -14.71
C PHE C 157 -66.22 -1.31 -14.07
N LEU C 158 -66.59 -2.41 -14.73
CA LEU C 158 -67.92 -2.97 -14.60
C LEU C 158 -67.90 -4.18 -13.66
N MET C 159 -68.80 -4.16 -12.69
CA MET C 159 -68.94 -5.20 -11.68
C MET C 159 -70.39 -5.67 -11.65
N ASP C 160 -70.59 -6.94 -11.28
CA ASP C 160 -71.93 -7.46 -11.10
C ASP C 160 -72.51 -7.04 -9.75
N LEU C 161 -71.71 -7.24 -8.69
CA LEU C 161 -71.99 -6.88 -7.28
C LEU C 161 -73.25 -7.55 -6.73
N GLU C 162 -73.33 -8.87 -6.87
CA GLU C 162 -74.41 -9.65 -6.30
C GLU C 162 -73.89 -10.50 -5.14
N GLY C 163 -74.65 -10.49 -4.05
CA GLY C 163 -74.32 -11.37 -2.94
C GLY C 163 -74.98 -12.73 -3.09
N LYS C 164 -74.16 -13.73 -3.39
CA LYS C 164 -74.63 -15.10 -3.59
C LYS C 164 -73.73 -16.04 -2.79
N GLN C 165 -73.95 -17.34 -2.97
CA GLN C 165 -73.20 -18.36 -2.25
C GLN C 165 -72.42 -19.28 -3.20
N GLY C 166 -71.70 -18.72 -4.17
CA GLY C 166 -71.00 -19.51 -5.16
C GLY C 166 -69.59 -19.91 -4.81
N ASN C 167 -68.67 -19.76 -5.77
CA ASN C 167 -67.29 -20.21 -5.64
C ASN C 167 -66.36 -19.01 -5.58
N PHE C 168 -65.06 -19.28 -5.43
CA PHE C 168 -64.04 -18.25 -5.63
C PHE C 168 -63.14 -18.65 -6.78
N LYS C 169 -62.86 -17.71 -7.68
CA LYS C 169 -61.96 -18.01 -8.80
C LYS C 169 -60.97 -16.87 -9.03
N ASN C 170 -61.32 -15.66 -8.60
CA ASN C 170 -60.46 -14.49 -8.77
C ASN C 170 -59.62 -14.30 -7.52
N LEU C 171 -58.34 -13.97 -7.70
CA LEU C 171 -57.47 -13.58 -6.60
C LEU C 171 -57.08 -12.13 -6.82
N ARG C 172 -57.36 -11.28 -5.84
CA ARG C 172 -57.01 -9.88 -5.89
C ARG C 172 -56.05 -9.56 -4.76
N GLU C 173 -54.99 -8.82 -5.06
CA GLU C 173 -54.07 -8.32 -4.05
C GLU C 173 -53.97 -6.81 -4.19
N PHE C 174 -53.96 -6.12 -3.05
CA PHE C 174 -53.82 -4.67 -3.01
C PHE C 174 -52.88 -4.32 -1.87
N VAL C 175 -52.14 -3.24 -2.05
CA VAL C 175 -51.25 -2.73 -1.02
C VAL C 175 -51.56 -1.27 -0.86
N PHE C 176 -51.88 -0.85 0.36
CA PHE C 176 -52.20 0.54 0.63
C PHE C 176 -51.07 1.14 1.44
N LYS C 177 -50.46 2.20 0.91
CA LYS C 177 -49.40 2.93 1.61
C LYS C 177 -49.77 4.40 1.68
N ASN C 178 -49.32 5.09 2.72
CA ASN C 178 -49.55 6.52 2.86
C ASN C 178 -48.33 7.09 3.59
N ILE C 179 -47.46 7.74 2.82
CA ILE C 179 -46.32 8.47 3.39
C ILE C 179 -46.51 9.96 3.13
N ASP C 180 -46.25 10.77 4.17
CA ASP C 180 -46.43 12.23 4.35
C ASP C 180 -47.75 12.80 3.77
N GLY C 181 -48.86 12.06 3.90
CA GLY C 181 -50.12 12.50 3.35
C GLY C 181 -50.31 12.16 1.88
N TYR C 182 -49.45 11.32 1.34
CA TYR C 182 -49.38 11.01 -0.08
C TYR C 182 -49.49 9.50 -0.23
N PHE C 183 -50.47 9.06 -1.01
CA PHE C 183 -51.11 7.77 -0.80
C PHE C 183 -50.94 6.96 -2.08
N LYS C 184 -50.37 5.77 -1.96
CA LYS C 184 -50.14 4.89 -3.08
C LYS C 184 -51.01 3.64 -2.96
N ILE C 185 -51.55 3.21 -4.09
CA ILE C 185 -52.30 1.96 -4.18
C ILE C 185 -51.60 1.07 -5.20
N TYR C 186 -51.22 -0.12 -4.77
CA TYR C 186 -50.65 -1.11 -5.67
C TYR C 186 -51.65 -2.25 -5.78
N SER C 187 -51.63 -2.94 -6.91
CA SER C 187 -52.66 -3.94 -7.13
C SER C 187 -52.15 -5.04 -8.04
N LYS C 188 -52.91 -6.13 -8.04
CA LYS C 188 -52.76 -7.26 -8.94
C LYS C 188 -54.05 -8.04 -8.95
N HIS C 189 -54.47 -8.46 -10.13
CA HIS C 189 -55.66 -9.29 -10.31
C HIS C 189 -55.26 -10.51 -11.11
N THR C 190 -55.58 -11.69 -10.60
CA THR C 190 -55.16 -12.93 -11.24
C THR C 190 -56.32 -13.92 -11.27
N PRO C 191 -56.38 -14.76 -12.29
CA PRO C 191 -57.22 -15.96 -12.21
C PRO C 191 -56.48 -17.15 -11.63
N ILE C 192 -57.11 -17.84 -10.68
CA ILE C 192 -56.50 -19.02 -10.06
C ILE C 192 -57.41 -20.22 -10.24
N ILE C 193 -57.04 -21.33 -9.62
CA ILE C 193 -57.82 -22.56 -9.67
C ILE C 193 -59.15 -22.36 -8.93
N VAL C 194 -60.19 -23.05 -9.41
CA VAL C 194 -61.55 -22.91 -8.89
C VAL C 194 -61.65 -23.42 -7.46
N ARG C 195 -61.02 -24.55 -7.16
CA ARG C 195 -61.10 -25.18 -5.84
C ARG C 195 -60.03 -24.56 -4.94
N GLU C 196 -60.38 -24.32 -3.69
CA GLU C 196 -59.48 -23.78 -2.69
C GLU C 196 -59.58 -24.64 -1.44
N PRO C 197 -58.52 -24.68 -0.62
CA PRO C 197 -58.61 -25.37 0.68
C PRO C 197 -59.06 -24.48 1.83
N GLU C 198 -59.71 -23.36 1.50
CA GLU C 198 -59.93 -22.19 2.38
C GLU C 198 -58.60 -21.72 2.98
N ASP C 199 -57.67 -21.44 2.09
CA ASP C 199 -56.33 -21.00 2.48
C ASP C 199 -55.79 -20.09 1.40
N LEU C 200 -54.86 -19.24 1.80
CA LEU C 200 -54.16 -18.39 0.86
C LEU C 200 -53.13 -19.24 0.12
N PRO C 201 -53.17 -19.34 -1.20
CA PRO C 201 -52.36 -20.33 -1.90
C PRO C 201 -50.92 -19.89 -2.07
N GLN C 202 -50.09 -20.83 -2.49
CA GLN C 202 -48.68 -20.58 -2.71
C GLN C 202 -48.46 -19.90 -4.06
N GLY C 203 -47.19 -19.68 -4.39
CA GLY C 203 -46.81 -19.02 -5.61
C GLY C 203 -46.32 -17.60 -5.37
N PHE C 204 -45.70 -17.05 -6.40
CA PHE C 204 -45.12 -15.73 -6.32
C PHE C 204 -45.54 -14.91 -7.53
N SER C 205 -45.98 -13.69 -7.27
CA SER C 205 -46.28 -12.72 -8.30
C SER C 205 -46.01 -11.34 -7.74
N ALA C 206 -45.69 -10.40 -8.63
CA ALA C 206 -45.41 -9.05 -8.19
C ALA C 206 -46.62 -8.16 -8.44
N LEU C 207 -46.65 -7.02 -7.75
CA LEU C 207 -47.82 -6.15 -7.77
C LEU C 207 -47.45 -4.81 -8.40
N GLU C 208 -48.32 -4.31 -9.26
CA GLU C 208 -48.07 -3.19 -10.15
C GLU C 208 -48.85 -1.97 -9.67
N PRO C 209 -48.28 -0.77 -9.70
CA PRO C 209 -48.97 0.38 -9.09
C PRO C 209 -50.05 0.94 -9.99
N LEU C 210 -51.13 1.43 -9.38
CA LEU C 210 -52.25 2.01 -10.12
C LEU C 210 -52.51 3.48 -9.79
N VAL C 211 -52.81 3.83 -8.55
CA VAL C 211 -53.40 5.13 -8.25
C VAL C 211 -52.59 5.80 -7.14
N ASP C 212 -52.12 7.02 -7.40
CA ASP C 212 -51.27 7.74 -6.48
C ASP C 212 -51.88 9.12 -6.25
N LEU C 213 -52.03 9.49 -4.97
CA LEU C 213 -52.92 10.59 -4.58
C LEU C 213 -52.23 11.55 -3.62
N PRO C 214 -52.29 12.86 -3.87
CA PRO C 214 -51.86 13.86 -2.86
C PRO C 214 -52.98 14.27 -1.90
N ILE C 215 -53.23 13.43 -0.89
CA ILE C 215 -54.35 13.68 0.02
C ILE C 215 -53.97 14.70 1.08
N GLY C 216 -53.00 14.36 1.92
CA GLY C 216 -52.50 15.33 2.89
C GLY C 216 -53.19 15.36 4.24
N ILE C 217 -53.83 14.26 4.65
CA ILE C 217 -54.42 14.16 5.97
C ILE C 217 -53.84 12.96 6.70
N ASN C 218 -54.04 12.94 8.01
CA ASN C 218 -53.63 11.81 8.84
C ASN C 218 -54.66 10.70 8.71
N ILE C 219 -54.17 9.47 8.59
CA ILE C 219 -54.97 8.25 8.53
C ILE C 219 -54.37 7.24 9.51
N THR C 220 -55.17 6.73 10.44
CA THR C 220 -54.72 5.69 11.37
C THR C 220 -55.48 4.38 11.28
N ARG C 221 -56.63 4.33 10.60
CA ARG C 221 -57.57 3.25 10.84
C ARG C 221 -58.37 3.00 9.56
N PHE C 222 -58.81 1.76 9.35
CA PHE C 222 -59.63 1.50 8.17
C PHE C 222 -60.72 0.48 8.48
N GLN C 223 -61.63 0.35 7.52
CA GLN C 223 -62.75 -0.56 7.60
C GLN C 223 -63.17 -0.91 6.18
N THR C 224 -63.74 -2.09 5.99
CA THR C 224 -64.08 -2.56 4.66
C THR C 224 -65.57 -2.43 4.38
N LEU C 225 -65.90 -1.92 3.18
CA LEU C 225 -67.26 -1.94 2.67
C LEU C 225 -67.73 -3.35 2.33
N LEU C 226 -68.85 -3.75 2.95
CA LEU C 226 -69.69 -4.85 2.51
C LEU C 226 -71.13 -4.38 2.61
N ALA C 227 -71.89 -4.51 1.52
CA ALA C 227 -73.29 -4.17 1.54
C ALA C 227 -74.11 -5.24 2.25
N LEU C 228 -75.22 -4.84 2.86
CA LEU C 228 -76.14 -5.84 3.40
C LEU C 228 -76.97 -6.39 2.28
N HIS C 229 -76.52 -7.50 1.71
CA HIS C 229 -77.21 -8.10 0.58
C HIS C 229 -78.41 -8.86 1.14
N ARG C 230 -79.51 -8.12 1.34
CA ARG C 230 -80.75 -8.60 1.90
C ARG C 230 -81.44 -9.41 0.81
N SER C 231 -81.06 -10.67 0.70
CA SER C 231 -81.49 -11.49 -0.42
C SER C 231 -82.87 -12.09 -0.16
N TYR C 232 -83.29 -13.00 -1.03
CA TYR C 232 -84.66 -13.48 -1.12
C TYR C 232 -85.06 -14.47 -0.02
N LEU C 233 -84.19 -15.01 0.83
CA LEU C 233 -84.59 -16.04 1.78
C LEU C 233 -84.68 -15.50 3.20
N THR C 234 -84.17 -14.28 3.43
CA THR C 234 -84.25 -13.61 4.73
C THR C 234 -84.84 -12.21 4.57
N PRO C 235 -86.18 -12.07 4.59
CA PRO C 235 -86.78 -10.74 4.64
C PRO C 235 -86.75 -10.18 6.05
N GLY C 236 -86.05 -9.07 6.23
CA GLY C 236 -85.89 -8.51 7.56
C GLY C 236 -85.05 -7.25 7.53
N ASP C 237 -84.62 -6.84 8.71
CA ASP C 237 -84.08 -5.52 8.95
C ASP C 237 -82.57 -5.48 8.69
N SER C 238 -81.96 -4.35 9.03
CA SER C 238 -80.55 -4.14 8.79
C SER C 238 -79.65 -4.84 9.80
N SER C 239 -80.15 -5.06 11.02
CA SER C 239 -79.31 -5.61 12.07
C SER C 239 -79.08 -7.11 11.88
N SER C 240 -80.12 -7.86 11.51
CA SER C 240 -79.98 -9.29 11.32
C SER C 240 -80.70 -9.87 10.10
N GLY C 241 -81.64 -9.14 9.48
CA GLY C 241 -82.48 -9.71 8.45
C GLY C 241 -81.91 -9.64 7.03
N TRP C 242 -80.88 -10.46 6.81
CA TRP C 242 -79.96 -10.49 5.68
C TRP C 242 -79.06 -11.72 5.85
N THR C 243 -78.35 -12.07 4.76
CA THR C 243 -77.45 -13.21 4.72
C THR C 243 -76.10 -12.75 4.17
N ALA C 244 -75.01 -13.35 4.66
CA ALA C 244 -73.67 -12.95 4.23
C ALA C 244 -73.33 -13.46 2.83
N GLY C 245 -73.43 -14.77 2.60
CA GLY C 245 -73.11 -15.32 1.31
C GLY C 245 -71.91 -16.25 1.34
N ALA C 246 -70.85 -15.88 0.63
CA ALA C 246 -69.56 -16.57 0.66
C ALA C 246 -68.48 -15.61 0.17
N ALA C 247 -67.62 -15.15 1.07
CA ALA C 247 -66.47 -14.34 0.66
C ALA C 247 -65.33 -14.51 1.66
N ALA C 248 -64.12 -14.17 1.23
CA ALA C 248 -62.93 -14.42 2.02
C ALA C 248 -61.88 -13.35 1.73
N TYR C 249 -61.43 -12.68 2.78
CA TYR C 249 -60.39 -11.66 2.65
C TYR C 249 -59.37 -11.79 3.76
N TYR C 250 -58.20 -11.20 3.52
CA TYR C 250 -57.02 -11.45 4.33
C TYR C 250 -56.29 -10.15 4.57
N VAL C 251 -55.92 -9.91 5.83
CA VAL C 251 -55.26 -8.70 6.25
C VAL C 251 -53.85 -9.03 6.73
N GLY C 252 -52.86 -8.44 6.08
CA GLY C 252 -51.48 -8.55 6.53
C GLY C 252 -50.91 -7.17 6.69
N TYR C 253 -49.94 -7.05 7.57
CA TYR C 253 -49.41 -5.75 7.96
C TYR C 253 -47.96 -5.64 7.53
N LEU C 254 -47.57 -4.46 7.07
CA LEU C 254 -46.26 -4.25 6.49
C LEU C 254 -45.36 -3.59 7.50
N GLN C 255 -44.10 -3.96 7.48
CA GLN C 255 -43.09 -3.43 8.39
C GLN C 255 -41.82 -3.20 7.57
N PRO C 256 -40.89 -2.30 8.06
CA PRO C 256 -39.67 -2.04 7.27
C PRO C 256 -38.68 -3.19 7.21
N ARG C 257 -38.53 -3.73 6.01
CA ARG C 257 -37.63 -4.84 5.73
C ARG C 257 -36.72 -4.51 4.57
N THR C 258 -35.62 -5.23 4.50
CA THR C 258 -34.75 -5.24 3.34
C THR C 258 -35.14 -6.47 2.53
N PHE C 259 -35.22 -6.33 1.21
CA PHE C 259 -35.45 -7.45 0.33
C PHE C 259 -34.39 -7.47 -0.75
N LEU C 260 -34.20 -8.64 -1.34
CA LEU C 260 -33.33 -8.82 -2.50
C LEU C 260 -34.18 -9.30 -3.66
N LEU C 261 -34.11 -8.60 -4.78
CA LEU C 261 -35.08 -8.76 -5.85
C LEU C 261 -34.38 -9.25 -7.10
N LYS C 262 -35.00 -10.21 -7.77
CA LYS C 262 -34.50 -10.73 -9.05
C LYS C 262 -35.34 -10.15 -10.18
N TYR C 263 -34.78 -9.18 -10.91
CA TYR C 263 -35.44 -8.68 -12.11
C TYR C 263 -34.91 -9.49 -13.28
N ASN C 264 -35.81 -10.00 -14.12
CA ASN C 264 -35.38 -10.89 -15.20
C ASN C 264 -35.10 -10.12 -16.47
N GLU C 265 -35.08 -10.87 -17.58
CA GLU C 265 -34.87 -10.42 -18.95
C GLU C 265 -35.81 -9.29 -19.37
N ASN C 266 -37.10 -9.45 -19.10
CA ASN C 266 -38.07 -8.37 -19.32
C ASN C 266 -38.83 -8.10 -18.04
N GLY C 267 -38.21 -7.33 -17.14
CA GLY C 267 -38.80 -6.59 -16.04
C GLY C 267 -39.73 -7.22 -15.03
N THR C 268 -39.86 -8.55 -15.01
CA THR C 268 -40.81 -9.21 -14.13
C THR C 268 -40.04 -9.88 -13.00
N ILE C 269 -40.49 -9.66 -11.78
CA ILE C 269 -39.84 -10.23 -10.61
C ILE C 269 -40.22 -11.71 -10.55
N THR C 270 -39.27 -12.59 -10.83
CA THR C 270 -39.57 -14.01 -10.78
C THR C 270 -39.40 -14.58 -9.38
N ASP C 271 -38.36 -14.20 -8.66
CA ASP C 271 -38.14 -14.61 -7.28
C ASP C 271 -37.73 -13.40 -6.45
N ALA C 272 -37.84 -13.55 -5.14
CA ALA C 272 -37.33 -12.55 -4.21
C ALA C 272 -36.89 -13.27 -2.95
N VAL C 273 -36.01 -12.61 -2.19
CA VAL C 273 -35.46 -13.17 -0.96
C VAL C 273 -35.70 -12.18 0.16
N ASP C 274 -36.41 -12.62 1.20
CA ASP C 274 -36.53 -11.89 2.44
C ASP C 274 -35.21 -11.99 3.17
N CYS C 275 -34.76 -10.89 3.73
CA CYS C 275 -33.38 -10.79 4.14
C CYS C 275 -33.24 -10.92 5.66
N ALA C 276 -34.33 -11.17 6.37
CA ALA C 276 -34.27 -11.26 7.81
C ALA C 276 -35.00 -12.49 8.33
N LEU C 277 -35.21 -13.50 7.49
CA LEU C 277 -36.04 -14.63 7.87
C LEU C 277 -35.23 -15.70 8.61
N ASP C 278 -34.22 -16.24 7.93
CA ASP C 278 -33.41 -17.35 8.40
C ASP C 278 -31.98 -17.02 8.01
N PRO C 279 -30.97 -17.67 8.62
CA PRO C 279 -29.58 -17.32 8.26
C PRO C 279 -29.14 -17.67 6.84
N LEU C 280 -29.80 -18.60 6.16
CA LEU C 280 -29.40 -18.94 4.80
C LEU C 280 -29.75 -17.83 3.81
N SER C 281 -30.92 -17.22 3.99
CA SER C 281 -31.30 -16.10 3.14
C SER C 281 -30.52 -14.84 3.49
N GLU C 282 -30.08 -14.73 4.74
CA GLU C 282 -29.26 -13.61 5.15
C GLU C 282 -27.83 -13.74 4.63
N THR C 283 -27.37 -15.00 4.48
CA THR C 283 -26.13 -15.29 3.75
C THR C 283 -26.27 -14.92 2.27
N LYS C 284 -27.45 -15.20 1.69
CA LYS C 284 -27.73 -14.85 0.30
C LYS C 284 -27.79 -13.34 0.09
N CYS C 285 -28.24 -12.60 1.10
CA CYS C 285 -28.16 -11.15 1.08
C CYS C 285 -26.74 -10.65 1.10
N THR C 286 -25.88 -11.28 1.92
CA THR C 286 -24.50 -10.84 2.03
C THR C 286 -23.71 -11.11 0.75
N LEU C 287 -23.93 -12.27 0.14
CA LEU C 287 -23.21 -12.54 -1.10
C LEU C 287 -23.83 -11.90 -2.33
N LYS C 288 -25.09 -11.45 -2.22
CA LYS C 288 -25.94 -10.96 -3.32
C LYS C 288 -26.04 -11.98 -4.45
N SER C 289 -26.51 -13.17 -4.08
CA SER C 289 -26.73 -14.25 -5.03
C SER C 289 -27.88 -15.09 -4.55
N PHE C 290 -28.30 -16.04 -5.39
CA PHE C 290 -29.35 -16.98 -5.00
C PHE C 290 -28.85 -18.39 -4.79
N THR C 291 -27.66 -18.71 -5.28
CA THR C 291 -27.06 -20.01 -5.02
C THR C 291 -25.77 -19.77 -4.26
N VAL C 292 -25.70 -20.30 -3.05
CA VAL C 292 -24.53 -20.13 -2.19
C VAL C 292 -23.68 -21.40 -2.28
N GLU C 293 -22.39 -21.20 -2.48
CA GLU C 293 -21.44 -22.29 -2.51
C GLU C 293 -21.08 -22.66 -1.06
N LYS C 294 -20.59 -23.89 -0.87
CA LYS C 294 -20.24 -24.46 0.43
C LYS C 294 -19.16 -23.69 1.16
N GLY C 295 -19.35 -23.47 2.47
CA GLY C 295 -18.27 -22.98 3.31
C GLY C 295 -18.75 -22.10 4.45
N ILE C 296 -17.86 -21.19 4.83
CA ILE C 296 -17.98 -20.28 5.97
C ILE C 296 -18.25 -18.88 5.48
N TYR C 297 -19.29 -18.25 6.00
CA TYR C 297 -19.62 -16.87 5.64
C TYR C 297 -19.96 -16.09 6.88
N GLN C 298 -19.27 -14.97 7.08
CA GLN C 298 -19.67 -14.01 8.08
C GLN C 298 -20.79 -13.17 7.50
N THR C 299 -21.97 -13.28 8.10
CA THR C 299 -23.14 -12.56 7.62
C THR C 299 -23.48 -11.36 8.49
N SER C 300 -23.63 -11.56 9.79
CA SER C 300 -24.04 -10.47 10.64
C SER C 300 -23.42 -10.62 12.01
N ASN C 301 -23.95 -9.86 12.94
CA ASN C 301 -23.41 -9.74 14.29
C ASN C 301 -24.54 -9.95 15.26
N PHE C 302 -24.20 -10.09 16.52
CA PHE C 302 -25.21 -10.23 17.56
C PHE C 302 -24.84 -9.38 18.74
N ARG C 303 -25.85 -8.77 19.35
CA ARG C 303 -25.65 -7.91 20.49
C ARG C 303 -26.59 -8.36 21.61
N VAL C 304 -26.03 -8.62 22.79
CA VAL C 304 -26.88 -8.86 23.95
C VAL C 304 -27.42 -7.52 24.40
N GLN C 305 -28.73 -7.34 24.26
CA GLN C 305 -29.36 -6.04 24.48
C GLN C 305 -29.44 -5.74 25.99
N PRO C 306 -29.44 -4.46 26.38
CA PRO C 306 -29.60 -4.12 27.80
C PRO C 306 -30.98 -4.46 28.35
N THR C 307 -31.02 -4.70 29.65
CA THR C 307 -32.25 -5.12 30.33
C THR C 307 -33.03 -3.95 30.90
N GLU C 308 -32.41 -3.19 31.82
CA GLU C 308 -33.12 -2.14 32.53
C GLU C 308 -32.41 -0.80 32.39
N SER C 309 -33.01 0.21 33.00
CA SER C 309 -32.70 1.62 32.76
C SER C 309 -32.38 2.32 34.09
N ILE C 310 -31.41 1.78 34.82
CA ILE C 310 -30.83 2.34 36.04
C ILE C 310 -30.29 3.75 35.82
N VAL C 311 -30.82 4.75 36.53
CA VAL C 311 -30.38 6.15 36.43
C VAL C 311 -29.94 6.71 37.82
N ARG C 312 -29.01 6.03 38.48
CA ARG C 312 -28.45 6.45 39.77
C ARG C 312 -27.84 7.84 39.76
N PHE C 313 -28.34 8.71 40.66
CA PHE C 313 -27.77 10.02 40.96
C PHE C 313 -27.20 10.03 42.38
N PRO C 314 -26.16 10.87 42.70
CA PRO C 314 -25.65 10.89 44.07
C PRO C 314 -26.56 11.45 45.16
N CYS C 315 -27.06 12.69 45.04
CA CYS C 315 -27.69 13.30 46.20
C CYS C 315 -28.65 14.38 45.73
N GLY C 316 -29.22 15.10 46.71
CA GLY C 316 -30.22 16.09 46.45
C GLY C 316 -31.61 15.47 46.44
N PRO C 317 -32.48 15.96 45.55
CA PRO C 317 -33.84 15.40 45.50
C PRO C 317 -33.91 14.02 44.85
N LYS C 318 -33.02 13.73 43.91
CA LYS C 318 -33.17 12.56 43.04
C LYS C 318 -32.40 11.39 43.63
N LYS C 319 -33.12 10.59 44.42
CA LYS C 319 -32.54 9.40 45.03
C LYS C 319 -32.42 8.29 43.97
N SER C 320 -31.42 7.44 44.14
CA SER C 320 -31.00 6.47 43.14
C SER C 320 -31.91 5.25 43.10
N THR C 321 -31.48 4.25 42.33
CA THR C 321 -32.20 3.00 42.16
C THR C 321 -31.36 1.83 42.68
N ASN C 322 -31.81 0.61 42.44
CA ASN C 322 -31.15 -0.58 42.99
C ASN C 322 -30.21 -1.15 41.94
N LEU C 323 -28.92 -1.20 42.27
CA LEU C 323 -27.92 -1.74 41.37
C LEU C 323 -27.99 -3.26 41.32
N VAL C 324 -27.49 -3.84 40.24
CA VAL C 324 -27.67 -5.25 39.96
C VAL C 324 -26.31 -5.83 39.55
N LYS C 325 -26.16 -7.14 39.73
CA LYS C 325 -24.93 -7.85 39.39
C LYS C 325 -25.20 -8.78 38.22
N ASN C 326 -24.17 -8.95 37.39
CA ASN C 326 -24.02 -10.03 36.39
C ASN C 326 -25.12 -10.01 35.33
N LYS C 327 -25.53 -8.81 34.94
CA LYS C 327 -26.63 -8.66 34.01
C LYS C 327 -26.36 -7.45 33.14
N CYS C 328 -26.51 -7.60 31.82
CA CYS C 328 -26.18 -6.55 30.87
C CYS C 328 -27.24 -5.46 30.94
N VAL C 329 -26.88 -4.33 31.57
CA VAL C 329 -27.84 -3.29 31.91
C VAL C 329 -27.26 -1.93 31.51
N ASN C 330 -28.14 -0.92 31.43
CA ASN C 330 -27.75 0.46 31.16
C ASN C 330 -27.39 1.15 32.47
N PHE C 331 -26.10 1.21 32.77
CA PHE C 331 -25.67 1.96 33.94
C PHE C 331 -25.59 3.44 33.61
N ASN C 332 -26.03 4.27 34.55
CA ASN C 332 -25.97 5.72 34.44
C ASN C 332 -25.39 6.31 35.71
N PHE C 333 -24.24 5.78 36.15
CA PHE C 333 -23.53 6.27 37.33
C PHE C 333 -23.08 7.70 37.11
N ASN C 334 -23.66 8.60 37.92
CA ASN C 334 -23.66 10.06 37.75
C ASN C 334 -24.19 10.48 36.37
N GLY C 335 -25.24 9.80 35.91
CA GLY C 335 -26.06 10.30 34.83
C GLY C 335 -25.70 9.90 33.42
N LEU C 336 -24.42 9.97 33.09
CA LEU C 336 -23.95 9.69 31.73
C LEU C 336 -24.02 8.20 31.41
N LYS C 337 -24.21 7.88 30.12
CA LYS C 337 -24.73 6.58 29.73
C LYS C 337 -23.54 5.59 29.61
N GLY C 338 -23.81 4.38 29.14
CA GLY C 338 -22.95 3.23 29.18
C GLY C 338 -23.77 1.98 29.43
N THR C 339 -23.32 0.89 28.82
CA THR C 339 -23.98 -0.39 28.97
C THR C 339 -22.94 -1.45 29.30
N GLY C 340 -23.20 -2.23 30.34
CA GLY C 340 -22.19 -3.18 30.76
C GLY C 340 -22.64 -4.06 31.90
N VAL C 341 -21.72 -4.92 32.31
CA VAL C 341 -21.92 -5.98 33.28
C VAL C 341 -21.16 -5.60 34.54
N LEU C 342 -21.83 -5.68 35.69
CA LEU C 342 -21.41 -5.03 36.93
C LEU C 342 -20.90 -6.09 37.91
N THR C 343 -19.59 -6.28 37.92
CA THR C 343 -18.87 -7.21 38.80
C THR C 343 -18.23 -6.36 39.90
N GLU C 344 -17.90 -6.95 41.06
CA GLU C 344 -17.28 -6.20 42.15
C GLU C 344 -15.85 -5.76 41.82
N SER C 345 -15.46 -4.58 42.33
CA SER C 345 -14.13 -4.03 42.07
C SER C 345 -13.54 -3.29 43.26
N ASN C 346 -12.36 -2.69 43.06
CA ASN C 346 -11.66 -1.92 44.09
C ASN C 346 -10.91 -0.71 43.52
N LYS C 347 -11.25 0.47 44.03
CA LYS C 347 -10.66 1.73 43.55
C LYS C 347 -10.44 2.73 44.69
N LYS C 348 -10.81 2.39 45.95
CA LYS C 348 -10.54 3.27 47.11
C LYS C 348 -9.11 3.37 47.57
N PHE C 349 -8.16 2.80 46.84
CA PHE C 349 -6.77 3.16 46.94
C PHE C 349 -6.56 4.63 46.55
N LEU C 350 -7.33 5.14 45.57
CA LEU C 350 -7.55 6.57 45.45
C LEU C 350 -8.96 6.90 45.93
N PRO C 351 -9.13 7.47 47.12
CA PRO C 351 -10.48 7.64 47.66
C PRO C 351 -11.18 8.93 47.24
N PHE C 352 -10.60 9.75 46.37
CA PHE C 352 -11.22 11.04 46.11
C PHE C 352 -12.40 10.89 45.15
N GLN C 353 -12.16 10.31 43.97
CA GLN C 353 -13.21 10.28 42.95
C GLN C 353 -13.03 8.97 42.19
N GLN C 354 -13.55 8.92 40.96
CA GLN C 354 -13.96 7.71 40.31
C GLN C 354 -13.61 7.86 38.83
N PHE C 355 -14.37 7.15 37.97
CA PHE C 355 -14.24 7.12 36.51
C PHE C 355 -12.91 6.49 36.11
N GLY C 356 -12.63 5.32 36.69
CA GLY C 356 -11.35 4.67 36.46
C GLY C 356 -11.18 4.05 35.10
N ARG C 357 -10.32 4.62 34.26
CA ARG C 357 -10.04 4.06 32.95
C ARG C 357 -8.78 3.20 33.01
N ASP C 358 -8.51 2.52 31.90
CA ASP C 358 -7.26 1.80 31.75
C ASP C 358 -6.85 1.82 30.28
N ILE C 359 -5.97 0.87 29.96
CA ILE C 359 -4.83 0.89 29.03
C ILE C 359 -5.08 1.66 27.73
N ALA C 360 -6.24 1.44 27.13
CA ALA C 360 -6.60 2.15 25.91
C ALA C 360 -7.78 3.07 26.19
N ASP C 361 -7.69 3.75 27.34
CA ASP C 361 -8.63 4.75 27.89
C ASP C 361 -10.05 4.21 28.09
N THR C 362 -10.16 2.91 28.37
CA THR C 362 -11.45 2.25 28.49
C THR C 362 -11.94 2.37 29.93
N THR C 363 -13.24 2.67 30.11
CA THR C 363 -13.82 2.81 31.44
C THR C 363 -14.00 1.44 32.06
N ASP C 364 -13.28 1.16 33.15
CA ASP C 364 -13.15 -0.18 33.67
C ASP C 364 -13.81 -0.39 35.03
N ALA C 365 -13.82 0.61 35.91
CA ALA C 365 -14.40 0.42 37.24
C ALA C 365 -14.97 1.75 37.72
N VAL C 366 -16.26 1.76 38.08
CA VAL C 366 -16.94 2.98 38.49
C VAL C 366 -17.47 2.78 39.91
N ARG C 367 -17.26 3.77 40.77
CA ARG C 367 -17.75 3.80 42.14
C ARG C 367 -19.26 4.07 42.21
N ASP C 368 -19.92 3.44 43.19
CA ASP C 368 -21.26 3.80 43.61
C ASP C 368 -21.33 5.23 44.13
N PRO C 369 -22.25 6.06 43.63
CA PRO C 369 -22.39 7.41 44.19
C PRO C 369 -22.94 7.48 45.60
N GLN C 370 -23.66 6.46 46.07
CA GLN C 370 -24.16 6.41 47.44
C GLN C 370 -23.37 5.48 48.34
N THR C 371 -23.19 4.23 47.92
CA THR C 371 -22.56 3.22 48.75
C THR C 371 -21.06 3.42 48.86
N LEU C 372 -20.45 4.04 47.84
CA LEU C 372 -19.00 4.23 47.67
C LEU C 372 -18.24 2.91 47.75
N GLU C 373 -18.76 1.91 47.04
CA GLU C 373 -18.03 0.69 46.74
C GLU C 373 -18.08 0.52 45.22
N ILE C 374 -17.04 -0.03 44.65
CA ILE C 374 -16.73 0.17 43.24
C ILE C 374 -17.05 -1.11 42.48
N LEU C 375 -17.70 -0.95 41.34
CA LEU C 375 -18.14 -2.06 40.54
C LEU C 375 -17.47 -1.93 39.18
N ASP C 376 -16.90 -3.04 38.70
CA ASP C 376 -16.37 -3.20 37.36
C ASP C 376 -17.42 -2.95 36.28
N ILE C 377 -16.93 -2.57 35.11
CA ILE C 377 -17.72 -2.53 33.90
C ILE C 377 -17.07 -3.50 32.93
N THR C 378 -17.76 -4.58 32.62
CA THR C 378 -17.35 -5.47 31.53
C THR C 378 -18.49 -5.47 30.53
N PRO C 379 -18.30 -4.89 29.33
CA PRO C 379 -19.41 -4.68 28.40
C PRO C 379 -19.89 -5.97 27.78
N CYS C 380 -21.06 -5.90 27.14
CA CYS C 380 -21.93 -7.05 26.90
C CYS C 380 -21.37 -7.93 25.76
N SER C 381 -22.04 -9.03 25.45
CA SER C 381 -21.41 -9.99 24.53
C SER C 381 -21.66 -9.56 23.08
N PHE C 382 -20.64 -9.01 22.44
CA PHE C 382 -20.83 -8.32 21.17
C PHE C 382 -20.04 -8.99 20.04
N GLY C 383 -20.20 -10.30 19.87
CA GLY C 383 -19.43 -11.05 18.90
C GLY C 383 -19.97 -10.99 17.49
N GLY C 384 -19.63 -12.01 16.70
CA GLY C 384 -20.08 -12.11 15.33
C GLY C 384 -20.76 -13.43 15.07
N VAL C 385 -21.41 -13.53 13.91
CA VAL C 385 -22.21 -14.69 13.55
C VAL C 385 -21.66 -15.24 12.24
N SER C 386 -21.39 -16.54 12.20
CA SER C 386 -20.97 -17.16 10.96
C SER C 386 -21.87 -18.34 10.63
N VAL C 387 -22.08 -18.58 9.34
CA VAL C 387 -23.04 -19.58 8.86
C VAL C 387 -22.31 -20.65 8.09
N ILE C 388 -22.51 -21.90 8.48
CA ILE C 388 -21.94 -23.07 7.83
C ILE C 388 -23.02 -23.65 6.94
N THR C 389 -22.76 -23.73 5.64
CA THR C 389 -23.72 -24.36 4.76
C THR C 389 -23.05 -25.41 3.88
N PRO C 390 -23.78 -26.44 3.49
CA PRO C 390 -23.29 -27.36 2.47
C PRO C 390 -23.66 -26.96 1.05
N GLY C 391 -24.15 -25.74 0.84
CA GLY C 391 -24.52 -25.29 -0.48
C GLY C 391 -25.99 -25.54 -0.79
N THR C 392 -26.66 -24.58 -1.42
CA THR C 392 -28.07 -24.75 -1.77
C THR C 392 -28.32 -25.71 -2.93
N ASN C 393 -27.27 -26.12 -3.64
CA ASN C 393 -27.43 -27.20 -4.61
C ASN C 393 -27.74 -28.51 -3.90
N THR C 394 -27.14 -28.73 -2.73
CA THR C 394 -27.34 -29.99 -2.03
C THR C 394 -28.48 -29.92 -1.01
N SER C 395 -28.45 -28.96 -0.10
CA SER C 395 -29.46 -28.91 0.95
C SER C 395 -29.73 -27.48 1.34
N ASN C 396 -30.74 -27.30 2.20
CA ASN C 396 -31.15 -25.98 2.64
C ASN C 396 -31.02 -25.79 4.14
N GLN C 397 -30.29 -26.66 4.82
CA GLN C 397 -30.11 -26.55 6.26
C GLN C 397 -28.70 -26.08 6.57
N VAL C 398 -28.56 -25.32 7.66
CA VAL C 398 -27.33 -24.63 8.02
C VAL C 398 -26.96 -24.95 9.45
N ALA C 399 -25.74 -24.58 9.82
CA ALA C 399 -25.30 -24.54 11.20
C ALA C 399 -24.75 -23.16 11.49
N VAL C 400 -24.84 -22.71 12.74
CA VAL C 400 -24.53 -21.33 13.09
C VAL C 400 -23.45 -21.32 14.17
N LEU C 401 -22.35 -20.62 13.91
CA LEU C 401 -21.27 -20.46 14.86
C LEU C 401 -21.30 -19.05 15.43
N TYR C 402 -21.36 -18.94 16.75
CA TYR C 402 -21.21 -17.69 17.45
C TYR C 402 -19.76 -17.59 17.87
N GLN C 403 -19.10 -16.48 17.52
CA GLN C 403 -17.64 -16.45 17.49
C GLN C 403 -17.00 -16.32 18.86
N GLY C 404 -17.35 -15.30 19.62
CA GLY C 404 -16.53 -15.03 20.77
C GLY C 404 -17.16 -15.27 22.12
N VAL C 405 -18.12 -16.17 22.23
CA VAL C 405 -18.87 -16.32 23.48
C VAL C 405 -18.79 -17.72 24.05
N ASN C 406 -18.98 -17.77 25.35
CA ASN C 406 -19.37 -18.99 26.03
C ASN C 406 -20.80 -19.31 25.62
N CYS C 407 -21.10 -20.59 25.46
CA CYS C 407 -22.39 -20.97 24.95
C CYS C 407 -23.45 -21.01 26.05
N THR C 408 -23.04 -20.86 27.31
CA THR C 408 -23.97 -20.91 28.44
C THR C 408 -24.87 -19.68 28.49
N GLU C 409 -24.41 -18.55 27.96
CA GLU C 409 -25.23 -17.34 28.02
C GLU C 409 -25.46 -16.82 26.59
N VAL C 410 -26.26 -17.57 25.83
CA VAL C 410 -26.73 -17.11 24.52
C VAL C 410 -28.15 -17.61 24.16
N PRO C 411 -29.25 -17.16 24.85
CA PRO C 411 -30.53 -17.14 24.14
C PRO C 411 -30.95 -15.76 23.65
N VAL C 412 -30.14 -14.74 23.92
CA VAL C 412 -30.55 -13.36 23.71
C VAL C 412 -29.65 -12.72 22.65
N ALA C 413 -29.22 -13.51 21.68
CA ALA C 413 -28.36 -13.00 20.62
C ALA C 413 -29.17 -12.29 19.56
N ILE C 414 -29.67 -11.09 19.88
CA ILE C 414 -30.39 -10.21 18.97
C ILE C 414 -29.47 -9.76 17.84
N HIS C 415 -29.88 -10.03 16.60
CA HIS C 415 -28.99 -9.79 15.47
C HIS C 415 -29.00 -8.33 15.04
N ALA C 416 -27.91 -7.91 14.43
CA ALA C 416 -27.75 -6.53 13.97
C ALA C 416 -27.15 -6.48 12.58
N ARG C 424 -34.22 -8.96 15.04
CA ARG C 424 -34.40 -10.35 14.63
C ARG C 424 -34.13 -11.28 15.80
N VAL C 425 -35.21 -11.85 16.33
CA VAL C 425 -35.16 -12.56 17.61
C VAL C 425 -35.50 -14.01 17.20
N TYR C 426 -34.87 -14.47 16.10
CA TYR C 426 -35.12 -15.87 15.74
C TYR C 426 -34.22 -16.89 16.49
N SER C 427 -33.62 -16.55 17.64
CA SER C 427 -32.58 -17.35 18.25
C SER C 427 -33.14 -18.63 18.84
N THR C 428 -32.39 -19.73 18.65
CA THR C 428 -32.77 -21.06 19.08
C THR C 428 -31.72 -21.60 20.05
N GLY C 429 -32.05 -22.73 20.69
CA GLY C 429 -31.22 -23.30 21.74
C GLY C 429 -31.06 -24.81 21.77
N SER C 430 -31.09 -25.49 20.64
CA SER C 430 -30.96 -26.94 20.60
C SER C 430 -29.71 -27.36 19.83
N ASN C 431 -29.13 -28.49 20.27
CA ASN C 431 -27.90 -29.10 19.73
C ASN C 431 -26.71 -28.15 19.76
N VAL C 432 -26.29 -27.80 20.96
CA VAL C 432 -25.21 -26.86 21.14
C VAL C 432 -23.92 -27.62 21.49
N PHE C 433 -22.80 -27.02 21.12
CA PHE C 433 -21.50 -27.65 21.35
C PHE C 433 -20.45 -26.55 21.48
N GLN C 434 -19.68 -26.58 22.56
CA GLN C 434 -18.74 -25.51 22.84
C GLN C 434 -17.37 -25.85 22.26
N THR C 435 -16.84 -24.98 21.42
CA THR C 435 -15.51 -25.10 20.87
C THR C 435 -14.60 -24.09 21.54
N ARG C 436 -13.34 -24.10 21.11
CA ARG C 436 -12.46 -22.99 21.44
C ARG C 436 -12.58 -21.84 20.45
N ALA C 437 -13.35 -22.02 19.39
CA ALA C 437 -13.62 -20.96 18.44
C ALA C 437 -15.01 -20.36 18.58
N GLY C 438 -15.79 -20.80 19.55
CA GLY C 438 -17.10 -20.23 19.77
C GLY C 438 -18.07 -21.29 20.22
N CYS C 439 -19.35 -20.98 20.10
CA CYS C 439 -20.43 -21.94 20.35
C CYS C 439 -21.05 -22.31 19.01
N LEU C 440 -21.20 -23.61 18.78
CA LEU C 440 -21.67 -24.12 17.51
C LEU C 440 -23.04 -24.75 17.70
N ILE C 441 -24.01 -24.30 16.91
CA ILE C 441 -25.41 -24.69 17.04
C ILE C 441 -25.86 -25.31 15.73
N GLY C 442 -26.42 -26.50 15.81
CA GLY C 442 -26.96 -27.16 14.64
C GLY C 442 -26.07 -28.22 14.07
N ALA C 443 -24.96 -28.54 14.72
CA ALA C 443 -24.04 -29.56 14.24
C ALA C 443 -23.73 -30.51 15.37
N GLU C 444 -23.63 -31.79 15.04
CA GLU C 444 -23.50 -32.85 16.01
C GLU C 444 -22.04 -33.30 16.07
N TYR C 445 -21.49 -33.35 17.28
CA TYR C 445 -20.09 -33.73 17.42
C TYR C 445 -19.91 -35.22 17.30
N VAL C 446 -18.92 -35.62 16.51
CA VAL C 446 -18.65 -37.00 16.16
C VAL C 446 -17.26 -37.34 16.65
N ASN C 447 -17.12 -38.50 17.31
CA ASN C 447 -15.84 -38.96 17.84
C ASN C 447 -14.89 -39.53 16.80
N ASN C 448 -15.26 -39.57 15.52
CA ASN C 448 -14.37 -40.06 14.48
C ASN C 448 -13.39 -38.97 14.05
N SER C 449 -12.71 -39.20 12.94
CA SER C 449 -11.82 -38.21 12.37
C SER C 449 -11.80 -38.38 10.87
N TYR C 450 -11.90 -37.29 10.14
CA TYR C 450 -11.89 -37.30 8.70
C TYR C 450 -11.01 -36.16 8.22
N GLU C 451 -10.94 -35.98 6.91
CA GLU C 451 -10.22 -34.85 6.36
C GLU C 451 -11.05 -33.58 6.53
N CYS C 452 -10.38 -32.43 6.45
CA CYS C 452 -11.10 -31.18 6.62
C CYS C 452 -11.90 -30.84 5.38
N ASP C 453 -13.18 -30.55 5.59
CA ASP C 453 -14.08 -30.20 4.51
C ASP C 453 -14.47 -28.73 4.60
N ILE C 454 -15.02 -28.30 5.72
CA ILE C 454 -15.35 -26.90 5.94
C ILE C 454 -14.63 -26.49 7.23
N PRO C 455 -13.65 -25.60 7.19
CA PRO C 455 -12.84 -25.33 8.37
C PRO C 455 -13.51 -24.40 9.38
N ILE C 456 -13.86 -24.95 10.55
CA ILE C 456 -14.40 -24.11 11.60
C ILE C 456 -13.28 -23.33 12.28
N GLY C 457 -12.26 -24.04 12.74
CA GLY C 457 -11.18 -23.38 13.44
C GLY C 457 -10.76 -24.14 14.67
N ALA C 458 -9.51 -23.89 15.11
CA ALA C 458 -8.87 -24.48 16.30
C ALA C 458 -8.82 -26.00 16.26
N GLY C 459 -8.65 -26.56 15.06
CA GLY C 459 -8.64 -27.98 14.90
C GLY C 459 -9.98 -28.62 14.61
N ILE C 460 -11.06 -27.85 14.55
CA ILE C 460 -12.40 -28.38 14.30
C ILE C 460 -12.75 -28.10 12.86
N CYS C 461 -13.25 -29.12 12.16
CA CYS C 461 -13.86 -28.94 10.85
C CYS C 461 -15.28 -29.48 10.87
N ALA C 462 -16.02 -29.22 9.80
CA ALA C 462 -17.41 -29.63 9.71
C ALA C 462 -17.70 -30.18 8.33
N SER C 463 -18.71 -31.05 8.25
CA SER C 463 -19.09 -31.65 6.99
C SER C 463 -20.56 -32.01 7.02
N TYR C 464 -21.07 -32.48 5.89
CA TYR C 464 -22.49 -32.80 5.73
C TYR C 464 -22.61 -34.22 5.20
N GLN C 465 -23.03 -35.14 6.06
CA GLN C 465 -23.15 -36.54 5.66
C GLN C 465 -24.13 -37.27 6.58
N THR C 466 -24.36 -38.54 6.27
CA THR C 466 -25.24 -39.39 7.06
C THR C 466 -24.53 -40.00 8.26
N SER C 479 -31.16 -39.71 8.66
CA SER C 479 -30.77 -39.16 7.37
C SER C 479 -29.49 -38.35 7.50
N GLN C 480 -29.18 -37.57 6.47
CA GLN C 480 -27.96 -36.77 6.48
C GLN C 480 -28.16 -35.52 7.32
N SER C 481 -27.05 -35.06 7.90
CA SER C 481 -27.04 -33.85 8.71
C SER C 481 -25.64 -33.26 8.67
N ILE C 482 -25.49 -32.13 9.34
CA ILE C 482 -24.21 -31.44 9.45
C ILE C 482 -23.53 -31.92 10.72
N ILE C 483 -22.32 -32.43 10.59
CA ILE C 483 -21.54 -32.91 11.72
C ILE C 483 -20.29 -32.06 11.85
N ALA C 484 -19.70 -32.12 13.04
CA ALA C 484 -18.45 -31.43 13.34
C ALA C 484 -17.50 -32.42 13.99
N TYR C 485 -16.24 -32.38 13.58
CA TYR C 485 -15.27 -33.37 14.02
C TYR C 485 -13.92 -32.70 14.22
N THR C 486 -13.03 -33.43 14.87
CA THR C 486 -11.64 -33.03 14.99
C THR C 486 -10.91 -33.60 13.77
N MET C 487 -10.24 -32.73 13.03
CA MET C 487 -9.68 -33.10 11.74
C MET C 487 -8.45 -33.99 11.91
N SER C 488 -8.22 -34.81 10.91
CA SER C 488 -7.14 -35.79 10.92
C SER C 488 -6.02 -35.33 10.01
N LEU C 489 -4.81 -35.71 10.36
CA LEU C 489 -3.64 -35.25 9.62
C LEU C 489 -3.22 -36.23 8.56
N GLY C 490 -3.59 -37.49 8.67
CA GLY C 490 -3.28 -38.47 7.65
C GLY C 490 -3.23 -39.85 8.25
N ALA C 491 -2.97 -40.81 7.37
CA ALA C 491 -2.87 -42.21 7.77
C ALA C 491 -1.57 -42.44 8.50
N GLU C 492 -1.64 -43.05 9.68
CA GLU C 492 -0.44 -43.24 10.48
C GLU C 492 0.38 -44.39 9.93
N ASN C 493 1.68 -44.16 9.78
CA ASN C 493 2.58 -45.12 9.17
C ASN C 493 3.74 -45.36 10.10
N SER C 494 4.30 -46.56 10.06
CA SER C 494 5.43 -46.92 10.91
C SER C 494 6.43 -47.63 10.01
N VAL C 495 7.54 -46.97 9.69
CA VAL C 495 8.49 -47.57 8.78
C VAL C 495 9.39 -48.50 9.60
N ALA C 496 9.57 -49.73 9.11
CA ALA C 496 10.32 -50.75 9.83
C ALA C 496 11.82 -50.42 9.78
N TYR C 497 12.25 -49.59 10.73
CA TYR C 497 13.66 -49.28 10.83
C TYR C 497 14.41 -50.44 11.45
N SER C 498 15.56 -50.76 10.88
CA SER C 498 16.49 -51.68 11.49
C SER C 498 17.87 -51.24 11.07
N ASN C 499 18.88 -51.77 11.75
CA ASN C 499 20.24 -51.33 11.46
C ASN C 499 20.96 -52.20 10.46
N ASN C 500 20.29 -53.16 9.84
CA ASN C 500 20.87 -53.85 8.70
C ASN C 500 19.84 -54.18 7.63
N SER C 501 18.83 -53.35 7.43
CA SER C 501 17.77 -53.68 6.49
C SER C 501 17.48 -52.50 5.58
N ILE C 502 17.27 -52.77 4.29
CA ILE C 502 17.02 -51.70 3.33
C ILE C 502 15.83 -52.15 2.48
N ALA C 503 15.18 -51.18 1.84
CA ALA C 503 14.13 -51.45 0.86
C ALA C 503 14.57 -50.88 -0.47
N ILE C 504 14.52 -51.70 -1.52
CA ILE C 504 14.94 -51.29 -2.86
C ILE C 504 13.74 -51.41 -3.78
N PRO C 505 13.40 -50.39 -4.57
CA PRO C 505 12.28 -50.51 -5.50
C PRO C 505 12.62 -51.35 -6.70
N THR C 506 11.64 -52.13 -7.16
CA THR C 506 11.83 -53.03 -8.29
C THR C 506 11.02 -52.62 -9.52
N ASN C 507 10.41 -51.45 -9.50
CA ASN C 507 9.49 -51.02 -10.55
C ASN C 507 9.37 -49.51 -10.45
N PHE C 508 8.66 -48.89 -11.38
CA PHE C 508 8.47 -47.46 -11.37
C PHE C 508 7.16 -47.06 -12.02
N THR C 509 6.92 -45.77 -12.06
CA THR C 509 5.71 -45.16 -12.57
C THR C 509 6.08 -43.80 -13.13
N ILE C 510 5.67 -43.54 -14.37
CA ILE C 510 5.83 -42.21 -14.95
C ILE C 510 4.60 -41.40 -14.63
N SER C 511 4.79 -40.26 -14.00
CA SER C 511 3.68 -39.46 -13.49
C SER C 511 3.71 -38.08 -14.12
N VAL C 512 2.57 -37.64 -14.62
CA VAL C 512 2.43 -36.30 -15.20
C VAL C 512 1.49 -35.51 -14.31
N THR C 513 1.95 -34.36 -13.83
CA THR C 513 1.13 -33.49 -13.00
C THR C 513 1.11 -32.11 -13.61
N THR C 514 0.13 -31.31 -13.20
CA THR C 514 -0.03 -29.97 -13.75
C THR C 514 0.22 -28.93 -12.67
N GLU C 515 0.70 -27.77 -13.09
CA GLU C 515 0.91 -26.64 -12.20
C GLU C 515 0.49 -25.37 -12.94
N ILE C 516 -0.41 -24.61 -12.34
CA ILE C 516 -1.05 -23.46 -12.97
C ILE C 516 -0.51 -22.21 -12.29
N LEU C 517 -0.01 -21.26 -13.08
CA LEU C 517 0.57 -20.04 -12.54
C LEU C 517 0.02 -18.81 -13.25
N PRO C 518 -0.41 -17.78 -12.54
CA PRO C 518 -0.78 -16.53 -13.18
C PRO C 518 0.44 -15.76 -13.64
N VAL C 519 0.27 -14.98 -14.70
CA VAL C 519 1.40 -14.27 -15.31
C VAL C 519 1.09 -12.77 -15.37
N SER C 520 -0.06 -12.41 -15.91
CA SER C 520 -0.38 -11.01 -16.12
C SER C 520 -1.81 -10.74 -15.70
N MET C 521 -2.14 -9.47 -15.59
CA MET C 521 -3.51 -9.08 -15.28
C MET C 521 -4.00 -7.99 -16.22
N THR C 522 -5.20 -7.49 -16.01
CA THR C 522 -5.86 -6.61 -16.95
C THR C 522 -5.31 -5.20 -16.85
N LYS C 523 -4.95 -4.62 -18.00
CA LYS C 523 -4.40 -3.27 -18.05
C LYS C 523 -5.54 -2.28 -18.11
N THR C 524 -5.61 -1.37 -17.16
CA THR C 524 -6.65 -0.36 -17.15
C THR C 524 -6.03 1.01 -17.21
N SER C 525 -6.80 1.97 -17.68
CA SER C 525 -6.45 3.37 -17.58
C SER C 525 -7.70 4.15 -17.24
N VAL C 526 -7.51 5.29 -16.58
CA VAL C 526 -8.64 6.07 -16.12
C VAL C 526 -8.43 7.49 -16.64
N ASP C 527 -9.55 8.19 -16.79
CA ASP C 527 -9.57 9.62 -17.01
C ASP C 527 -10.20 10.27 -15.79
N CYS C 528 -9.52 11.27 -15.22
CA CYS C 528 -10.06 11.93 -14.03
C CYS C 528 -11.24 12.82 -14.36
N THR C 529 -11.23 13.43 -15.54
CA THR C 529 -12.24 14.42 -15.90
C THR C 529 -13.59 13.76 -16.11
N MET C 530 -13.62 12.63 -16.81
CA MET C 530 -14.87 11.91 -16.99
C MET C 530 -15.29 11.17 -15.73
N TYR C 531 -14.35 10.80 -14.87
CA TYR C 531 -14.74 10.08 -13.66
C TYR C 531 -15.32 11.04 -12.62
N ILE C 532 -14.62 12.13 -12.34
CA ILE C 532 -15.00 12.98 -11.23
C ILE C 532 -16.06 13.99 -11.63
N CYS C 533 -15.86 14.72 -12.72
CA CYS C 533 -16.81 15.72 -13.15
C CYS C 533 -17.66 15.30 -14.34
N GLY C 534 -17.02 14.89 -15.43
CA GLY C 534 -17.77 14.64 -16.63
C GLY C 534 -17.98 15.94 -17.39
N ASP C 535 -19.19 16.15 -17.89
CA ASP C 535 -19.49 17.28 -18.76
C ASP C 535 -20.07 18.47 -17.99
N SER C 536 -19.34 18.90 -16.96
CA SER C 536 -19.69 20.13 -16.25
C SER C 536 -18.41 20.92 -16.11
N THR C 537 -18.41 22.12 -16.70
CA THR C 537 -17.20 22.91 -16.89
C THR C 537 -16.70 23.48 -15.57
N GLU C 538 -17.61 23.77 -14.65
CA GLU C 538 -17.22 24.44 -13.42
C GLU C 538 -16.56 23.49 -12.45
N CYS C 539 -16.93 22.21 -12.48
CA CYS C 539 -16.21 21.19 -11.74
C CYS C 539 -14.82 20.98 -12.30
N SER C 540 -14.66 21.13 -13.61
CA SER C 540 -13.35 21.02 -14.24
C SER C 540 -12.46 22.19 -13.85
N ASN C 541 -13.03 23.38 -13.71
CA ASN C 541 -12.24 24.51 -13.24
C ASN C 541 -11.96 24.43 -11.75
N LEU C 542 -12.89 23.89 -10.96
CA LEU C 542 -12.68 23.82 -9.53
C LEU C 542 -11.78 22.66 -9.15
N LEU C 543 -11.66 21.66 -10.03
CA LEU C 543 -10.72 20.56 -9.85
C LEU C 543 -9.28 21.00 -10.03
N LEU C 544 -9.04 22.08 -10.78
CA LEU C 544 -7.69 22.56 -11.08
C LEU C 544 -7.00 23.17 -9.87
N GLN C 545 -7.74 23.53 -8.82
CA GLN C 545 -7.11 23.98 -7.59
C GLN C 545 -6.45 22.84 -6.83
N TYR C 546 -6.88 21.60 -7.06
CA TYR C 546 -6.09 20.44 -6.71
C TYR C 546 -5.10 20.23 -7.84
N GLY C 547 -3.82 20.47 -7.57
CA GLY C 547 -2.84 20.57 -8.63
C GLY C 547 -2.50 19.26 -9.30
N SER C 548 -1.82 18.38 -8.57
CA SER C 548 -1.54 17.07 -9.12
C SER C 548 -1.99 16.01 -8.16
N PHE C 549 -3.25 15.65 -8.22
CA PHE C 549 -3.65 14.33 -7.76
C PHE C 549 -4.09 13.45 -8.90
N CYS C 550 -3.99 13.93 -10.12
CA CYS C 550 -4.38 13.15 -11.27
C CYS C 550 -3.24 12.85 -12.21
N THR C 551 -2.11 13.51 -12.03
CA THR C 551 -0.92 13.10 -12.75
C THR C 551 -0.38 11.79 -12.19
N GLN C 552 -0.44 11.64 -10.87
CA GLN C 552 0.20 10.51 -10.21
C GLN C 552 -0.60 9.24 -10.39
N LEU C 553 -1.92 9.36 -10.52
CA LEU C 553 -2.73 8.18 -10.77
C LEU C 553 -2.55 7.65 -12.18
N LYS C 554 -2.38 8.56 -13.15
CA LYS C 554 -2.09 8.14 -14.51
C LYS C 554 -0.69 7.56 -14.63
N ARG C 555 0.27 8.10 -13.88
CA ARG C 555 1.62 7.56 -13.91
C ARG C 555 1.70 6.20 -13.23
N ALA C 556 0.90 6.00 -12.18
CA ALA C 556 0.85 4.71 -11.50
C ALA C 556 0.19 3.64 -12.35
N LEU C 557 -0.92 3.99 -13.00
CA LEU C 557 -1.62 3.01 -13.83
C LEU C 557 -0.86 2.72 -15.13
N THR C 558 -0.16 3.71 -15.67
CA THR C 558 0.68 3.49 -16.85
C THR C 558 1.88 2.65 -16.52
N GLY C 559 2.40 2.82 -15.28
CA GLY C 559 3.45 1.96 -14.78
C GLY C 559 3.04 0.51 -14.70
N ILE C 560 1.85 0.26 -14.14
CA ILE C 560 1.28 -1.10 -14.01
C ILE C 560 1.02 -1.74 -15.38
N ALA C 561 0.54 -0.92 -16.32
CA ALA C 561 0.20 -1.43 -17.65
C ALA C 561 1.44 -1.77 -18.48
N VAL C 562 2.57 -1.07 -18.29
CA VAL C 562 3.73 -1.54 -19.05
C VAL C 562 4.42 -2.69 -18.32
N GLU C 563 4.24 -2.82 -17.01
CA GLU C 563 4.73 -3.98 -16.28
C GLU C 563 4.05 -5.28 -16.67
N GLN C 564 2.78 -5.24 -17.08
CA GLN C 564 2.09 -6.47 -17.48
C GLN C 564 2.66 -7.05 -18.78
N ASP C 565 2.95 -6.18 -19.74
CA ASP C 565 3.54 -6.61 -20.99
C ASP C 565 4.97 -7.05 -20.80
N LYS C 566 5.66 -6.42 -19.84
CA LYS C 566 6.99 -6.87 -19.45
C LYS C 566 6.95 -8.26 -18.82
N ASN C 567 5.91 -8.55 -18.00
CA ASN C 567 5.73 -9.86 -17.38
C ASN C 567 5.53 -10.98 -18.39
N THR C 568 4.66 -10.74 -19.37
CA THR C 568 4.40 -11.73 -20.43
C THR C 568 5.63 -11.92 -21.32
N GLN C 569 6.39 -10.85 -21.55
CA GLN C 569 7.55 -10.97 -22.41
C GLN C 569 8.73 -11.63 -21.70
N GLU C 570 8.82 -11.50 -20.37
CA GLU C 570 9.88 -12.25 -19.67
C GLU C 570 9.53 -13.72 -19.53
N VAL C 571 8.25 -14.06 -19.40
CA VAL C 571 7.91 -15.47 -19.25
C VAL C 571 8.02 -16.19 -20.59
N PHE C 572 7.36 -15.68 -21.63
CA PHE C 572 7.18 -16.50 -22.82
C PHE C 572 8.27 -16.34 -23.86
N ALA C 573 8.88 -15.17 -23.99
CA ALA C 573 9.85 -14.93 -25.05
C ALA C 573 11.26 -15.32 -24.64
N GLN C 574 11.45 -16.59 -24.32
CA GLN C 574 12.74 -17.11 -23.90
C GLN C 574 13.70 -17.25 -25.06
N VAL C 575 13.20 -17.62 -26.24
CA VAL C 575 14.03 -17.90 -27.41
C VAL C 575 13.68 -16.90 -28.50
N LYS C 576 14.60 -16.76 -29.45
CA LYS C 576 14.37 -15.87 -30.58
C LYS C 576 14.44 -16.61 -31.91
N GLN C 577 14.36 -17.93 -31.89
CA GLN C 577 14.25 -18.73 -33.09
C GLN C 577 12.96 -19.51 -32.98
N ILE C 578 12.17 -19.53 -34.04
CA ILE C 578 10.90 -20.23 -34.03
C ILE C 578 11.14 -21.61 -34.63
N TYR C 579 11.22 -22.61 -33.77
CA TYR C 579 11.50 -23.97 -34.21
C TYR C 579 10.22 -24.67 -34.62
N LYS C 580 10.35 -25.58 -35.57
CA LYS C 580 9.23 -26.38 -36.05
C LYS C 580 9.47 -27.86 -35.84
N THR C 581 8.40 -28.57 -35.60
CA THR C 581 8.38 -30.01 -35.59
C THR C 581 8.55 -30.54 -37.02
N PRO C 582 9.06 -31.75 -37.19
CA PRO C 582 9.08 -32.38 -38.51
C PRO C 582 7.68 -32.76 -38.97
N PRO C 583 7.47 -32.93 -40.29
CA PRO C 583 6.12 -33.29 -40.79
C PRO C 583 5.62 -34.64 -40.35
N ILE C 584 6.49 -35.63 -40.17
CA ILE C 584 6.09 -36.92 -39.65
C ILE C 584 6.37 -36.99 -38.15
N LYS C 585 5.34 -37.37 -37.41
CA LYS C 585 5.36 -37.27 -35.95
C LYS C 585 5.63 -38.64 -35.32
N TYR C 586 6.81 -39.20 -35.56
CA TYR C 586 7.20 -40.43 -34.90
C TYR C 586 8.36 -40.13 -33.96
N PHE C 587 8.18 -40.42 -32.68
CA PHE C 587 9.16 -40.12 -31.66
C PHE C 587 9.43 -41.34 -30.80
N GLY C 588 9.42 -42.51 -31.41
CA GLY C 588 9.75 -43.71 -30.68
C GLY C 588 8.67 -44.27 -29.81
N GLY C 589 7.40 -43.97 -30.10
CA GLY C 589 6.27 -44.53 -29.38
C GLY C 589 5.56 -43.52 -28.51
N PHE C 590 6.26 -42.50 -28.05
CA PHE C 590 5.63 -41.38 -27.37
C PHE C 590 4.86 -40.57 -28.39
N ASN C 591 3.61 -40.22 -28.10
CA ASN C 591 3.00 -39.26 -29.01
C ASN C 591 2.47 -38.07 -28.25
N PHE C 592 2.73 -36.91 -28.81
CA PHE C 592 2.50 -35.62 -28.18
C PHE C 592 1.34 -34.88 -28.82
N SER C 593 0.32 -35.61 -29.26
CA SER C 593 -0.74 -35.00 -30.06
C SER C 593 -1.68 -34.15 -29.23
N GLN C 594 -1.71 -34.37 -27.92
CA GLN C 594 -2.51 -33.53 -27.06
C GLN C 594 -1.84 -32.21 -26.73
N ILE C 595 -0.55 -32.06 -27.00
CA ILE C 595 0.14 -30.81 -26.68
C ILE C 595 0.70 -30.11 -27.91
N LEU C 596 0.89 -30.78 -29.03
CA LEU C 596 1.31 -30.16 -30.27
C LEU C 596 0.12 -29.43 -30.91
N PRO C 597 0.36 -28.41 -31.75
CA PRO C 597 -0.76 -27.65 -32.31
C PRO C 597 -1.58 -28.41 -33.35
N ASP C 598 -2.88 -28.25 -33.26
CA ASP C 598 -3.84 -28.86 -34.16
C ASP C 598 -4.06 -27.96 -35.37
N PRO C 599 -3.70 -28.36 -36.58
CA PRO C 599 -3.86 -27.47 -37.73
C PRO C 599 -5.25 -27.48 -38.36
N SER C 600 -6.20 -28.23 -37.80
CA SER C 600 -7.57 -28.20 -38.29
C SER C 600 -8.29 -26.90 -37.91
N LYS C 601 -8.01 -26.39 -36.75
CA LYS C 601 -8.67 -25.24 -36.19
C LYS C 601 -8.16 -23.94 -36.83
N PRO C 602 -8.96 -22.86 -36.81
CA PRO C 602 -8.42 -21.55 -37.22
C PRO C 602 -7.39 -20.99 -36.25
N SER C 603 -7.56 -21.22 -34.95
CA SER C 603 -6.53 -20.88 -33.97
C SER C 603 -5.70 -22.13 -33.75
N LYS C 604 -4.41 -22.05 -34.04
CA LYS C 604 -3.55 -23.24 -34.02
C LYS C 604 -3.15 -23.56 -32.59
N ARG C 605 -4.07 -24.16 -31.87
CA ARG C 605 -3.89 -24.50 -30.47
C ARG C 605 -3.95 -26.01 -30.31
N SER C 606 -3.35 -26.49 -29.24
CA SER C 606 -3.46 -27.88 -28.89
C SER C 606 -4.83 -28.15 -28.27
N PRO C 607 -5.29 -29.41 -28.23
CA PRO C 607 -6.54 -29.73 -27.54
C PRO C 607 -6.57 -29.46 -26.04
N ILE C 608 -5.42 -29.56 -25.37
CA ILE C 608 -5.33 -29.17 -23.96
C ILE C 608 -5.51 -27.67 -23.82
N GLU C 609 -4.93 -26.88 -24.74
CA GLU C 609 -5.12 -25.44 -24.71
C GLU C 609 -6.53 -25.01 -25.11
N ASP C 610 -7.21 -25.82 -25.93
CA ASP C 610 -8.63 -25.63 -26.20
C ASP C 610 -9.47 -25.78 -24.94
N LEU C 611 -9.17 -26.83 -24.17
CA LEU C 611 -9.94 -27.09 -22.97
C LEU C 611 -9.63 -26.06 -21.89
N LEU C 612 -8.39 -25.56 -21.87
CA LEU C 612 -8.04 -24.49 -20.92
C LEU C 612 -8.70 -23.17 -21.31
N PHE C 613 -8.96 -22.97 -22.60
CA PHE C 613 -9.69 -21.77 -23.00
CA PHE C 613 -9.69 -21.78 -23.01
C PHE C 613 -11.18 -21.91 -22.71
N ASN C 614 -11.74 -23.10 -22.85
CA ASN C 614 -13.16 -23.22 -22.57
C ASN C 614 -13.46 -23.28 -21.07
N LYS C 615 -12.48 -23.64 -20.24
CA LYS C 615 -12.75 -23.67 -18.81
C LYS C 615 -12.66 -22.29 -18.15
N VAL C 616 -12.13 -21.27 -18.82
CA VAL C 616 -12.05 -19.94 -18.25
C VAL C 616 -13.03 -19.06 -18.99
N THR C 617 -14.05 -18.58 -18.29
CA THR C 617 -15.12 -17.78 -18.87
C THR C 617 -14.95 -16.35 -18.42
N LEU C 618 -14.82 -15.44 -19.39
CA LEU C 618 -14.78 -14.01 -19.10
C LEU C 618 -16.18 -13.46 -18.93
N LEU C 639 -24.12 -10.52 -25.06
CA LEU C 639 -23.75 -9.49 -24.10
C LEU C 639 -22.36 -8.94 -24.44
N ILE C 640 -22.41 -7.65 -24.73
CA ILE C 640 -21.27 -6.74 -24.75
C ILE C 640 -21.30 -5.83 -23.53
N CYS C 641 -22.38 -5.97 -22.75
CA CYS C 641 -22.99 -4.86 -22.04
C CYS C 641 -22.15 -4.33 -20.89
N ALA C 642 -21.78 -5.21 -19.98
CA ALA C 642 -21.22 -4.74 -18.72
C ALA C 642 -19.73 -4.47 -18.81
N GLN C 643 -19.06 -4.82 -19.93
CA GLN C 643 -17.67 -4.35 -20.06
C GLN C 643 -17.51 -3.26 -21.09
N LYS C 644 -18.49 -3.06 -21.98
CA LYS C 644 -18.22 -2.15 -23.08
C LYS C 644 -18.99 -0.84 -22.93
N PHE C 645 -20.11 -0.86 -22.17
CA PHE C 645 -20.81 0.42 -21.99
C PHE C 645 -20.38 1.20 -20.73
N LYS C 646 -19.24 0.91 -20.07
CA LYS C 646 -18.87 1.70 -18.88
C LYS C 646 -17.91 2.84 -19.19
N GLY C 647 -17.10 2.73 -20.23
CA GLY C 647 -16.35 3.87 -20.72
C GLY C 647 -14.92 4.08 -20.25
N LEU C 648 -14.54 3.67 -19.03
CA LEU C 648 -13.22 3.99 -18.46
C LEU C 648 -12.34 2.77 -18.50
N THR C 649 -11.19 2.89 -19.17
CA THR C 649 -10.85 1.99 -20.25
C THR C 649 -9.99 0.81 -19.84
N VAL C 650 -10.07 -0.21 -20.67
CA VAL C 650 -9.26 -1.42 -20.61
C VAL C 650 -8.42 -1.48 -21.87
N LEU C 651 -7.12 -1.54 -21.73
CA LEU C 651 -6.23 -1.57 -22.88
C LEU C 651 -5.95 -3.00 -23.29
N PRO C 652 -5.77 -3.30 -24.58
CA PRO C 652 -5.49 -4.66 -24.98
C PRO C 652 -4.03 -5.01 -24.74
N PRO C 653 -3.70 -6.27 -24.55
CA PRO C 653 -2.30 -6.66 -24.40
C PRO C 653 -1.55 -6.55 -25.71
N LEU C 654 -0.23 -6.44 -25.60
CA LEU C 654 0.60 -6.25 -26.79
C LEU C 654 0.73 -7.55 -27.58
N LEU C 655 0.93 -8.67 -26.91
CA LEU C 655 1.01 -9.95 -27.56
C LEU C 655 -0.38 -10.56 -27.62
N THR C 656 -0.81 -10.96 -28.80
CA THR C 656 -2.09 -11.64 -28.92
C THR C 656 -1.96 -13.09 -28.47
N ASP C 657 -3.09 -13.79 -28.46
CA ASP C 657 -3.11 -15.17 -28.00
C ASP C 657 -2.47 -16.10 -29.00
N GLU C 658 -2.51 -15.75 -30.28
CA GLU C 658 -1.85 -16.53 -31.31
C GLU C 658 -0.34 -16.42 -31.23
N MET C 659 0.16 -15.25 -30.80
CA MET C 659 1.60 -15.08 -30.67
C MET C 659 2.15 -15.82 -29.46
N ILE C 660 1.38 -15.87 -28.37
CA ILE C 660 1.76 -16.64 -27.20
C ILE C 660 1.69 -18.14 -27.50
N ALA C 661 0.71 -18.54 -28.31
CA ALA C 661 0.63 -19.94 -28.74
C ALA C 661 1.76 -20.31 -29.69
N GLN C 662 2.24 -19.35 -30.49
CA GLN C 662 3.41 -19.60 -31.35
C GLN C 662 4.68 -19.72 -30.53
N TYR C 663 4.80 -18.93 -29.47
CA TYR C 663 5.96 -19.01 -28.58
C TYR C 663 6.02 -20.34 -27.85
N THR C 664 4.86 -20.83 -27.36
CA THR C 664 4.84 -22.12 -26.69
C THR C 664 5.04 -23.27 -27.66
N SER C 665 4.60 -23.12 -28.91
CA SER C 665 4.85 -24.14 -29.91
C SER C 665 6.32 -24.21 -30.29
N ALA C 666 7.01 -23.06 -30.31
CA ALA C 666 8.45 -23.03 -30.55
C ALA C 666 9.22 -23.67 -29.40
N LEU C 667 8.78 -23.42 -28.17
CA LEU C 667 9.41 -24.05 -27.01
C LEU C 667 9.20 -25.56 -26.98
N LEU C 668 8.02 -26.02 -27.40
CA LEU C 668 7.75 -27.46 -27.44
C LEU C 668 8.54 -28.16 -28.53
N ALA C 669 8.67 -27.54 -29.71
CA ALA C 669 9.43 -28.13 -30.79
C ALA C 669 10.92 -28.16 -30.50
N GLY C 670 11.41 -27.13 -29.78
CA GLY C 670 12.78 -27.14 -29.34
C GLY C 670 13.06 -28.20 -28.28
N THR C 671 12.13 -28.39 -27.34
CA THR C 671 12.43 -29.36 -26.29
C THR C 671 12.17 -30.79 -26.71
N ILE C 672 11.38 -31.06 -27.75
CA ILE C 672 11.25 -32.44 -28.17
C ILE C 672 12.10 -32.77 -29.36
N THR C 673 12.74 -31.80 -29.98
CA THR C 673 13.68 -32.12 -31.04
C THR C 673 15.13 -32.03 -30.58
N SER C 674 15.50 -30.98 -29.88
CA SER C 674 16.89 -30.74 -29.55
C SER C 674 17.28 -31.07 -28.12
N GLY C 675 16.33 -31.19 -27.21
CA GLY C 675 16.69 -31.50 -25.84
C GLY C 675 16.86 -30.26 -25.00
N TRP C 676 17.86 -30.22 -24.13
CA TRP C 676 18.16 -28.99 -23.43
C TRP C 676 19.16 -28.12 -24.15
N THR C 677 19.63 -28.52 -25.33
CA THR C 677 20.75 -27.86 -25.97
C THR C 677 20.36 -26.54 -26.60
N PHE C 678 19.08 -26.32 -26.84
CA PHE C 678 18.64 -25.08 -27.47
C PHE C 678 18.53 -23.92 -26.50
N GLY C 679 18.65 -24.17 -25.21
CA GLY C 679 18.56 -23.09 -24.25
C GLY C 679 19.92 -22.59 -23.83
N ALA C 680 20.98 -23.24 -24.30
CA ALA C 680 22.33 -22.88 -23.91
C ALA C 680 23.22 -22.60 -25.11
N GLY C 681 22.65 -22.38 -26.29
CA GLY C 681 23.43 -22.18 -27.47
C GLY C 681 22.65 -22.53 -28.73
N PRO C 682 23.33 -23.00 -29.77
CA PRO C 682 22.62 -23.48 -30.94
C PRO C 682 21.95 -24.82 -30.67
N ALA C 683 20.84 -25.04 -31.36
CA ALA C 683 20.07 -26.26 -31.15
C ALA C 683 20.71 -27.42 -31.88
N LEU C 684 20.93 -28.52 -31.16
CA LEU C 684 21.58 -29.70 -31.69
C LEU C 684 20.59 -30.84 -31.60
N GLN C 685 20.33 -31.52 -32.71
CA GLN C 685 19.30 -32.55 -32.70
C GLN C 685 19.83 -33.84 -32.10
N ILE C 686 18.89 -34.64 -31.60
CA ILE C 686 19.17 -35.91 -30.93
C ILE C 686 17.88 -36.72 -31.05
N PRO C 687 17.93 -38.03 -31.21
CA PRO C 687 16.69 -38.83 -31.16
C PRO C 687 16.09 -38.82 -29.76
N PHE C 688 14.77 -38.96 -29.71
CA PHE C 688 14.07 -38.79 -28.44
C PHE C 688 14.28 -39.89 -27.40
N PRO C 689 14.40 -41.20 -27.71
CA PRO C 689 14.85 -42.12 -26.67
C PRO C 689 16.28 -41.91 -26.19
N MET C 690 17.16 -41.32 -26.98
CA MET C 690 18.49 -41.04 -26.47
C MET C 690 18.47 -39.84 -25.52
N GLN C 691 17.57 -38.89 -25.78
CA GLN C 691 17.34 -37.78 -24.87
C GLN C 691 16.74 -38.26 -23.56
N MET C 692 15.81 -39.22 -23.64
CA MET C 692 15.19 -39.77 -22.44
C MET C 692 16.18 -40.63 -21.64
N ALA C 693 17.17 -41.23 -22.32
CA ALA C 693 18.19 -41.98 -21.60
C ALA C 693 19.15 -41.06 -20.86
N TYR C 694 19.41 -39.89 -21.45
CA TYR C 694 20.19 -38.85 -20.77
C TYR C 694 19.46 -38.34 -19.53
N ARG C 695 18.15 -38.19 -19.63
CA ARG C 695 17.38 -37.73 -18.48
C ARG C 695 17.17 -38.82 -17.44
N PHE C 696 17.30 -40.11 -17.81
CA PHE C 696 17.39 -41.11 -16.75
C PHE C 696 18.74 -41.11 -16.07
N ASN C 697 19.82 -40.83 -16.80
CA ASN C 697 21.13 -40.68 -16.17
C ASN C 697 21.21 -39.48 -15.25
N GLY C 698 20.39 -38.46 -15.49
CA GLY C 698 20.33 -37.33 -14.59
C GLY C 698 19.72 -37.60 -13.23
N ILE C 699 18.96 -38.69 -13.06
CA ILE C 699 18.37 -39.00 -11.77
C ILE C 699 18.96 -40.26 -11.15
N GLY C 700 20.07 -40.75 -11.67
CA GLY C 700 20.75 -41.86 -11.04
C GLY C 700 20.32 -43.24 -11.44
N VAL C 701 19.66 -43.39 -12.59
CA VAL C 701 19.24 -44.69 -13.11
C VAL C 701 20.01 -44.87 -14.42
N THR C 702 20.55 -46.07 -14.65
CA THR C 702 21.33 -46.31 -15.85
C THR C 702 20.43 -46.34 -17.09
N GLN C 703 21.04 -46.13 -18.26
CA GLN C 703 20.27 -45.88 -19.47
C GLN C 703 19.73 -47.14 -20.12
N ASN C 704 20.28 -48.29 -19.73
CA ASN C 704 19.75 -49.59 -20.11
C ASN C 704 18.36 -49.86 -19.58
N VAL C 705 18.02 -49.27 -18.42
CA VAL C 705 16.70 -49.39 -17.82
C VAL C 705 15.65 -48.75 -18.71
N LEU C 706 16.01 -47.65 -19.39
CA LEU C 706 15.14 -47.09 -20.40
C LEU C 706 15.06 -47.98 -21.63
N TYR C 707 16.22 -48.34 -22.21
CA TYR C 707 16.23 -49.03 -23.52
C TYR C 707 15.67 -50.44 -23.48
N GLU C 708 15.67 -51.09 -22.32
CA GLU C 708 15.01 -52.38 -22.20
C GLU C 708 13.55 -52.27 -21.82
N ASN C 709 13.07 -51.09 -21.50
CA ASN C 709 11.67 -50.92 -21.09
C ASN C 709 10.98 -49.82 -21.88
N GLN C 710 11.28 -49.69 -23.16
CA GLN C 710 10.96 -48.47 -23.89
C GLN C 710 9.46 -48.38 -24.23
N LYS C 711 8.86 -49.52 -24.58
CA LYS C 711 7.44 -49.56 -24.91
C LYS C 711 6.57 -49.34 -23.69
N LEU C 712 7.00 -49.87 -22.54
CA LEU C 712 6.28 -49.71 -21.29
C LEU C 712 6.27 -48.26 -20.83
N ILE C 713 7.40 -47.57 -20.97
CA ILE C 713 7.51 -46.18 -20.56
C ILE C 713 6.73 -45.27 -21.50
N ALA C 714 6.70 -45.64 -22.79
CA ALA C 714 5.88 -44.92 -23.76
C ALA C 714 4.39 -45.09 -23.50
N ASN C 715 3.95 -46.29 -23.10
CA ASN C 715 2.55 -46.53 -22.79
C ASN C 715 2.11 -45.84 -21.52
N GLN C 716 2.98 -45.81 -20.50
CA GLN C 716 2.69 -45.10 -19.26
C GLN C 716 2.60 -43.60 -19.47
N PHE C 717 3.45 -43.06 -20.35
CA PHE C 717 3.42 -41.63 -20.65
C PHE C 717 2.16 -41.25 -21.42
N ASN C 718 1.73 -42.09 -22.36
CA ASN C 718 0.54 -41.80 -23.15
C ASN C 718 -0.75 -41.92 -22.33
N SER C 719 -0.80 -42.91 -21.43
CA SER C 719 -1.97 -43.05 -20.55
C SER C 719 -2.03 -41.94 -19.52
N ALA C 720 -0.87 -41.45 -19.08
CA ALA C 720 -0.82 -40.36 -18.13
C ALA C 720 -1.28 -39.05 -18.76
N ILE C 721 -0.91 -38.80 -20.02
CA ILE C 721 -1.32 -37.53 -20.63
C ILE C 721 -2.81 -37.57 -21.03
N GLY C 722 -3.36 -38.76 -21.30
CA GLY C 722 -4.80 -38.88 -21.47
C GLY C 722 -5.58 -38.64 -20.18
N LYS C 723 -5.03 -39.08 -19.04
CA LYS C 723 -5.68 -38.79 -17.78
C LYS C 723 -5.57 -37.32 -17.38
N ILE C 724 -4.52 -36.62 -17.85
CA ILE C 724 -4.45 -35.16 -17.68
C ILE C 724 -5.58 -34.47 -18.40
N GLN C 725 -5.88 -34.92 -19.63
CA GLN C 725 -7.03 -34.40 -20.40
C GLN C 725 -8.37 -34.61 -19.69
N ASP C 726 -8.59 -35.82 -19.16
CA ASP C 726 -9.85 -36.13 -18.49
C ASP C 726 -9.98 -35.44 -17.13
N SER C 727 -8.88 -35.35 -16.37
CA SER C 727 -8.96 -34.77 -15.03
C SER C 727 -9.03 -33.26 -15.09
N LEU C 728 -8.49 -32.65 -16.15
CA LEU C 728 -8.70 -31.22 -16.32
C LEU C 728 -10.12 -30.95 -16.78
N SER C 729 -10.70 -31.86 -17.56
CA SER C 729 -12.10 -31.68 -17.94
C SER C 729 -13.05 -31.94 -16.76
N SER C 730 -12.90 -33.08 -16.11
CA SER C 730 -13.88 -33.53 -15.11
C SER C 730 -13.45 -33.16 -13.70
N THR C 731 -13.33 -31.86 -13.47
CA THR C 731 -13.05 -31.34 -12.16
C THR C 731 -13.76 -30.00 -12.26
N PRO C 732 -14.58 -29.61 -11.27
CA PRO C 732 -15.36 -28.36 -11.39
C PRO C 732 -14.53 -27.08 -11.39
N SER C 733 -13.70 -26.84 -10.39
CA SER C 733 -12.97 -25.58 -10.37
C SER C 733 -11.72 -25.65 -11.25
N ALA C 734 -10.67 -26.33 -10.76
CA ALA C 734 -9.43 -26.76 -11.41
C ALA C 734 -8.50 -25.68 -11.96
N LEU C 735 -8.96 -24.45 -12.11
CA LEU C 735 -8.22 -23.32 -12.62
C LEU C 735 -8.60 -22.07 -11.86
N GLY C 736 -8.71 -22.18 -10.53
CA GLY C 736 -9.26 -21.11 -9.74
C GLY C 736 -8.32 -19.94 -9.58
N LYS C 737 -7.01 -20.19 -9.76
CA LYS C 737 -6.01 -19.14 -9.70
C LYS C 737 -6.15 -18.16 -10.86
N LEU C 738 -6.44 -18.68 -12.04
CA LEU C 738 -6.64 -17.80 -13.18
C LEU C 738 -8.02 -17.18 -13.18
N GLN C 739 -8.99 -17.83 -12.56
CA GLN C 739 -10.33 -17.25 -12.49
C GLN C 739 -10.40 -16.12 -11.49
N ASP C 740 -9.58 -16.21 -10.43
CA ASP C 740 -9.60 -15.20 -9.38
C ASP C 740 -9.07 -13.85 -9.85
N VAL C 741 -8.17 -13.85 -10.84
CA VAL C 741 -7.61 -12.62 -11.38
C VAL C 741 -8.69 -11.81 -12.09
N VAL C 742 -9.49 -12.50 -12.89
CA VAL C 742 -10.60 -11.89 -13.62
C VAL C 742 -11.69 -11.43 -12.67
N ASN C 743 -11.95 -12.24 -11.62
CA ASN C 743 -12.98 -11.90 -10.64
C ASN C 743 -12.60 -10.70 -9.78
N HIS C 744 -11.34 -10.61 -9.35
CA HIS C 744 -10.92 -9.50 -8.52
C HIS C 744 -10.83 -8.21 -9.30
N ASN C 745 -10.42 -8.28 -10.58
CA ASN C 745 -10.35 -7.08 -11.41
C ASN C 745 -11.74 -6.54 -11.74
N ALA C 746 -12.67 -7.44 -12.07
CA ALA C 746 -14.04 -7.01 -12.38
C ALA C 746 -14.76 -6.52 -11.14
N GLN C 747 -14.45 -7.12 -9.99
CA GLN C 747 -15.11 -6.73 -8.76
C GLN C 747 -14.62 -5.37 -8.26
N ALA C 748 -13.34 -5.08 -8.49
CA ALA C 748 -12.81 -3.77 -8.14
C ALA C 748 -13.34 -2.68 -9.07
N LEU C 749 -13.55 -3.01 -10.35
CA LEU C 749 -14.13 -2.01 -11.26
C LEU C 749 -15.60 -1.77 -10.98
N ASN C 750 -16.35 -2.79 -10.57
CA ASN C 750 -17.74 -2.54 -10.18
C ASN C 750 -17.85 -1.80 -8.87
N THR C 751 -16.89 -1.99 -7.95
CA THR C 751 -16.84 -1.18 -6.73
C THR C 751 -16.56 0.29 -7.06
N LEU C 752 -15.67 0.54 -8.02
CA LEU C 752 -15.35 1.91 -8.44
C LEU C 752 -16.51 2.58 -9.16
N VAL C 753 -17.29 1.84 -9.94
CA VAL C 753 -18.38 2.53 -10.61
C VAL C 753 -19.62 2.62 -9.72
N LYS C 754 -19.78 1.75 -8.73
CA LYS C 754 -20.88 1.93 -7.78
C LYS C 754 -20.55 2.90 -6.67
N GLN C 755 -19.31 3.37 -6.57
CA GLN C 755 -19.05 4.47 -5.66
C GLN C 755 -19.32 5.84 -6.27
N LEU C 756 -19.94 5.94 -7.44
CA LEU C 756 -20.39 7.21 -7.98
C LEU C 756 -21.82 7.53 -7.58
N SER C 757 -22.48 6.67 -6.81
CA SER C 757 -23.80 6.95 -6.30
C SER C 757 -23.78 7.39 -4.85
N SER C 758 -22.60 7.59 -4.29
CA SER C 758 -22.47 7.90 -2.88
C SER C 758 -22.43 9.41 -2.69
N LYS C 759 -23.18 9.90 -1.71
CA LYS C 759 -23.31 11.33 -1.49
C LYS C 759 -22.09 11.90 -0.80
N PHE C 760 -21.43 11.09 0.06
CA PHE C 760 -20.31 11.47 0.94
C PHE C 760 -20.64 12.67 1.83
N GLY C 761 -21.87 12.71 2.32
CA GLY C 761 -22.32 13.81 3.15
C GLY C 761 -22.84 15.02 2.40
N ALA C 762 -22.70 15.06 1.07
CA ALA C 762 -23.22 16.18 0.32
C ALA C 762 -24.71 16.00 0.08
N ILE C 763 -25.33 17.06 -0.46
CA ILE C 763 -26.78 17.11 -0.55
C ILE C 763 -27.34 16.24 -1.67
N SER C 764 -26.50 15.86 -2.64
CA SER C 764 -26.94 15.04 -3.76
C SER C 764 -25.73 14.36 -4.37
N SER C 765 -25.99 13.56 -5.40
CA SER C 765 -24.93 12.93 -6.17
C SER C 765 -24.94 13.31 -7.64
N VAL C 766 -25.91 14.10 -8.07
CA VAL C 766 -25.97 14.61 -9.43
C VAL C 766 -25.50 16.06 -9.40
N LEU C 767 -24.54 16.41 -10.26
CA LEU C 767 -23.78 17.65 -10.10
C LEU C 767 -24.61 18.88 -10.46
N ASN C 768 -25.54 18.74 -11.41
CA ASN C 768 -26.34 19.88 -11.84
C ASN C 768 -27.40 20.24 -10.79
N ASP C 769 -27.77 19.28 -9.94
CA ASP C 769 -28.64 19.52 -8.79
C ASP C 769 -27.99 20.46 -7.80
N ILE C 770 -26.68 20.31 -7.58
CA ILE C 770 -25.93 21.28 -6.78
C ILE C 770 -25.77 22.58 -7.55
N PHE C 771 -25.57 22.51 -8.87
CA PHE C 771 -25.29 23.77 -9.57
C PHE C 771 -26.54 24.54 -9.92
N SER C 772 -27.67 23.87 -10.07
CA SER C 772 -28.91 24.61 -10.00
C SER C 772 -29.32 24.75 -8.54
N ARG C 773 -30.43 25.48 -8.30
CA ARG C 773 -31.14 25.70 -7.02
C ARG C 773 -30.32 26.10 -5.78
N LEU C 774 -29.10 26.58 -5.98
CA LEU C 774 -28.29 27.10 -4.89
C LEU C 774 -27.43 28.23 -5.42
N ASP C 775 -26.97 29.07 -4.51
CA ASP C 775 -25.97 30.07 -4.83
C ASP C 775 -24.61 29.38 -4.79
N PRO C 776 -23.78 29.55 -5.83
CA PRO C 776 -22.46 28.85 -5.91
C PRO C 776 -21.44 29.10 -4.79
N PRO C 777 -21.45 30.22 -4.02
CA PRO C 777 -20.62 30.21 -2.80
C PRO C 777 -21.05 29.21 -1.72
N GLU C 778 -22.33 28.91 -1.55
CA GLU C 778 -22.71 27.86 -0.62
C GLU C 778 -23.01 26.54 -1.33
N ALA C 779 -22.78 26.47 -2.64
CA ALA C 779 -22.79 25.21 -3.36
C ALA C 779 -21.40 24.63 -3.55
N GLU C 780 -20.36 25.44 -3.33
CA GLU C 780 -18.97 25.03 -3.51
C GLU C 780 -18.53 23.98 -2.50
N VAL C 781 -19.15 23.97 -1.32
CA VAL C 781 -18.74 23.08 -0.24
C VAL C 781 -19.12 21.63 -0.56
N GLN C 782 -20.31 21.43 -1.12
CA GLN C 782 -20.74 20.07 -1.49
C GLN C 782 -19.98 19.58 -2.72
N ILE C 783 -19.56 20.49 -3.59
CA ILE C 783 -18.70 20.16 -4.72
C ILE C 783 -17.32 19.73 -4.24
N ASP C 784 -16.81 20.40 -3.21
CA ASP C 784 -15.54 20.01 -2.62
C ASP C 784 -15.64 18.69 -1.89
N ARG C 785 -16.81 18.40 -1.29
CA ARG C 785 -17.04 17.10 -0.66
C ARG C 785 -17.12 15.98 -1.70
N LEU C 786 -17.78 16.23 -2.83
CA LEU C 786 -17.88 15.21 -3.88
C LEU C 786 -16.55 14.96 -4.58
N ILE C 787 -15.80 16.04 -4.86
CA ILE C 787 -14.52 15.94 -5.54
C ILE C 787 -13.49 15.26 -4.66
N THR C 788 -13.52 15.55 -3.35
CA THR C 788 -12.67 14.82 -2.41
C THR C 788 -13.05 13.36 -2.34
N GLY C 789 -14.34 13.03 -2.13
CA GLY C 789 -14.75 11.63 -1.92
C GLY C 789 -14.59 10.72 -3.13
N ARG C 790 -14.81 11.28 -4.32
CA ARG C 790 -14.47 10.56 -5.55
C ARG C 790 -12.97 10.44 -5.73
N LEU C 791 -12.21 11.43 -5.27
CA LEU C 791 -10.77 11.35 -5.42
C LEU C 791 -10.15 10.35 -4.43
N GLN C 792 -10.72 10.18 -3.22
CA GLN C 792 -10.11 9.15 -2.36
C GLN C 792 -10.58 7.78 -2.78
N SER C 793 -11.75 7.69 -3.43
CA SER C 793 -12.16 6.41 -4.03
C SER C 793 -11.22 5.98 -5.15
N LEU C 794 -10.80 6.93 -5.98
CA LEU C 794 -9.85 6.65 -7.04
C LEU C 794 -8.46 6.30 -6.49
N GLN C 795 -8.04 7.01 -5.44
CA GLN C 795 -6.75 6.76 -4.81
C GLN C 795 -6.70 5.39 -4.13
N THR C 796 -7.81 4.98 -3.52
CA THR C 796 -7.95 3.67 -2.92
C THR C 796 -7.85 2.57 -3.96
N TYR C 797 -8.50 2.76 -5.12
CA TYR C 797 -8.45 1.80 -6.21
C TYR C 797 -7.05 1.62 -6.78
N VAL C 798 -6.32 2.73 -6.95
CA VAL C 798 -4.95 2.70 -7.47
C VAL C 798 -3.99 2.00 -6.50
N THR C 799 -4.23 2.18 -5.20
CA THR C 799 -3.37 1.54 -4.19
C THR C 799 -3.57 0.02 -4.14
N GLN C 800 -4.82 -0.46 -4.24
CA GLN C 800 -5.03 -1.91 -4.32
C GLN C 800 -4.53 -2.51 -5.63
N GLN C 801 -4.57 -1.73 -6.72
CA GLN C 801 -4.03 -2.23 -7.98
C GLN C 801 -2.52 -2.34 -7.95
N LEU C 802 -1.85 -1.45 -7.21
CA LEU C 802 -0.40 -1.53 -7.05
C LEU C 802 0.03 -2.73 -6.22
N ILE C 803 -0.74 -3.03 -5.16
CA ILE C 803 -0.44 -4.18 -4.30
C ILE C 803 -0.66 -5.50 -5.04
N ARG C 804 -1.75 -5.58 -5.83
CA ARG C 804 -2.01 -6.76 -6.64
C ARG C 804 -1.03 -6.91 -7.79
N ALA C 805 -0.52 -5.80 -8.32
CA ALA C 805 0.49 -5.87 -9.38
C ALA C 805 1.81 -6.40 -8.87
N ALA C 806 2.14 -6.07 -7.61
CA ALA C 806 3.35 -6.65 -6.99
C ALA C 806 3.20 -8.15 -6.76
N GLU C 807 2.00 -8.60 -6.39
CA GLU C 807 1.74 -10.03 -6.20
C GLU C 807 1.81 -10.82 -7.50
N ILE C 808 1.25 -10.25 -8.58
CA ILE C 808 1.31 -10.86 -9.91
C ILE C 808 2.74 -10.87 -10.45
N ARG C 809 3.55 -9.86 -10.07
CA ARG C 809 4.94 -9.83 -10.51
CA ARG C 809 4.95 -9.81 -10.48
C ARG C 809 5.77 -10.91 -9.82
N ALA C 810 5.49 -11.19 -8.54
CA ALA C 810 6.16 -12.30 -7.86
C ALA C 810 5.79 -13.64 -8.48
N SER C 811 4.53 -13.79 -8.88
CA SER C 811 4.10 -15.01 -9.57
C SER C 811 4.70 -15.15 -10.97
N ALA C 812 4.87 -14.03 -11.67
CA ALA C 812 5.43 -14.07 -13.02
C ALA C 812 6.92 -14.33 -13.00
N ASN C 813 7.62 -13.86 -11.96
CA ASN C 813 9.03 -14.15 -11.82
C ASN C 813 9.25 -15.61 -11.47
N LEU C 814 8.35 -16.20 -10.67
CA LEU C 814 8.40 -17.63 -10.40
C LEU C 814 8.13 -18.45 -11.65
N ALA C 815 7.20 -18.01 -12.51
CA ALA C 815 6.89 -18.74 -13.73
C ALA C 815 8.01 -18.64 -14.76
N ALA C 816 8.73 -17.52 -14.79
CA ALA C 816 9.89 -17.39 -15.66
C ALA C 816 11.04 -18.27 -15.19
N THR C 817 11.21 -18.41 -13.87
CA THR C 817 12.21 -19.31 -13.32
C THR C 817 11.88 -20.77 -13.61
N LYS C 818 10.60 -21.14 -13.54
CA LYS C 818 10.18 -22.50 -13.84
C LYS C 818 10.30 -22.80 -15.33
N MET C 819 10.11 -21.81 -16.18
CA MET C 819 10.32 -21.99 -17.61
C MET C 819 11.79 -22.19 -17.94
N SER C 820 12.67 -21.46 -17.24
CA SER C 820 14.10 -21.63 -17.50
C SER C 820 14.63 -22.93 -16.94
N GLU C 821 14.11 -23.38 -15.82
CA GLU C 821 14.74 -24.52 -15.15
C GLU C 821 14.04 -25.85 -15.35
N CYS C 822 12.72 -25.86 -15.50
CA CYS C 822 12.04 -27.11 -15.75
C CYS C 822 11.87 -27.41 -17.24
N VAL C 823 11.59 -26.41 -18.06
CA VAL C 823 11.37 -26.66 -19.49
C VAL C 823 12.67 -26.67 -20.25
N LEU C 824 13.55 -25.70 -20.02
CA LEU C 824 14.79 -25.61 -20.77
C LEU C 824 15.93 -26.42 -20.18
N GLY C 825 15.68 -27.18 -19.12
CA GLY C 825 16.70 -28.03 -18.55
C GLY C 825 16.06 -29.07 -17.66
N GLN C 826 16.90 -29.76 -16.90
CA GLN C 826 16.43 -30.73 -15.92
C GLN C 826 16.88 -30.31 -14.54
N SER C 827 15.96 -30.31 -13.58
CA SER C 827 16.19 -29.69 -12.29
C SER C 827 16.52 -30.72 -11.23
N LYS C 828 17.48 -30.41 -10.39
CA LYS C 828 17.83 -31.22 -9.23
C LYS C 828 17.16 -30.76 -7.97
N ARG C 829 16.43 -29.65 -8.00
CA ARG C 829 15.80 -29.14 -6.80
C ARG C 829 14.56 -29.94 -6.49
N VAL C 830 14.38 -30.27 -5.22
CA VAL C 830 13.32 -31.17 -4.80
C VAL C 830 12.01 -30.40 -4.77
N ASP C 831 10.99 -30.96 -5.43
CA ASP C 831 9.60 -30.49 -5.51
C ASP C 831 9.46 -29.13 -6.18
N PHE C 832 10.43 -28.73 -6.99
CA PHE C 832 10.30 -27.51 -7.74
C PHE C 832 9.54 -27.75 -9.03
N CYS C 833 9.77 -28.90 -9.66
CA CYS C 833 9.09 -29.25 -10.88
C CYS C 833 8.32 -30.54 -10.69
N GLY C 834 7.54 -30.64 -9.63
CA GLY C 834 6.62 -31.75 -9.43
C GLY C 834 7.12 -32.73 -8.38
N LYS C 835 6.26 -33.68 -8.06
CA LYS C 835 6.52 -34.69 -7.04
C LYS C 835 7.20 -35.89 -7.66
N GLY C 836 8.38 -36.22 -7.19
CA GLY C 836 9.18 -37.29 -7.73
C GLY C 836 10.46 -36.75 -8.31
N TYR C 837 11.22 -37.62 -8.95
CA TYR C 837 12.46 -37.23 -9.60
C TYR C 837 12.08 -36.68 -10.97
N HIS C 838 12.50 -35.45 -11.24
CA HIS C 838 12.05 -34.73 -12.42
C HIS C 838 12.69 -35.24 -13.69
N LEU C 839 11.88 -35.54 -14.70
CA LEU C 839 12.39 -35.83 -16.03
C LEU C 839 12.28 -34.63 -16.96
N MET C 840 11.08 -34.14 -17.24
CA MET C 840 10.95 -32.97 -18.11
C MET C 840 9.65 -32.23 -17.82
N SER C 841 9.41 -31.16 -18.58
CA SER C 841 8.19 -30.39 -18.42
C SER C 841 7.78 -29.80 -19.77
N PHE C 842 6.50 -29.47 -19.89
CA PHE C 842 5.96 -28.91 -21.12
C PHE C 842 5.11 -27.69 -20.80
N PRO C 843 5.25 -26.59 -21.53
CA PRO C 843 4.40 -25.44 -21.28
C PRO C 843 3.15 -25.43 -22.15
N GLN C 844 2.06 -24.92 -21.57
CA GLN C 844 0.85 -24.64 -22.33
C GLN C 844 0.37 -23.27 -21.91
N SER C 845 -0.04 -22.46 -22.87
CA SER C 845 -0.56 -21.14 -22.54
C SER C 845 -1.97 -21.25 -22.03
N ALA C 846 -2.37 -20.33 -21.18
CA ALA C 846 -3.71 -20.26 -20.65
C ALA C 846 -4.06 -18.79 -20.63
N PRO C 847 -5.35 -18.43 -20.61
CA PRO C 847 -5.72 -17.01 -20.50
C PRO C 847 -5.29 -16.41 -19.18
N HIS C 848 -4.41 -15.41 -19.30
CA HIS C 848 -3.64 -14.72 -18.26
C HIS C 848 -2.67 -15.62 -17.52
N GLY C 849 -2.19 -16.71 -18.11
CA GLY C 849 -1.27 -17.52 -17.34
C GLY C 849 -0.65 -18.66 -18.10
N VAL C 850 -0.03 -19.56 -17.35
CA VAL C 850 0.70 -20.68 -17.95
C VAL C 850 0.41 -21.94 -17.14
N VAL C 851 0.37 -23.08 -17.83
CA VAL C 851 0.22 -24.39 -17.23
C VAL C 851 1.44 -25.21 -17.58
N PHE C 852 2.13 -25.73 -16.58
CA PHE C 852 3.26 -26.61 -16.79
C PHE C 852 2.82 -28.04 -16.56
N LEU C 853 3.19 -28.92 -17.47
CA LEU C 853 2.98 -30.35 -17.28
C LEU C 853 4.32 -30.96 -16.93
N HIS C 854 4.46 -31.41 -15.69
CA HIS C 854 5.70 -31.97 -15.19
C HIS C 854 5.66 -33.47 -15.31
N VAL C 855 6.61 -34.04 -16.04
CA VAL C 855 6.79 -35.47 -16.17
C VAL C 855 7.89 -35.88 -15.22
N THR C 856 7.55 -36.73 -14.24
CA THR C 856 8.45 -37.16 -13.18
C THR C 856 8.46 -38.67 -13.06
N TYR C 857 9.47 -39.16 -12.35
CA TYR C 857 9.70 -40.57 -12.10
C TYR C 857 9.30 -40.86 -10.66
N VAL C 858 8.56 -41.95 -10.44
CA VAL C 858 8.17 -42.36 -9.09
C VAL C 858 8.53 -43.83 -8.93
N PRO C 859 9.32 -44.22 -7.93
CA PRO C 859 9.57 -45.64 -7.70
C PRO C 859 8.36 -46.34 -7.09
N ALA C 860 8.18 -47.61 -7.43
CA ALA C 860 6.88 -48.24 -7.21
C ALA C 860 6.88 -49.41 -6.23
N GLN C 861 7.61 -50.50 -6.49
CA GLN C 861 7.37 -51.75 -5.78
C GLN C 861 8.65 -52.19 -5.10
N GLU C 862 8.68 -52.10 -3.77
CA GLU C 862 9.92 -52.27 -3.04
C GLU C 862 10.00 -53.61 -2.33
N LYS C 863 11.22 -54.05 -2.11
CA LYS C 863 11.52 -55.30 -1.41
C LYS C 863 12.44 -54.99 -0.24
N ASN C 864 12.43 -55.90 0.74
CA ASN C 864 13.34 -55.87 1.87
C ASN C 864 14.59 -56.66 1.54
N PHE C 865 15.75 -56.13 1.93
CA PHE C 865 17.01 -56.85 1.83
C PHE C 865 17.85 -56.55 3.05
N THR C 866 18.95 -57.30 3.18
CA THR C 866 19.92 -57.12 4.24
C THR C 866 21.15 -56.45 3.69
N THR C 867 21.66 -55.43 4.38
CA THR C 867 22.85 -54.72 3.95
C THR C 867 24.05 -54.98 4.83
N ALA C 868 25.16 -54.37 4.41
CA ALA C 868 26.41 -54.31 5.08
C ALA C 868 27.11 -53.11 4.48
N PRO C 869 27.84 -52.33 5.27
CA PRO C 869 28.54 -51.18 4.69
C PRO C 869 29.76 -51.55 3.89
N ALA C 870 30.39 -52.69 4.17
CA ALA C 870 31.60 -53.06 3.46
C ALA C 870 31.71 -54.59 3.45
N ILE C 871 32.66 -55.08 2.67
CA ILE C 871 32.95 -56.51 2.53
C ILE C 871 34.42 -56.74 2.86
N CYS C 872 34.69 -57.62 3.80
CA CYS C 872 36.06 -58.08 4.03
C CYS C 872 36.32 -59.31 3.18
N HIS C 873 37.36 -59.26 2.36
CA HIS C 873 37.70 -60.38 1.49
C HIS C 873 39.02 -61.03 1.87
N ASP C 874 40.11 -60.28 1.87
CA ASP C 874 41.43 -60.83 2.17
C ASP C 874 42.08 -60.04 3.28
N GLY C 875 41.29 -59.69 4.29
CA GLY C 875 41.74 -58.69 5.21
C GLY C 875 41.72 -57.29 4.64
N LYS C 876 40.89 -57.06 3.63
CA LYS C 876 40.78 -55.79 2.95
C LYS C 876 39.31 -55.42 2.86
N ALA C 877 38.97 -54.18 3.20
CA ALA C 877 37.59 -53.75 3.16
C ALA C 877 37.25 -53.24 1.77
N HIS C 878 36.16 -53.74 1.20
CA HIS C 878 35.70 -53.29 -0.11
C HIS C 878 34.42 -52.50 0.04
N PHE C 879 34.38 -51.35 -0.56
CA PHE C 879 33.26 -50.44 -0.57
C PHE C 879 32.70 -50.38 -1.99
N PRO C 880 31.39 -50.17 -2.18
CA PRO C 880 30.87 -50.08 -3.55
C PRO C 880 31.25 -48.76 -4.18
N ARG C 881 31.43 -48.78 -5.50
CA ARG C 881 31.73 -47.55 -6.20
C ARG C 881 30.49 -46.68 -6.30
N GLU C 882 29.39 -47.25 -6.74
CA GLU C 882 28.22 -46.45 -7.05
C GLU C 882 26.91 -47.16 -6.70
N GLY C 883 26.97 -48.16 -5.83
CA GLY C 883 25.78 -48.90 -5.47
C GLY C 883 25.69 -49.23 -4.00
N VAL C 884 25.05 -50.34 -3.67
CA VAL C 884 24.81 -50.74 -2.29
C VAL C 884 24.78 -52.27 -2.25
N PHE C 885 25.33 -52.86 -1.19
CA PHE C 885 25.38 -54.32 -1.06
C PHE C 885 24.07 -54.85 -0.47
N VAL C 886 23.47 -55.84 -1.14
CA VAL C 886 22.25 -56.51 -0.69
C VAL C 886 22.51 -58.01 -0.69
N SER C 887 21.56 -58.80 -0.14
CA SER C 887 21.96 -60.12 0.35
C SER C 887 21.24 -61.35 -0.21
N ASN C 888 20.08 -61.22 -0.84
CA ASN C 888 19.11 -62.16 -1.43
C ASN C 888 18.45 -63.03 -0.36
N GLY C 889 19.24 -63.76 0.43
CA GLY C 889 19.15 -63.96 1.85
C GLY C 889 20.56 -64.39 2.25
N THR C 890 21.29 -64.89 1.24
CA THR C 890 22.59 -65.55 1.39
C THR C 890 23.64 -65.13 0.37
N HIS C 891 23.28 -64.63 -0.80
CA HIS C 891 24.26 -64.29 -1.83
C HIS C 891 24.36 -62.79 -1.97
N TRP C 892 25.53 -62.23 -1.70
CA TRP C 892 25.67 -60.79 -1.63
C TRP C 892 25.89 -60.26 -3.03
N PHE C 893 25.08 -59.28 -3.40
CA PHE C 893 25.15 -58.59 -4.67
C PHE C 893 25.38 -57.12 -4.40
N VAL C 894 25.72 -56.39 -5.45
CA VAL C 894 25.75 -54.92 -5.41
C VAL C 894 24.74 -54.44 -6.43
N THR C 895 23.97 -53.42 -6.07
CA THR C 895 22.94 -52.91 -6.95
C THR C 895 23.01 -51.40 -6.98
N GLN C 896 22.37 -50.83 -7.99
CA GLN C 896 22.19 -49.38 -8.00
C GLN C 896 21.03 -49.03 -7.07
N ARG C 897 20.99 -47.77 -6.67
CA ARG C 897 20.20 -47.42 -5.50
C ARG C 897 18.72 -47.24 -5.79
N ASN C 898 18.33 -46.94 -7.03
CA ASN C 898 16.94 -46.58 -7.31
C ASN C 898 16.20 -47.59 -8.18
N PHE C 899 16.81 -48.72 -8.50
CA PHE C 899 16.17 -49.75 -9.29
C PHE C 899 16.86 -51.04 -8.91
N TYR C 900 16.10 -52.10 -8.73
CA TYR C 900 16.71 -53.36 -8.30
C TYR C 900 17.35 -54.03 -9.51
N GLU C 901 18.68 -54.10 -9.52
CA GLU C 901 19.40 -54.82 -10.57
C GLU C 901 20.67 -55.38 -9.95
N PRO C 902 20.63 -56.63 -9.50
CA PRO C 902 21.79 -57.18 -8.78
C PRO C 902 22.89 -57.63 -9.72
N GLN C 903 24.13 -57.47 -9.26
CA GLN C 903 25.29 -57.85 -10.03
C GLN C 903 26.31 -58.54 -9.15
N ILE C 904 27.21 -59.27 -9.79
CA ILE C 904 28.25 -60.02 -9.09
C ILE C 904 29.31 -59.05 -8.59
N ILE C 905 29.72 -59.20 -7.34
CA ILE C 905 30.72 -58.34 -6.72
C ILE C 905 32.09 -58.71 -7.29
N THR C 906 32.66 -57.83 -8.10
CA THR C 906 34.01 -57.98 -8.63
C THR C 906 34.87 -56.82 -8.13
N THR C 907 36.07 -56.72 -8.68
CA THR C 907 36.92 -55.59 -8.34
C THR C 907 36.70 -54.40 -9.26
N ASP C 908 35.80 -54.48 -10.22
CA ASP C 908 35.52 -53.34 -11.06
C ASP C 908 34.49 -52.40 -10.44
N ASN C 909 33.53 -52.94 -9.71
CA ASN C 909 32.49 -52.14 -9.09
C ASN C 909 32.73 -51.86 -7.62
N THR C 910 33.86 -52.30 -7.06
CA THR C 910 34.23 -52.03 -5.68
C THR C 910 35.60 -51.38 -5.65
N PHE C 911 35.88 -50.67 -4.56
CA PHE C 911 37.22 -50.17 -4.31
C PHE C 911 37.66 -50.54 -2.90
N VAL C 912 38.95 -50.61 -2.71
CA VAL C 912 39.56 -51.12 -1.49
C VAL C 912 40.06 -49.95 -0.67
N SER C 913 39.81 -49.97 0.64
CA SER C 913 40.35 -48.94 1.52
C SER C 913 40.64 -49.54 2.89
N GLY C 914 41.89 -49.85 3.15
CA GLY C 914 42.29 -50.25 4.48
C GLY C 914 41.94 -51.68 4.80
N ASN C 915 42.21 -52.06 6.04
CA ASN C 915 41.97 -53.40 6.51
C ASN C 915 40.60 -53.48 7.17
N CYS C 916 40.14 -54.72 7.37
CA CYS C 916 38.76 -54.94 7.81
C CYS C 916 38.66 -55.06 9.34
N ASP C 917 39.11 -54.00 9.99
CA ASP C 917 39.16 -53.95 11.45
C ASP C 917 38.43 -52.76 12.03
N VAL C 918 38.24 -51.68 11.28
CA VAL C 918 37.75 -50.42 11.80
C VAL C 918 36.27 -50.20 11.48
N VAL C 919 35.75 -50.83 10.41
CA VAL C 919 34.36 -50.64 10.02
C VAL C 919 33.46 -51.51 10.89
N ILE C 920 32.36 -50.93 11.37
CA ILE C 920 31.55 -51.52 12.43
C ILE C 920 30.71 -52.70 11.93
N GLY C 921 30.01 -52.55 10.81
CA GLY C 921 29.10 -53.60 10.39
C GLY C 921 29.57 -54.47 9.25
N ILE C 922 30.89 -54.68 9.14
CA ILE C 922 31.46 -55.35 7.98
C ILE C 922 31.21 -56.87 8.03
N VAL C 923 30.96 -57.46 6.85
CA VAL C 923 30.72 -58.89 6.75
C VAL C 923 31.71 -59.52 5.78
N ASN C 924 31.73 -60.86 5.81
CA ASN C 924 32.66 -61.69 5.05
C ASN C 924 31.99 -62.24 3.80
N ASN C 925 32.56 -61.98 2.62
CA ASN C 925 32.22 -62.73 1.41
C ASN C 925 33.47 -62.70 0.52
N THR C 926 33.35 -63.12 -0.74
CA THR C 926 34.43 -63.16 -1.71
C THR C 926 34.20 -62.13 -2.79
N VAL C 927 35.29 -61.53 -3.27
CA VAL C 927 35.27 -60.56 -4.34
C VAL C 927 35.98 -61.20 -5.53
N TYR C 928 35.35 -61.14 -6.71
CA TYR C 928 35.55 -62.16 -7.73
C TYR C 928 36.88 -62.05 -8.47
N ASP C 929 37.32 -60.81 -8.81
CA ASP C 929 38.52 -60.45 -9.58
C ASP C 929 38.56 -61.16 -10.94
N PRO C 930 37.84 -60.68 -11.95
CA PRO C 930 37.76 -61.38 -13.25
C PRO C 930 38.96 -61.15 -14.16
N LEU C 931 40.15 -61.50 -13.68
CA LEU C 931 41.36 -61.47 -14.47
C LEU C 931 41.98 -62.84 -14.61
N GLN C 932 42.12 -63.58 -13.52
CA GLN C 932 42.63 -64.95 -13.52
C GLN C 932 41.86 -66.05 -14.27
N PRO C 933 40.52 -66.01 -14.56
CA PRO C 933 40.01 -67.03 -15.50
C PRO C 933 40.47 -66.84 -16.92
N GLU C 934 40.67 -65.60 -17.35
CA GLU C 934 41.20 -65.37 -18.69
C GLU C 934 42.71 -65.58 -18.72
N LEU C 935 43.37 -65.43 -17.58
CA LEU C 935 44.78 -65.77 -17.48
C LEU C 935 44.98 -67.28 -17.52
N ASP C 936 44.06 -68.03 -16.93
CA ASP C 936 44.19 -69.48 -16.88
C ASP C 936 43.44 -70.12 -18.04
C1 NAG D . 5.94 -53.59 -12.90
C2 NAG D . 5.42 -52.87 -14.16
C3 NAG D . 5.52 -53.78 -15.38
C4 NAG D . 4.80 -55.10 -15.12
C5 NAG D . 5.39 -55.77 -13.87
C6 NAG D . 6.08 -57.07 -14.18
C7 NAG D . 3.50 -51.38 -14.55
C8 NAG D . 2.07 -51.10 -14.23
N2 NAG D . 4.03 -52.45 -13.96
O3 NAG D . 6.89 -54.07 -15.60
O4 NAG D . 3.42 -54.82 -14.92
O5 NAG D . 6.39 -54.94 -13.25
O6 NAG D . 7.49 -56.92 -14.05
O7 NAG D . 4.15 -50.67 -15.31
C1 NAG D . 2.75 -54.78 -16.19
C2 NAG D . 2.15 -56.17 -16.47
C3 NAG D . 0.63 -56.08 -16.74
C4 NAG D . 0.29 -55.01 -17.79
C5 NAG D . 1.03 -53.71 -17.54
C6 NAG D . 0.12 -52.50 -17.50
C7 NAG D . 3.08 -58.12 -17.64
C8 NAG D . 3.79 -58.60 -18.87
N2 NAG D . 2.82 -56.81 -17.59
O3 NAG D . -0.06 -55.80 -15.53
O4 NAG D . 0.60 -55.50 -19.08
O5 NAG D . 1.72 -53.75 -16.28
O6 NAG D . 0.66 -51.43 -18.27
O7 NAG D . 2.75 -58.87 -16.74
C1 NAG E . 40.60 -33.99 13.72
C2 NAG E . 41.79 -34.73 14.35
C3 NAG E . 41.37 -35.34 15.70
C4 NAG E . 40.70 -34.32 16.62
C5 NAG E . 39.57 -33.60 15.89
C6 NAG E . 39.01 -32.43 16.68
C7 NAG E . 43.58 -35.76 13.05
C8 NAG E . 43.95 -36.87 12.13
N2 NAG E . 42.31 -35.74 13.46
O3 NAG E . 42.51 -35.92 16.30
O4 NAG E . 40.15 -35.01 17.74
O5 NAG E . 40.06 -33.05 14.65
O6 NAG E . 38.09 -32.88 17.65
O7 NAG E . 44.39 -34.90 13.39
C1 NAG E . 40.85 -34.72 18.98
C2 NAG E . 39.98 -35.21 20.15
C3 NAG E . 40.71 -34.96 21.47
C4 NAG E . 42.10 -35.59 21.48
C5 NAG E . 42.90 -35.10 20.28
C6 NAG E . 44.23 -35.82 20.14
C7 NAG E . 37.54 -35.25 19.95
C8 NAG E . 36.27 -34.46 20.00
N2 NAG E . 38.68 -34.58 20.15
O3 NAG E . 39.93 -35.47 22.54
O4 NAG E . 42.78 -35.25 22.67
O5 NAG E . 42.18 -35.33 19.05
O6 NAG E . 44.50 -36.14 18.77
O7 NAG E . 37.54 -36.47 19.75
C1 NAG F . 21.46 -38.23 24.63
C2 NAG F . 21.48 -39.35 25.67
C3 NAG F . 20.88 -38.84 26.98
C4 NAG F . 21.54 -37.56 27.47
C5 NAG F . 21.55 -36.51 26.35
C6 NAG F . 22.38 -35.29 26.68
C7 NAG F . 21.30 -41.72 25.08
C8 NAG F . 20.41 -42.80 24.58
N2 NAG F . 20.74 -40.51 25.19
O3 NAG F . 21.00 -39.88 27.96
O4 NAG F . 20.80 -37.04 28.57
O5 NAG F . 22.13 -37.08 25.16
O6 NAG F . 21.65 -34.40 27.51
O7 NAG F . 22.47 -41.93 25.38
C1 NAG F . 21.53 -37.12 29.82
C2 NAG F . 20.81 -36.23 30.85
C3 NAG F . 21.54 -36.33 32.20
C4 NAG F . 21.66 -37.77 32.67
C5 NAG F . 22.34 -38.62 31.60
C6 NAG F . 22.34 -40.10 31.93
C7 NAG F . 19.57 -34.25 30.15
C8 NAG F . 19.66 -32.82 29.71
N2 NAG F . 20.73 -34.85 30.41
O3 NAG F . 20.83 -35.56 33.17
O4 NAG F . 22.42 -37.83 33.87
O5 NAG F . 21.65 -38.48 30.34
O6 NAG F . 22.06 -40.88 30.78
O7 NAG F . 18.50 -34.84 30.24
C1 NAG G . 56.84 -37.25 1.39
C2 NAG G . 58.08 -37.55 2.24
C3 NAG G . 58.62 -38.95 1.89
C4 NAG G . 57.54 -40.03 1.99
C5 NAG G . 56.31 -39.61 1.16
C6 NAG G . 55.12 -40.53 1.37
C7 NAG G . 59.61 -35.82 3.03
C8 NAG G . 60.66 -34.83 2.65
N2 NAG G . 59.11 -36.54 2.04
O3 NAG G . 59.70 -39.24 2.77
O4 NAG G . 58.05 -41.24 1.45
O5 NAG G . 55.88 -38.31 1.56
O6 NAG G . 55.25 -41.71 0.59
O7 NAG G . 59.24 -35.95 4.19
C1 NAG G . 58.24 -42.27 2.45
C2 NAG G . 58.45 -43.62 1.75
C3 NAG G . 58.70 -44.71 2.80
C4 NAG G . 59.86 -44.36 3.71
C5 NAG G . 59.63 -42.99 4.36
C6 NAG G . 60.82 -42.51 5.16
C7 NAG G . 57.43 -44.05 -0.42
C8 NAG G . 56.17 -44.42 -1.16
N2 NAG G . 57.33 -43.95 0.91
O3 NAG G . 58.96 -45.94 2.13
O4 NAG G . 60.00 -45.34 4.73
O5 NAG G . 59.37 -41.99 3.36
O6 NAG G . 61.04 -41.12 4.95
O7 NAG G . 58.48 -43.84 -1.01
C1 NAG H . 61.29 -35.14 -18.58
C2 NAG H . 62.31 -34.00 -18.67
C3 NAG H . 62.63 -33.70 -20.13
C4 NAG H . 63.06 -34.95 -20.90
C5 NAG H . 62.03 -36.06 -20.71
C6 NAG H . 62.47 -37.39 -21.27
C7 NAG H . 62.45 -32.21 -17.00
C8 NAG H . 61.80 -31.00 -16.43
N2 NAG H . 61.80 -32.81 -18.00
O3 NAG H . 63.66 -32.71 -20.17
O4 NAG H . 63.14 -34.65 -22.29
O5 NAG H . 61.78 -36.28 -19.31
O6 NAG H . 62.28 -37.45 -22.68
O7 NAG H . 63.52 -32.64 -16.56
C1 NAG H . 64.50 -34.66 -22.78
C2 NAG H . 64.46 -34.66 -24.32
C3 NAG H . 65.88 -34.65 -24.88
C4 NAG H . 66.68 -33.47 -24.34
C5 NAG H . 66.67 -33.49 -22.80
C6 NAG H . 67.30 -32.25 -22.20
C7 NAG H . 62.57 -35.67 -25.50
C8 NAG H . 61.94 -36.94 -25.98
N2 NAG H . 63.72 -35.81 -24.84
O3 NAG H . 65.82 -34.58 -26.30
O4 NAG H . 68.03 -33.54 -24.80
O5 NAG H . 65.31 -33.53 -22.32
O6 NAG H . 66.55 -31.78 -21.08
O7 NAG H . 62.06 -34.58 -25.72
C1 NAG I . 37.81 -22.07 -32.60
C2 NAG I . 38.77 -22.44 -33.74
C3 NAG I . 39.93 -21.42 -33.78
C4 NAG I . 39.42 -19.98 -33.85
C5 NAG I . 38.40 -19.72 -32.74
C6 NAG I . 37.70 -18.39 -32.86
C7 NAG I . 39.15 -24.74 -34.47
C8 NAG I . 39.76 -26.06 -34.13
N2 NAG I . 39.30 -23.78 -33.56
O3 NAG I . 40.74 -21.72 -34.90
O4 NAG I . 40.52 -19.09 -33.70
O5 NAG I . 37.37 -20.72 -32.77
O6 NAG I . 38.52 -17.34 -32.37
O7 NAG I . 38.57 -24.54 -35.54
C1 NAG I . 40.83 -18.35 -34.90
C2 NAG I . 41.77 -17.20 -34.53
C3 NAG I . 42.16 -16.42 -35.79
C4 NAG I . 42.76 -17.34 -36.85
C5 NAG I . 41.81 -18.50 -37.15
C6 NAG I . 42.42 -19.53 -38.07
C7 NAG I . 41.66 -16.17 -32.31
C8 NAG I . 40.94 -15.21 -31.43
N2 NAG I . 41.18 -16.31 -33.55
O3 NAG I . 43.08 -15.40 -35.45
O4 NAG I . 43.02 -16.61 -38.04
O5 NAG I . 41.45 -19.18 -35.94
O6 NAG I . 42.09 -20.85 -37.65
O7 NAG I . 42.65 -16.78 -31.93
C1 NAG J . 46.21 -6.42 -19.34
C2 NAG J . 47.64 -6.08 -19.81
C3 NAG J . 47.77 -4.56 -19.98
C4 NAG J . 46.68 -3.99 -20.89
C5 NAG J . 45.30 -4.43 -20.41
C6 NAG J . 44.18 -4.08 -21.37
C7 NAG J . 49.59 -7.41 -19.18
C8 NAG J . 50.51 -7.81 -18.08
N2 NAG J . 48.62 -6.57 -18.84
O3 NAG J . 49.06 -4.29 -20.51
O4 NAG J . 46.74 -2.57 -20.85
O5 NAG J . 45.26 -5.86 -20.26
O6 NAG J . 43.81 -2.72 -21.23
O7 NAG J . 49.72 -7.84 -20.33
C1 NAG J . 47.18 -1.98 -22.10
C2 NAG J . 46.89 -0.48 -22.07
C3 NAG J . 47.38 0.18 -23.36
C4 NAG J . 48.86 -0.11 -23.60
C5 NAG J . 49.12 -1.62 -23.59
C6 NAG J . 50.59 -1.96 -23.66
C7 NAG J . 45.00 0.38 -20.78
C8 NAG J . 43.51 0.59 -20.73
N2 NAG J . 45.47 -0.22 -21.87
O3 NAG J . 47.16 1.58 -23.30
O4 NAG J . 49.26 0.42 -24.86
O5 NAG J . 48.61 -2.20 -22.37
O6 NAG J . 50.91 -3.03 -22.77
O7 NAG J . 45.73 0.74 -19.86
C1 NAG K . 36.60 -42.37 -40.38
C2 NAG K . 37.12 -42.05 -41.79
C3 NAG K . 38.26 -43.01 -42.15
C4 NAG K . 39.36 -43.03 -41.09
C5 NAG K . 38.75 -43.29 -39.72
C6 NAG K . 39.74 -43.14 -38.58
C7 NAG K . 35.70 -41.10 -43.55
C8 NAG K . 34.58 -41.37 -44.50
N2 NAG K . 36.04 -42.13 -42.76
O3 NAG K . 38.78 -42.61 -43.42
O4 NAG K . 40.27 -44.09 -41.40
O5 NAG K . 37.70 -42.35 -39.46
O6 NAG K . 40.55 -44.29 -38.44
O7 NAG K . 36.27 -40.02 -43.49
C1 NAG K . 41.57 -43.61 -41.80
C2 NAG K . 42.55 -44.78 -41.76
C3 NAG K . 43.94 -44.32 -42.23
C4 NAG K . 43.87 -43.67 -43.60
C5 NAG K . 42.85 -42.53 -43.61
C6 NAG K . 42.62 -41.95 -44.99
C7 NAG K . 42.23 -46.62 -40.18
C8 NAG K . 42.39 -47.08 -38.76
N2 NAG K . 42.64 -45.37 -40.44
O3 NAG K . 44.83 -45.43 -42.25
O4 NAG K . 45.15 -43.16 -43.96
O5 NAG K . 41.57 -43.01 -43.14
O6 NAG K . 41.24 -41.70 -45.21
O7 NAG K . 41.76 -47.34 -41.05
C1 NAG L . 24.51 -58.14 -36.71
C2 NAG L . 23.28 -58.18 -37.62
C3 NAG L . 22.43 -59.40 -37.29
C4 NAG L . 23.23 -60.70 -37.31
C5 NAG L . 24.48 -60.56 -36.43
C6 NAG L . 25.43 -61.72 -36.56
C7 NAG L . 22.23 -56.16 -38.52
C8 NAG L . 21.42 -54.95 -38.20
N2 NAG L . 22.51 -56.96 -37.49
O3 NAG L . 21.35 -59.46 -38.22
O4 NAG L . 22.43 -61.76 -36.80
O5 NAG L . 25.21 -59.39 -36.81
O6 NAG L . 25.00 -62.83 -35.78
O7 NAG L . 22.62 -56.40 -39.66
C1 NAG L . 22.06 -62.73 -37.81
C2 NAG L . 21.51 -63.98 -37.11
C3 NAG L . 21.08 -65.01 -38.15
C4 NAG L . 20.08 -64.42 -39.14
C5 NAG L . 20.66 -63.16 -39.79
C6 NAG L . 19.65 -62.44 -40.65
C7 NAG L . 22.28 -64.59 -34.87
C8 NAG L . 23.38 -65.22 -34.06
N2 NAG L . 22.48 -64.54 -36.19
O3 NAG L . 20.51 -66.13 -37.49
O4 NAG L . 19.78 -65.38 -40.16
O5 NAG L . 21.08 -62.22 -38.78
O6 NAG L . 19.73 -61.03 -40.47
O7 NAG L . 21.27 -64.13 -34.34
C1 NAG M . -1.74 -40.49 -30.53
C2 NAG M . -2.18 -41.33 -31.73
C3 NAG M . -3.60 -40.92 -32.14
C4 NAG M . -4.59 -40.95 -30.99
C5 NAG M . -4.04 -40.14 -29.81
C6 NAG M . -4.85 -40.29 -28.54
C7 NAG M . -0.62 -42.22 -33.38
C8 NAG M . 0.30 -41.88 -34.51
N2 NAG M . -1.26 -41.18 -32.83
O3 NAG M . -4.02 -41.78 -33.18
O4 NAG M . -5.82 -40.36 -31.40
O5 NAG M . -2.71 -40.59 -29.47
O6 NAG M . -6.01 -39.46 -28.58
O7 NAG M . -0.78 -43.37 -32.98
C1 NAG M . -6.89 -41.32 -31.49
C2 NAG M . -8.23 -40.56 -31.61
C3 NAG M . -9.39 -41.55 -31.74
C4 NAG M . -9.17 -42.50 -32.92
C5 NAG M . -7.81 -43.20 -32.79
C6 NAG M . -7.47 -44.04 -34.00
C7 NAG M . -8.46 -38.36 -30.58
C8 NAG M . -8.71 -37.59 -29.31
N2 NAG M . -8.43 -39.69 -30.46
O3 NAG M . -10.60 -40.83 -31.91
O4 NAG M . -10.21 -43.46 -32.96
O5 NAG M . -6.76 -42.25 -32.63
O6 NAG M . -6.10 -43.89 -34.35
O7 NAG M . -8.32 -37.79 -31.65
C1 NAG N . 20.15 -65.99 -4.40
C2 NAG N . 19.12 -67.12 -4.31
C3 NAG N . 19.72 -68.41 -4.88
C4 NAG N . 20.31 -68.23 -6.27
C5 NAG N . 21.28 -67.03 -6.28
C6 NAG N . 21.75 -66.65 -7.67
C7 NAG N . 17.39 -67.23 -2.58
C8 NAG N . 17.11 -67.46 -1.14
N2 NAG N . 18.67 -67.31 -2.95
O3 NAG N . 18.71 -69.40 -4.88
O4 NAG N . 21.03 -69.40 -6.63
O5 NAG N . 20.64 -65.87 -5.74
O6 NAG N . 22.79 -67.51 -8.10
O7 NAG N . 16.51 -66.97 -3.39
C1 NAG N . 20.40 -70.14 -7.71
C2 NAG N . 21.40 -71.16 -8.26
C3 NAG N . 20.75 -71.98 -9.37
C4 NAG N . 19.46 -72.64 -8.89
C5 NAG N . 18.50 -71.59 -8.32
C6 NAG N . 17.28 -72.20 -7.68
C7 NAG N . 23.80 -70.71 -8.17
C8 NAG N . 24.96 -69.98 -8.80
N2 NAG N . 22.61 -70.51 -8.74
O3 NAG N . 21.67 -72.97 -9.82
O4 NAG N . 18.83 -73.32 -9.97
O5 NAG N . 19.17 -70.82 -7.29
O6 NAG N . 16.96 -71.54 -6.46
O7 NAG N . 23.95 -71.44 -7.19
C1 NAG O . 35.24 -63.30 8.99
C2 NAG O . 34.94 -63.61 10.45
C3 NAG O . 36.23 -63.47 11.29
C4 NAG O . 37.39 -64.27 10.71
C5 NAG O . 37.57 -63.95 9.22
C6 NAG O . 38.56 -64.85 8.53
C7 NAG O . 32.77 -63.21 11.50
C8 NAG O . 31.79 -62.18 11.98
N2 NAG O . 33.90 -62.74 10.97
O3 NAG O . 35.94 -63.87 12.62
O4 NAG O . 38.58 -63.93 11.40
O5 NAG O . 36.33 -64.11 8.52
O6 NAG O . 39.89 -64.44 8.79
O7 NAG O . 32.53 -64.41 11.57
C1 NAG O . 39.09 -65.00 12.22
C2 NAG O . 40.53 -64.67 12.64
C3 NAG O . 41.08 -65.76 13.54
C4 NAG O . 40.18 -66.00 14.75
C5 NAG O . 38.75 -66.30 14.29
C6 NAG O . 37.77 -66.38 15.44
C7 NAG O . 41.95 -63.30 11.18
C8 NAG O . 42.82 -63.27 9.96
N2 NAG O . 41.38 -64.47 11.48
O3 NAG O . 42.39 -65.41 13.97
O4 NAG O . 40.67 -67.10 15.51
O5 NAG O . 38.28 -65.25 13.42
O6 NAG O . 36.55 -65.73 15.12
O7 NAG O . 41.76 -62.29 11.87
C1 NAG P . 31.10 24.03 7.17
C2 NAG P . 30.83 24.66 5.80
C3 NAG P . 32.06 24.53 4.90
C4 NAG P . 33.30 25.13 5.56
C5 NAG P . 33.52 24.52 6.95
C6 NAG P . 34.60 25.22 7.74
C7 NAG P . 28.43 24.53 5.27
C8 NAG P . 27.35 23.78 4.55
N2 NAG P . 29.67 24.05 5.16
O3 NAG P . 31.80 25.20 3.67
O4 NAG P . 34.44 24.89 4.76
O5 NAG P . 32.32 24.62 7.73
O6 NAG P . 34.58 26.62 7.50
O7 NAG P . 28.18 25.54 5.92
C1 NAG Q . -1.50 -2.25 47.02
C2 NAG Q . -0.01 -2.54 47.33
C3 NAG Q . 0.17 -3.99 47.80
C4 NAG Q . -0.77 -4.31 48.98
C5 NAG Q . -2.22 -3.97 48.63
C6 NAG Q . -3.16 -4.11 49.80
C7 NAG Q . 0.97 -2.66 45.00
C8 NAG Q . 2.04 -2.06 44.14
N2 NAG Q . 0.91 -2.19 46.25
O3 NAG Q . 1.52 -4.20 48.19
O4 NAG Q . -0.68 -5.69 49.30
O5 NAG Q . -2.32 -2.59 48.18
O6 NAG Q . -2.59 -4.88 50.85
O7 NAG Q . 0.22 -3.54 44.56
C1 NAG R . 44.35 10.34 16.01
C2 NAG R . 45.70 10.64 15.35
C3 NAG R . 45.98 12.13 15.38
C4 NAG R . 44.85 12.93 14.74
C5 NAG R . 43.52 12.61 15.44
C6 NAG R . 42.33 13.27 14.78
C7 NAG R . 47.58 9.08 15.32
C8 NAG R . 48.64 8.38 16.15
N2 NAG R . 46.77 9.89 15.99
O3 NAG R . 47.20 12.40 14.69
O4 NAG R . 45.11 14.32 14.85
O5 NAG R . 43.29 11.18 15.40
O6 NAG R . 41.74 12.42 13.80
O7 NAG R . 47.49 8.91 14.11
C1 NAG S . 55.00 -18.67 -11.61
C2 NAG S . 55.71 -19.38 -12.79
C3 NAG S . 57.16 -18.88 -12.94
C4 NAG S . 57.21 -17.36 -13.05
C5 NAG S . 56.59 -16.75 -11.79
C6 NAG S . 56.51 -15.25 -11.85
C7 NAG S . 55.19 -21.66 -13.53
C8 NAG S . 55.27 -23.12 -13.18
N2 NAG S . 55.70 -20.82 -12.62
O3 NAG S . 57.74 -19.47 -14.09
O4 NAG S . 58.56 -16.93 -13.18
O5 NAG S . 55.24 -17.22 -11.66
O6 NAG S . 55.63 -14.83 -12.88
O7 NAG S . 54.68 -21.27 -14.57
C1 NAG T . 51.88 -22.26 2.88
C2 NAG T . 51.45 -21.94 4.31
C3 NAG T . 51.38 -20.42 4.50
C4 NAG T . 52.70 -19.76 4.14
C5 NAG T . 53.10 -20.12 2.72
C6 NAG T . 54.50 -19.64 2.37
C7 NAG T . 50.00 -23.42 5.63
C8 NAG T . 48.61 -23.94 5.82
N2 NAG T . 50.16 -22.54 4.62
O3 NAG T . 51.04 -20.13 5.86
O4 NAG T . 52.58 -18.34 4.26
O5 NAG T . 53.12 -21.56 2.56
O6 NAG T . 55.30 -20.71 1.89
O7 NAG T . 50.94 -23.78 6.33
C1 NAG U . -5.96 34.34 -42.47
C2 NAG U . -5.17 33.51 -43.50
C3 NAG U . -5.74 33.74 -44.90
C4 NAG U . -7.23 33.42 -44.94
C5 NAG U . -7.99 34.23 -43.88
C6 NAG U . -9.44 33.84 -43.76
C7 NAG U . -2.79 32.91 -43.53
C8 NAG U . -1.38 33.41 -43.49
N2 NAG U . -3.76 33.83 -43.46
O3 NAG U . -5.04 32.92 -45.83
O4 NAG U . -7.75 33.72 -46.23
O5 NAG U . -7.40 34.02 -42.59
O6 NAG U . -10.27 34.67 -44.55
O7 NAG U . -3.06 31.71 -43.63
C1 NAG V . -17.14 -0.13 -38.13
C2 NAG V . -17.01 -1.65 -37.93
C3 NAG V . -17.30 -2.38 -39.26
C4 NAG V . -18.65 -1.97 -39.85
C5 NAG V . -18.72 -0.44 -39.98
C6 NAG V . -20.09 0.05 -40.40
C7 NAG V . -15.54 -2.89 -36.43
C8 NAG V . -14.12 -3.16 -36.03
N2 NAG V . -15.71 -2.01 -37.42
O3 NAG V . -17.27 -3.79 -39.03
O4 NAG V . -18.81 -2.55 -41.13
O5 NAG V . -18.44 0.19 -38.71
O6 NAG V . -20.74 -0.90 -41.25
O7 NAG V . -16.48 -3.46 -35.89
C1 NAG W . 23.34 36.46 -18.54
C2 NAG W . 24.16 35.39 -17.78
C3 NAG W . 25.55 35.11 -18.43
C4 NAG W . 26.15 36.29 -19.21
C5 NAG W . 25.12 37.09 -20.02
C6 NAG W . 25.42 37.11 -21.49
C7 NAG W . 24.81 36.65 -15.67
C8 NAG W . 24.73 36.57 -14.18
N2 NAG W . 24.25 35.62 -16.33
O3 NAG W . 25.44 33.99 -19.28
O4 NAG W . 26.82 37.18 -18.32
O5 NAG W . 23.79 36.53 -19.88
O6 NAG W . 24.97 35.92 -22.12
O7 NAG W . 25.38 37.59 -16.22
C1 NAG X . -0.59 -6.31 -48.37
C2 NAG X . -0.95 -5.89 -49.80
C3 NAG X . -2.48 -5.86 -49.97
C4 NAG X . -3.10 -7.21 -49.59
C5 NAG X . -2.67 -7.63 -48.18
C6 NAG X . -3.08 -9.05 -47.86
C7 NAG X . 0.62 -4.44 -51.01
C8 NAG X . 1.09 -3.04 -51.24
N2 NAG X . -0.38 -4.60 -50.13
O3 NAG X . -2.79 -5.54 -51.32
O4 NAG X . -4.52 -7.09 -49.62
O5 NAG X . -1.23 -7.59 -48.07
O6 NAG X . -2.22 -9.99 -48.49
O7 NAG X . 1.10 -5.40 -51.62
C1 NAG Y . 12.90 -43.89 -38.11
C2 NAG Y . 12.49 -45.38 -37.91
C3 NAG Y . 11.15 -45.78 -38.63
C4 NAG Y . 10.80 -44.96 -39.88
C5 NAG Y . 11.44 -43.57 -39.94
C6 NAG Y . 10.48 -42.52 -40.45
C7 NAG Y . 14.37 -46.93 -38.92
C8 NAG Y . 14.32 -46.39 -40.35
N2 NAG Y . 13.54 -46.42 -37.96
O3 NAG Y . 10.07 -45.72 -37.70
O4 NAG Y . 11.12 -45.69 -41.06
O5 NAG Y . 11.82 -43.16 -38.62
O6 NAG Y . 9.30 -42.49 -39.66
O7 NAG Y . 15.16 -47.82 -38.63
C1 NAG Z . 22.50 -32.34 -40.99
C2 NAG Z . 22.81 -30.88 -41.30
C3 NAG Z . 21.56 -30.17 -41.83
C4 NAG Z . 21.00 -30.89 -43.05
C5 NAG Z . 20.70 -32.35 -42.72
C6 NAG Z . 20.30 -33.16 -43.92
C7 NAG Z . 24.48 -29.50 -40.14
C8 NAG Z . 24.85 -28.83 -38.86
N2 NAG Z . 23.32 -30.18 -40.14
O3 NAG Z . 21.89 -28.82 -42.17
O4 NAG Z . 19.82 -30.25 -43.50
O5 NAG Z . 21.87 -32.98 -42.17
O6 NAG Z . 21.35 -34.04 -44.31
O7 NAG Z . 25.18 -29.44 -41.14
C1 NAG AA . -18.39 -21.17 30.33
C2 NAG AA . -16.89 -21.45 30.50
C3 NAG AA . -16.66 -22.56 31.53
C4 NAG AA . -17.35 -22.25 32.86
C5 NAG AA . -18.85 -21.98 32.62
C6 NAG AA . -19.56 -21.53 33.87
C7 NAG AA . -15.28 -21.09 28.69
C8 NAG AA . -14.76 -21.59 27.38
N2 NAG AA . -16.28 -21.80 29.23
O3 NAG AA . -15.27 -22.74 31.74
O4 NAG AA . -17.22 -23.34 33.76
O5 NAG AA . -19.00 -20.93 31.65
O6 NAG AA . -19.05 -22.18 35.02
O7 NAG AA . -14.82 -20.09 29.24
C1 NAG BA . -39.18 -11.44 -21.62
C2 NAG BA . -40.28 -11.88 -22.63
C3 NAG BA . -40.03 -13.31 -23.12
C4 NAG BA . -39.86 -14.31 -21.96
C5 NAG BA . -38.94 -13.74 -20.87
C6 NAG BA . -37.85 -14.70 -20.47
C7 NAG BA . -42.61 -10.97 -22.50
C8 NAG BA . -42.33 -10.15 -23.74
N2 NAG BA . -41.61 -11.74 -22.05
O3 NAG BA . -38.89 -13.34 -23.96
O4 NAG BA . -41.13 -14.61 -21.39
O5 NAG BA . -38.29 -12.56 -21.34
O6 NAG BA . -37.28 -14.35 -19.21
O7 NAG BA . -43.69 -10.93 -21.93
C1 NAG CA . 21.07 -53.11 15.97
C2 NAG CA . 22.41 -53.84 16.13
C3 NAG CA . 22.46 -54.62 17.45
C4 NAG CA . 22.13 -53.71 18.64
C5 NAG CA . 20.75 -53.11 18.43
C6 NAG CA . 20.35 -52.15 19.52
C7 NAG CA . 23.79 -54.82 14.34
C8 NAG CA . 23.83 -55.81 13.22
N2 NAG CA . 22.63 -54.75 15.01
O3 NAG CA . 23.76 -55.18 17.62
O4 NAG CA . 22.14 -54.46 19.85
O5 NAG CA . 20.75 -52.36 17.20
O6 NAG CA . 19.09 -51.56 19.23
O7 NAG CA . 24.75 -54.12 14.63
C1 NAG DA . 9.95 -55.42 5.44
C2 NAG DA . 8.55 -55.39 4.84
C3 NAG DA . 7.56 -54.80 5.85
C4 NAG DA . 7.58 -55.56 7.17
C5 NAG DA . 9.00 -55.57 7.74
C6 NAG DA . 9.13 -56.46 8.95
C7 NAG DA . 8.02 -55.12 2.47
C8 NAG DA . 8.06 -54.20 1.29
N2 NAG DA . 8.52 -54.63 3.61
O3 NAG DA . 6.25 -54.86 5.29
O4 NAG DA . 6.72 -54.93 8.11
O5 NAG DA . 9.91 -56.10 6.75
O6 NAG DA . 9.95 -57.59 8.67
O7 NAG DA . 7.56 -56.25 2.39
#